data_3H1I
#
_entry.id   3H1I
#
_cell.length_a   174.693
_cell.length_b   181.666
_cell.length_c   240.732
_cell.angle_alpha   90.00
_cell.angle_beta   90.00
_cell.angle_gamma   90.00
#
_symmetry.space_group_name_H-M   'P 21 21 21'
#
loop_
_entity.id
_entity.type
_entity.pdbx_description
1 polymer 'UBIQUINOL-CYTOCHROME-C REDUCTASE COMPLEX CORE PROTEIN I, MITOCHONDRIAL'
2 polymer 'UBIQUINOL-CYTOCHROME-C REDUCTASE COMPLEX CORE PROTEIN 2, MITOCHONDRIAL'
3 polymer 'Cytochrome b'
4 polymer 'CYTOCHROME C1, HEME PROTEIN, MITOCHONDRIAL'
5 polymer 'Cytochrome b-c1 complex subunit Rieske, mitochondrial'
6 polymer 'UBIQUINOL-CYTOCHROME C REDUCTASE COMPLEX 14 KDA PROTEIN'
7 polymer 'UBIQUINOL-CYTOCHROME C REDUCTASE COMPLEX UBIQUINONE-BINDING PROTEIN QP-C'
8 polymer 'UBIQUINOL-CYTOCHROME C REDUCTASE COMPLEX 11 KDA PROTEIN'
9 polymer 'Cytochrome b-c1 complex subunit Rieske, mitochondrial'
10 polymer 'UBIQUINOL-CYTOCHROME C REDUCTASE COMPLEX 7.2 KDA PROTEIN'
11 non-polymer 1,2-dioleoyl-sn-glycero-3-phosphoethanolamine
12 non-polymer 'UNKNOWN LIGAND'
13 non-polymer 'PROTOPORPHYRIN IX CONTAINING FE'
14 non-polymer 'STIGMATELLIN A'
15 non-polymer '2-METHYL-BUTYRIC ACID 3-(3-FORMYLAMINO-2-HYDROXY-BENZOYLAMINO)-8-HEPTYL-2,6-DIMETHYL-4,9-DIOXO-[1,5]DIOXONAN-7-YL ESTER'
16 non-polymer CARDIOLIPIN
17 non-polymer GLYCEROL
18 non-polymer 'HEME C'
19 non-polymer 'FE2/S2 (INORGANIC) CLUSTER'
20 non-polymer 'DIUNDECYL PHOSPHATIDYL CHOLINE'
#
loop_
_entity_poly.entity_id
_entity_poly.type
_entity_poly.pdbx_seq_one_letter_code
_entity_poly.pdbx_strand_id
1 'polypeptide(L)'
;AATYAQTLQNIPETNVTTLDNGLRVASEESSQPTCTVGVWIGAGSRYENEKNNGAGYFVEHLAFKGTKKRPCAAFEKEVE
SMGAHFNGYTSREQTAFYIKALSKDMPKVVELLADVVQNCALEESQIEKERGVILQELKEMDNDMTNVTFDYLHATAFQG
TALARTVEGTTENIKHLTRADLASYIDTHFKAPRMVLAAAGGISHKELVDAARQHFSGVSFTYKEDAVPILPRCRFTGSE
IRARDDALPVAHVALAVEGPGWADPDNVVLHVANAIIGRYDRTFGGGKHLSSRLAALAVEHKLCHSFQTFNTSYSDTGLF
GFHFVADPLSIDDMMFCAQGEWMRLCTSTTESEVKRAKNHLRSAMVAQLDGTTPVCETIGSHLLNYGRRISLEEWDSRIS
AVDARMVRDVCSKYIYDKCPALAAVGPIEQLLDYNRIRSGMYWIRF
;
A,N
2 'polypeptide(L)'
;SLKVAPKVAVSAAAERVKLCPGAEDLEITKLPNGLIIASLENFSPASRIGVFIKAGSRYETTANLGTAHLLRLASPLTTK
GASSFRITRGIEAVGGSLSVYSTREKMTYCVECLRDHVDTVMEYLLNVTTAPEFRPWEVTDLQPQLKVDKAVAFQSPQVG
VLENLHAAAYKTALANPLYCPDYRIGKITSEQLHHFVQNNFTSARMALVGIGVKHSDLKQVAEQFLNIRSGAGTSSAKAT
YWGGEIREQNGHSLVHAAVVTEGAAVGSAEANAFSVLQHVLGAGPLIKRGSSVTSKLYQGVAKATTQPFDASAFNVNYSD
SGLFGFYTISQAAHAGEVIRAAMNQLKAAAQGGVTEEDVTKAKNQLKATYLMSVETAQGLLNEIGSEALLSGTHTAPSVV
AQKIDSVTSADVVNAAKKFVSGKKSMAASGDLGSTPFLDEL
;
B,O
3 'polypeptide(L)'
;MAPNIRKSHPLLKMINNSLIDLPAPSNISAWWNFGSLLAVCLMTQILTGLLLAMHYTADTSLAFSSVAHTCRNVQYGWLI
RNLHANGASFFFICIFLHIGRGLYYGSYLYKETWNTGVILLLTLMATAFVGYVLPWGQMSFWGATVITNLFSAIPYIGHT
LVEWAWGGFSVDNPTLTRFFALHFLLPFAIAGITIIHLTFLHESGSNNPLGISSDSDKIPFHPYYSFKDILGLTLMLTPF
LTLALFSPNLLGDPENFTPANPLVTPPHIKPEWYFLFAYAILRSIPNKLGGVLALAASVLILFLIPFLHKSKQRTMTFRP
LSQTLFWLLVANLLILTWIGSQPVEHPFIIIGQMASLSYFTILLILFPTIGTLENKMLNY
;
C,P
4 'polypeptide(L)'
;GELELHPPAFPWSHGGPLSALDHSSVRRGFQVYKQVCSACHSMDYVAFRNLIGVTHTEAEAKALAEEVEVQDGPDENGEL
FMRPGKISDYFPKPYPNPEAARAANNGALPPDLSYIVNARHGGEDYVFSLLTGYCDPPAGVVVREGLHYNPYFPGQAIGM
APPIYNEILEYDDGTPATMSQIAKDVCTFLRWAAEPEHDQRKRMGLKMLLISALLTSLLYYMKRHKWSVLKSRKMAYRPP
K
;
D,Q
5 'polypeptide(L)'
;VHNDVTVPDFSAYRREDVMDATTSSQTSSEDRKGFSYLVTATACVATAYAAKNVVTQFISSLSASADVLALSKIEIKLSD
IPEGKNVAFKWRGKPLFVRHRTQAEINQEAEVDVSKLRDPQHDLDRVKKPEWVILVGVCTHLGCVPIANSGDFGGYYCPC
HGSHYDASGRIRKGPAPYNLEVPTYQFVGDDLVVVG
;
E,R
6 'polypeptide(L)'
;AARATVAGGGRLMDRIRKWYYNAAGFNKYGLMRDDTLYEDDDVKEALKRLPEDLYNERMFRIKRALDLSLKHRILPKEQW
VKYEEDKPYLEPYLKEVIRERLEREAWNKK
;
F,S
7 'polypeptide(L)'
;GIHFGNLARVRHIITYSLSPFEQRAIPNIFSDALPNVWRRFSSQVFKVAPPFLGAYLLYSWGTQEFERLKRKNPADYEND
Q
;
G,T
8 'polypeptide(L)' LRGSGEEEEEELVDPLTTIREHCEQTEKCVKARERLELCDARVSSRSHTEEQCTEELFDFLHARDHCVAHKLFNKLK H,U
9 'polypeptide(L)'
;(UNK)(UNK)(UNK)(UNK)(UNK)(UNK)(UNK)(UNK)(UNK)(UNK)(UNK)(UNK)(UNK)(UNK)(UNK)RPLLC
RESMSGRSARRDLVAGISLNAPASVRY
;
I,V
10 'polypeptide(L)' ALLRQAYSALFRRTSTFALTVVLGAVLFERAFDQGADAIFEHLNEGKLWKHIKHKYEASEE J,W
#
loop_
_chem_comp.id
_chem_comp.type
_chem_comp.name
_chem_comp.formula
ANY non-polymer '2-METHYL-BUTYRIC ACID 3-(3-FORMYLAMINO-2-HYDROXY-BENZOYLAMINO)-8-HEPTYL-2,6-DIMETHYL-4,9-DIOXO-[1,5]DIOXONAN-7-YL ESTER' 'C29 H42 N2 O9'
CDL non-polymer CARDIOLIPIN 'C81 H156 O17 P2 -2'
FES non-polymer 'FE2/S2 (INORGANIC) CLUSTER' 'Fe2 S2'
GOL non-polymer GLYCEROL 'C3 H8 O3'
HEC non-polymer 'HEME C' 'C34 H34 Fe N4 O4'
HEM non-polymer 'PROTOPORPHYRIN IX CONTAINING FE' 'C34 H32 Fe N4 O4'
PEE non-polymer 1,2-dioleoyl-sn-glycero-3-phosphoethanolamine 'C41 H78 N O8 P'
PLC non-polymer 'DIUNDECYL PHOSPHATIDYL CHOLINE' 'C32 H65 N O8 P 1'
SMA non-polymer 'STIGMATELLIN A' 'C30 H42 O7'
UNL non-polymer 'UNKNOWN LIGAND' ?
#
# COMPACT_ATOMS: atom_id res chain seq x y z
N ALA A 2 -26.08 32.13 -50.35
CA ALA A 2 -26.37 30.75 -50.85
C ALA A 2 -26.27 29.69 -49.73
N THR A 3 -27.11 29.84 -48.69
CA THR A 3 -27.11 28.95 -47.51
C THR A 3 -27.07 27.43 -47.72
N TYR A 4 -26.41 26.76 -46.79
CA TYR A 4 -26.26 25.30 -46.78
C TYR A 4 -27.54 24.68 -47.34
N ALA A 5 -28.56 24.62 -46.49
CA ALA A 5 -29.85 24.05 -46.84
C ALA A 5 -30.07 23.94 -48.35
N GLN A 6 -30.23 25.11 -48.97
CA GLN A 6 -30.46 25.20 -50.40
C GLN A 6 -29.55 24.29 -51.25
N THR A 7 -28.25 24.37 -51.06
CA THR A 7 -27.33 23.56 -51.85
C THR A 7 -27.75 22.11 -51.79
N LEU A 8 -28.49 21.74 -50.74
CA LEU A 8 -28.95 20.38 -50.57
C LEU A 8 -30.03 19.97 -51.56
N GLN A 9 -31.04 20.83 -51.72
CA GLN A 9 -32.16 20.55 -52.62
C GLN A 9 -31.81 20.72 -54.10
N ASN A 10 -30.69 21.38 -54.37
CA ASN A 10 -30.23 21.59 -55.73
C ASN A 10 -29.65 20.30 -56.23
N ILE A 11 -29.03 19.56 -55.31
CA ILE A 11 -28.41 18.29 -55.65
C ILE A 11 -29.37 17.48 -56.51
N PRO A 12 -29.01 17.25 -57.78
CA PRO A 12 -29.81 16.50 -58.75
C PRO A 12 -30.35 15.16 -58.24
N GLU A 13 -31.67 15.06 -58.17
CA GLU A 13 -32.34 13.84 -57.72
C GLU A 13 -31.65 12.65 -58.36
N THR A 14 -31.64 11.51 -57.66
CA THR A 14 -31.02 10.33 -58.22
C THR A 14 -32.10 9.49 -58.88
N ASN A 15 -32.05 9.43 -60.22
CA ASN A 15 -33.04 8.71 -61.01
C ASN A 15 -32.94 7.18 -60.88
N VAL A 16 -34.09 6.52 -60.99
CA VAL A 16 -34.16 5.08 -60.88
C VAL A 16 -35.26 4.49 -61.75
N THR A 17 -35.00 3.32 -62.30
CA THR A 17 -35.95 2.60 -63.14
C THR A 17 -35.72 1.11 -63.01
N THR A 18 -36.58 0.30 -63.62
CA THR A 18 -36.43 -1.14 -63.52
C THR A 18 -36.65 -1.93 -64.82
N LEU A 19 -35.75 -2.87 -65.09
CA LEU A 19 -35.88 -3.71 -66.29
C LEU A 19 -36.89 -4.78 -65.91
N ASP A 20 -37.46 -5.47 -66.89
CA ASP A 20 -38.45 -6.51 -66.60
C ASP A 20 -37.82 -7.76 -65.96
N ASN A 21 -36.52 -7.94 -66.13
CA ASN A 21 -35.80 -9.09 -65.58
C ASN A 21 -35.57 -8.98 -64.08
N GLY A 22 -35.55 -7.75 -63.56
CA GLY A 22 -35.34 -7.55 -62.13
C GLY A 22 -34.30 -6.50 -61.76
N LEU A 23 -33.17 -6.51 -62.48
CA LEU A 23 -32.09 -5.58 -62.23
C LEU A 23 -32.66 -4.19 -62.00
N ARG A 24 -31.90 -3.33 -61.34
CA ARG A 24 -32.36 -1.98 -61.08
C ARG A 24 -31.23 -1.02 -61.43
N VAL A 25 -31.54 0.00 -62.22
CA VAL A 25 -30.51 0.95 -62.61
C VAL A 25 -30.78 2.33 -62.04
N ALA A 26 -29.72 2.94 -61.51
CA ALA A 26 -29.83 4.28 -60.94
C ALA A 26 -28.49 5.01 -60.98
N SER A 27 -28.56 6.33 -60.87
CA SER A 27 -27.35 7.15 -60.92
C SER A 27 -27.63 8.63 -60.64
N GLU A 28 -26.54 9.37 -60.44
CA GLU A 28 -26.61 10.81 -60.17
C GLU A 28 -25.72 11.51 -61.19
N GLU A 29 -26.33 12.39 -61.99
CA GLU A 29 -25.65 13.12 -63.05
C GLU A 29 -25.01 14.43 -62.58
N SER A 30 -23.75 14.63 -62.99
CA SER A 30 -23.00 15.83 -62.63
C SER A 30 -22.26 16.32 -63.87
N SER A 31 -21.45 17.36 -63.70
CA SER A 31 -20.68 17.92 -64.81
C SER A 31 -19.27 17.34 -64.77
N GLN A 32 -19.11 16.21 -64.10
CA GLN A 32 -17.81 15.57 -63.98
C GLN A 32 -17.46 14.76 -65.23
N PRO A 33 -16.40 15.17 -65.94
CA PRO A 33 -15.91 14.53 -67.16
C PRO A 33 -15.54 13.06 -66.94
N THR A 34 -15.27 12.74 -65.69
CA THR A 34 -14.91 11.38 -65.29
C THR A 34 -16.06 10.84 -64.45
N CYS A 35 -15.98 9.57 -64.10
CA CYS A 35 -17.06 8.96 -63.33
C CYS A 35 -16.70 7.61 -62.71
N THR A 36 -17.75 6.89 -62.34
CA THR A 36 -17.64 5.55 -61.76
C THR A 36 -18.99 4.86 -61.88
N VAL A 37 -18.94 3.57 -62.20
CA VAL A 37 -20.16 2.80 -62.35
C VAL A 37 -19.89 1.39 -61.92
N GLY A 38 -20.89 0.78 -61.30
CA GLY A 38 -20.73 -0.57 -60.83
C GLY A 38 -22.02 -1.27 -60.47
N VAL A 39 -21.94 -2.58 -60.39
CA VAL A 39 -23.06 -3.41 -60.02
C VAL A 39 -22.90 -3.68 -58.52
N TRP A 40 -23.98 -3.50 -57.76
CA TRP A 40 -23.96 -3.73 -56.32
C TRP A 40 -24.83 -4.91 -55.93
N ILE A 41 -24.30 -6.10 -56.18
CA ILE A 41 -25.01 -7.32 -55.88
C ILE A 41 -25.35 -7.37 -54.40
N GLY A 42 -26.49 -7.98 -54.09
CA GLY A 42 -26.89 -8.12 -52.70
C GLY A 42 -26.51 -9.51 -52.24
N ALA A 43 -25.27 -9.91 -52.53
CA ALA A 43 -24.78 -11.23 -52.14
C ALA A 43 -23.58 -11.11 -51.22
N GLY A 44 -23.42 -12.11 -50.36
CA GLY A 44 -22.32 -12.08 -49.43
C GLY A 44 -22.00 -13.40 -48.76
N SER A 45 -21.41 -13.32 -47.59
CA SER A 45 -21.07 -14.52 -46.84
C SER A 45 -22.29 -14.99 -46.09
N ARG A 46 -23.09 -14.05 -45.60
CA ARG A 46 -24.27 -14.44 -44.85
C ARG A 46 -25.07 -15.39 -45.68
N TYR A 47 -25.16 -15.09 -46.97
CA TYR A 47 -25.92 -15.93 -47.89
C TYR A 47 -25.23 -17.30 -48.09
N GLU A 48 -24.01 -17.43 -47.60
CA GLU A 48 -23.30 -18.69 -47.75
C GLU A 48 -23.73 -19.58 -46.58
N ASN A 49 -23.52 -20.88 -46.72
CA ASN A 49 -23.84 -21.81 -45.66
C ASN A 49 -22.50 -22.32 -45.13
N GLU A 50 -22.53 -23.46 -44.44
CA GLU A 50 -21.34 -24.05 -43.86
C GLU A 50 -20.40 -24.76 -44.83
N LYS A 51 -20.93 -25.28 -45.94
CA LYS A 51 -20.10 -25.98 -46.93
C LYS A 51 -19.55 -25.05 -48.00
N ASN A 52 -20.21 -23.91 -48.19
CA ASN A 52 -19.79 -22.91 -49.18
C ASN A 52 -19.42 -21.55 -48.54
N ASN A 53 -18.70 -21.62 -47.42
CA ASN A 53 -18.22 -20.44 -46.73
C ASN A 53 -16.97 -20.10 -47.51
N GLY A 54 -16.97 -18.94 -48.15
CA GLY A 54 -15.82 -18.54 -48.93
C GLY A 54 -16.30 -17.98 -50.26
N ALA A 55 -16.64 -18.89 -51.17
CA ALA A 55 -17.15 -18.56 -52.50
C ALA A 55 -17.23 -17.06 -52.79
N GLY A 56 -18.20 -16.37 -52.20
CA GLY A 56 -18.35 -14.95 -52.43
C GLY A 56 -17.01 -14.22 -52.52
N TYR A 57 -16.00 -14.81 -51.90
CA TYR A 57 -14.64 -14.29 -51.87
C TYR A 57 -13.83 -14.88 -53.03
N PHE A 58 -13.74 -16.21 -53.06
CA PHE A 58 -13.00 -16.92 -54.10
C PHE A 58 -13.46 -16.35 -55.44
N VAL A 59 -14.69 -15.85 -55.45
CA VAL A 59 -15.28 -15.25 -56.64
C VAL A 59 -14.84 -13.80 -56.79
N GLU A 60 -14.71 -13.10 -55.67
CA GLU A 60 -14.27 -11.71 -55.73
C GLU A 60 -12.85 -11.75 -56.28
N HIS A 61 -12.20 -12.89 -56.11
CA HIS A 61 -10.84 -13.10 -56.58
C HIS A 61 -10.72 -13.35 -58.06
N LEU A 62 -11.55 -14.27 -58.57
CA LEU A 62 -11.53 -14.62 -59.99
C LEU A 62 -12.47 -13.78 -60.86
N ALA A 63 -13.01 -12.73 -60.28
CA ALA A 63 -13.91 -11.84 -61.00
C ALA A 63 -13.14 -10.83 -61.82
N PHE A 64 -11.84 -11.02 -61.91
CA PHE A 64 -10.98 -10.10 -62.67
C PHE A 64 -9.94 -10.82 -63.50
N LYS A 65 -9.93 -12.14 -63.40
CA LYS A 65 -8.99 -12.95 -64.15
C LYS A 65 -9.64 -13.40 -65.45
N GLY A 66 -10.56 -12.56 -65.93
CA GLY A 66 -11.23 -12.81 -67.20
C GLY A 66 -12.63 -13.40 -67.29
N THR A 67 -13.08 -13.55 -68.56
CA THR A 67 -14.39 -14.11 -68.91
C THR A 67 -14.19 -15.12 -70.06
N LYS A 68 -15.29 -15.70 -70.54
CA LYS A 68 -15.23 -16.66 -71.64
C LYS A 68 -15.00 -15.92 -72.96
N LYS A 69 -15.46 -14.66 -72.98
CA LYS A 69 -15.32 -13.77 -74.15
C LYS A 69 -13.88 -13.29 -74.32
N ARG A 70 -13.31 -12.71 -73.27
CA ARG A 70 -11.95 -12.20 -73.31
C ARG A 70 -11.17 -12.68 -72.08
N PRO A 71 -10.30 -13.69 -72.24
CA PRO A 71 -9.49 -14.27 -71.15
C PRO A 71 -8.60 -13.28 -70.39
N CYS A 72 -7.75 -13.81 -69.51
CA CYS A 72 -6.85 -13.00 -68.65
C CYS A 72 -6.34 -11.69 -69.27
N ALA A 73 -5.15 -11.75 -69.89
CA ALA A 73 -4.56 -10.56 -70.50
C ALA A 73 -5.58 -9.65 -71.21
N ALA A 74 -6.22 -10.17 -72.26
CA ALA A 74 -7.20 -9.41 -73.02
C ALA A 74 -8.10 -8.54 -72.13
N PHE A 75 -8.67 -9.14 -71.10
CA PHE A 75 -9.55 -8.42 -70.19
C PHE A 75 -8.77 -7.27 -69.60
N GLU A 76 -7.82 -7.60 -68.75
CA GLU A 76 -7.00 -6.58 -68.11
C GLU A 76 -6.49 -5.57 -69.14
N LYS A 77 -5.83 -6.07 -70.19
CA LYS A 77 -5.29 -5.18 -71.24
C LYS A 77 -6.35 -4.18 -71.67
N GLU A 78 -7.46 -4.70 -72.20
CA GLU A 78 -8.54 -3.83 -72.65
C GLU A 78 -9.00 -2.90 -71.53
N VAL A 79 -8.82 -3.31 -70.28
CA VAL A 79 -9.23 -2.49 -69.14
C VAL A 79 -8.19 -1.40 -68.85
N GLU A 80 -6.96 -1.84 -68.63
CA GLU A 80 -5.86 -0.93 -68.34
C GLU A 80 -5.72 0.09 -69.46
N SER A 81 -5.55 -0.42 -70.68
CA SER A 81 -5.36 0.41 -71.87
C SER A 81 -6.35 1.56 -72.06
N MET A 82 -7.51 1.49 -71.42
CA MET A 82 -8.47 2.57 -71.56
C MET A 82 -8.38 3.44 -70.32
N GLY A 83 -7.53 3.01 -69.38
CA GLY A 83 -7.30 3.77 -68.16
C GLY A 83 -8.39 3.77 -67.10
N ALA A 84 -9.21 2.72 -67.06
CA ALA A 84 -10.28 2.64 -66.06
C ALA A 84 -9.81 1.79 -64.88
N HIS A 85 -10.22 2.16 -63.67
CA HIS A 85 -9.82 1.43 -62.47
C HIS A 85 -10.89 0.45 -62.03
N PHE A 86 -10.59 -0.83 -62.15
CA PHE A 86 -11.54 -1.86 -61.74
C PHE A 86 -11.19 -2.47 -60.40
N ASN A 87 -12.11 -2.31 -59.46
CA ASN A 87 -11.94 -2.77 -58.11
C ASN A 87 -13.32 -2.99 -57.50
N GLY A 88 -13.36 -3.69 -56.37
CA GLY A 88 -14.62 -3.97 -55.70
C GLY A 88 -14.41 -4.70 -54.38
N TYR A 89 -15.47 -5.35 -53.90
CA TYR A 89 -15.36 -6.07 -52.63
C TYR A 89 -16.44 -7.12 -52.38
N THR A 90 -16.48 -7.58 -51.14
CA THR A 90 -17.41 -8.61 -50.70
C THR A 90 -17.54 -8.64 -49.17
N SER A 91 -18.53 -7.94 -48.61
CA SER A 91 -18.74 -7.92 -47.16
C SER A 91 -19.59 -9.13 -46.76
N ARG A 92 -20.24 -9.07 -45.59
CA ARG A 92 -21.07 -10.19 -45.13
C ARG A 92 -22.36 -10.39 -45.92
N GLU A 93 -23.03 -9.29 -46.22
CA GLU A 93 -24.25 -9.39 -47.01
C GLU A 93 -24.31 -8.24 -48.00
N GLN A 94 -23.39 -8.27 -48.97
CA GLN A 94 -23.27 -7.27 -50.05
C GLN A 94 -21.90 -7.31 -50.71
N THR A 95 -21.87 -7.66 -51.99
CA THR A 95 -20.63 -7.70 -52.74
C THR A 95 -20.84 -6.60 -53.77
N ALA A 96 -19.81 -6.26 -54.54
CA ALA A 96 -19.96 -5.23 -55.56
C ALA A 96 -18.70 -5.07 -56.40
N PHE A 97 -18.88 -4.87 -57.70
CA PHE A 97 -17.76 -4.68 -58.60
C PHE A 97 -18.05 -3.41 -59.38
N TYR A 98 -17.18 -2.43 -59.22
CA TYR A 98 -17.36 -1.15 -59.88
C TYR A 98 -16.08 -0.65 -60.54
N ILE A 99 -16.24 0.24 -61.51
CA ILE A 99 -15.10 0.81 -62.21
C ILE A 99 -15.13 2.34 -62.26
N LYS A 100 -13.94 2.92 -62.20
CA LYS A 100 -13.77 4.36 -62.29
C LYS A 100 -13.22 4.63 -63.70
N ALA A 101 -13.95 5.40 -64.49
CA ALA A 101 -13.51 5.69 -65.83
C ALA A 101 -14.04 7.02 -66.38
N LEU A 102 -13.45 7.43 -67.50
CA LEU A 102 -13.82 8.66 -68.19
C LEU A 102 -15.29 8.54 -68.59
N SER A 103 -16.07 9.61 -68.38
CA SER A 103 -17.50 9.59 -68.73
C SER A 103 -17.77 9.05 -70.13
N LYS A 104 -16.75 9.11 -70.98
CA LYS A 104 -16.82 8.62 -72.34
C LYS A 104 -17.12 7.14 -72.35
N ASP A 105 -16.19 6.35 -71.83
CA ASP A 105 -16.35 4.89 -71.81
C ASP A 105 -17.63 4.41 -71.15
N MET A 106 -18.32 5.31 -70.44
CA MET A 106 -19.56 5.00 -69.74
C MET A 106 -20.27 3.72 -70.21
N PRO A 107 -20.58 3.63 -71.52
CA PRO A 107 -21.26 2.44 -72.06
C PRO A 107 -20.35 1.22 -72.11
N LYS A 108 -19.18 1.41 -72.73
CA LYS A 108 -18.20 0.34 -72.84
C LYS A 108 -17.98 -0.28 -71.44
N VAL A 109 -17.87 0.58 -70.43
CA VAL A 109 -17.68 0.09 -69.07
C VAL A 109 -18.78 -0.92 -68.80
N VAL A 110 -20.02 -0.44 -68.81
CA VAL A 110 -21.19 -1.27 -68.54
C VAL A 110 -21.10 -2.67 -69.15
N GLU A 111 -20.69 -2.76 -70.39
CA GLU A 111 -20.54 -4.05 -71.06
C GLU A 111 -19.72 -4.97 -70.15
N LEU A 112 -18.51 -4.51 -69.86
CA LEU A 112 -17.55 -5.21 -69.02
C LEU A 112 -18.19 -5.71 -67.70
N LEU A 113 -18.67 -4.78 -66.88
CA LEU A 113 -19.32 -5.11 -65.61
C LEU A 113 -20.21 -6.33 -65.82
N ALA A 114 -21.07 -6.23 -66.83
CA ALA A 114 -21.99 -7.30 -67.18
C ALA A 114 -21.29 -8.60 -67.56
N ASP A 115 -20.15 -8.51 -68.23
CA ASP A 115 -19.43 -9.72 -68.63
C ASP A 115 -18.67 -10.41 -67.49
N VAL A 116 -18.64 -9.82 -66.30
CA VAL A 116 -17.94 -10.42 -65.17
C VAL A 116 -18.91 -11.06 -64.19
N VAL A 117 -20.02 -10.37 -63.95
CA VAL A 117 -21.06 -10.86 -63.04
C VAL A 117 -21.70 -12.11 -63.65
N GLN A 118 -21.84 -12.11 -64.97
CA GLN A 118 -22.47 -13.21 -65.70
C GLN A 118 -21.53 -14.30 -66.21
N ASN A 119 -20.79 -13.97 -67.25
CA ASN A 119 -19.86 -14.88 -67.90
C ASN A 119 -18.43 -14.85 -67.32
N CYS A 120 -18.29 -15.22 -66.06
CA CYS A 120 -16.97 -15.22 -65.45
C CYS A 120 -16.20 -16.46 -65.91
N ALA A 121 -15.01 -16.26 -66.46
CA ALA A 121 -14.19 -17.34 -66.98
C ALA A 121 -14.08 -18.53 -66.07
N LEU A 122 -13.62 -18.28 -64.85
CA LEU A 122 -13.46 -19.36 -63.89
C LEU A 122 -12.51 -20.43 -64.41
N GLU A 123 -11.44 -19.99 -65.06
CA GLU A 123 -10.47 -20.93 -65.58
C GLU A 123 -9.93 -21.76 -64.42
N GLU A 124 -10.10 -23.08 -64.50
CA GLU A 124 -9.64 -23.97 -63.43
C GLU A 124 -8.11 -23.99 -63.25
N SER A 125 -7.40 -23.32 -64.14
CA SER A 125 -5.94 -23.25 -64.06
C SER A 125 -5.64 -22.07 -63.14
N GLN A 126 -6.60 -21.15 -63.09
CA GLN A 126 -6.54 -19.94 -62.31
C GLN A 126 -6.94 -20.19 -60.87
N ILE A 127 -7.84 -21.15 -60.67
CA ILE A 127 -8.32 -21.51 -59.34
C ILE A 127 -7.25 -22.09 -58.43
N GLU A 128 -6.59 -23.17 -58.86
CA GLU A 128 -5.55 -23.77 -58.03
C GLU A 128 -4.38 -22.83 -57.74
N LYS A 129 -4.47 -21.60 -58.22
CA LYS A 129 -3.45 -20.59 -57.95
C LYS A 129 -4.10 -19.66 -56.92
N GLU A 130 -5.33 -19.25 -57.20
CA GLU A 130 -6.07 -18.39 -56.31
C GLU A 130 -6.27 -19.12 -54.99
N ARG A 131 -6.02 -20.42 -55.01
CA ARG A 131 -6.18 -21.22 -53.80
C ARG A 131 -5.09 -20.81 -52.84
N GLY A 132 -3.84 -21.02 -53.22
CA GLY A 132 -2.74 -20.62 -52.36
C GLY A 132 -2.70 -19.13 -52.03
N VAL A 133 -3.22 -18.30 -52.94
CA VAL A 133 -3.25 -16.85 -52.76
C VAL A 133 -4.19 -16.40 -51.66
N ILE A 134 -5.39 -16.96 -51.62
CA ILE A 134 -6.29 -16.56 -50.56
C ILE A 134 -5.68 -17.06 -49.27
N LEU A 135 -5.23 -18.32 -49.28
CA LEU A 135 -4.61 -18.95 -48.11
C LEU A 135 -3.53 -18.04 -47.56
N GLN A 136 -2.92 -17.26 -48.44
CA GLN A 136 -1.88 -16.33 -48.06
C GLN A 136 -2.54 -15.06 -47.50
N GLU A 137 -3.54 -14.51 -48.19
CA GLU A 137 -4.20 -13.32 -47.71
C GLU A 137 -4.83 -13.53 -46.35
N LEU A 138 -4.89 -14.78 -45.91
CA LEU A 138 -5.45 -15.06 -44.60
C LEU A 138 -4.35 -15.04 -43.59
N LYS A 139 -3.24 -15.71 -43.90
CA LYS A 139 -2.08 -15.74 -43.01
C LYS A 139 -1.74 -14.30 -42.69
N GLU A 140 -2.09 -13.40 -43.61
CA GLU A 140 -1.83 -11.98 -43.42
C GLU A 140 -2.95 -11.38 -42.58
N MET A 141 -4.15 -11.31 -43.13
CA MET A 141 -5.29 -10.75 -42.42
C MET A 141 -5.40 -11.17 -40.97
N ASP A 142 -4.80 -12.32 -40.63
CA ASP A 142 -4.88 -12.84 -39.28
C ASP A 142 -3.96 -12.11 -38.31
N ASN A 143 -3.17 -11.17 -38.82
CA ASN A 143 -2.29 -10.40 -37.94
C ASN A 143 -2.82 -9.00 -37.79
N ASP A 144 -4.03 -8.75 -38.29
CA ASP A 144 -4.64 -7.45 -38.18
C ASP A 144 -5.67 -7.52 -37.06
N MET A 145 -5.18 -7.33 -35.84
CA MET A 145 -6.00 -7.38 -34.61
C MET A 145 -7.39 -6.82 -34.78
N THR A 146 -7.45 -5.55 -35.16
CA THR A 146 -8.72 -4.88 -35.33
C THR A 146 -9.72 -5.81 -36.02
N ASN A 147 -9.32 -6.38 -37.16
CA ASN A 147 -10.22 -7.30 -37.88
C ASN A 147 -10.48 -8.54 -37.03
N VAL A 148 -9.42 -9.30 -36.77
CA VAL A 148 -9.54 -10.50 -35.97
C VAL A 148 -10.52 -10.26 -34.85
N THR A 149 -10.55 -9.04 -34.32
CA THR A 149 -11.48 -8.72 -33.26
C THR A 149 -12.93 -8.71 -33.71
N PHE A 150 -13.25 -7.94 -34.74
CA PHE A 150 -14.62 -7.90 -35.23
C PHE A 150 -15.20 -9.22 -35.70
N ASP A 151 -14.40 -10.01 -36.41
CA ASP A 151 -14.91 -11.31 -36.86
C ASP A 151 -15.27 -12.13 -35.62
N TYR A 152 -14.35 -12.16 -34.65
CA TYR A 152 -14.56 -12.85 -33.38
C TYR A 152 -15.80 -12.29 -32.73
N LEU A 153 -15.88 -10.96 -32.64
CA LEU A 153 -17.02 -10.29 -32.04
C LEU A 153 -18.26 -10.84 -32.71
N HIS A 154 -18.27 -10.81 -34.04
CA HIS A 154 -19.39 -11.33 -34.81
C HIS A 154 -19.59 -12.78 -34.49
N ALA A 155 -18.51 -13.53 -34.55
CA ALA A 155 -18.51 -14.96 -34.28
C ALA A 155 -19.12 -15.38 -32.92
N THR A 156 -19.33 -14.44 -32.02
CA THR A 156 -19.93 -14.79 -30.74
C THR A 156 -21.22 -13.99 -30.60
N ALA A 157 -21.22 -12.77 -31.11
CA ALA A 157 -22.39 -11.92 -31.01
C ALA A 157 -23.56 -12.55 -31.74
N PHE A 158 -23.25 -13.26 -32.82
CA PHE A 158 -24.29 -13.89 -33.60
C PHE A 158 -24.16 -15.40 -33.61
N GLN A 159 -23.16 -15.93 -32.91
CA GLN A 159 -22.91 -17.37 -32.82
C GLN A 159 -24.01 -18.32 -33.30
N GLY A 160 -23.62 -19.40 -33.97
CA GLY A 160 -24.62 -20.34 -34.44
C GLY A 160 -25.30 -19.99 -35.75
N THR A 161 -25.57 -18.71 -36.00
CA THR A 161 -26.19 -18.32 -37.27
C THR A 161 -25.14 -18.02 -38.33
N ALA A 162 -25.60 -17.56 -39.49
CA ALA A 162 -24.71 -17.27 -40.62
C ALA A 162 -23.85 -16.00 -40.43
N LEU A 163 -24.47 -14.91 -40.00
CA LEU A 163 -23.73 -13.68 -39.79
C LEU A 163 -22.40 -13.94 -39.09
N ALA A 164 -22.39 -14.88 -38.16
CA ALA A 164 -21.17 -15.20 -37.41
C ALA A 164 -20.03 -15.81 -38.24
N ARG A 165 -20.09 -15.68 -39.57
CA ARG A 165 -19.05 -16.21 -40.44
C ARG A 165 -18.08 -15.17 -41.01
N THR A 166 -16.83 -15.60 -41.19
CA THR A 166 -15.80 -14.74 -41.76
C THR A 166 -16.04 -14.63 -43.26
N VAL A 167 -16.06 -13.41 -43.78
CA VAL A 167 -16.30 -13.23 -45.20
C VAL A 167 -15.32 -14.03 -46.03
N GLU A 168 -14.16 -14.31 -45.45
CA GLU A 168 -13.13 -15.08 -46.16
C GLU A 168 -13.31 -16.59 -46.05
N GLY A 169 -14.10 -17.01 -45.07
CA GLY A 169 -14.39 -18.41 -44.89
C GLY A 169 -13.30 -19.29 -44.33
N THR A 170 -13.70 -20.51 -43.99
CA THR A 170 -12.83 -21.54 -43.41
C THR A 170 -11.54 -21.79 -44.19
N THR A 171 -10.61 -22.47 -43.56
CA THR A 171 -9.35 -22.82 -44.20
C THR A 171 -9.57 -24.02 -45.10
N GLU A 172 -10.43 -24.93 -44.65
CA GLU A 172 -10.73 -26.13 -45.42
C GLU A 172 -11.50 -25.82 -46.70
N ASN A 173 -12.56 -25.02 -46.59
CA ASN A 173 -13.36 -24.65 -47.74
C ASN A 173 -12.51 -23.99 -48.83
N ILE A 174 -11.61 -23.11 -48.44
CA ILE A 174 -10.75 -22.47 -49.40
C ILE A 174 -9.81 -23.53 -49.92
N LYS A 175 -9.54 -24.54 -49.09
CA LYS A 175 -8.65 -25.63 -49.51
C LYS A 175 -9.34 -26.64 -50.42
N HIS A 176 -10.66 -26.74 -50.32
CA HIS A 176 -11.39 -27.71 -51.11
C HIS A 176 -12.42 -27.16 -52.10
N LEU A 177 -12.92 -25.95 -51.88
CA LEU A 177 -13.93 -25.40 -52.79
C LEU A 177 -13.66 -25.85 -54.23
N THR A 178 -14.71 -26.29 -54.93
CA THR A 178 -14.60 -26.79 -56.30
C THR A 178 -15.11 -25.83 -57.39
N ARG A 179 -14.52 -25.93 -58.58
CA ARG A 179 -14.90 -25.10 -59.72
C ARG A 179 -16.41 -24.93 -59.69
N ALA A 180 -17.08 -26.06 -59.49
CA ALA A 180 -18.52 -26.11 -59.45
C ALA A 180 -19.09 -25.15 -58.41
N ASP A 181 -18.86 -25.47 -57.13
CA ASP A 181 -19.37 -24.68 -56.02
C ASP A 181 -19.35 -23.17 -56.21
N LEU A 182 -18.31 -22.67 -56.89
CA LEU A 182 -18.21 -21.24 -57.14
C LEU A 182 -19.12 -20.95 -58.29
N ALA A 183 -19.07 -21.84 -59.28
CA ALA A 183 -19.93 -21.71 -60.44
C ALA A 183 -21.33 -21.48 -59.89
N SER A 184 -21.78 -22.42 -59.05
CA SER A 184 -23.11 -22.35 -58.45
C SER A 184 -23.34 -21.05 -57.67
N TYR A 185 -22.40 -20.68 -56.79
CA TYR A 185 -22.56 -19.45 -56.01
C TYR A 185 -22.97 -18.31 -56.96
N ILE A 186 -22.29 -18.23 -58.09
CA ILE A 186 -22.56 -17.19 -59.07
C ILE A 186 -23.98 -17.27 -59.57
N ASP A 187 -24.37 -18.45 -60.02
CA ASP A 187 -25.73 -18.66 -60.52
C ASP A 187 -26.77 -18.43 -59.43
N THR A 188 -26.63 -19.19 -58.36
CA THR A 188 -27.53 -19.13 -57.22
C THR A 188 -27.74 -17.71 -56.70
N HIS A 189 -26.66 -16.95 -56.56
CA HIS A 189 -26.72 -15.60 -56.01
C HIS A 189 -26.66 -14.41 -56.96
N PHE A 190 -25.69 -14.40 -57.87
CA PHE A 190 -25.56 -13.30 -58.81
C PHE A 190 -26.73 -13.18 -59.78
N LYS A 191 -27.85 -12.61 -59.32
CA LYS A 191 -29.03 -12.47 -60.17
C LYS A 191 -29.63 -11.06 -60.23
N ALA A 192 -29.99 -10.68 -61.46
CA ALA A 192 -30.55 -9.37 -61.78
C ALA A 192 -31.40 -8.65 -60.74
N PRO A 193 -32.49 -9.29 -60.25
CA PRO A 193 -33.35 -8.64 -59.25
C PRO A 193 -32.62 -8.16 -57.99
N ARG A 194 -31.54 -8.86 -57.66
CA ARG A 194 -30.73 -8.55 -56.49
C ARG A 194 -29.52 -7.67 -56.85
N MET A 195 -29.30 -7.45 -58.14
CA MET A 195 -28.17 -6.64 -58.56
C MET A 195 -28.64 -5.21 -58.83
N VAL A 196 -27.72 -4.26 -58.72
CA VAL A 196 -28.03 -2.85 -58.93
C VAL A 196 -26.90 -2.09 -59.64
N LEU A 197 -27.19 -1.54 -60.79
CA LEU A 197 -26.20 -0.79 -61.55
C LEU A 197 -26.30 0.67 -61.12
N ALA A 198 -25.28 1.15 -60.45
CA ALA A 198 -25.27 2.54 -60.02
C ALA A 198 -24.14 3.24 -60.76
N ALA A 199 -24.29 4.53 -61.01
CA ALA A 199 -23.25 5.28 -61.70
C ALA A 199 -23.32 6.72 -61.30
N ALA A 200 -22.17 7.36 -61.18
CA ALA A 200 -22.14 8.75 -60.81
C ALA A 200 -21.04 9.48 -61.56
N GLY A 201 -21.34 10.72 -61.95
CA GLY A 201 -20.39 11.54 -62.69
C GLY A 201 -21.09 12.11 -63.91
N GLY A 202 -20.32 12.36 -64.96
CA GLY A 202 -20.90 12.90 -66.18
C GLY A 202 -21.53 11.78 -66.99
N ILE A 203 -22.78 11.44 -66.68
CA ILE A 203 -23.48 10.37 -67.40
C ILE A 203 -24.98 10.60 -67.49
N SER A 204 -25.54 10.37 -68.69
CA SER A 204 -26.97 10.53 -68.93
C SER A 204 -27.73 9.31 -68.42
N HIS A 205 -28.62 9.52 -67.47
CA HIS A 205 -29.36 8.42 -66.93
C HIS A 205 -29.89 7.50 -68.00
N LYS A 206 -30.72 8.04 -68.89
CA LYS A 206 -31.28 7.21 -69.94
C LYS A 206 -30.23 6.49 -70.77
N GLU A 207 -29.17 7.18 -71.18
CA GLU A 207 -28.15 6.53 -71.99
C GLU A 207 -27.71 5.26 -71.27
N LEU A 208 -27.43 5.42 -69.98
CA LEU A 208 -27.00 4.31 -69.13
C LEU A 208 -28.00 3.17 -69.21
N VAL A 209 -29.22 3.44 -68.75
CA VAL A 209 -30.27 2.44 -68.76
C VAL A 209 -30.29 1.65 -70.07
N ASP A 210 -29.97 2.33 -71.16
CA ASP A 210 -29.95 1.68 -72.48
C ASP A 210 -28.88 0.60 -72.56
N ALA A 211 -27.62 0.99 -72.45
CA ALA A 211 -26.53 0.04 -72.51
C ALA A 211 -26.83 -1.06 -71.49
N ALA A 212 -27.66 -0.72 -70.50
CA ALA A 212 -28.04 -1.66 -69.47
C ALA A 212 -28.94 -2.72 -70.11
N ARG A 213 -30.03 -2.26 -70.70
CA ARG A 213 -30.96 -3.15 -71.36
C ARG A 213 -30.20 -4.02 -72.36
N GLN A 214 -29.17 -3.44 -72.95
CA GLN A 214 -28.39 -4.13 -73.98
C GLN A 214 -27.50 -5.31 -73.56
N HIS A 215 -26.77 -5.20 -72.45
CA HIS A 215 -25.91 -6.32 -72.06
C HIS A 215 -26.40 -7.12 -70.86
N PHE A 216 -27.23 -6.48 -70.04
CA PHE A 216 -27.81 -7.11 -68.86
C PHE A 216 -29.14 -7.74 -69.28
N SER A 217 -29.09 -8.50 -70.37
CA SER A 217 -30.28 -9.14 -70.93
C SER A 217 -30.75 -10.40 -70.21
N GLY A 218 -31.30 -10.23 -69.02
CA GLY A 218 -31.81 -11.38 -68.28
C GLY A 218 -33.27 -11.63 -68.65
N VAL A 219 -33.64 -12.90 -68.76
CA VAL A 219 -35.02 -13.27 -69.09
C VAL A 219 -35.61 -14.06 -67.93
N SER A 220 -36.72 -13.56 -67.39
CA SER A 220 -37.38 -14.16 -66.24
C SER A 220 -38.70 -14.85 -66.56
N PHE A 221 -38.69 -16.18 -66.57
CA PHE A 221 -39.90 -16.93 -66.86
C PHE A 221 -40.81 -17.01 -65.65
N THR A 222 -40.57 -18.01 -64.80
CA THR A 222 -41.39 -18.23 -63.60
C THR A 222 -41.36 -17.02 -62.67
N TYR A 223 -41.96 -17.17 -61.49
CA TYR A 223 -41.98 -16.11 -60.50
C TYR A 223 -40.72 -16.28 -59.66
N LYS A 224 -40.24 -17.52 -59.58
CA LYS A 224 -39.04 -17.88 -58.82
C LYS A 224 -37.86 -16.94 -59.07
N GLU A 225 -37.42 -16.86 -60.33
CA GLU A 225 -36.29 -16.00 -60.70
C GLU A 225 -36.55 -14.51 -60.42
N ASP A 226 -37.76 -14.20 -59.99
CA ASP A 226 -38.14 -12.81 -59.68
C ASP A 226 -38.22 -12.52 -58.18
N ALA A 227 -38.29 -13.57 -57.39
CA ALA A 227 -38.39 -13.45 -55.94
C ALA A 227 -37.03 -13.38 -55.24
N VAL A 228 -36.89 -12.39 -54.36
CA VAL A 228 -35.68 -12.18 -53.59
C VAL A 228 -35.81 -13.01 -52.31
N PRO A 229 -35.08 -14.15 -52.22
CA PRO A 229 -35.13 -15.02 -51.04
C PRO A 229 -34.86 -14.31 -49.72
N ILE A 230 -35.82 -14.38 -48.80
CA ILE A 230 -35.65 -13.74 -47.51
C ILE A 230 -34.69 -14.55 -46.66
N LEU A 231 -33.89 -13.84 -45.86
CA LEU A 231 -32.88 -14.45 -45.01
C LEU A 231 -33.29 -14.83 -43.60
N PRO A 232 -32.91 -16.06 -43.19
CA PRO A 232 -33.22 -16.59 -41.86
C PRO A 232 -32.55 -15.69 -40.81
N ARG A 233 -33.37 -14.92 -40.11
CA ARG A 233 -32.89 -14.00 -39.08
C ARG A 233 -31.84 -14.62 -38.13
N CYS A 234 -30.78 -13.87 -37.85
CA CYS A 234 -29.71 -14.34 -36.99
C CYS A 234 -29.94 -13.95 -35.53
N ARG A 235 -29.74 -14.91 -34.64
CA ARG A 235 -29.94 -14.73 -33.20
C ARG A 235 -28.81 -14.08 -32.44
N PHE A 236 -29.13 -13.02 -31.72
CA PHE A 236 -28.11 -12.36 -30.94
C PHE A 236 -27.93 -13.10 -29.63
N THR A 237 -26.70 -13.15 -29.14
CA THR A 237 -26.39 -13.86 -27.92
C THR A 237 -25.36 -13.09 -27.12
N GLY A 238 -25.84 -12.29 -26.18
CA GLY A 238 -24.92 -11.54 -25.36
C GLY A 238 -23.93 -12.50 -24.73
N SER A 239 -22.66 -12.33 -25.03
CA SER A 239 -21.66 -13.21 -24.48
C SER A 239 -20.30 -12.71 -24.89
N GLU A 240 -19.28 -13.51 -24.62
CA GLU A 240 -17.95 -13.10 -24.96
C GLU A 240 -17.12 -14.19 -25.59
N ILE A 241 -15.94 -13.78 -26.05
CA ILE A 241 -14.94 -14.67 -26.63
C ILE A 241 -13.60 -14.00 -26.33
N ARG A 242 -12.74 -14.70 -25.58
CA ARG A 242 -11.44 -14.18 -25.21
C ARG A 242 -10.28 -14.95 -25.84
N ALA A 243 -9.60 -14.29 -26.77
CA ALA A 243 -8.45 -14.86 -27.46
C ALA A 243 -7.28 -14.22 -26.77
N ARG A 244 -6.52 -14.98 -25.99
CA ARG A 244 -5.43 -14.35 -25.27
C ARG A 244 -4.07 -14.67 -25.80
N ASP A 245 -3.20 -13.68 -25.70
CA ASP A 245 -1.83 -13.82 -26.12
C ASP A 245 -1.10 -12.68 -25.48
N ASP A 246 -0.59 -12.90 -24.28
CA ASP A 246 0.12 -11.87 -23.57
C ASP A 246 1.33 -11.38 -24.37
N ALA A 247 1.80 -12.20 -25.31
CA ALA A 247 2.97 -11.80 -26.09
C ALA A 247 2.70 -10.78 -27.19
N LEU A 248 1.52 -10.17 -27.17
CA LEU A 248 1.17 -9.16 -28.16
C LEU A 248 1.27 -7.78 -27.54
N PRO A 249 1.71 -6.80 -28.33
CA PRO A 249 1.90 -5.40 -27.95
C PRO A 249 0.75 -4.78 -27.22
N VAL A 250 -0.43 -4.84 -27.80
CA VAL A 250 -1.59 -4.26 -27.16
C VAL A 250 -2.74 -5.21 -27.25
N ALA A 251 -3.71 -4.99 -26.38
CA ALA A 251 -4.88 -5.81 -26.37
C ALA A 251 -5.97 -5.00 -27.08
N HIS A 252 -6.88 -5.70 -27.74
CA HIS A 252 -7.99 -5.08 -28.44
C HIS A 252 -9.28 -5.53 -27.79
N VAL A 253 -10.22 -4.62 -27.62
CA VAL A 253 -11.49 -4.96 -27.01
C VAL A 253 -12.65 -4.37 -27.76
N ALA A 254 -13.66 -5.19 -27.99
CA ALA A 254 -14.83 -4.73 -28.71
C ALA A 254 -16.08 -5.17 -27.94
N LEU A 255 -17.00 -4.24 -27.73
CA LEU A 255 -18.24 -4.54 -27.01
C LEU A 255 -19.40 -4.00 -27.84
N ALA A 256 -20.52 -4.72 -27.85
CA ALA A 256 -21.66 -4.28 -28.62
C ALA A 256 -22.98 -4.88 -28.18
N VAL A 257 -24.07 -4.19 -28.53
CA VAL A 257 -25.44 -4.62 -28.24
C VAL A 257 -26.13 -4.87 -29.57
N GLU A 258 -27.22 -5.64 -29.61
CA GLU A 258 -27.86 -5.89 -30.91
C GLU A 258 -28.36 -4.60 -31.54
N GLY A 259 -28.11 -4.45 -32.84
CA GLY A 259 -28.55 -3.27 -33.60
C GLY A 259 -29.90 -3.52 -34.27
N PRO A 260 -30.67 -2.46 -34.61
CA PRO A 260 -31.98 -2.57 -35.25
C PRO A 260 -32.05 -3.07 -36.71
N GLY A 261 -31.20 -2.55 -37.57
CA GLY A 261 -31.22 -2.96 -38.97
C GLY A 261 -31.61 -1.78 -39.84
N TRP A 262 -30.93 -1.61 -40.97
CA TRP A 262 -31.17 -0.47 -41.87
C TRP A 262 -32.55 0.18 -41.72
N ALA A 263 -33.59 -0.61 -41.98
CA ALA A 263 -34.96 -0.12 -41.88
C ALA A 263 -35.19 0.98 -40.83
N ASP A 264 -35.14 0.58 -39.55
CA ASP A 264 -35.37 1.47 -38.40
C ASP A 264 -34.86 2.90 -38.52
N PRO A 265 -35.75 3.88 -38.31
CA PRO A 265 -35.49 5.32 -38.37
C PRO A 265 -34.69 5.71 -37.15
N ASP A 266 -34.50 4.72 -36.26
CA ASP A 266 -33.74 4.95 -35.05
C ASP A 266 -32.26 5.06 -35.41
N ASN A 267 -31.80 4.25 -36.37
CA ASN A 267 -30.41 4.30 -36.76
C ASN A 267 -29.90 5.72 -36.76
N VAL A 268 -30.75 6.64 -37.20
CA VAL A 268 -30.37 8.05 -37.22
C VAL A 268 -29.83 8.37 -35.82
N VAL A 269 -30.74 8.45 -34.87
CA VAL A 269 -30.42 8.75 -33.48
C VAL A 269 -29.12 8.08 -33.06
N LEU A 270 -29.08 6.76 -33.20
CA LEU A 270 -27.89 6.03 -32.82
C LEU A 270 -26.63 6.70 -33.35
N HIS A 271 -26.63 7.05 -34.63
CA HIS A 271 -25.44 7.69 -35.20
C HIS A 271 -25.16 9.02 -34.54
N VAL A 272 -26.21 9.73 -34.15
CA VAL A 272 -26.05 11.01 -33.48
C VAL A 272 -25.31 10.73 -32.19
N ALA A 273 -25.79 9.73 -31.47
CA ALA A 273 -25.15 9.33 -30.23
C ALA A 273 -23.68 9.06 -30.53
N ASN A 274 -23.43 8.07 -31.37
CA ASN A 274 -22.08 7.68 -31.76
C ASN A 274 -21.21 8.87 -32.12
N ALA A 275 -21.82 10.02 -32.36
CA ALA A 275 -21.07 11.22 -32.71
C ALA A 275 -20.61 11.93 -31.44
N ILE A 276 -21.38 11.76 -30.37
CA ILE A 276 -21.09 12.37 -29.07
C ILE A 276 -19.85 11.73 -28.42
N ILE A 277 -19.77 10.41 -28.46
CA ILE A 277 -18.63 9.67 -27.90
C ILE A 277 -17.50 9.66 -28.89
N GLY A 278 -17.85 9.92 -30.15
CA GLY A 278 -16.87 9.97 -31.23
C GLY A 278 -15.81 8.87 -31.26
N ARG A 279 -14.60 9.29 -31.64
CA ARG A 279 -13.49 8.36 -31.71
C ARG A 279 -12.21 9.13 -31.43
N TYR A 280 -11.21 8.44 -30.90
CA TYR A 280 -9.94 9.07 -30.57
C TYR A 280 -8.77 8.19 -30.98
N ASP A 281 -7.60 8.79 -31.02
CA ASP A 281 -6.40 8.09 -31.41
C ASP A 281 -5.16 8.96 -31.25
N ARG A 282 -4.16 8.43 -30.56
CA ARG A 282 -2.88 9.11 -30.31
C ARG A 282 -2.51 10.39 -31.09
N THR A 283 -2.61 10.35 -32.42
CA THR A 283 -2.22 11.49 -33.28
C THR A 283 -3.13 12.72 -33.31
N PHE A 284 -4.40 12.57 -32.95
CA PHE A 284 -5.29 13.72 -32.92
C PHE A 284 -4.54 14.80 -32.17
N GLY A 285 -4.52 16.01 -32.70
CA GLY A 285 -3.81 17.09 -32.02
C GLY A 285 -4.67 17.75 -30.96
N GLY A 286 -5.98 17.58 -31.09
CA GLY A 286 -6.92 18.15 -30.13
C GLY A 286 -6.51 17.90 -28.70
N GLY A 287 -6.23 16.63 -28.42
CA GLY A 287 -5.81 16.21 -27.09
C GLY A 287 -6.79 16.50 -25.96
N LYS A 288 -6.21 16.74 -24.79
CA LYS A 288 -6.95 17.04 -23.56
C LYS A 288 -8.13 17.97 -23.76
N HIS A 289 -8.21 18.61 -24.92
CA HIS A 289 -9.29 19.54 -25.16
C HIS A 289 -10.49 19.01 -25.94
N LEU A 290 -10.29 17.95 -26.71
CA LEU A 290 -11.38 17.38 -27.48
C LEU A 290 -12.73 17.50 -26.78
N SER A 291 -13.79 17.48 -27.56
CA SER A 291 -15.13 17.62 -27.00
C SER A 291 -15.78 16.28 -26.62
N SER A 292 -15.17 15.19 -27.08
CA SER A 292 -15.67 13.86 -26.75
C SER A 292 -15.23 13.45 -25.35
N ARG A 293 -16.19 13.41 -24.44
CA ARG A 293 -15.92 13.03 -23.06
C ARG A 293 -14.87 11.95 -23.03
N LEU A 294 -15.21 10.75 -23.53
CA LEU A 294 -14.31 9.61 -23.53
C LEU A 294 -12.95 9.93 -24.10
N ALA A 295 -12.91 10.75 -25.15
CA ALA A 295 -11.65 11.11 -25.75
C ALA A 295 -10.79 11.83 -24.73
N ALA A 296 -11.39 12.81 -24.05
CA ALA A 296 -10.68 13.59 -23.02
C ALA A 296 -9.97 12.68 -22.02
N LEU A 297 -10.76 11.95 -21.24
CA LEU A 297 -10.22 11.04 -20.25
C LEU A 297 -9.21 10.17 -20.94
N ALA A 298 -9.58 9.67 -22.11
CA ALA A 298 -8.68 8.80 -22.85
C ALA A 298 -7.28 9.39 -22.88
N VAL A 299 -7.23 10.71 -23.08
CA VAL A 299 -5.98 11.46 -23.15
C VAL A 299 -5.39 11.67 -21.77
N GLU A 300 -6.19 12.32 -20.94
CA GLU A 300 -5.84 12.68 -19.57
C GLU A 300 -5.11 11.57 -18.83
N HIS A 301 -5.61 10.34 -18.91
CA HIS A 301 -4.98 9.21 -18.21
C HIS A 301 -4.30 8.21 -19.13
N LYS A 302 -4.00 8.63 -20.37
CA LYS A 302 -3.35 7.75 -21.35
C LYS A 302 -4.09 6.40 -21.40
N LEU A 303 -5.42 6.48 -21.50
CA LEU A 303 -6.26 5.29 -21.53
C LEU A 303 -5.98 4.35 -22.69
N CYS A 304 -6.30 4.78 -23.90
CA CYS A 304 -6.11 3.94 -25.05
C CYS A 304 -5.24 4.54 -26.14
N HIS A 305 -4.82 3.69 -27.06
CA HIS A 305 -4.01 4.09 -28.19
C HIS A 305 -5.01 4.62 -29.20
N SER A 306 -6.26 4.19 -29.03
CA SER A 306 -7.34 4.56 -29.92
C SER A 306 -8.61 3.89 -29.46
N PHE A 307 -9.75 4.45 -29.84
CA PHE A 307 -11.03 3.85 -29.53
C PHE A 307 -11.98 4.37 -30.58
N GLN A 308 -13.03 3.63 -30.87
CA GLN A 308 -13.98 4.06 -31.89
C GLN A 308 -15.38 3.54 -31.73
N THR A 309 -16.34 4.42 -32.04
CA THR A 309 -17.74 4.06 -31.94
C THR A 309 -18.10 3.47 -33.28
N PHE A 310 -19.17 2.68 -33.30
CA PHE A 310 -19.60 2.06 -34.55
C PHE A 310 -20.99 1.47 -34.46
N ASN A 311 -21.77 1.65 -35.53
CA ASN A 311 -23.12 1.10 -35.61
C ASN A 311 -23.30 0.33 -36.91
N THR A 312 -22.57 -0.77 -37.02
CA THR A 312 -22.65 -1.61 -38.20
C THR A 312 -24.10 -2.10 -38.32
N SER A 313 -24.76 -1.74 -39.42
CA SER A 313 -26.15 -2.15 -39.63
C SER A 313 -26.28 -3.29 -40.61
N TYR A 314 -27.40 -3.97 -40.55
CA TYR A 314 -27.68 -5.06 -41.47
C TYR A 314 -29.15 -5.05 -41.80
N SER A 315 -29.50 -5.83 -42.80
CA SER A 315 -30.87 -5.98 -43.26
C SER A 315 -31.87 -6.07 -42.10
N ASP A 316 -31.73 -7.13 -41.30
CA ASP A 316 -32.60 -7.44 -40.17
C ASP A 316 -32.03 -7.13 -38.79
N THR A 317 -30.70 -7.09 -38.66
CA THR A 317 -30.04 -6.86 -37.37
C THR A 317 -29.03 -5.67 -37.30
N GLY A 318 -28.08 -5.74 -36.38
CA GLY A 318 -27.07 -4.70 -36.22
C GLY A 318 -26.08 -4.98 -35.10
N LEU A 319 -25.00 -4.22 -35.01
CA LEU A 319 -24.02 -4.42 -33.95
C LEU A 319 -23.56 -3.10 -33.42
N PHE A 320 -24.36 -2.49 -32.55
CA PHE A 320 -24.00 -1.21 -31.99
C PHE A 320 -22.99 -1.36 -30.85
N GLY A 321 -21.86 -0.67 -30.93
CA GLY A 321 -20.89 -0.82 -29.85
C GLY A 321 -19.70 0.10 -29.89
N PHE A 322 -18.53 -0.44 -29.52
CA PHE A 322 -17.29 0.30 -29.54
C PHE A 322 -16.09 -0.59 -29.41
N HIS A 323 -14.98 -0.13 -29.99
CA HIS A 323 -13.70 -0.85 -30.02
C HIS A 323 -12.52 0.03 -29.69
N PHE A 324 -11.72 -0.38 -28.72
CA PHE A 324 -10.54 0.37 -28.32
C PHE A 324 -9.32 -0.54 -28.19
N VAL A 325 -8.15 0.04 -28.37
CA VAL A 325 -6.92 -0.72 -28.28
C VAL A 325 -6.02 -0.03 -27.28
N ALA A 326 -5.61 -0.74 -26.24
CA ALA A 326 -4.74 -0.08 -25.27
C ALA A 326 -3.71 -1.01 -24.68
N ASP A 327 -2.80 -0.42 -23.90
CA ASP A 327 -1.74 -1.15 -23.22
C ASP A 327 -2.38 -2.12 -22.25
N PRO A 328 -1.79 -3.30 -22.09
CA PRO A 328 -2.32 -4.33 -21.19
C PRO A 328 -2.77 -3.86 -19.82
N LEU A 329 -2.14 -2.81 -19.32
CA LEU A 329 -2.41 -2.29 -17.99
C LEU A 329 -3.38 -1.15 -17.77
N SER A 330 -4.26 -0.88 -18.74
CA SER A 330 -5.22 0.19 -18.54
C SER A 330 -6.57 -0.26 -19.07
N ILE A 331 -6.53 -1.37 -19.82
CA ILE A 331 -7.73 -1.93 -20.43
C ILE A 331 -8.91 -1.67 -19.53
N ASP A 332 -8.75 -2.01 -18.27
CA ASP A 332 -9.84 -1.82 -17.35
C ASP A 332 -10.28 -0.36 -17.27
N ASP A 333 -9.55 0.48 -16.55
CA ASP A 333 -9.95 1.87 -16.43
C ASP A 333 -10.65 2.34 -17.71
N MET A 334 -10.03 2.06 -18.86
CA MET A 334 -10.57 2.45 -20.17
C MET A 334 -12.00 1.97 -20.32
N MET A 335 -12.15 0.67 -20.48
CA MET A 335 -13.46 0.07 -20.60
C MET A 335 -14.41 0.81 -19.68
N PHE A 336 -14.05 0.85 -18.41
CA PHE A 336 -14.83 1.52 -17.40
C PHE A 336 -15.37 2.88 -17.84
N CYS A 337 -14.48 3.78 -18.23
CA CYS A 337 -14.91 5.11 -18.65
C CYS A 337 -15.85 4.98 -19.81
N ALA A 338 -15.49 4.11 -20.75
CA ALA A 338 -16.32 3.89 -21.94
C ALA A 338 -17.73 3.54 -21.52
N GLN A 339 -17.92 2.35 -20.95
CA GLN A 339 -19.22 1.89 -20.51
C GLN A 339 -19.94 2.95 -19.74
N GLY A 340 -19.17 3.82 -19.11
CA GLY A 340 -19.75 4.92 -18.36
C GLY A 340 -20.44 5.83 -19.37
N GLU A 341 -19.67 6.28 -20.35
CA GLU A 341 -20.23 7.14 -21.35
C GLU A 341 -21.54 6.58 -21.87
N TRP A 342 -21.53 5.31 -22.27
CA TRP A 342 -22.76 4.72 -22.73
C TRP A 342 -23.84 5.03 -21.71
N MET A 343 -23.60 4.65 -20.46
CA MET A 343 -24.57 4.92 -19.41
C MET A 343 -24.95 6.38 -19.41
N ARG A 344 -23.97 7.27 -19.40
CA ARG A 344 -24.30 8.69 -19.37
C ARG A 344 -25.20 9.02 -20.55
N LEU A 345 -24.97 8.37 -21.69
CA LEU A 345 -25.80 8.59 -22.88
C LEU A 345 -27.26 8.29 -22.60
N CYS A 346 -27.50 7.13 -22.01
CA CYS A 346 -28.86 6.71 -21.71
C CYS A 346 -29.46 7.42 -20.49
N THR A 347 -28.67 8.31 -19.86
CA THR A 347 -29.14 9.00 -18.66
C THR A 347 -29.07 10.52 -18.54
N SER A 348 -28.00 11.14 -19.03
CA SER A 348 -27.86 12.59 -18.89
C SER A 348 -27.33 13.37 -20.09
N THR A 349 -27.55 12.87 -21.29
CA THR A 349 -27.10 13.57 -22.50
C THR A 349 -27.80 14.94 -22.50
N THR A 350 -27.05 16.01 -22.81
CA THR A 350 -27.62 17.37 -22.84
C THR A 350 -27.94 17.88 -24.23
N GLU A 351 -28.59 19.04 -24.30
CA GLU A 351 -28.94 19.60 -25.59
C GLU A 351 -27.68 20.03 -26.34
N SER A 352 -26.70 20.54 -25.62
CA SER A 352 -25.47 21.00 -26.23
C SER A 352 -24.68 19.83 -26.79
N GLU A 353 -24.78 18.68 -26.14
CA GLU A 353 -24.07 17.51 -26.61
C GLU A 353 -24.61 17.09 -27.96
N VAL A 354 -25.93 16.98 -28.08
CA VAL A 354 -26.52 16.56 -29.34
C VAL A 354 -26.31 17.60 -30.44
N LYS A 355 -26.52 18.87 -30.10
CA LYS A 355 -26.34 19.94 -31.09
C LYS A 355 -25.07 19.70 -31.88
N ARG A 356 -23.96 19.50 -31.19
CA ARG A 356 -22.69 19.26 -31.86
C ARG A 356 -22.74 18.00 -32.72
N ALA A 357 -22.90 16.84 -32.08
CA ALA A 357 -22.96 15.57 -32.79
C ALA A 357 -23.65 15.81 -34.13
N LYS A 358 -24.87 16.32 -34.06
CA LYS A 358 -25.63 16.61 -35.26
C LYS A 358 -24.71 17.23 -36.30
N ASN A 359 -24.11 18.37 -35.98
CA ASN A 359 -23.23 19.07 -36.91
C ASN A 359 -22.05 18.21 -37.34
N HIS A 360 -21.60 17.34 -36.45
CA HIS A 360 -20.49 16.48 -36.80
C HIS A 360 -21.03 15.45 -37.81
N LEU A 361 -22.13 14.81 -37.47
CA LEU A 361 -22.74 13.80 -38.32
C LEU A 361 -23.02 14.35 -39.72
N ARG A 362 -23.66 15.52 -39.77
CA ARG A 362 -23.97 16.12 -41.05
C ARG A 362 -22.74 16.10 -41.96
N SER A 363 -21.60 16.52 -41.43
CA SER A 363 -20.35 16.56 -42.19
C SER A 363 -19.92 15.21 -42.76
N ALA A 364 -19.86 14.19 -41.93
CA ALA A 364 -19.49 12.86 -42.40
C ALA A 364 -20.51 12.49 -43.46
N MET A 365 -21.77 12.79 -43.17
CA MET A 365 -22.87 12.53 -44.09
C MET A 365 -22.46 13.03 -45.47
N VAL A 366 -21.96 14.26 -45.50
CA VAL A 366 -21.51 14.89 -46.73
C VAL A 366 -20.22 14.22 -47.23
N ALA A 367 -19.22 14.13 -46.36
CA ALA A 367 -17.92 13.52 -46.71
C ALA A 367 -18.01 12.09 -47.23
N GLN A 368 -19.17 11.46 -47.09
CA GLN A 368 -19.33 10.10 -47.59
C GLN A 368 -19.64 10.24 -49.07
N LEU A 369 -20.14 11.41 -49.44
CA LEU A 369 -20.48 11.74 -50.81
C LEU A 369 -19.47 12.78 -51.32
N ASP A 370 -18.22 12.36 -51.41
CA ASP A 370 -17.12 13.22 -51.86
C ASP A 370 -16.45 12.57 -53.05
N GLY A 371 -17.02 12.83 -54.22
CA GLY A 371 -16.47 12.27 -55.44
C GLY A 371 -17.47 11.35 -56.09
N THR A 372 -17.02 10.63 -57.11
CA THR A 372 -17.87 9.70 -57.82
C THR A 372 -18.03 8.37 -57.07
N THR A 373 -16.96 7.58 -56.99
CA THR A 373 -17.04 6.30 -56.31
C THR A 373 -17.92 6.39 -55.08
N PRO A 374 -17.56 7.26 -54.11
CA PRO A 374 -18.36 7.40 -52.89
C PRO A 374 -19.87 7.47 -53.13
N VAL A 375 -20.30 8.42 -53.97
CA VAL A 375 -21.71 8.58 -54.28
C VAL A 375 -22.29 7.28 -54.77
N CYS A 376 -21.69 6.75 -55.82
CA CYS A 376 -22.12 5.52 -56.44
C CYS A 376 -22.31 4.42 -55.39
N GLU A 377 -21.37 4.35 -54.46
CA GLU A 377 -21.43 3.35 -53.39
C GLU A 377 -22.70 3.57 -52.62
N THR A 378 -22.88 4.79 -52.13
CA THR A 378 -24.06 5.16 -51.37
C THR A 378 -25.33 4.73 -52.08
N ILE A 379 -25.38 5.01 -53.38
CA ILE A 379 -26.54 4.63 -54.17
C ILE A 379 -26.60 3.11 -54.26
N GLY A 380 -25.49 2.52 -54.68
CA GLY A 380 -25.45 1.08 -54.80
C GLY A 380 -26.03 0.44 -53.56
N SER A 381 -25.64 0.99 -52.40
CA SER A 381 -26.12 0.48 -51.13
C SER A 381 -27.44 1.07 -50.66
N HIS A 382 -27.82 2.23 -51.16
CA HIS A 382 -29.09 2.76 -50.71
C HIS A 382 -30.21 1.88 -51.20
N LEU A 383 -30.25 1.66 -52.51
CA LEU A 383 -31.28 0.85 -53.12
C LEU A 383 -31.30 -0.57 -52.58
N LEU A 384 -30.11 -1.14 -52.47
CA LEU A 384 -29.96 -2.49 -52.00
C LEU A 384 -30.47 -2.76 -50.57
N ASN A 385 -30.31 -1.79 -49.65
CA ASN A 385 -30.72 -1.96 -48.24
C ASN A 385 -31.94 -1.15 -47.81
N TYR A 386 -31.92 0.17 -48.06
CA TYR A 386 -33.03 1.05 -47.69
C TYR A 386 -34.23 1.04 -48.64
N GLY A 387 -34.05 0.47 -49.83
CA GLY A 387 -35.15 0.42 -50.79
C GLY A 387 -35.00 1.37 -51.97
N ARG A 388 -34.87 2.66 -51.65
CA ARG A 388 -34.67 3.69 -52.68
C ARG A 388 -33.38 4.46 -52.41
N ARG A 389 -33.39 5.74 -52.73
CA ARG A 389 -32.22 6.59 -52.49
C ARG A 389 -32.62 7.69 -51.51
N ILE A 390 -31.84 7.79 -50.44
CA ILE A 390 -32.08 8.78 -49.41
C ILE A 390 -31.16 9.98 -49.64
N SER A 391 -31.77 11.08 -50.07
CA SER A 391 -31.04 12.32 -50.35
C SER A 391 -30.52 12.99 -49.11
N LEU A 392 -29.52 13.84 -49.30
CA LEU A 392 -28.95 14.55 -48.18
C LEU A 392 -30.00 15.49 -47.61
N GLU A 393 -30.81 16.10 -48.46
CA GLU A 393 -31.83 16.99 -47.95
C GLU A 393 -32.67 16.20 -46.94
N GLU A 394 -33.00 14.95 -47.29
CA GLU A 394 -33.79 14.12 -46.41
C GLU A 394 -33.01 13.81 -45.13
N TRP A 395 -31.92 13.06 -45.26
CA TRP A 395 -31.09 12.71 -44.11
C TRP A 395 -31.11 13.89 -43.15
N ASP A 396 -30.73 15.07 -43.66
CA ASP A 396 -30.69 16.27 -42.82
C ASP A 396 -31.93 16.56 -41.99
N SER A 397 -33.12 16.45 -42.57
CA SER A 397 -34.30 16.71 -41.77
C SER A 397 -34.26 15.76 -40.56
N ARG A 398 -34.22 14.46 -40.87
CA ARG A 398 -34.18 13.41 -39.85
C ARG A 398 -33.20 13.69 -38.73
N ILE A 399 -32.12 14.41 -39.04
CA ILE A 399 -31.11 14.76 -38.05
C ILE A 399 -31.48 16.00 -37.26
N SER A 400 -31.92 17.05 -37.94
CA SER A 400 -32.32 18.28 -37.22
C SER A 400 -33.46 17.92 -36.27
N ALA A 401 -34.07 16.76 -36.51
CA ALA A 401 -35.18 16.27 -35.71
C ALA A 401 -34.67 15.89 -34.32
N VAL A 402 -33.77 14.92 -34.29
CA VAL A 402 -33.16 14.41 -33.05
C VAL A 402 -32.73 15.45 -32.04
N ASP A 403 -33.09 15.21 -30.79
CA ASP A 403 -32.75 16.09 -29.69
C ASP A 403 -32.39 15.21 -28.50
N ALA A 404 -32.08 15.83 -27.36
CA ALA A 404 -31.72 15.10 -26.15
C ALA A 404 -32.67 13.95 -25.88
N ARG A 405 -33.81 14.27 -25.27
CA ARG A 405 -34.84 13.29 -24.93
C ARG A 405 -34.72 12.04 -25.83
N MET A 406 -34.75 12.26 -27.14
CA MET A 406 -34.66 11.17 -28.10
C MET A 406 -33.43 10.30 -27.84
N VAL A 407 -32.25 10.89 -27.97
CA VAL A 407 -31.01 10.15 -27.76
C VAL A 407 -31.13 9.29 -26.51
N ARG A 408 -31.49 9.92 -25.39
CA ARG A 408 -31.64 9.17 -24.15
C ARG A 408 -32.52 7.96 -24.39
N ASP A 409 -33.80 8.20 -24.65
CA ASP A 409 -34.73 7.11 -24.89
C ASP A 409 -34.19 6.02 -25.82
N VAL A 410 -33.66 6.44 -26.98
CA VAL A 410 -33.13 5.51 -27.98
C VAL A 410 -31.96 4.66 -27.50
N CYS A 411 -30.95 5.29 -26.91
CA CYS A 411 -29.79 4.58 -26.40
C CYS A 411 -30.24 3.67 -25.27
N SER A 412 -31.09 4.20 -24.40
CA SER A 412 -31.63 3.43 -23.30
C SER A 412 -32.28 2.23 -23.99
N LYS A 413 -33.16 2.54 -24.92
CA LYS A 413 -33.88 1.53 -25.67
C LYS A 413 -32.96 0.36 -26.03
N TYR A 414 -31.77 0.65 -26.59
CA TYR A 414 -30.85 -0.41 -27.04
C TYR A 414 -29.63 -0.76 -26.20
N ILE A 415 -29.26 0.10 -25.25
CA ILE A 415 -28.05 -0.14 -24.43
C ILE A 415 -28.27 -0.51 -22.95
N TYR A 416 -29.28 0.08 -22.34
CA TYR A 416 -29.54 -0.14 -20.93
C TYR A 416 -29.91 -1.55 -20.53
N ASP A 417 -29.13 -2.07 -19.59
CA ASP A 417 -29.33 -3.39 -19.02
C ASP A 417 -29.46 -4.49 -20.05
N LYS A 418 -28.75 -4.37 -21.15
CA LYS A 418 -28.82 -5.41 -22.14
C LYS A 418 -27.58 -6.24 -21.98
N CYS A 419 -27.66 -7.53 -22.27
CA CYS A 419 -26.49 -8.37 -22.16
C CYS A 419 -25.71 -8.08 -23.44
N PRO A 420 -24.45 -7.63 -23.33
CA PRO A 420 -23.70 -7.34 -24.55
C PRO A 420 -22.76 -8.42 -25.02
N ALA A 421 -22.14 -8.15 -26.18
CA ALA A 421 -21.19 -9.06 -26.79
C ALA A 421 -19.82 -8.46 -26.57
N LEU A 422 -18.90 -9.31 -26.13
CA LEU A 422 -17.53 -8.89 -25.86
C LEU A 422 -16.52 -9.68 -26.65
N ALA A 423 -15.55 -8.95 -27.16
CA ALA A 423 -14.49 -9.53 -27.96
C ALA A 423 -13.14 -9.03 -27.42
N ALA A 424 -12.34 -9.96 -26.92
CA ALA A 424 -11.05 -9.60 -26.39
C ALA A 424 -9.96 -10.39 -27.08
N VAL A 425 -8.89 -9.70 -27.43
CA VAL A 425 -7.74 -10.27 -28.11
C VAL A 425 -6.46 -9.58 -27.66
N GLY A 426 -5.44 -10.40 -27.39
CA GLY A 426 -4.15 -9.88 -26.96
C GLY A 426 -3.91 -10.23 -25.51
N PRO A 427 -3.13 -9.39 -24.78
CA PRO A 427 -2.75 -9.52 -23.36
C PRO A 427 -3.80 -8.89 -22.45
N ILE A 428 -4.99 -9.46 -22.51
CA ILE A 428 -6.15 -8.98 -21.80
C ILE A 428 -6.34 -9.30 -20.31
N GLU A 429 -5.31 -9.83 -19.65
CA GLU A 429 -5.49 -10.20 -18.25
C GLU A 429 -6.24 -9.18 -17.43
N GLN A 430 -5.84 -7.92 -17.50
CA GLN A 430 -6.48 -6.89 -16.69
C GLN A 430 -8.00 -6.74 -16.73
N LEU A 431 -8.62 -6.83 -17.91
CA LEU A 431 -10.08 -6.69 -18.00
C LEU A 431 -10.71 -8.03 -17.71
N LEU A 432 -11.62 -8.12 -16.75
CA LEU A 432 -12.20 -9.43 -16.50
C LEU A 432 -13.64 -9.53 -16.05
N ASP A 433 -14.12 -10.77 -16.12
CA ASP A 433 -15.46 -11.17 -15.79
C ASP A 433 -16.52 -10.42 -16.54
N TYR A 434 -17.26 -11.16 -17.35
CA TYR A 434 -18.37 -10.64 -18.13
C TYR A 434 -19.37 -10.08 -17.13
N ASN A 435 -19.58 -10.82 -16.03
CA ASN A 435 -20.50 -10.44 -14.98
C ASN A 435 -20.28 -9.01 -14.62
N ARG A 436 -19.02 -8.69 -14.40
CA ARG A 436 -18.62 -7.36 -14.05
C ARG A 436 -18.87 -6.41 -15.21
N ILE A 437 -18.49 -6.83 -16.42
CA ILE A 437 -18.70 -5.99 -17.59
C ILE A 437 -20.21 -5.75 -17.71
N ARG A 438 -20.97 -6.81 -17.51
CA ARG A 438 -22.42 -6.73 -17.59
C ARG A 438 -22.92 -5.66 -16.65
N SER A 439 -22.56 -5.79 -15.38
CA SER A 439 -22.95 -4.84 -14.34
C SER A 439 -22.67 -3.39 -14.77
N GLY A 440 -21.72 -3.23 -15.68
CA GLY A 440 -21.39 -1.90 -16.15
C GLY A 440 -22.39 -1.39 -17.17
N MET A 441 -23.54 -2.06 -17.25
CA MET A 441 -24.57 -1.68 -18.19
C MET A 441 -25.73 -0.91 -17.59
N TYR A 442 -25.65 -0.59 -16.30
CA TYR A 442 -26.73 0.18 -15.69
C TYR A 442 -26.27 1.07 -14.52
N TRP A 443 -26.95 2.21 -14.37
CA TRP A 443 -26.70 3.24 -13.35
C TRP A 443 -25.52 4.22 -13.67
N ILE A 444 -25.82 5.43 -14.16
CA ILE A 444 -24.80 6.43 -14.50
N PRO B 21 -28.23 26.75 -59.90
CA PRO B 21 -27.49 27.42 -61.00
C PRO B 21 -26.18 26.72 -61.39
N GLY B 22 -26.32 25.61 -62.12
CA GLY B 22 -25.19 24.81 -62.59
C GLY B 22 -23.81 25.14 -62.08
N ALA B 23 -22.90 25.45 -63.00
CA ALA B 23 -21.52 25.77 -62.66
C ALA B 23 -21.15 27.25 -62.90
N GLU B 24 -20.54 27.87 -61.90
CA GLU B 24 -20.11 29.27 -61.99
C GLU B 24 -18.70 29.30 -62.56
N ASP B 25 -17.88 30.25 -62.09
CA ASP B 25 -16.52 30.35 -62.59
C ASP B 25 -15.46 30.64 -61.52
N LEU B 26 -14.25 30.15 -61.79
CA LEU B 26 -13.11 30.27 -60.88
C LEU B 26 -12.28 31.57 -60.95
N GLU B 27 -12.68 32.56 -60.17
CA GLU B 27 -11.97 33.85 -60.13
C GLU B 27 -10.64 33.73 -59.38
N ILE B 28 -9.76 34.70 -59.53
CA ILE B 28 -8.46 34.66 -58.85
C ILE B 28 -7.75 36.02 -58.79
N THR B 29 -8.11 36.82 -57.78
CA THR B 29 -7.52 38.14 -57.58
C THR B 29 -6.06 38.00 -57.15
N LYS B 30 -5.32 39.10 -57.03
CA LYS B 30 -3.91 39.00 -56.66
C LYS B 30 -3.30 40.19 -55.87
N LEU B 31 -4.07 40.73 -54.93
CA LEU B 31 -3.70 41.86 -54.05
C LEU B 31 -2.27 42.46 -54.05
N PRO B 32 -2.15 43.73 -53.59
CA PRO B 32 -0.88 44.47 -53.51
C PRO B 32 0.34 43.76 -52.90
N ASN B 33 0.19 43.24 -51.68
CA ASN B 33 1.30 42.58 -51.00
C ASN B 33 2.01 41.40 -51.72
N GLY B 34 1.22 40.39 -52.08
CA GLY B 34 1.75 39.21 -52.74
C GLY B 34 0.87 38.00 -52.41
N LEU B 35 -0.21 38.29 -51.68
CA LEU B 35 -1.16 37.27 -51.28
C LEU B 35 -2.10 36.94 -52.42
N ILE B 36 -2.33 35.64 -52.63
CA ILE B 36 -3.20 35.17 -53.70
C ILE B 36 -4.51 34.64 -53.11
N ILE B 37 -5.60 34.71 -53.88
CA ILE B 37 -6.90 34.24 -53.43
C ILE B 37 -7.60 33.48 -54.54
N ALA B 38 -7.77 32.17 -54.39
CA ALA B 38 -8.40 31.36 -55.43
C ALA B 38 -9.71 30.69 -55.00
N SER B 39 -10.81 31.43 -55.05
CA SER B 39 -12.12 30.90 -54.66
C SER B 39 -12.87 30.34 -55.86
N LEU B 40 -13.76 29.40 -55.59
CA LEU B 40 -14.56 28.77 -56.63
C LEU B 40 -15.81 28.22 -56.01
N GLU B 41 -16.93 28.84 -56.30
CA GLU B 41 -18.20 28.37 -55.77
C GLU B 41 -18.65 27.16 -56.61
N ASN B 42 -19.01 26.05 -55.96
CA ASN B 42 -19.46 24.87 -56.69
C ASN B 42 -20.74 24.42 -56.01
N PHE B 43 -21.26 25.33 -55.20
CA PHE B 43 -22.49 25.12 -54.46
C PHE B 43 -22.63 23.80 -53.72
N SER B 44 -21.51 23.29 -53.21
CA SER B 44 -21.56 22.04 -52.45
C SER B 44 -21.85 22.43 -51.02
N PRO B 45 -22.54 21.57 -50.26
CA PRO B 45 -22.86 21.88 -48.87
C PRO B 45 -21.62 22.06 -48.00
N ALA B 46 -20.50 21.53 -48.47
CA ALA B 46 -19.26 21.60 -47.72
C ALA B 46 -18.21 22.52 -48.30
N SER B 47 -17.89 23.56 -47.56
CA SER B 47 -16.86 24.50 -47.96
C SER B 47 -15.56 23.89 -47.47
N ARG B 48 -14.44 24.45 -47.90
CA ARG B 48 -13.14 23.95 -47.46
C ARG B 48 -12.04 24.95 -47.80
N ILE B 49 -11.79 25.85 -46.87
CA ILE B 49 -10.78 26.89 -47.02
C ILE B 49 -9.38 26.32 -46.83
N GLY B 50 -8.37 27.05 -47.31
CA GLY B 50 -7.01 26.56 -47.17
C GLY B 50 -5.90 27.57 -47.44
N VAL B 51 -4.94 27.65 -46.52
CA VAL B 51 -3.80 28.53 -46.63
C VAL B 51 -2.55 27.74 -47.03
N PHE B 52 -2.27 27.71 -48.32
CA PHE B 52 -1.09 27.00 -48.82
C PHE B 52 0.08 27.93 -48.63
N ILE B 53 1.18 27.40 -48.14
CA ILE B 53 2.33 28.24 -47.91
C ILE B 53 3.58 27.65 -48.52
N LYS B 54 4.51 28.52 -48.89
CA LYS B 54 5.77 28.08 -49.49
C LYS B 54 6.79 27.78 -48.38
N ALA B 55 6.30 27.23 -47.27
CA ALA B 55 7.17 26.84 -46.16
C ALA B 55 7.53 25.36 -46.37
N GLY B 56 8.34 24.79 -45.48
CA GLY B 56 8.69 23.39 -45.66
C GLY B 56 9.95 22.98 -44.93
N SER B 57 10.40 21.76 -45.16
CA SER B 57 11.59 21.24 -44.50
C SER B 57 12.90 21.42 -45.27
N ARG B 58 12.90 22.35 -46.21
CA ARG B 58 14.10 22.63 -46.98
C ARG B 58 14.73 23.95 -46.51
N TYR B 59 13.91 24.79 -45.88
CA TYR B 59 14.36 26.06 -45.35
C TYR B 59 15.03 25.84 -44.00
N GLU B 60 15.23 24.56 -43.69
CA GLU B 60 15.84 24.15 -42.44
C GLU B 60 17.35 24.04 -42.56
N THR B 61 18.05 24.59 -41.58
CA THR B 61 19.51 24.56 -41.52
C THR B 61 19.86 23.48 -40.50
N THR B 62 21.12 23.05 -40.51
CA THR B 62 21.56 22.03 -39.57
C THR B 62 21.40 22.56 -38.15
N ALA B 63 21.06 23.84 -38.05
CA ALA B 63 20.90 24.48 -36.76
C ALA B 63 19.47 24.44 -36.23
N ASN B 64 18.49 24.43 -37.14
CA ASN B 64 17.08 24.40 -36.72
C ASN B 64 16.28 23.29 -37.40
N LEU B 65 16.93 22.16 -37.61
CA LEU B 65 16.30 20.99 -38.25
C LEU B 65 14.97 20.67 -37.61
N GLY B 66 14.21 19.81 -38.29
CA GLY B 66 12.90 19.36 -37.82
C GLY B 66 11.87 20.39 -37.39
N THR B 67 12.29 21.60 -37.05
CA THR B 67 11.38 22.65 -36.59
C THR B 67 10.13 22.80 -37.47
N ALA B 68 10.23 22.34 -38.72
CA ALA B 68 9.10 22.39 -39.66
C ALA B 68 8.06 21.47 -39.04
N HIS B 69 8.41 20.19 -39.08
CA HIS B 69 7.64 19.08 -38.54
C HIS B 69 6.85 19.48 -37.27
N LEU B 70 7.61 19.97 -36.29
CA LEU B 70 7.02 20.39 -35.03
C LEU B 70 5.97 21.43 -35.29
N LEU B 71 6.37 22.48 -35.99
CA LEU B 71 5.45 23.56 -36.31
C LEU B 71 4.14 22.97 -36.81
N ARG B 72 4.26 21.87 -37.55
CA ARG B 72 3.11 21.20 -38.12
C ARG B 72 2.17 20.70 -37.04
N LEU B 73 2.75 20.10 -36.01
CA LEU B 73 1.95 19.57 -34.90
C LEU B 73 1.48 20.68 -33.97
N ALA B 74 2.29 21.73 -33.86
CA ALA B 74 2.00 22.86 -33.01
C ALA B 74 0.75 23.61 -33.44
N SER B 75 0.13 23.18 -34.52
CA SER B 75 -1.08 23.83 -35.03
C SER B 75 -2.13 24.19 -33.98
N PRO B 76 -2.60 23.22 -33.19
CA PRO B 76 -3.62 23.47 -32.16
C PRO B 76 -3.20 24.40 -31.04
N LEU B 77 -1.94 24.83 -31.06
CA LEU B 77 -1.39 25.70 -30.03
C LEU B 77 -1.94 27.12 -30.02
N THR B 78 -2.17 27.62 -28.80
CA THR B 78 -2.73 28.95 -28.55
C THR B 78 -2.24 30.07 -29.49
N THR B 79 -3.15 31.00 -29.76
CA THR B 79 -2.87 32.15 -30.63
C THR B 79 -3.13 33.42 -29.84
N LYS B 80 -3.04 34.56 -30.52
CA LYS B 80 -3.27 35.86 -29.89
C LYS B 80 -4.76 36.11 -29.71
N GLY B 81 -5.59 35.31 -30.40
CA GLY B 81 -7.03 35.50 -30.32
C GLY B 81 -7.83 34.24 -30.02
N ALA B 82 -7.15 33.10 -29.99
CA ALA B 82 -7.84 31.84 -29.70
C ALA B 82 -7.05 30.90 -28.80
N SER B 83 -7.70 30.50 -27.70
CA SER B 83 -7.12 29.59 -26.71
C SER B 83 -7.07 28.17 -27.25
N SER B 84 -5.93 27.49 -27.06
CA SER B 84 -5.78 26.11 -27.53
C SER B 84 -7.07 25.36 -27.31
N PHE B 85 -7.78 25.81 -26.27
CA PHE B 85 -9.05 25.25 -25.89
C PHE B 85 -10.09 25.66 -26.93
N ARG B 86 -10.49 26.92 -26.88
CA ARG B 86 -11.50 27.43 -27.78
C ARG B 86 -11.30 26.95 -29.20
N ILE B 87 -10.05 26.79 -29.63
CA ILE B 87 -9.83 26.34 -31.00
C ILE B 87 -10.47 24.99 -31.16
N THR B 88 -9.88 23.98 -30.56
CA THR B 88 -10.42 22.65 -30.69
C THR B 88 -11.90 22.62 -30.34
N ARG B 89 -12.31 23.28 -29.27
CA ARG B 89 -13.72 23.25 -28.92
C ARG B 89 -14.57 24.02 -29.90
N GLY B 90 -13.98 25.04 -30.51
CA GLY B 90 -14.71 25.85 -31.46
C GLY B 90 -14.99 25.14 -32.77
N ILE B 91 -13.96 24.55 -33.35
CA ILE B 91 -14.09 23.83 -34.61
C ILE B 91 -14.93 22.57 -34.40
N GLU B 92 -14.79 21.94 -33.24
CA GLU B 92 -15.54 20.72 -32.92
C GLU B 92 -17.02 21.04 -32.74
N ALA B 93 -17.31 22.23 -32.20
CA ALA B 93 -18.67 22.68 -31.94
C ALA B 93 -19.55 22.81 -33.17
N VAL B 94 -18.98 22.66 -34.36
CA VAL B 94 -19.74 22.78 -35.60
C VAL B 94 -19.43 21.66 -36.58
N GLY B 95 -18.86 20.58 -36.05
CA GLY B 95 -18.52 19.47 -36.92
C GLY B 95 -17.44 19.89 -37.87
N GLY B 96 -16.56 20.76 -37.40
CA GLY B 96 -15.47 21.22 -38.24
C GLY B 96 -14.30 20.25 -38.17
N SER B 97 -13.19 20.64 -38.78
CA SER B 97 -11.98 19.84 -38.81
C SER B 97 -10.86 20.76 -39.20
N LEU B 98 -9.67 20.49 -38.71
CA LEU B 98 -8.53 21.32 -39.05
C LEU B 98 -7.37 20.39 -39.28
N SER B 99 -6.72 20.54 -40.42
CA SER B 99 -5.60 19.66 -40.70
C SER B 99 -4.42 20.45 -41.23
N VAL B 100 -3.24 19.84 -41.20
CA VAL B 100 -2.06 20.50 -41.73
C VAL B 100 -1.32 19.46 -42.54
N TYR B 101 -1.09 19.74 -43.82
CA TYR B 101 -0.37 18.80 -44.70
C TYR B 101 0.82 19.56 -45.27
N SER B 102 1.96 18.89 -45.41
CA SER B 102 3.12 19.59 -45.96
C SER B 102 4.15 18.69 -46.60
N THR B 103 4.83 19.24 -47.61
CA THR B 103 5.89 18.57 -48.34
C THR B 103 7.22 19.23 -47.94
N ARG B 104 8.34 18.66 -48.35
CA ARG B 104 9.62 19.26 -48.03
C ARG B 104 9.66 20.76 -48.33
N GLU B 105 8.77 21.22 -49.21
CA GLU B 105 8.70 22.63 -49.64
C GLU B 105 7.30 23.28 -49.67
N LYS B 106 6.33 22.70 -48.97
CA LYS B 106 4.97 23.27 -48.99
C LYS B 106 4.09 22.84 -47.83
N MET B 107 3.62 23.81 -47.04
CA MET B 107 2.73 23.54 -45.91
C MET B 107 1.33 23.99 -46.29
N THR B 108 0.32 23.26 -45.85
CA THR B 108 -1.05 23.57 -46.24
C THR B 108 -2.06 23.55 -45.09
N TYR B 109 -2.18 24.65 -44.36
CA TYR B 109 -3.16 24.68 -43.27
C TYR B 109 -4.59 24.87 -43.79
N CYS B 110 -5.39 23.81 -43.79
CA CYS B 110 -6.77 23.94 -44.29
C CYS B 110 -7.91 23.42 -43.41
N VAL B 111 -8.89 24.29 -43.16
CA VAL B 111 -10.06 23.92 -42.37
C VAL B 111 -11.02 23.20 -43.31
N GLU B 112 -12.26 22.99 -42.86
CA GLU B 112 -13.27 22.28 -43.66
C GLU B 112 -14.57 22.07 -42.87
N CYS B 113 -15.57 22.92 -43.09
CA CYS B 113 -16.81 22.79 -42.35
C CYS B 113 -18.07 22.79 -43.21
N LEU B 114 -19.20 23.03 -42.55
CA LEU B 114 -20.49 23.10 -43.21
C LEU B 114 -20.65 24.55 -43.64
N ARG B 115 -21.23 24.77 -44.81
CA ARG B 115 -21.42 26.11 -45.34
C ARG B 115 -21.70 27.25 -44.37
N ASP B 116 -22.78 27.11 -43.60
CA ASP B 116 -23.16 28.17 -42.66
C ASP B 116 -22.25 28.43 -41.48
N HIS B 117 -20.99 28.00 -41.57
CA HIS B 117 -20.08 28.22 -40.45
C HIS B 117 -18.67 28.61 -40.90
N VAL B 118 -18.51 28.87 -42.19
CA VAL B 118 -17.20 29.24 -42.69
C VAL B 118 -16.65 30.43 -41.91
N ASP B 119 -17.53 31.39 -41.60
CA ASP B 119 -17.16 32.60 -40.85
C ASP B 119 -16.41 32.22 -39.57
N THR B 120 -16.97 31.23 -38.87
CA THR B 120 -16.40 30.76 -37.62
C THR B 120 -15.12 29.96 -37.86
N VAL B 121 -15.21 28.79 -38.51
CA VAL B 121 -14.02 27.98 -38.76
C VAL B 121 -12.86 28.77 -39.35
N MET B 122 -13.14 29.96 -39.85
CA MET B 122 -12.09 30.78 -40.46
C MET B 122 -11.19 31.37 -39.40
N GLU B 123 -11.82 32.05 -38.46
CA GLU B 123 -11.13 32.68 -37.36
C GLU B 123 -9.93 31.90 -36.85
N TYR B 124 -10.16 30.63 -36.54
CA TYR B 124 -9.08 29.80 -36.02
C TYR B 124 -8.01 29.56 -37.08
N LEU B 125 -8.42 29.20 -38.31
CA LEU B 125 -7.46 28.96 -39.38
C LEU B 125 -6.58 30.19 -39.55
N LEU B 126 -7.20 31.35 -39.42
CA LEU B 126 -6.49 32.61 -39.51
C LEU B 126 -5.50 32.68 -38.34
N ASN B 127 -6.06 32.74 -37.12
CA ASN B 127 -5.27 32.84 -35.89
C ASN B 127 -4.16 31.80 -35.73
N VAL B 128 -4.35 30.63 -36.31
CA VAL B 128 -3.34 29.59 -36.20
C VAL B 128 -2.15 29.81 -37.12
N THR B 129 -2.42 30.30 -38.33
CA THR B 129 -1.39 30.52 -39.35
C THR B 129 -0.70 31.89 -39.33
N THR B 130 -1.31 32.85 -38.64
CA THR B 130 -0.77 34.19 -38.60
C THR B 130 -0.58 34.78 -37.21
N ALA B 131 -1.07 34.11 -36.17
CA ALA B 131 -0.94 34.63 -34.81
C ALA B 131 -0.53 33.59 -33.76
N PRO B 132 0.37 32.67 -34.11
CA PRO B 132 0.77 31.68 -33.12
C PRO B 132 1.57 32.34 -32.00
N GLU B 133 1.34 31.92 -30.75
CA GLU B 133 2.07 32.48 -29.61
C GLU B 133 3.14 31.52 -29.12
N PHE B 134 3.09 30.29 -29.63
CA PHE B 134 4.05 29.24 -29.26
C PHE B 134 4.53 29.39 -27.83
N ARG B 135 3.58 29.42 -26.90
CA ARG B 135 3.90 29.54 -25.48
C ARG B 135 4.90 28.48 -25.07
N PRO B 136 6.06 28.91 -24.52
CA PRO B 136 7.22 28.14 -24.05
C PRO B 136 6.96 26.76 -23.45
N TRP B 137 5.89 26.64 -22.67
CA TRP B 137 5.53 25.38 -22.04
C TRP B 137 4.70 24.52 -23.00
N GLU B 138 3.54 25.02 -23.42
CA GLU B 138 2.69 24.28 -24.33
C GLU B 138 3.58 23.57 -25.32
N VAL B 139 4.58 24.31 -25.80
CA VAL B 139 5.53 23.77 -26.76
C VAL B 139 6.31 22.61 -26.19
N THR B 140 6.91 22.82 -25.03
CA THR B 140 7.70 21.77 -24.41
C THR B 140 6.85 20.57 -23.94
N ASP B 141 5.55 20.79 -23.70
CA ASP B 141 4.68 19.68 -23.30
C ASP B 141 4.38 18.87 -24.53
N LEU B 142 4.45 19.53 -25.67
CA LEU B 142 4.12 18.94 -26.95
C LEU B 142 5.23 18.23 -27.69
N GLN B 143 6.45 18.71 -27.58
CA GLN B 143 7.51 18.07 -28.33
C GLN B 143 7.56 16.54 -28.30
N PRO B 144 7.29 15.92 -27.14
CA PRO B 144 7.31 14.45 -27.07
C PRO B 144 6.35 13.74 -28.05
N GLN B 145 5.53 14.51 -28.74
CA GLN B 145 4.58 13.95 -29.68
C GLN B 145 5.35 13.61 -30.92
N LEU B 146 6.38 14.40 -31.19
CA LEU B 146 7.21 14.19 -32.37
C LEU B 146 7.74 12.78 -32.34
N LYS B 147 8.07 12.33 -31.13
CA LYS B 147 8.63 10.99 -30.95
C LYS B 147 7.60 9.95 -31.37
N VAL B 148 6.32 10.32 -31.28
CA VAL B 148 5.20 9.43 -31.61
C VAL B 148 4.71 9.60 -33.06
N ASP B 149 4.33 10.83 -33.42
CA ASP B 149 3.85 11.12 -34.75
C ASP B 149 4.80 10.50 -35.75
N LYS B 150 6.09 10.57 -35.44
CA LYS B 150 7.11 10.00 -36.31
C LYS B 150 6.94 8.48 -36.30
N ALA B 151 7.09 7.88 -35.11
CA ALA B 151 7.02 6.43 -34.93
C ALA B 151 5.84 5.72 -35.62
N VAL B 152 4.71 6.40 -35.75
CA VAL B 152 3.57 5.77 -36.42
C VAL B 152 3.85 5.75 -37.92
N ALA B 153 3.97 6.93 -38.51
CA ALA B 153 4.23 7.05 -39.93
C ALA B 153 5.33 6.09 -40.36
N PHE B 154 6.41 6.07 -39.57
CA PHE B 154 7.54 5.20 -39.85
C PHE B 154 7.23 3.70 -39.80
N GLN B 155 5.94 3.38 -39.65
CA GLN B 155 5.53 1.98 -39.62
C GLN B 155 5.48 1.45 -41.03
N SER B 156 5.38 2.38 -42.00
CA SER B 156 5.35 2.05 -43.42
C SER B 156 6.82 2.20 -43.91
N PRO B 157 7.55 1.07 -44.04
CA PRO B 157 8.96 1.15 -44.48
C PRO B 157 9.04 2.05 -45.68
N GLN B 158 7.96 2.03 -46.44
CA GLN B 158 7.79 2.82 -47.64
C GLN B 158 8.22 4.30 -47.43
N VAL B 159 8.06 4.81 -46.19
CA VAL B 159 8.42 6.20 -45.85
C VAL B 159 9.86 6.30 -45.39
N GLY B 160 10.38 5.18 -44.92
CA GLY B 160 11.76 5.15 -44.47
C GLY B 160 12.66 5.47 -45.65
N VAL B 161 12.81 4.51 -46.56
CA VAL B 161 13.66 4.67 -47.73
C VAL B 161 13.60 6.03 -48.41
N LEU B 162 12.43 6.66 -48.41
CA LEU B 162 12.31 7.98 -49.05
C LEU B 162 13.04 9.07 -48.27
N GLU B 163 12.97 9.01 -46.94
CA GLU B 163 13.68 9.97 -46.11
C GLU B 163 15.16 9.86 -46.40
N ASN B 164 15.65 8.62 -46.52
CA ASN B 164 17.06 8.32 -46.80
C ASN B 164 17.44 8.64 -48.24
N LEU B 165 16.51 8.36 -49.16
CA LEU B 165 16.77 8.63 -50.58
C LEU B 165 17.02 10.12 -50.71
N HIS B 166 16.03 10.94 -50.37
CA HIS B 166 16.19 12.40 -50.43
C HIS B 166 17.51 12.87 -49.83
N ALA B 167 17.96 12.23 -48.76
CA ALA B 167 19.22 12.59 -48.15
C ALA B 167 20.33 12.10 -49.06
N ALA B 168 20.17 10.91 -49.62
CA ALA B 168 21.15 10.29 -50.52
C ALA B 168 21.11 10.86 -51.95
N ALA B 169 20.06 11.61 -52.28
CA ALA B 169 19.95 12.18 -53.60
C ALA B 169 20.28 13.66 -53.57
N TYR B 170 20.56 14.19 -52.38
CA TYR B 170 20.89 15.61 -52.30
C TYR B 170 22.04 15.95 -51.35
N LYS B 171 22.29 17.26 -51.21
CA LYS B 171 23.35 17.79 -50.36
C LYS B 171 22.75 18.78 -49.37
N THR B 172 21.55 19.25 -49.67
CA THR B 172 20.87 20.21 -48.80
C THR B 172 19.39 20.39 -49.07
N ALA B 173 18.80 21.36 -48.35
CA ALA B 173 17.39 21.69 -48.49
C ALA B 173 16.49 20.47 -48.70
N LEU B 174 16.41 20.01 -49.94
CA LEU B 174 15.59 18.87 -50.22
C LEU B 174 16.14 17.64 -49.51
N ALA B 175 17.45 17.60 -49.31
CA ALA B 175 18.04 16.45 -48.65
C ALA B 175 17.58 16.41 -47.19
N ASN B 176 17.00 17.51 -46.71
CA ASN B 176 16.53 17.59 -45.32
C ASN B 176 15.26 16.78 -45.05
N PRO B 177 15.30 15.90 -44.05
CA PRO B 177 14.20 15.02 -43.64
C PRO B 177 12.87 15.71 -43.32
N LEU B 178 11.79 15.00 -43.64
CA LEU B 178 10.44 15.48 -43.47
C LEU B 178 9.89 15.36 -42.06
N TYR B 179 10.48 14.43 -41.30
CA TYR B 179 10.08 14.16 -39.91
C TYR B 179 11.29 14.40 -38.98
N CYS B 180 11.28 15.53 -38.29
CA CYS B 180 12.34 15.92 -37.37
C CYS B 180 13.18 14.73 -36.93
N PRO B 181 14.50 14.77 -37.15
CA PRO B 181 15.31 13.62 -36.74
C PRO B 181 15.27 13.42 -35.23
N ASP B 182 15.68 12.24 -34.79
CA ASP B 182 15.69 11.89 -33.38
C ASP B 182 16.34 12.94 -32.48
N TYR B 183 17.68 12.95 -32.51
CA TYR B 183 18.47 13.86 -31.68
C TYR B 183 17.84 15.22 -31.40
N ARG B 184 17.21 15.83 -32.40
CA ARG B 184 16.62 17.13 -32.19
C ARG B 184 15.28 17.17 -31.46
N ILE B 185 14.77 16.00 -31.08
CA ILE B 185 13.49 15.99 -30.37
C ILE B 185 13.60 16.70 -29.04
N GLY B 186 12.91 17.83 -28.95
CA GLY B 186 12.87 18.60 -27.72
C GLY B 186 13.82 19.78 -27.61
N LYS B 187 14.85 19.81 -28.45
CA LYS B 187 15.83 20.90 -28.39
C LYS B 187 15.41 22.10 -29.23
N ILE B 188 14.25 21.98 -29.87
CA ILE B 188 13.70 23.06 -30.69
C ILE B 188 13.17 24.11 -29.73
N THR B 189 13.35 25.38 -30.06
CA THR B 189 12.91 26.45 -29.19
C THR B 189 11.64 27.11 -29.64
N SER B 190 11.10 27.97 -28.78
CA SER B 190 9.88 28.70 -29.09
C SER B 190 10.26 29.78 -30.11
N GLU B 191 11.56 29.99 -30.28
CA GLU B 191 12.04 30.95 -31.26
C GLU B 191 12.09 30.24 -32.61
N GLN B 192 13.01 29.28 -32.72
CA GLN B 192 13.19 28.52 -33.95
C GLN B 192 11.86 28.35 -34.65
N LEU B 193 10.80 28.27 -33.87
CA LEU B 193 9.47 28.16 -34.42
C LEU B 193 9.09 29.56 -34.89
N HIS B 194 8.98 30.49 -33.97
CA HIS B 194 8.65 31.86 -34.30
C HIS B 194 9.37 32.33 -35.55
N HIS B 195 10.69 32.44 -35.47
CA HIS B 195 11.50 32.89 -36.59
C HIS B 195 11.21 32.12 -37.86
N PHE B 196 10.80 30.85 -37.73
CA PHE B 196 10.51 30.05 -38.91
C PHE B 196 9.20 30.48 -39.56
N VAL B 197 8.37 31.21 -38.82
CA VAL B 197 7.10 31.66 -39.37
C VAL B 197 7.21 33.08 -39.94
N GLN B 198 7.83 33.96 -39.16
CA GLN B 198 8.01 35.35 -39.59
C GLN B 198 8.85 35.40 -40.87
N ASN B 199 9.73 34.41 -41.03
CA ASN B 199 10.62 34.33 -42.19
C ASN B 199 10.10 33.46 -43.35
N ASN B 200 8.97 32.80 -43.18
CA ASN B 200 8.47 31.95 -44.26
C ASN B 200 7.01 32.14 -44.54
N PHE B 201 6.24 32.44 -43.50
CA PHE B 201 4.81 32.65 -43.66
C PHE B 201 4.61 34.12 -43.97
N THR B 202 5.08 34.53 -45.15
CA THR B 202 4.99 35.91 -45.63
C THR B 202 3.99 36.04 -46.79
N SER B 203 3.02 36.94 -46.64
CA SER B 203 1.98 37.14 -47.65
C SER B 203 2.31 36.81 -49.11
N ALA B 204 3.57 36.98 -49.51
CA ALA B 204 3.97 36.70 -50.89
C ALA B 204 4.04 35.21 -51.21
N ARG B 205 4.33 34.42 -50.17
CA ARG B 205 4.47 32.96 -50.27
C ARG B 205 3.17 32.23 -49.88
N MET B 206 2.18 32.98 -49.41
CA MET B 206 0.91 32.40 -49.00
C MET B 206 -0.19 32.54 -50.04
N ALA B 207 -1.07 31.55 -50.07
CA ALA B 207 -2.18 31.52 -51.01
C ALA B 207 -3.44 31.03 -50.31
N LEU B 208 -4.31 31.96 -49.94
CA LEU B 208 -5.56 31.65 -49.26
C LEU B 208 -6.66 31.09 -50.19
N VAL B 209 -6.47 29.84 -50.65
CA VAL B 209 -7.40 29.19 -51.57
C VAL B 209 -8.78 28.90 -50.97
N GLY B 210 -9.61 28.13 -51.66
CA GLY B 210 -10.93 27.83 -51.13
C GLY B 210 -11.96 27.31 -52.13
N ILE B 211 -12.88 26.49 -51.62
CA ILE B 211 -13.95 25.88 -52.41
C ILE B 211 -15.27 26.17 -51.65
N GLY B 212 -16.41 25.90 -52.28
CA GLY B 212 -17.70 26.14 -51.65
C GLY B 212 -17.88 27.56 -51.13
N VAL B 213 -17.26 28.52 -51.81
CA VAL B 213 -17.37 29.94 -51.42
C VAL B 213 -17.36 30.91 -52.60
N LYS B 214 -17.83 32.12 -52.33
CA LYS B 214 -17.89 33.20 -53.32
C LYS B 214 -16.61 34.02 -53.14
N HIS B 215 -15.93 34.33 -54.25
CA HIS B 215 -14.69 35.11 -54.19
C HIS B 215 -14.79 36.37 -53.33
N SER B 216 -15.97 36.99 -53.32
CA SER B 216 -16.22 38.22 -52.55
C SER B 216 -16.03 38.08 -51.04
N ASP B 217 -16.21 36.86 -50.54
CA ASP B 217 -16.06 36.59 -49.12
C ASP B 217 -14.57 36.34 -48.87
N LEU B 218 -14.10 35.15 -49.25
CA LEU B 218 -12.71 34.74 -49.07
C LEU B 218 -11.72 35.87 -49.35
N LYS B 219 -12.10 36.78 -50.25
CA LYS B 219 -11.26 37.93 -50.56
C LYS B 219 -11.38 38.88 -49.39
N GLN B 220 -12.61 39.31 -49.15
CA GLN B 220 -12.95 40.24 -48.06
C GLN B 220 -12.14 39.94 -46.78
N VAL B 221 -12.08 38.67 -46.41
CA VAL B 221 -11.33 38.26 -45.23
C VAL B 221 -9.85 38.47 -45.44
N ALA B 222 -9.33 37.93 -46.55
CA ALA B 222 -7.93 38.03 -46.89
C ALA B 222 -7.28 39.39 -46.58
N GLU B 223 -7.90 40.45 -47.10
CA GLU B 223 -7.38 41.81 -46.89
C GLU B 223 -7.51 42.36 -45.47
N GLN B 224 -8.74 42.35 -44.93
CA GLN B 224 -9.03 42.86 -43.60
C GLN B 224 -8.34 42.13 -42.44
N PHE B 225 -8.31 40.79 -42.51
CA PHE B 225 -7.72 39.95 -41.46
C PHE B 225 -6.26 39.54 -41.61
N LEU B 226 -5.68 39.62 -42.80
CA LEU B 226 -4.27 39.23 -42.98
C LEU B 226 -3.25 40.36 -42.86
N ASN B 227 -2.33 40.20 -41.90
CA ASN B 227 -1.26 41.19 -41.61
C ASN B 227 0.08 40.91 -42.30
N ILE B 228 0.81 39.93 -41.76
CA ILE B 228 2.14 39.52 -42.22
C ILE B 228 2.68 40.08 -43.55
N ARG B 229 3.94 40.50 -43.51
CA ARG B 229 4.62 41.08 -44.68
C ARG B 229 4.77 40.15 -45.88
N SER B 230 5.53 40.62 -46.87
CA SER B 230 5.78 39.86 -48.09
C SER B 230 7.28 39.64 -48.23
N GLY B 231 7.72 39.33 -49.44
CA GLY B 231 9.13 39.09 -49.68
C GLY B 231 9.48 37.77 -49.03
N ALA B 232 10.03 36.84 -49.82
CA ALA B 232 10.38 35.52 -49.31
C ALA B 232 11.26 35.52 -48.06
N GLY B 233 11.43 36.68 -47.42
CA GLY B 233 12.27 36.76 -46.24
C GLY B 233 13.56 35.98 -46.47
N THR B 234 13.53 34.70 -46.12
CA THR B 234 14.67 33.81 -46.32
C THR B 234 14.39 32.87 -47.50
N SER B 235 15.32 32.82 -48.44
CA SER B 235 15.14 31.97 -49.61
C SER B 235 15.80 30.62 -49.36
N SER B 236 15.41 29.63 -50.16
CA SER B 236 15.95 28.29 -50.03
C SER B 236 17.22 28.09 -50.88
N ALA B 237 18.31 27.70 -50.22
CA ALA B 237 19.59 27.46 -50.90
C ALA B 237 19.44 26.33 -51.91
N LYS B 238 19.09 26.69 -53.14
CA LYS B 238 18.89 25.74 -54.23
C LYS B 238 19.54 24.38 -54.00
N ALA B 239 18.82 23.33 -54.36
CA ALA B 239 19.28 21.97 -54.16
C ALA B 239 20.42 21.48 -55.05
N THR B 240 21.52 21.10 -54.41
CA THR B 240 22.67 20.56 -55.12
C THR B 240 22.34 19.08 -55.22
N TYR B 241 22.79 18.41 -56.27
CA TYR B 241 22.53 16.98 -56.40
C TYR B 241 23.73 16.20 -55.87
N TRP B 242 23.46 15.15 -55.10
CA TRP B 242 24.53 14.34 -54.56
C TRP B 242 24.76 13.08 -55.37
N GLY B 243 23.88 12.10 -55.22
CA GLY B 243 24.05 10.85 -55.93
C GLY B 243 24.66 9.88 -54.92
N GLY B 244 23.98 9.81 -53.77
CA GLY B 244 24.43 8.96 -52.69
C GLY B 244 23.69 7.66 -52.57
N GLU B 245 24.38 6.71 -51.95
CA GLU B 245 23.87 5.38 -51.72
C GLU B 245 23.72 5.25 -50.20
N ILE B 246 22.50 4.95 -49.73
CA ILE B 246 22.23 4.78 -48.28
C ILE B 246 21.57 3.43 -48.00
N ARG B 247 22.26 2.56 -47.29
CA ARG B 247 21.73 1.23 -46.97
C ARG B 247 21.54 0.99 -45.46
N GLU B 248 20.30 0.62 -45.11
CA GLU B 248 19.91 0.39 -43.72
C GLU B 248 19.51 -1.08 -43.43
N GLN B 249 20.50 -1.96 -43.34
CA GLN B 249 20.27 -3.37 -43.05
C GLN B 249 19.34 -3.47 -41.83
N ASN B 250 18.27 -4.25 -41.92
CA ASN B 250 17.36 -4.34 -40.78
C ASN B 250 16.55 -5.63 -40.58
N GLY B 251 17.04 -6.74 -41.10
CA GLY B 251 16.35 -8.02 -40.91
C GLY B 251 14.88 -8.18 -41.31
N HIS B 252 14.24 -7.09 -41.73
CA HIS B 252 12.84 -7.10 -42.16
C HIS B 252 12.80 -7.91 -43.47
N SER B 253 12.02 -8.98 -43.51
CA SER B 253 11.91 -9.89 -44.67
C SER B 253 11.79 -9.31 -46.11
N LEU B 254 11.14 -8.17 -46.27
CA LEU B 254 10.98 -7.59 -47.60
C LEU B 254 11.92 -6.42 -47.85
N VAL B 255 12.80 -6.57 -48.83
CA VAL B 255 13.75 -5.52 -49.17
C VAL B 255 13.08 -4.44 -50.01
N HIS B 256 13.01 -3.23 -49.49
CA HIS B 256 12.44 -2.14 -50.27
C HIS B 256 13.61 -1.53 -50.98
N ALA B 257 13.34 -0.76 -52.01
CA ALA B 257 14.41 -0.13 -52.77
C ALA B 257 13.90 0.89 -53.79
N ALA B 258 14.73 1.90 -54.02
CA ALA B 258 14.42 2.95 -54.96
C ALA B 258 15.73 3.45 -55.57
N VAL B 259 15.77 3.50 -56.89
CA VAL B 259 16.93 3.97 -57.63
C VAL B 259 16.45 5.07 -58.55
N VAL B 260 16.93 6.29 -58.34
CA VAL B 260 16.49 7.38 -59.18
C VAL B 260 17.64 8.26 -59.65
N THR B 261 17.31 9.26 -60.46
CA THR B 261 18.29 10.22 -60.97
C THR B 261 17.56 11.53 -61.01
N GLU B 262 18.31 12.63 -60.95
CA GLU B 262 17.69 13.94 -60.99
C GLU B 262 16.66 13.88 -62.11
N GLY B 263 15.46 14.35 -61.82
CA GLY B 263 14.39 14.33 -62.79
C GLY B 263 14.05 15.69 -63.35
N ALA B 264 12.81 16.11 -63.16
CA ALA B 264 12.41 17.39 -63.69
C ALA B 264 11.93 18.28 -62.58
N ALA B 265 11.48 19.47 -62.95
CA ALA B 265 11.00 20.45 -61.99
C ALA B 265 9.59 20.87 -62.32
N VAL B 266 9.06 21.78 -61.50
CA VAL B 266 7.72 22.30 -61.67
C VAL B 266 7.61 22.99 -63.04
N GLY B 267 6.39 23.09 -63.58
CA GLY B 267 6.19 23.74 -64.86
C GLY B 267 6.88 23.12 -66.07
N SER B 268 8.21 23.26 -66.13
CA SER B 268 9.04 22.73 -67.21
C SER B 268 8.40 21.57 -67.95
N ALA B 269 8.19 21.75 -69.25
CA ALA B 269 7.58 20.71 -70.08
C ALA B 269 8.48 19.48 -70.14
N GLU B 270 9.67 19.60 -69.56
CA GLU B 270 10.64 18.51 -69.52
C GLU B 270 10.10 17.48 -68.51
N ALA B 271 9.22 17.94 -67.64
CA ALA B 271 8.61 17.12 -66.58
C ALA B 271 7.46 16.25 -67.07
N ASN B 272 6.58 16.82 -67.89
CA ASN B 272 5.46 16.09 -68.43
C ASN B 272 5.96 14.82 -69.11
N ALA B 273 7.06 14.96 -69.85
CA ALA B 273 7.66 13.83 -70.55
C ALA B 273 7.80 12.60 -69.64
N PHE B 274 8.48 12.79 -68.51
CA PHE B 274 8.66 11.69 -67.56
C PHE B 274 7.31 11.10 -67.16
N SER B 275 6.42 11.97 -66.68
CA SER B 275 5.08 11.57 -66.25
C SER B 275 4.53 10.53 -67.20
N VAL B 276 4.77 10.73 -68.49
CA VAL B 276 4.31 9.78 -69.49
C VAL B 276 5.22 8.55 -69.41
N LEU B 277 6.53 8.79 -69.33
CA LEU B 277 7.49 7.69 -69.21
C LEU B 277 7.22 6.91 -67.93
N GLN B 278 6.59 7.60 -66.99
CA GLN B 278 6.22 7.02 -65.70
C GLN B 278 5.20 5.94 -66.03
N HIS B 279 4.02 6.39 -66.45
CA HIS B 279 2.91 5.52 -66.80
C HIS B 279 3.30 4.46 -67.79
N VAL B 280 4.24 4.77 -68.66
CA VAL B 280 4.68 3.79 -69.64
C VAL B 280 5.39 2.61 -68.99
N LEU B 281 5.98 2.85 -67.83
CA LEU B 281 6.70 1.80 -67.12
C LEU B 281 5.80 1.13 -66.09
N GLY B 282 4.64 1.73 -65.85
CA GLY B 282 3.68 1.18 -64.90
C GLY B 282 3.65 1.96 -63.60
N ALA B 283 2.49 2.54 -63.27
CA ALA B 283 2.39 3.33 -62.05
C ALA B 283 1.21 3.02 -61.13
N GLY B 284 1.33 1.96 -60.34
CA GLY B 284 0.28 1.56 -59.42
C GLY B 284 -1.00 1.00 -60.03
N PRO B 285 -1.08 -0.33 -60.25
CA PRO B 285 -2.21 -1.07 -60.83
C PRO B 285 -3.60 -0.41 -60.77
N LEU B 286 -4.44 -0.78 -61.75
CA LEU B 286 -5.80 -0.25 -61.85
C LEU B 286 -6.84 -1.31 -61.59
N ILE B 287 -6.39 -2.53 -61.34
CA ILE B 287 -7.28 -3.65 -61.08
C ILE B 287 -6.88 -4.43 -59.83
N LYS B 288 -7.79 -4.45 -58.85
CA LYS B 288 -7.57 -5.14 -57.59
C LYS B 288 -7.05 -6.57 -57.80
N ARG B 289 -5.85 -6.86 -57.29
CA ARG B 289 -5.22 -8.18 -57.43
C ARG B 289 -4.85 -8.45 -58.87
N GLY B 290 -4.76 -7.38 -59.65
CA GLY B 290 -4.43 -7.51 -61.05
C GLY B 290 -3.06 -8.05 -61.41
N SER B 291 -2.62 -7.70 -62.61
CA SER B 291 -1.31 -8.12 -63.15
C SER B 291 -0.71 -6.98 -63.98
N SER B 292 -1.47 -5.90 -64.11
CA SER B 292 -1.05 -4.74 -64.88
C SER B 292 -0.15 -5.14 -66.05
N VAL B 293 -0.73 -5.34 -67.22
CA VAL B 293 0.06 -5.69 -68.39
C VAL B 293 0.58 -4.42 -69.05
N THR B 294 -0.13 -3.30 -68.81
CA THR B 294 0.24 -1.99 -69.36
C THR B 294 1.52 -1.49 -68.68
N SER B 295 2.00 -2.27 -67.71
CA SER B 295 3.20 -1.93 -66.96
C SER B 295 4.42 -2.68 -67.49
N LYS B 296 5.19 -2.01 -68.34
CA LYS B 296 6.40 -2.60 -68.91
C LYS B 296 7.23 -3.09 -67.75
N LEU B 297 7.57 -2.17 -66.86
CA LEU B 297 8.38 -2.48 -65.69
C LEU B 297 7.82 -3.69 -64.94
N TYR B 298 6.62 -3.56 -64.37
CA TYR B 298 5.99 -4.65 -63.63
C TYR B 298 6.21 -5.94 -64.39
N GLN B 299 5.48 -6.09 -65.50
CA GLN B 299 5.58 -7.26 -66.35
C GLN B 299 7.04 -7.68 -66.46
N GLY B 300 7.89 -6.72 -66.81
CA GLY B 300 9.32 -7.00 -66.96
C GLY B 300 9.89 -7.78 -65.79
N VAL B 301 9.60 -7.32 -64.58
CA VAL B 301 10.11 -7.95 -63.37
C VAL B 301 9.64 -9.38 -63.19
N ALA B 302 8.35 -9.59 -63.35
CA ALA B 302 7.77 -10.92 -63.19
C ALA B 302 8.51 -11.98 -64.00
N LYS B 303 8.89 -11.62 -65.22
CA LYS B 303 9.58 -12.54 -66.11
C LYS B 303 10.92 -13.02 -65.56
N ALA B 304 11.38 -12.37 -64.50
CA ALA B 304 12.67 -12.71 -63.90
C ALA B 304 12.56 -13.37 -62.53
N THR B 305 11.67 -12.86 -61.68
CA THR B 305 11.49 -13.43 -60.34
C THR B 305 10.29 -14.36 -60.30
N THR B 306 10.41 -15.44 -59.53
CA THR B 306 9.33 -16.42 -59.41
C THR B 306 8.35 -16.07 -58.29
N GLN B 307 8.88 -15.61 -57.15
CA GLN B 307 8.07 -15.24 -55.99
C GLN B 307 7.43 -13.85 -56.12
N PRO B 308 6.61 -13.46 -55.12
CA PRO B 308 5.90 -12.17 -55.05
C PRO B 308 6.80 -10.93 -55.02
N PHE B 309 6.21 -9.79 -55.40
CA PHE B 309 6.93 -8.52 -55.44
C PHE B 309 6.03 -7.37 -55.90
N ASP B 310 6.65 -6.26 -56.25
CA ASP B 310 5.95 -5.10 -56.73
C ASP B 310 7.02 -4.05 -57.06
N ALA B 311 6.83 -3.36 -58.19
CA ALA B 311 7.79 -2.33 -58.61
C ALA B 311 7.06 -1.28 -59.43
N SER B 312 7.34 -0.01 -59.16
CA SER B 312 6.67 1.06 -59.89
C SER B 312 7.59 2.18 -60.37
N ALA B 313 7.02 3.10 -61.11
CA ALA B 313 7.79 4.20 -61.65
C ALA B 313 7.75 5.36 -60.67
N PHE B 314 8.91 5.71 -60.13
CA PHE B 314 9.02 6.82 -59.19
C PHE B 314 9.26 8.14 -59.89
N ASN B 315 8.48 9.15 -59.52
CA ASN B 315 8.62 10.48 -60.11
C ASN B 315 8.15 11.63 -59.20
N VAL B 316 9.07 12.53 -58.91
CA VAL B 316 8.80 13.68 -58.05
C VAL B 316 9.19 15.00 -58.69
N ASN B 317 8.35 16.02 -58.47
CA ASN B 317 8.61 17.34 -59.00
C ASN B 317 8.70 18.39 -57.89
N TYR B 318 9.88 18.99 -57.73
CA TYR B 318 10.12 20.02 -56.71
C TYR B 318 10.47 21.37 -57.39
N SER B 319 10.36 22.47 -56.64
CA SER B 319 10.63 23.80 -57.18
C SER B 319 11.90 23.86 -58.01
N ASP B 320 13.04 23.56 -57.39
CA ASP B 320 14.29 23.63 -58.14
C ASP B 320 14.94 22.29 -58.46
N SER B 321 14.12 21.28 -58.70
CA SER B 321 14.61 19.96 -59.04
C SER B 321 13.48 18.96 -59.01
N GLY B 322 13.82 17.68 -58.97
CA GLY B 322 12.82 16.63 -58.93
C GLY B 322 13.56 15.32 -59.00
N LEU B 323 12.88 14.21 -58.73
CA LEU B 323 13.55 12.92 -58.80
C LEU B 323 12.84 12.00 -59.77
N PHE B 324 13.50 10.93 -60.16
CA PHE B 324 12.90 9.99 -61.10
C PHE B 324 13.58 8.63 -61.12
N GLY B 325 12.75 7.60 -61.14
CA GLY B 325 13.25 6.25 -61.16
C GLY B 325 12.16 5.29 -60.77
N PHE B 326 12.56 4.14 -60.26
CA PHE B 326 11.61 3.13 -59.89
C PHE B 326 11.74 2.78 -58.41
N TYR B 327 10.78 2.01 -57.88
CA TYR B 327 10.79 1.57 -56.48
C TYR B 327 10.36 0.10 -56.41
N THR B 328 11.23 -0.77 -55.87
CA THR B 328 10.91 -2.19 -55.81
C THR B 328 10.84 -2.80 -54.41
N ILE B 329 9.81 -3.59 -54.17
CA ILE B 329 9.60 -4.25 -52.90
C ILE B 329 9.71 -5.72 -53.26
N SER B 330 10.66 -6.44 -52.66
CA SER B 330 10.78 -7.87 -52.98
C SER B 330 11.24 -8.71 -51.79
N GLN B 331 11.40 -10.02 -52.01
CA GLN B 331 11.84 -10.87 -50.93
C GLN B 331 13.34 -10.74 -50.82
N ALA B 332 13.85 -11.07 -49.65
CA ALA B 332 15.27 -10.99 -49.35
C ALA B 332 16.19 -11.56 -50.43
N ALA B 333 15.93 -12.80 -50.84
CA ALA B 333 16.77 -13.46 -51.84
C ALA B 333 16.50 -13.01 -53.27
N HIS B 334 15.24 -12.67 -53.57
CA HIS B 334 14.89 -12.24 -54.91
C HIS B 334 15.00 -10.74 -55.10
N ALA B 335 15.65 -10.06 -54.15
CA ALA B 335 15.84 -8.61 -54.25
C ALA B 335 16.90 -8.30 -55.30
N GLY B 336 17.85 -9.22 -55.45
CA GLY B 336 18.90 -9.05 -56.44
C GLY B 336 18.24 -8.87 -57.80
N GLU B 337 17.97 -9.97 -58.47
CA GLU B 337 17.33 -9.94 -59.79
C GLU B 337 16.20 -8.92 -59.97
N VAL B 338 15.33 -8.77 -58.96
CA VAL B 338 14.22 -7.82 -59.05
C VAL B 338 14.63 -6.42 -59.45
N ILE B 339 15.61 -5.88 -58.74
CA ILE B 339 16.08 -4.52 -59.04
C ILE B 339 16.87 -4.46 -60.35
N ARG B 340 17.72 -5.48 -60.56
CA ARG B 340 18.54 -5.58 -61.75
C ARG B 340 17.67 -5.62 -62.97
N ALA B 341 16.67 -6.51 -62.95
CA ALA B 341 15.74 -6.63 -64.06
C ALA B 341 14.83 -5.40 -64.15
N ALA B 342 14.76 -4.61 -63.07
CA ALA B 342 13.95 -3.39 -63.05
C ALA B 342 14.69 -2.32 -63.84
N MET B 343 16.00 -2.55 -64.02
CA MET B 343 16.89 -1.66 -64.78
C MET B 343 16.87 -1.95 -66.29
N ASN B 344 17.31 -3.15 -66.68
CA ASN B 344 17.34 -3.54 -68.10
C ASN B 344 16.05 -3.09 -68.76
N GLN B 345 14.96 -3.19 -67.99
CA GLN B 345 13.65 -2.79 -68.47
C GLN B 345 13.57 -1.27 -68.59
N LEU B 346 14.41 -0.58 -67.84
CA LEU B 346 14.41 0.86 -67.92
C LEU B 346 15.43 1.25 -68.99
N LYS B 347 16.35 0.34 -69.28
CA LYS B 347 17.38 0.60 -70.31
C LYS B 347 16.79 0.29 -71.67
N ALA B 348 16.32 -0.94 -71.87
CA ALA B 348 15.71 -1.33 -73.13
C ALA B 348 14.42 -0.53 -73.31
N ALA B 349 14.32 0.54 -72.52
CA ALA B 349 13.20 1.46 -72.54
C ALA B 349 13.74 2.82 -72.99
N ALA B 350 15.06 2.97 -72.86
CA ALA B 350 15.76 4.18 -73.26
C ALA B 350 16.32 3.95 -74.66
N GLN B 351 16.22 2.71 -75.12
CA GLN B 351 16.72 2.32 -76.44
C GLN B 351 15.63 1.79 -77.39
N GLY B 352 14.64 2.63 -77.67
CA GLY B 352 13.56 2.28 -78.60
C GLY B 352 12.35 1.45 -78.15
N GLY B 353 12.46 0.71 -77.05
CA GLY B 353 11.35 -0.11 -76.59
C GLY B 353 10.07 0.64 -76.25
N VAL B 354 9.77 1.68 -77.01
CA VAL B 354 8.58 2.49 -76.79
C VAL B 354 7.70 2.58 -78.04
N THR B 355 6.64 1.78 -78.09
CA THR B 355 5.71 1.80 -79.21
C THR B 355 4.96 3.13 -79.20
N GLU B 356 4.72 3.68 -80.39
CA GLU B 356 4.00 4.95 -80.50
C GLU B 356 2.63 4.85 -79.83
N GLU B 357 2.26 3.62 -79.48
CA GLU B 357 0.97 3.39 -78.83
C GLU B 357 1.11 3.44 -77.33
N ASP B 358 2.15 2.80 -76.79
CA ASP B 358 2.36 2.82 -75.35
C ASP B 358 2.30 4.26 -74.90
N VAL B 359 2.71 5.16 -75.79
CA VAL B 359 2.73 6.59 -75.50
C VAL B 359 1.34 7.20 -75.44
N THR B 360 0.47 6.78 -76.35
CA THR B 360 -0.90 7.29 -76.37
C THR B 360 -1.75 6.70 -75.24
N LYS B 361 -1.37 5.50 -74.75
CA LYS B 361 -2.09 4.86 -73.65
C LYS B 361 -1.72 5.56 -72.36
N ALA B 362 -0.43 5.63 -72.09
CA ALA B 362 0.05 6.29 -70.89
C ALA B 362 -0.51 7.71 -70.86
N LYS B 363 -0.70 8.29 -72.03
CA LYS B 363 -1.24 9.64 -72.15
C LYS B 363 -2.63 9.70 -71.54
N ASN B 364 -3.41 8.65 -71.74
CA ASN B 364 -4.77 8.60 -71.22
C ASN B 364 -4.75 8.37 -69.71
N GLN B 365 -4.03 7.33 -69.29
CA GLN B 365 -3.92 6.99 -67.88
C GLN B 365 -3.61 8.27 -67.10
N LEU B 366 -2.68 9.07 -67.63
CA LEU B 366 -2.31 10.32 -66.99
C LEU B 366 -3.47 11.32 -67.06
N LYS B 367 -4.14 11.38 -68.21
CA LYS B 367 -5.28 12.28 -68.36
C LYS B 367 -6.26 11.82 -67.29
N ALA B 368 -6.55 10.53 -67.33
CA ALA B 368 -7.45 9.88 -66.40
C ALA B 368 -7.10 10.25 -64.96
N THR B 369 -6.09 9.55 -64.43
CA THR B 369 -5.65 9.78 -63.07
C THR B 369 -5.73 11.24 -62.69
N TYR B 370 -5.19 12.12 -63.52
CA TYR B 370 -5.25 13.54 -63.24
C TYR B 370 -6.72 13.90 -62.99
N LEU B 371 -7.56 13.62 -63.99
CA LEU B 371 -8.98 13.92 -63.94
C LEU B 371 -9.79 13.30 -62.80
N MET B 372 -9.36 12.13 -62.34
CA MET B 372 -10.06 11.45 -61.27
C MET B 372 -9.70 12.05 -59.91
N SER B 373 -8.41 12.28 -59.70
CA SER B 373 -7.93 12.84 -58.44
C SER B 373 -8.50 14.21 -58.07
N VAL B 374 -9.23 14.83 -58.98
CA VAL B 374 -9.79 16.14 -58.69
C VAL B 374 -11.26 16.16 -58.36
N GLU B 375 -11.84 14.97 -58.17
CA GLU B 375 -13.25 14.81 -57.81
C GLU B 375 -13.45 15.19 -56.33
N THR B 376 -12.54 14.67 -55.50
CA THR B 376 -12.55 14.89 -54.04
C THR B 376 -12.16 16.31 -53.61
N ALA B 377 -13.04 16.94 -52.84
CA ALA B 377 -12.81 18.29 -52.36
C ALA B 377 -11.35 18.53 -51.95
N GLN B 378 -10.65 17.49 -51.52
CA GLN B 378 -9.25 17.69 -51.14
C GLN B 378 -8.32 17.67 -52.36
N GLY B 379 -8.57 16.75 -53.28
CA GLY B 379 -7.74 16.69 -54.48
C GLY B 379 -7.90 17.96 -55.31
N LEU B 380 -9.08 18.55 -55.25
CA LEU B 380 -9.39 19.80 -55.98
C LEU B 380 -8.81 21.03 -55.30
N LEU B 381 -9.22 21.32 -54.06
CA LEU B 381 -8.69 22.48 -53.37
C LEU B 381 -7.19 22.41 -53.38
N ASN B 382 -6.67 21.22 -53.64
CA ASN B 382 -5.22 21.04 -53.70
C ASN B 382 -4.68 21.43 -55.08
N GLU B 383 -5.37 21.04 -56.15
CA GLU B 383 -4.91 21.38 -57.49
C GLU B 383 -5.11 22.87 -57.80
N ILE B 384 -5.98 23.53 -57.05
CA ILE B 384 -6.22 24.94 -57.24
C ILE B 384 -5.09 25.72 -56.58
N GLY B 385 -4.91 25.49 -55.29
CA GLY B 385 -3.85 26.18 -54.58
C GLY B 385 -2.48 25.93 -55.19
N SER B 386 -2.13 24.65 -55.38
CA SER B 386 -0.84 24.28 -55.96
C SER B 386 -0.38 25.25 -57.03
N GLU B 387 -1.30 25.59 -57.92
CA GLU B 387 -1.02 26.50 -59.01
C GLU B 387 -1.12 27.95 -58.53
N ALA B 388 -2.21 28.25 -57.82
CA ALA B 388 -2.44 29.59 -57.30
C ALA B 388 -1.35 30.03 -56.32
N LEU B 389 -0.24 29.30 -56.29
CA LEU B 389 0.87 29.65 -55.39
C LEU B 389 2.17 29.77 -56.19
N LEU B 390 2.36 28.87 -57.15
CA LEU B 390 3.57 28.85 -57.98
C LEU B 390 3.45 29.71 -59.25
N SER B 391 2.24 30.21 -59.54
CA SER B 391 2.04 31.04 -60.73
C SER B 391 0.95 32.11 -60.61
N GLY B 392 0.08 31.96 -59.62
CA GLY B 392 -0.99 32.94 -59.46
C GLY B 392 -1.99 32.82 -60.59
N THR B 393 -1.97 31.66 -61.24
CA THR B 393 -2.85 31.37 -62.36
C THR B 393 -3.65 30.07 -62.15
N HIS B 394 -4.31 29.63 -63.22
CA HIS B 394 -5.10 28.41 -63.18
C HIS B 394 -5.23 27.80 -64.57
N THR B 395 -4.30 26.93 -64.93
CA THR B 395 -4.34 26.27 -66.23
C THR B 395 -5.69 25.55 -66.33
N ALA B 396 -6.42 25.77 -67.43
CA ALA B 396 -7.71 25.12 -67.61
C ALA B 396 -7.50 23.63 -67.78
N PRO B 397 -8.50 22.81 -67.41
CA PRO B 397 -8.39 21.37 -67.55
C PRO B 397 -8.17 20.95 -69.01
N SER B 398 -8.43 21.91 -69.90
CA SER B 398 -8.27 21.71 -71.34
C SER B 398 -6.80 21.91 -71.73
N VAL B 399 -6.20 23.01 -71.26
CA VAL B 399 -4.81 23.32 -71.54
C VAL B 399 -3.94 22.16 -71.10
N VAL B 400 -4.07 21.77 -69.84
CA VAL B 400 -3.31 20.67 -69.28
C VAL B 400 -3.41 19.47 -70.23
N ALA B 401 -4.56 19.34 -70.88
CA ALA B 401 -4.75 18.23 -71.82
C ALA B 401 -3.72 18.35 -72.92
N GLN B 402 -3.65 19.52 -73.54
CA GLN B 402 -2.69 19.76 -74.61
C GLN B 402 -1.30 19.29 -74.23
N LYS B 403 -0.67 20.03 -73.32
CA LYS B 403 0.68 19.74 -72.86
C LYS B 403 0.94 18.27 -72.55
N ILE B 404 -0.12 17.50 -72.33
CA ILE B 404 0.03 16.08 -72.04
C ILE B 404 0.31 15.30 -73.34
N ASP B 405 -0.64 15.37 -74.27
CA ASP B 405 -0.50 14.68 -75.54
C ASP B 405 0.48 15.33 -76.50
N SER B 406 1.11 16.43 -76.09
CA SER B 406 2.09 17.13 -76.94
C SER B 406 3.47 16.54 -76.64
N VAL B 407 3.45 15.35 -76.07
CA VAL B 407 4.66 14.62 -75.74
C VAL B 407 4.97 13.65 -76.87
N THR B 408 6.16 13.80 -77.45
CA THR B 408 6.58 12.95 -78.56
C THR B 408 7.14 11.62 -78.11
N SER B 409 7.05 10.63 -79.00
CA SER B 409 7.58 9.31 -78.74
C SER B 409 9.03 9.50 -78.28
N ALA B 410 9.68 10.50 -78.86
CA ALA B 410 11.07 10.82 -78.53
C ALA B 410 11.20 11.23 -77.08
N ASP B 411 10.62 12.38 -76.75
CA ASP B 411 10.65 12.92 -75.39
C ASP B 411 10.69 11.80 -74.35
N VAL B 412 9.98 10.73 -74.66
CA VAL B 412 9.91 9.57 -73.79
C VAL B 412 11.22 8.78 -73.84
N VAL B 413 11.59 8.29 -75.03
CA VAL B 413 12.84 7.52 -75.17
C VAL B 413 13.98 8.38 -74.62
N ASN B 414 13.81 9.69 -74.68
CA ASN B 414 14.80 10.65 -74.18
C ASN B 414 14.75 10.67 -72.65
N ALA B 415 13.59 11.02 -72.09
CA ALA B 415 13.45 11.05 -70.64
C ALA B 415 14.09 9.78 -70.14
N ALA B 416 13.87 8.70 -70.88
CA ALA B 416 14.40 7.37 -70.58
C ALA B 416 15.93 7.36 -70.53
N LYS B 417 16.56 8.10 -71.44
CA LYS B 417 18.02 8.15 -71.47
C LYS B 417 18.54 9.03 -70.33
N LYS B 418 17.91 10.16 -70.12
CA LYS B 418 18.33 11.08 -69.06
C LYS B 418 18.51 10.34 -67.76
N PHE B 419 17.88 9.17 -67.65
CA PHE B 419 17.97 8.35 -66.46
C PHE B 419 19.20 7.44 -66.50
N VAL B 420 19.37 6.73 -67.61
CA VAL B 420 20.50 5.81 -67.76
C VAL B 420 21.86 6.50 -67.81
N SER B 421 21.85 7.81 -68.08
CA SER B 421 23.08 8.60 -68.19
C SER B 421 23.52 9.26 -66.86
N GLY B 422 22.77 10.27 -66.43
CA GLY B 422 23.08 10.98 -65.19
C GLY B 422 23.52 10.09 -64.03
N LYS B 423 23.95 10.72 -62.94
CA LYS B 423 24.39 9.98 -61.75
C LYS B 423 23.15 9.49 -60.99
N LYS B 424 23.20 8.23 -60.55
CA LYS B 424 22.07 7.63 -59.86
C LYS B 424 22.23 7.57 -58.34
N SER B 425 21.12 7.77 -57.64
CA SER B 425 21.07 7.73 -56.17
C SER B 425 20.24 6.49 -55.81
N MET B 426 20.57 5.81 -54.72
CA MET B 426 19.83 4.61 -54.30
C MET B 426 19.54 4.60 -52.79
N ALA B 427 18.42 3.99 -52.43
CA ALA B 427 18.00 3.86 -51.03
C ALA B 427 17.53 2.42 -50.86
N ALA B 428 17.49 1.91 -49.63
CA ALA B 428 17.05 0.54 -49.41
C ALA B 428 16.95 0.19 -47.93
N SER B 429 16.13 -0.81 -47.59
CA SER B 429 15.95 -1.23 -46.22
C SER B 429 15.32 -2.61 -46.07
N GLY B 430 16.09 -3.54 -45.51
CA GLY B 430 15.63 -4.89 -45.30
C GLY B 430 16.82 -5.83 -45.21
N ASP B 431 16.59 -7.13 -45.09
CA ASP B 431 17.70 -8.07 -45.03
C ASP B 431 18.36 -8.02 -46.40
N LEU B 432 19.12 -6.96 -46.64
CA LEU B 432 19.80 -6.73 -47.92
C LEU B 432 20.99 -7.63 -48.17
N GLY B 433 20.86 -8.90 -47.82
CA GLY B 433 21.95 -9.83 -48.02
C GLY B 433 22.18 -10.12 -49.50
N SER B 434 21.11 -10.10 -50.26
CA SER B 434 21.20 -10.40 -51.68
C SER B 434 20.97 -9.18 -52.56
N THR B 435 20.74 -8.04 -51.93
CA THR B 435 20.53 -6.79 -52.64
C THR B 435 21.84 -6.24 -53.23
N PRO B 436 21.77 -5.52 -54.36
CA PRO B 436 22.98 -4.97 -54.97
C PRO B 436 23.29 -3.49 -54.68
N PHE B 437 24.56 -3.13 -54.91
CA PHE B 437 25.07 -1.77 -54.70
C PHE B 437 24.92 -0.97 -55.99
N LEU B 438 24.69 0.35 -55.85
CA LEU B 438 24.53 1.22 -57.02
C LEU B 438 25.57 0.94 -58.10
N ASP B 439 26.80 0.63 -57.70
CA ASP B 439 27.83 0.33 -58.68
C ASP B 439 27.90 -1.15 -59.05
N GLU B 440 26.73 -1.73 -59.28
CA GLU B 440 26.62 -3.13 -59.68
C GLU B 440 25.51 -3.17 -60.72
N LEU B 441 25.09 -1.99 -61.15
CA LEU B 441 24.04 -1.84 -62.14
C LEU B 441 24.58 -1.23 -63.44
N MET C 1 -3.86 11.45 -12.84
CA MET C 1 -4.68 11.09 -11.63
C MET C 1 -5.54 9.85 -11.89
N ALA C 2 -6.55 9.59 -11.04
CA ALA C 2 -7.40 8.42 -11.21
C ALA C 2 -8.84 8.75 -11.62
N PRO C 3 -9.45 7.87 -12.43
CA PRO C 3 -10.81 7.98 -12.94
C PRO C 3 -11.94 7.64 -11.97
N ASN C 4 -12.04 6.36 -11.59
CA ASN C 4 -13.10 5.93 -10.66
C ASN C 4 -12.64 5.99 -9.22
N ILE C 5 -13.41 6.70 -8.42
CA ILE C 5 -13.11 6.88 -7.01
C ILE C 5 -12.67 5.58 -6.35
N ARG C 6 -13.46 4.53 -6.54
CA ARG C 6 -13.19 3.22 -5.94
C ARG C 6 -11.71 2.82 -5.84
N LYS C 7 -10.86 3.32 -6.73
CA LYS C 7 -9.44 2.95 -6.71
C LYS C 7 -8.50 3.96 -6.08
N SER C 8 -8.86 5.24 -6.14
CA SER C 8 -8.02 6.31 -5.58
C SER C 8 -8.21 6.54 -4.07
N HIS C 9 -9.46 6.84 -3.65
CA HIS C 9 -9.77 7.10 -2.24
C HIS C 9 -8.93 6.29 -1.29
N PRO C 10 -8.35 6.93 -0.29
CA PRO C 10 -7.51 6.21 0.67
C PRO C 10 -8.25 5.10 1.38
N LEU C 11 -9.55 5.30 1.61
CA LEU C 11 -10.32 4.27 2.29
C LEU C 11 -10.94 3.28 1.31
N LEU C 12 -11.68 3.76 0.32
CA LEU C 12 -12.31 2.83 -0.63
C LEU C 12 -11.27 1.91 -1.23
N LYS C 13 -10.13 2.49 -1.58
CA LYS C 13 -9.02 1.73 -2.16
C LYS C 13 -8.87 0.46 -1.35
N MET C 14 -9.11 0.53 -0.04
CA MET C 14 -8.99 -0.64 0.81
C MET C 14 -10.20 -1.57 0.64
N ILE C 15 -11.41 -1.05 0.91
CA ILE C 15 -12.61 -1.85 0.75
C ILE C 15 -12.47 -2.56 -0.58
N ASN C 16 -11.96 -1.84 -1.58
CA ASN C 16 -11.80 -2.40 -2.91
C ASN C 16 -10.82 -3.55 -2.96
N ASN C 17 -9.54 -3.27 -2.74
CA ASN C 17 -8.51 -4.31 -2.80
C ASN C 17 -8.68 -5.54 -1.92
N SER C 18 -9.82 -5.65 -1.24
CA SER C 18 -10.06 -6.79 -0.34
C SER C 18 -11.47 -7.36 -0.31
N LEU C 19 -12.38 -6.74 -1.03
CA LEU C 19 -13.78 -7.19 -1.12
C LEU C 19 -14.39 -7.14 -2.53
N ILE C 20 -13.76 -6.42 -3.44
CA ILE C 20 -14.27 -6.29 -4.78
C ILE C 20 -13.36 -6.71 -5.92
N ASP C 21 -12.19 -6.06 -6.06
CA ASP C 21 -11.25 -6.38 -7.13
C ASP C 21 -10.21 -7.38 -6.70
N LEU C 22 -10.45 -7.98 -5.55
CA LEU C 22 -9.53 -8.96 -5.04
C LEU C 22 -9.53 -10.23 -5.88
N PRO C 23 -8.35 -10.68 -6.30
CA PRO C 23 -8.10 -11.90 -7.10
C PRO C 23 -8.24 -13.20 -6.32
N ALA C 24 -9.24 -13.98 -6.72
CA ALA C 24 -9.58 -15.25 -6.10
C ALA C 24 -9.45 -16.41 -7.06
N PRO C 25 -9.04 -17.57 -6.55
CA PRO C 25 -8.90 -18.74 -7.40
C PRO C 25 -10.33 -19.07 -7.86
N SER C 26 -10.47 -19.59 -9.08
CA SER C 26 -11.79 -19.88 -9.62
C SER C 26 -12.41 -21.08 -8.96
N ASN C 27 -11.53 -21.98 -8.54
CA ASN C 27 -11.96 -23.24 -7.96
C ASN C 27 -12.03 -23.43 -6.44
N ILE C 28 -11.96 -22.39 -5.63
CA ILE C 28 -12.04 -22.65 -4.20
C ILE C 28 -13.44 -23.13 -3.79
N SER C 29 -13.45 -24.26 -3.07
CA SER C 29 -14.64 -24.94 -2.58
C SER C 29 -15.24 -24.44 -1.26
N ALA C 30 -16.40 -24.98 -0.92
CA ALA C 30 -17.10 -24.62 0.29
C ALA C 30 -16.13 -24.40 1.43
N TRP C 31 -15.20 -25.34 1.61
CA TRP C 31 -14.25 -25.23 2.69
C TRP C 31 -13.47 -23.92 2.68
N TRP C 32 -13.92 -22.96 1.89
CA TRP C 32 -13.22 -21.70 1.84
C TRP C 32 -14.06 -20.54 2.38
N ASN C 33 -15.27 -20.86 2.80
CA ASN C 33 -16.10 -19.81 3.35
C ASN C 33 -15.78 -19.70 4.84
N PHE C 34 -15.32 -20.79 5.44
CA PHE C 34 -15.09 -20.77 6.88
C PHE C 34 -14.30 -19.62 7.41
N GLY C 35 -13.47 -19.05 6.55
CA GLY C 35 -12.75 -17.87 6.99
C GLY C 35 -13.75 -16.75 7.24
N SER C 36 -14.50 -16.41 6.21
CA SER C 36 -15.47 -15.37 6.32
C SER C 36 -16.51 -15.69 7.39
N LEU C 37 -17.00 -16.93 7.44
CA LEU C 37 -18.00 -17.27 8.45
C LEU C 37 -17.40 -17.02 9.83
N LEU C 38 -16.15 -17.41 10.00
CA LEU C 38 -15.50 -17.19 11.27
C LEU C 38 -15.71 -15.72 11.59
N ALA C 39 -15.45 -14.88 10.59
CA ALA C 39 -15.60 -13.44 10.75
C ALA C 39 -16.96 -13.20 11.36
N VAL C 40 -17.99 -13.55 10.60
CA VAL C 40 -19.36 -13.39 11.03
C VAL C 40 -19.57 -13.85 12.47
N CYS C 41 -18.88 -14.90 12.89
CA CYS C 41 -19.05 -15.30 14.27
C CYS C 41 -18.51 -14.18 15.12
N LEU C 42 -17.28 -13.77 14.85
CA LEU C 42 -16.68 -12.68 15.60
C LEU C 42 -17.61 -11.48 15.65
N MET C 43 -18.16 -11.10 14.51
CA MET C 43 -19.06 -9.96 14.49
C MET C 43 -20.27 -10.23 15.34
N THR C 44 -20.72 -11.47 15.37
CA THR C 44 -21.90 -11.80 16.14
C THR C 44 -21.63 -11.96 17.62
N GLN C 45 -20.41 -12.30 17.97
CA GLN C 45 -20.14 -12.42 19.39
C GLN C 45 -20.00 -11.01 19.96
N ILE C 46 -19.22 -10.17 19.29
CA ILE C 46 -19.01 -8.81 19.76
C ILE C 46 -20.31 -8.03 19.86
N LEU C 47 -21.18 -8.25 18.91
CA LEU C 47 -22.43 -7.52 18.98
C LEU C 47 -23.24 -7.98 20.19
N THR C 48 -23.63 -9.25 20.19
CA THR C 48 -24.42 -9.84 21.27
C THR C 48 -23.72 -9.63 22.58
N GLY C 49 -22.39 -9.62 22.54
CA GLY C 49 -21.59 -9.44 23.75
C GLY C 49 -21.71 -8.08 24.42
N LEU C 50 -21.69 -7.03 23.60
CA LEU C 50 -21.83 -5.70 24.12
C LEU C 50 -23.19 -5.67 24.75
N LEU C 51 -24.18 -6.15 24.02
CA LEU C 51 -25.52 -6.15 24.56
C LEU C 51 -25.66 -6.83 25.91
N LEU C 52 -25.02 -8.00 26.05
CA LEU C 52 -25.11 -8.75 27.31
C LEU C 52 -24.35 -8.04 28.41
N ALA C 53 -23.28 -7.37 28.01
CA ALA C 53 -22.50 -6.66 28.99
C ALA C 53 -23.28 -5.44 29.48
N MET C 54 -24.25 -4.98 28.70
CA MET C 54 -25.05 -3.83 29.11
C MET C 54 -25.90 -4.18 30.31
N HIS C 55 -26.08 -5.48 30.55
CA HIS C 55 -26.91 -5.89 31.67
C HIS C 55 -26.21 -6.77 32.70
N TYR C 56 -25.01 -7.24 32.37
CA TYR C 56 -24.29 -8.07 33.30
C TYR C 56 -23.87 -7.23 34.52
N THR C 57 -23.47 -7.90 35.60
CA THR C 57 -23.01 -7.23 36.83
C THR C 57 -21.86 -8.05 37.45
N ALA C 58 -20.66 -7.90 36.90
CA ALA C 58 -19.49 -8.62 37.36
C ALA C 58 -19.25 -8.58 38.86
N ASP C 59 -19.89 -9.47 39.59
CA ASP C 59 -19.68 -9.49 41.02
C ASP C 59 -20.32 -10.69 41.65
N THR C 60 -19.50 -11.59 42.17
CA THR C 60 -19.97 -12.81 42.81
C THR C 60 -21.43 -12.80 43.31
N SER C 61 -21.75 -11.89 44.23
CA SER C 61 -23.10 -11.83 44.78
C SER C 61 -24.23 -11.54 43.79
N LEU C 62 -23.88 -10.98 42.64
CA LEU C 62 -24.87 -10.60 41.64
C LEU C 62 -24.64 -11.17 40.24
N ALA C 63 -23.41 -11.61 39.97
CA ALA C 63 -23.11 -12.13 38.65
C ALA C 63 -24.12 -13.15 38.18
N PHE C 64 -24.54 -14.07 39.03
CA PHE C 64 -25.51 -15.05 38.55
C PHE C 64 -26.85 -14.40 38.22
N SER C 65 -27.49 -13.90 39.26
CA SER C 65 -28.79 -13.26 39.16
C SER C 65 -28.91 -12.10 38.19
N SER C 66 -27.79 -11.64 37.66
CA SER C 66 -27.81 -10.54 36.70
C SER C 66 -28.12 -11.16 35.33
N VAL C 67 -27.43 -12.25 35.04
CA VAL C 67 -27.66 -12.93 33.81
C VAL C 67 -29.14 -13.34 33.86
N ALA C 68 -29.53 -14.07 34.88
CA ALA C 68 -30.93 -14.51 35.03
C ALA C 68 -31.82 -13.33 34.73
N HIS C 69 -31.60 -12.25 35.45
CA HIS C 69 -32.37 -11.05 35.24
C HIS C 69 -32.29 -10.66 33.74
N THR C 70 -31.09 -10.63 33.18
CA THR C 70 -30.93 -10.24 31.77
C THR C 70 -31.69 -11.09 30.78
N CYS C 71 -32.04 -12.31 31.16
CA CYS C 71 -32.76 -13.17 30.26
C CYS C 71 -34.25 -13.00 30.43
N ARG C 72 -34.70 -12.91 31.68
CA ARG C 72 -36.13 -12.80 32.00
C ARG C 72 -36.76 -11.41 31.84
N ASN C 73 -36.05 -10.41 32.33
CA ASN C 73 -36.55 -9.05 32.30
C ASN C 73 -36.20 -8.19 31.11
N VAL C 74 -35.00 -8.33 30.60
CA VAL C 74 -34.61 -7.52 29.47
C VAL C 74 -35.27 -7.96 28.18
N GLN C 75 -35.95 -7.04 27.52
CA GLN C 75 -36.62 -7.35 26.26
C GLN C 75 -35.71 -8.17 25.36
N TYR C 76 -36.20 -9.28 24.83
CA TYR C 76 -35.40 -10.13 23.95
C TYR C 76 -34.02 -10.48 24.49
N GLY C 77 -33.79 -10.21 25.77
CA GLY C 77 -32.51 -10.52 26.35
C GLY C 77 -32.24 -11.99 26.19
N TRP C 78 -33.21 -12.82 26.55
CA TRP C 78 -33.04 -14.26 26.42
C TRP C 78 -32.46 -14.61 25.05
N LEU C 79 -33.10 -14.10 23.99
CA LEU C 79 -32.66 -14.34 22.61
C LEU C 79 -31.24 -13.90 22.43
N ILE C 80 -30.89 -12.80 23.06
CA ILE C 80 -29.54 -12.32 22.97
C ILE C 80 -28.64 -13.37 23.60
N ARG C 81 -28.85 -13.63 24.89
CA ARG C 81 -28.07 -14.62 25.61
C ARG C 81 -27.88 -15.83 24.70
N ASN C 82 -28.95 -16.61 24.50
CA ASN C 82 -28.94 -17.82 23.66
C ASN C 82 -27.99 -17.68 22.48
N LEU C 83 -28.21 -16.65 21.66
CA LEU C 83 -27.38 -16.40 20.48
C LEU C 83 -25.90 -16.29 20.83
N HIS C 84 -25.59 -15.50 21.86
CA HIS C 84 -24.21 -15.30 22.29
C HIS C 84 -23.61 -16.64 22.61
N ALA C 85 -24.30 -17.39 23.45
CA ALA C 85 -23.84 -18.71 23.86
C ALA C 85 -23.64 -19.72 22.73
N ASN C 86 -24.66 -19.96 21.91
CA ASN C 86 -24.47 -20.91 20.83
C ASN C 86 -23.50 -20.34 19.84
N GLY C 87 -23.50 -19.01 19.73
CA GLY C 87 -22.57 -18.35 18.83
C GLY C 87 -21.20 -18.92 19.11
N ALA C 88 -20.83 -18.89 20.38
CA ALA C 88 -19.57 -19.42 20.80
C ALA C 88 -19.31 -20.76 20.12
N SER C 89 -20.21 -21.70 20.36
CA SER C 89 -20.10 -23.05 19.80
C SER C 89 -19.92 -22.97 18.30
N PHE C 90 -20.85 -22.29 17.63
CA PHE C 90 -20.75 -22.17 16.19
C PHE C 90 -19.45 -21.52 15.77
N PHE C 91 -18.92 -20.67 16.65
CA PHE C 91 -17.66 -20.05 16.35
C PHE C 91 -16.69 -21.22 16.24
N PHE C 92 -16.46 -21.92 17.37
CA PHE C 92 -15.55 -23.08 17.40
C PHE C 92 -15.77 -24.09 16.27
N ILE C 93 -17.04 -24.31 15.91
CA ILE C 93 -17.32 -25.19 14.79
C ILE C 93 -16.62 -24.60 13.59
N CYS C 94 -17.11 -23.46 13.16
CA CYS C 94 -16.47 -22.83 12.03
C CYS C 94 -14.93 -22.89 12.10
N ILE C 95 -14.35 -22.59 13.26
CA ILE C 95 -12.90 -22.58 13.39
C ILE C 95 -12.25 -23.95 13.21
N PHE C 96 -12.87 -24.99 13.74
CA PHE C 96 -12.31 -26.33 13.58
C PHE C 96 -12.31 -26.78 12.13
N LEU C 97 -13.34 -26.45 11.39
CA LEU C 97 -13.37 -26.82 9.99
C LEU C 97 -12.34 -25.94 9.26
N HIS C 98 -12.34 -24.62 9.55
CA HIS C 98 -11.40 -23.68 8.94
C HIS C 98 -10.00 -24.24 9.10
N ILE C 99 -9.74 -24.88 10.22
CA ILE C 99 -8.42 -25.48 10.42
C ILE C 99 -8.33 -26.73 9.56
N GLY C 100 -9.40 -27.53 9.59
CA GLY C 100 -9.42 -28.76 8.82
C GLY C 100 -8.91 -28.43 7.45
N ARG C 101 -9.72 -27.66 6.74
CA ARG C 101 -9.38 -27.24 5.39
C ARG C 101 -7.89 -26.99 5.33
N GLY C 102 -7.45 -25.98 6.08
CA GLY C 102 -6.03 -25.66 6.07
C GLY C 102 -5.08 -26.87 6.09
N LEU C 103 -5.38 -27.86 6.93
CA LEU C 103 -4.53 -29.03 7.05
C LEU C 103 -4.50 -29.85 5.79
N TYR C 104 -5.69 -30.22 5.30
CA TYR C 104 -5.83 -31.06 4.12
C TYR C 104 -5.38 -30.44 2.80
N TYR C 105 -5.40 -29.12 2.70
CA TYR C 105 -4.94 -28.52 1.47
C TYR C 105 -3.63 -27.77 1.66
N GLY C 106 -2.92 -28.12 2.72
CA GLY C 106 -1.64 -27.49 2.98
C GLY C 106 -1.65 -25.98 2.82
N SER C 107 -2.67 -25.33 3.34
CA SER C 107 -2.66 -23.90 3.23
C SER C 107 -1.59 -23.46 4.23
N TYR C 108 -1.30 -24.35 5.17
CA TYR C 108 -0.30 -24.06 6.19
C TYR C 108 1.06 -23.73 5.60
N LEU C 109 1.17 -23.69 4.28
CA LEU C 109 2.46 -23.35 3.72
C LEU C 109 2.57 -21.83 3.66
N TYR C 110 1.45 -21.18 3.92
CA TYR C 110 1.42 -19.72 3.96
C TYR C 110 1.80 -19.34 5.38
N LYS C 111 2.77 -20.09 5.91
CA LYS C 111 3.29 -19.92 7.26
C LYS C 111 2.73 -18.79 8.12
N GLU C 112 3.08 -17.55 7.82
CA GLU C 112 2.57 -16.44 8.62
C GLU C 112 1.06 -16.45 8.71
N THR C 113 0.40 -16.52 7.55
CA THR C 113 -1.05 -16.54 7.51
C THR C 113 -1.48 -17.57 8.52
N TRP C 114 -0.78 -18.71 8.50
CA TRP C 114 -1.06 -19.81 9.41
C TRP C 114 -0.72 -19.53 10.86
N ASN C 115 0.53 -19.19 11.16
CA ASN C 115 0.90 -18.93 12.54
C ASN C 115 -0.08 -18.01 13.24
N THR C 116 -0.41 -16.89 12.59
CA THR C 116 -1.37 -15.93 13.16
C THR C 116 -2.68 -16.67 13.47
N GLY C 117 -3.04 -17.58 12.57
CA GLY C 117 -4.24 -18.35 12.78
C GLY C 117 -4.18 -19.00 14.15
N VAL C 118 -3.13 -19.78 14.37
CA VAL C 118 -2.97 -20.48 15.64
C VAL C 118 -3.24 -19.46 16.70
N ILE C 119 -2.45 -18.38 16.69
CA ILE C 119 -2.64 -17.29 17.66
C ILE C 119 -4.12 -16.99 17.85
N LEU C 120 -4.81 -16.73 16.74
CA LEU C 120 -6.23 -16.45 16.83
C LEU C 120 -6.93 -17.60 17.59
N LEU C 121 -6.75 -18.83 17.09
CA LEU C 121 -7.36 -19.96 17.77
C LEU C 121 -7.11 -19.91 19.24
N LEU C 122 -5.84 -19.95 19.63
CA LEU C 122 -5.47 -19.88 21.04
C LEU C 122 -6.32 -18.85 21.78
N THR C 123 -6.26 -17.61 21.32
CA THR C 123 -7.02 -16.51 21.90
C THR C 123 -8.48 -16.86 22.04
N LEU C 124 -9.12 -17.22 20.93
CA LEU C 124 -10.51 -17.61 21.02
C LEU C 124 -10.74 -18.52 22.24
N MET C 125 -9.97 -19.59 22.32
CA MET C 125 -10.07 -20.52 23.44
C MET C 125 -10.03 -19.77 24.76
N ALA C 126 -9.02 -18.93 24.93
CA ALA C 126 -8.89 -18.16 26.16
C ALA C 126 -10.15 -17.34 26.34
N THR C 127 -10.44 -16.51 25.34
CA THR C 127 -11.60 -15.66 25.35
C THR C 127 -12.81 -16.43 25.83
N ALA C 128 -13.16 -17.48 25.10
CA ALA C 128 -14.32 -18.31 25.43
C ALA C 128 -14.23 -18.87 26.85
N PHE C 129 -13.02 -19.02 27.36
CA PHE C 129 -12.85 -19.52 28.70
C PHE C 129 -13.45 -18.52 29.67
N VAL C 130 -12.82 -17.34 29.78
CA VAL C 130 -13.34 -16.33 30.70
C VAL C 130 -14.84 -16.07 30.51
N GLY C 131 -15.27 -15.96 29.25
CA GLY C 131 -16.67 -15.70 28.99
C GLY C 131 -17.56 -16.60 29.82
N TYR C 132 -17.23 -17.89 29.83
CA TYR C 132 -18.00 -18.89 30.57
C TYR C 132 -17.96 -18.65 32.05
N VAL C 133 -16.82 -18.28 32.59
CA VAL C 133 -16.77 -18.07 34.01
C VAL C 133 -17.70 -16.99 34.50
N LEU C 134 -18.00 -16.00 33.66
CA LEU C 134 -18.88 -14.89 34.05
C LEU C 134 -20.21 -15.21 34.73
N PRO C 135 -21.06 -16.05 34.11
CA PRO C 135 -22.36 -16.43 34.66
C PRO C 135 -22.28 -16.95 36.08
N TRP C 136 -21.06 -17.24 36.49
CA TRP C 136 -20.77 -17.72 37.84
C TRP C 136 -21.61 -18.90 38.28
N GLY C 137 -21.79 -19.88 37.39
CA GLY C 137 -22.53 -21.06 37.75
C GLY C 137 -21.56 -22.08 38.30
N GLN C 138 -22.03 -23.29 38.59
CA GLN C 138 -21.15 -24.32 39.12
C GLN C 138 -19.99 -24.54 38.19
N MET C 139 -20.29 -24.78 36.92
CA MET C 139 -19.21 -24.98 35.96
C MET C 139 -18.34 -23.75 35.97
N SER C 140 -18.95 -22.61 35.64
CA SER C 140 -18.22 -21.36 35.62
C SER C 140 -17.11 -21.36 36.65
N PHE C 141 -17.51 -21.64 37.89
CA PHE C 141 -16.58 -21.63 39.01
C PHE C 141 -15.45 -22.59 38.90
N TRP C 142 -15.80 -23.86 39.01
CA TRP C 142 -14.82 -24.91 38.95
C TRP C 142 -13.93 -24.92 37.71
N GLY C 143 -14.50 -24.57 36.56
CA GLY C 143 -13.69 -24.48 35.36
C GLY C 143 -12.61 -23.44 35.65
N ALA C 144 -13.07 -22.27 36.09
CA ALA C 144 -12.15 -21.19 36.44
C ALA C 144 -11.05 -21.76 37.35
N THR C 145 -11.44 -22.52 38.36
CA THR C 145 -10.51 -23.13 39.32
C THR C 145 -9.50 -24.11 38.72
N VAL C 146 -9.90 -24.79 37.65
CA VAL C 146 -9.00 -25.75 37.03
C VAL C 146 -8.09 -25.10 36.03
N ILE C 147 -8.71 -24.59 34.99
CA ILE C 147 -7.99 -23.97 33.91
C ILE C 147 -6.86 -23.08 34.40
N THR C 148 -7.18 -22.13 35.27
CA THR C 148 -6.14 -21.26 35.81
C THR C 148 -5.08 -22.11 36.48
N ASN C 149 -5.51 -22.97 37.41
CA ASN C 149 -4.59 -23.82 38.14
C ASN C 149 -3.55 -24.50 37.25
N LEU C 150 -3.91 -24.75 36.00
CA LEU C 150 -3.01 -25.36 35.06
C LEU C 150 -1.64 -24.75 35.15
N PHE C 151 -1.59 -23.44 35.32
CA PHE C 151 -0.32 -22.73 35.39
C PHE C 151 0.49 -23.02 36.64
N SER C 152 -0.16 -23.63 37.61
CA SER C 152 0.52 -23.98 38.84
C SER C 152 1.52 -25.04 38.48
N ALA C 153 1.44 -25.54 37.25
CA ALA C 153 2.35 -26.59 36.79
C ALA C 153 3.73 -26.08 36.48
N ILE C 154 3.83 -24.80 36.13
CA ILE C 154 5.11 -24.19 35.79
C ILE C 154 5.88 -23.95 37.05
N PRO C 155 7.13 -24.39 37.07
CA PRO C 155 7.87 -24.15 38.30
C PRO C 155 8.25 -22.68 38.52
N TYR C 156 8.36 -22.30 39.79
CA TYR C 156 8.73 -20.96 40.20
C TYR C 156 7.63 -19.95 39.91
N ILE C 157 7.72 -19.26 38.78
CA ILE C 157 6.72 -18.28 38.40
C ILE C 157 5.31 -18.81 38.57
N GLY C 158 5.20 -20.15 38.48
CA GLY C 158 3.92 -20.83 38.57
C GLY C 158 2.94 -20.41 39.63
N HIS C 159 3.13 -20.93 40.83
CA HIS C 159 2.24 -20.62 41.92
C HIS C 159 1.92 -19.14 41.96
N THR C 160 2.85 -18.32 41.51
CA THR C 160 2.62 -16.88 41.50
C THR C 160 1.69 -16.51 40.35
N LEU C 161 2.04 -16.94 39.14
CA LEU C 161 1.23 -16.65 37.96
C LEU C 161 -0.26 -16.83 38.26
N VAL C 162 -0.59 -17.83 39.06
CA VAL C 162 -1.97 -18.03 39.41
C VAL C 162 -2.40 -16.81 40.20
N GLU C 163 -1.72 -16.56 41.34
CA GLU C 163 -2.02 -15.41 42.20
C GLU C 163 -2.67 -14.32 41.37
N TRP C 164 -1.95 -13.85 40.36
CA TRP C 164 -2.46 -12.80 39.49
C TRP C 164 -3.81 -13.19 38.94
N ALA C 165 -3.81 -14.23 38.13
CA ALA C 165 -5.05 -14.68 37.54
C ALA C 165 -6.25 -14.44 38.44
N TRP C 166 -6.22 -15.05 39.63
CA TRP C 166 -7.34 -14.92 40.58
C TRP C 166 -7.43 -13.57 41.27
N GLY C 167 -6.27 -12.91 41.41
CA GLY C 167 -6.23 -11.64 42.08
C GLY C 167 -6.38 -11.86 43.56
N GLY C 168 -6.51 -13.12 43.95
CA GLY C 168 -6.64 -13.42 45.35
C GLY C 168 -5.75 -14.61 45.63
N PHE C 169 -6.19 -15.44 46.55
CA PHE C 169 -5.43 -16.64 46.87
C PHE C 169 -6.31 -17.84 46.63
N SER C 170 -7.51 -17.55 46.14
CA SER C 170 -8.51 -18.56 45.77
C SER C 170 -9.42 -17.85 44.80
N VAL C 171 -10.12 -18.58 43.95
CA VAL C 171 -10.99 -17.94 42.97
C VAL C 171 -12.15 -17.23 43.61
N ASP C 172 -12.06 -15.91 43.69
CA ASP C 172 -13.12 -15.13 44.28
C ASP C 172 -13.41 -13.92 43.43
N ASN C 173 -14.32 -13.08 43.91
CA ASN C 173 -14.75 -11.89 43.18
C ASN C 173 -13.65 -11.26 42.30
N PRO C 174 -12.56 -10.84 42.94
CA PRO C 174 -11.47 -10.23 42.17
C PRO C 174 -11.26 -10.93 40.84
N THR C 175 -11.39 -12.25 40.84
CA THR C 175 -11.21 -12.99 39.60
C THR C 175 -12.34 -12.57 38.67
N LEU C 176 -13.56 -12.82 39.09
CA LEU C 176 -14.72 -12.51 38.28
C LEU C 176 -14.67 -11.17 37.63
N THR C 177 -14.22 -10.15 38.34
CA THR C 177 -14.19 -8.83 37.72
C THR C 177 -13.14 -8.78 36.64
N ARG C 178 -11.89 -9.06 37.01
CA ARG C 178 -10.83 -9.00 36.02
C ARG C 178 -11.11 -9.96 34.87
N PHE C 179 -11.83 -11.03 35.15
CA PHE C 179 -12.13 -11.95 34.07
C PHE C 179 -13.12 -11.28 33.14
N PHE C 180 -14.11 -10.61 33.69
CA PHE C 180 -15.07 -9.94 32.84
C PHE C 180 -14.31 -8.94 31.99
N ALA C 181 -13.56 -8.05 32.65
CA ALA C 181 -12.78 -7.02 31.96
C ALA C 181 -11.99 -7.63 30.83
N LEU C 182 -11.40 -8.78 31.12
CA LEU C 182 -10.60 -9.51 30.14
C LEU C 182 -11.43 -10.01 28.94
N HIS C 183 -12.52 -10.68 29.28
CA HIS C 183 -13.43 -11.20 28.28
C HIS C 183 -13.91 -10.02 27.46
N PHE C 184 -14.17 -8.90 28.11
CA PHE C 184 -14.66 -7.75 27.36
C PHE C 184 -13.63 -7.32 26.33
N LEU C 185 -12.39 -7.21 26.76
CA LEU C 185 -11.29 -6.77 25.91
C LEU C 185 -10.89 -7.70 24.78
N LEU C 186 -10.49 -8.92 25.16
CA LEU C 186 -10.02 -9.95 24.23
C LEU C 186 -10.64 -10.06 22.86
N PRO C 187 -11.95 -10.20 22.80
CA PRO C 187 -12.55 -10.30 21.48
C PRO C 187 -11.92 -9.28 20.51
N PHE C 188 -11.77 -8.04 20.97
CA PHE C 188 -11.19 -6.97 20.18
C PHE C 188 -9.80 -7.30 19.69
N ALA C 189 -9.02 -7.94 20.54
CA ALA C 189 -7.67 -8.33 20.17
C ALA C 189 -7.73 -9.30 19.00
N ILE C 190 -8.70 -10.21 19.05
CA ILE C 190 -8.86 -11.14 17.96
C ILE C 190 -9.11 -10.33 16.69
N ALA C 191 -10.17 -9.53 16.73
CA ALA C 191 -10.54 -8.68 15.61
C ALA C 191 -9.28 -8.07 14.98
N GLY C 192 -8.42 -7.55 15.84
CA GLY C 192 -7.20 -6.95 15.36
C GLY C 192 -6.34 -7.95 14.64
N ILE C 193 -5.93 -8.99 15.36
CA ILE C 193 -5.10 -10.03 14.77
C ILE C 193 -5.70 -10.54 13.45
N THR C 194 -7.00 -10.76 13.41
CA THR C 194 -7.65 -11.19 12.19
C THR C 194 -7.22 -10.26 11.06
N ILE C 195 -7.28 -8.96 11.30
CA ILE C 195 -6.87 -7.97 10.30
C ILE C 195 -5.50 -8.30 9.78
N ILE C 196 -4.65 -8.77 10.66
CA ILE C 196 -3.32 -9.13 10.26
C ILE C 196 -3.39 -10.42 9.45
N HIS C 197 -3.99 -11.45 10.05
CA HIS C 197 -4.17 -12.77 9.42
C HIS C 197 -4.48 -12.54 7.96
N LEU C 198 -5.51 -11.71 7.70
CA LEU C 198 -5.91 -11.39 6.34
C LEU C 198 -4.86 -10.65 5.56
N THR C 199 -4.05 -9.85 6.23
CA THR C 199 -3.03 -9.15 5.51
C THR C 199 -1.97 -10.13 5.02
N PHE C 200 -1.36 -10.87 5.93
CA PHE C 200 -0.36 -11.82 5.52
C PHE C 200 -0.91 -12.66 4.39
N LEU C 201 -2.18 -13.01 4.49
CA LEU C 201 -2.79 -13.81 3.45
C LEU C 201 -2.62 -13.06 2.10
N HIS C 202 -3.29 -11.90 1.99
CA HIS C 202 -3.26 -11.06 0.80
C HIS C 202 -1.91 -10.89 0.15
N GLU C 203 -0.86 -11.35 0.82
CA GLU C 203 0.46 -11.24 0.23
C GLU C 203 0.64 -12.30 -0.83
N SER C 204 -0.03 -13.43 -0.61
CA SER C 204 0.06 -14.62 -1.49
C SER C 204 -1.20 -14.98 -2.30
N GLY C 205 -2.33 -14.36 -1.96
CA GLY C 205 -3.56 -14.68 -2.63
C GLY C 205 -3.99 -15.93 -1.89
N SER C 206 -5.14 -16.47 -2.23
CA SER C 206 -5.60 -17.67 -1.53
C SER C 206 -5.06 -18.92 -2.19
N ASN C 207 -5.07 -20.01 -1.43
CA ASN C 207 -4.60 -21.28 -1.94
C ASN C 207 -5.69 -21.80 -2.85
N ASN C 208 -5.89 -23.11 -2.94
CA ASN C 208 -6.96 -23.69 -3.77
C ASN C 208 -6.79 -25.20 -3.95
N PRO C 209 -7.90 -25.94 -3.92
CA PRO C 209 -8.02 -27.39 -4.05
C PRO C 209 -6.92 -28.18 -4.70
N LEU C 210 -6.59 -27.87 -5.94
CA LEU C 210 -5.56 -28.60 -6.68
C LEU C 210 -4.11 -28.36 -6.22
N GLY C 211 -3.89 -27.24 -5.55
CA GLY C 211 -2.54 -26.98 -5.08
C GLY C 211 -1.55 -26.70 -6.18
N ILE C 212 -1.94 -25.89 -7.14
CA ILE C 212 -1.07 -25.49 -8.26
C ILE C 212 -1.41 -24.07 -8.66
N SER C 213 -0.42 -23.32 -9.13
CA SER C 213 -0.62 -21.92 -9.53
C SER C 213 -2.01 -21.64 -10.10
N SER C 214 -2.73 -20.72 -9.47
CA SER C 214 -4.08 -20.35 -9.91
C SER C 214 -4.05 -19.08 -10.76
N ASP C 215 -2.87 -18.50 -10.90
CA ASP C 215 -2.70 -17.27 -11.65
C ASP C 215 -3.26 -17.40 -13.07
N SER C 216 -3.34 -18.64 -13.56
CA SER C 216 -3.83 -18.88 -14.91
C SER C 216 -5.34 -18.81 -15.08
N ASP C 217 -6.02 -18.39 -14.04
CA ASP C 217 -7.47 -18.32 -14.10
C ASP C 217 -8.05 -17.78 -12.81
N LYS C 218 -7.79 -16.51 -12.52
CA LYS C 218 -8.34 -15.94 -11.30
C LYS C 218 -9.60 -15.17 -11.62
N ILE C 219 -10.37 -14.86 -10.58
CA ILE C 219 -11.61 -14.14 -10.79
C ILE C 219 -11.83 -13.11 -9.70
N PRO C 220 -12.36 -11.94 -10.08
CA PRO C 220 -12.62 -10.86 -9.12
C PRO C 220 -13.44 -11.40 -7.96
N PHE C 221 -12.99 -11.13 -6.74
CA PHE C 221 -13.69 -11.57 -5.55
C PHE C 221 -15.21 -11.34 -5.69
N HIS C 222 -15.57 -10.18 -6.25
CA HIS C 222 -16.97 -9.80 -6.50
C HIS C 222 -17.25 -10.00 -7.99
N PRO C 223 -18.43 -10.53 -8.34
CA PRO C 223 -19.55 -10.96 -7.53
C PRO C 223 -19.38 -12.40 -7.12
N TYR C 224 -18.46 -13.07 -7.78
CA TYR C 224 -18.22 -14.46 -7.48
C TYR C 224 -18.22 -14.77 -6.00
N TYR C 225 -17.07 -14.63 -5.33
CA TYR C 225 -17.01 -14.97 -3.93
C TYR C 225 -17.84 -14.14 -2.99
N SER C 226 -18.26 -12.97 -3.41
CA SER C 226 -19.09 -12.16 -2.54
C SER C 226 -20.44 -12.89 -2.40
N PHE C 227 -21.12 -13.16 -3.51
CA PHE C 227 -22.40 -13.84 -3.43
C PHE C 227 -22.22 -15.15 -2.70
N LYS C 228 -21.15 -15.85 -3.04
CA LYS C 228 -20.85 -17.14 -2.42
C LYS C 228 -20.72 -17.05 -0.92
N ASP C 229 -20.36 -15.88 -0.40
CA ASP C 229 -20.24 -15.75 1.04
C ASP C 229 -21.60 -15.58 1.67
N ILE C 230 -22.47 -14.82 1.01
CA ILE C 230 -23.80 -14.58 1.54
C ILE C 230 -24.56 -15.89 1.66
N LEU C 231 -24.43 -16.74 0.64
CA LEU C 231 -25.10 -18.03 0.65
C LEU C 231 -24.58 -18.78 1.87
N GLY C 232 -23.26 -18.91 1.93
CA GLY C 232 -22.62 -19.58 3.04
C GLY C 232 -23.01 -18.91 4.34
N LEU C 233 -23.42 -17.65 4.26
CA LEU C 233 -23.83 -16.94 5.45
C LEU C 233 -25.13 -17.59 5.91
N THR C 234 -26.20 -17.41 5.15
CA THR C 234 -27.50 -17.98 5.52
C THR C 234 -27.43 -19.47 5.85
N LEU C 235 -26.64 -20.22 5.08
CA LEU C 235 -26.51 -21.64 5.31
C LEU C 235 -26.11 -21.96 6.74
N MET C 236 -24.99 -21.42 7.19
CA MET C 236 -24.59 -21.66 8.57
C MET C 236 -25.64 -21.00 9.46
N LEU C 237 -25.93 -19.74 9.20
CA LEU C 237 -26.91 -19.01 10.02
C LEU C 237 -28.15 -19.80 10.34
N THR C 238 -28.47 -20.80 9.54
CA THR C 238 -29.66 -21.54 9.84
C THR C 238 -29.54 -22.44 11.08
N PRO C 239 -28.77 -23.53 11.00
CA PRO C 239 -28.68 -24.37 12.19
C PRO C 239 -28.40 -23.58 13.44
N PHE C 240 -27.54 -22.57 13.33
CA PHE C 240 -27.22 -21.71 14.48
C PHE C 240 -28.52 -21.22 15.10
N LEU C 241 -29.34 -20.48 14.35
CA LEU C 241 -30.61 -20.02 14.89
C LEU C 241 -31.48 -21.19 15.33
N THR C 242 -31.69 -22.13 14.41
CA THR C 242 -32.48 -23.33 14.68
C THR C 242 -32.14 -23.83 16.06
N LEU C 243 -30.86 -24.11 16.22
CA LEU C 243 -30.31 -24.58 17.46
C LEU C 243 -30.67 -23.65 18.61
N ALA C 244 -30.45 -22.37 18.41
CA ALA C 244 -30.72 -21.37 19.43
C ALA C 244 -32.15 -20.91 19.56
N LEU C 245 -33.04 -21.41 18.73
CA LEU C 245 -34.41 -20.99 18.85
C LEU C 245 -35.28 -22.12 19.37
N PHE C 246 -34.90 -23.34 18.99
CA PHE C 246 -35.67 -24.51 19.39
C PHE C 246 -35.04 -25.35 20.49
N SER C 247 -33.72 -25.33 20.59
CA SER C 247 -33.03 -26.10 21.63
C SER C 247 -31.79 -25.38 22.09
N PRO C 248 -31.97 -24.21 22.66
CA PRO C 248 -30.89 -23.38 23.16
C PRO C 248 -29.86 -24.16 23.93
N ASN C 249 -30.34 -24.81 24.97
CA ASN C 249 -29.47 -25.55 25.86
C ASN C 249 -29.04 -26.93 25.42
N LEU C 250 -29.22 -27.24 24.15
CA LEU C 250 -28.81 -28.54 23.68
C LEU C 250 -27.31 -28.70 23.88
N LEU C 251 -26.52 -27.86 23.23
CA LEU C 251 -25.06 -27.95 23.37
C LEU C 251 -24.53 -27.55 24.76
N GLY C 252 -25.41 -27.07 25.64
CA GLY C 252 -24.97 -26.61 26.95
C GLY C 252 -25.29 -27.36 28.23
N ASP C 253 -24.22 -27.70 28.96
CA ASP C 253 -24.28 -28.41 30.24
C ASP C 253 -25.24 -27.68 31.15
N PRO C 254 -26.16 -28.40 31.79
CA PRO C 254 -27.12 -27.77 32.67
C PRO C 254 -26.68 -27.64 34.11
N GLU C 255 -25.58 -28.29 34.42
CA GLU C 255 -25.06 -28.21 35.76
C GLU C 255 -24.67 -26.76 36.05
N ASN C 256 -24.64 -25.97 34.99
CA ASN C 256 -24.26 -24.56 35.13
C ASN C 256 -25.48 -23.72 35.44
N PHE C 257 -26.58 -24.36 35.78
CA PHE C 257 -27.77 -23.62 36.14
C PHE C 257 -27.87 -23.64 37.65
N THR C 258 -26.77 -24.01 38.27
CA THR C 258 -26.74 -24.07 39.71
C THR C 258 -25.61 -23.18 40.16
N PRO C 259 -25.95 -21.99 40.69
CA PRO C 259 -24.96 -21.02 41.18
C PRO C 259 -23.73 -21.70 41.76
N ALA C 260 -22.57 -21.14 41.45
CA ALA C 260 -21.32 -21.67 41.92
C ALA C 260 -21.40 -21.92 43.43
N ASN C 261 -20.66 -22.95 43.87
CA ASN C 261 -20.58 -23.36 45.27
C ASN C 261 -19.10 -23.65 45.45
N PRO C 262 -18.36 -22.71 46.05
CA PRO C 262 -16.93 -22.84 46.30
C PRO C 262 -16.58 -24.09 47.07
N LEU C 263 -17.61 -24.77 47.57
CA LEU C 263 -17.43 -25.95 48.39
C LEU C 263 -17.79 -27.29 47.79
N VAL C 264 -18.47 -27.29 46.66
CA VAL C 264 -18.87 -28.56 46.09
C VAL C 264 -18.58 -28.69 44.61
N THR C 265 -17.60 -29.49 44.23
CA THR C 265 -17.33 -29.66 42.82
C THR C 265 -18.28 -30.74 42.36
N PRO C 266 -19.20 -30.42 41.44
CA PRO C 266 -20.17 -31.39 40.94
C PRO C 266 -19.53 -32.74 40.64
N PRO C 267 -20.18 -33.80 41.05
CA PRO C 267 -19.68 -35.14 40.83
C PRO C 267 -19.41 -35.42 39.37
N HIS C 268 -20.28 -34.90 38.51
CA HIS C 268 -20.16 -35.10 37.05
C HIS C 268 -19.81 -33.80 36.35
N ILE C 269 -18.51 -33.47 36.39
CA ILE C 269 -17.96 -32.26 35.80
C ILE C 269 -17.22 -32.57 34.50
N LYS C 270 -17.76 -32.07 33.39
CA LYS C 270 -17.14 -32.27 32.08
C LYS C 270 -17.14 -30.95 31.34
N PRO C 271 -15.98 -30.54 30.80
CA PRO C 271 -15.71 -29.31 30.06
C PRO C 271 -16.68 -28.97 28.93
N GLU C 272 -16.67 -27.71 28.49
CA GLU C 272 -17.52 -27.30 27.38
C GLU C 272 -17.13 -28.28 26.28
N TRP C 273 -18.05 -28.70 25.42
CA TRP C 273 -17.70 -29.66 24.36
C TRP C 273 -16.48 -29.31 23.50
N TYR C 274 -16.36 -28.06 23.08
CA TYR C 274 -15.23 -27.65 22.25
C TYR C 274 -13.86 -27.76 22.91
N PHE C 275 -13.80 -28.21 24.15
CA PHE C 275 -12.50 -28.37 24.80
C PHE C 275 -12.26 -29.83 25.09
N LEU C 276 -13.32 -30.62 25.10
CA LEU C 276 -13.21 -32.05 25.40
C LEU C 276 -11.95 -32.76 24.91
N PHE C 277 -11.65 -32.68 23.61
CA PHE C 277 -10.49 -33.37 23.11
C PHE C 277 -9.23 -33.08 23.93
N ALA C 278 -8.96 -31.82 24.23
CA ALA C 278 -7.77 -31.51 25.00
C ALA C 278 -7.92 -32.08 26.38
N TYR C 279 -9.11 -31.90 26.92
CA TYR C 279 -9.44 -32.39 28.25
C TYR C 279 -8.98 -33.80 28.35
N ALA C 280 -9.35 -34.59 27.35
CA ALA C 280 -8.99 -35.99 27.28
C ALA C 280 -7.49 -36.21 27.34
N ILE C 281 -6.77 -35.62 26.41
CA ILE C 281 -5.34 -35.82 26.42
C ILE C 281 -4.78 -35.61 27.82
N LEU C 282 -5.05 -34.47 28.45
CA LEU C 282 -4.51 -34.20 29.79
C LEU C 282 -4.93 -35.21 30.82
N ARG C 283 -6.14 -35.75 30.63
CA ARG C 283 -6.71 -36.73 31.54
C ARG C 283 -6.08 -38.10 31.39
N SER C 284 -5.41 -38.31 30.27
CA SER C 284 -4.75 -39.59 30.04
C SER C 284 -3.32 -39.58 30.57
N ILE C 285 -2.74 -38.41 30.78
CA ILE C 285 -1.40 -38.38 31.33
C ILE C 285 -1.53 -38.24 32.84
N PRO C 286 -1.40 -39.33 33.60
CA PRO C 286 -1.50 -39.25 35.05
C PRO C 286 -0.24 -38.70 35.71
N ASN C 287 -0.09 -37.37 35.62
CA ASN C 287 1.01 -36.60 36.17
C ASN C 287 0.68 -35.11 35.96
N LYS C 288 0.59 -34.36 37.05
CA LYS C 288 0.25 -32.93 36.95
C LYS C 288 0.88 -32.35 35.71
N LEU C 289 2.21 -32.25 35.76
CA LEU C 289 2.98 -31.67 34.68
C LEU C 289 2.79 -32.31 33.31
N GLY C 290 2.87 -33.64 33.25
CA GLY C 290 2.69 -34.32 31.99
C GLY C 290 1.35 -33.91 31.39
N GLY C 291 0.32 -34.12 32.19
CA GLY C 291 -1.03 -33.77 31.78
C GLY C 291 -1.01 -32.38 31.17
N VAL C 292 -0.52 -31.42 31.94
CA VAL C 292 -0.45 -30.07 31.44
C VAL C 292 0.32 -30.02 30.13
N LEU C 293 1.55 -30.51 30.13
CA LEU C 293 2.38 -30.52 28.94
C LEU C 293 1.71 -31.16 27.72
N ALA C 294 1.12 -32.34 27.91
CA ALA C 294 0.42 -33.05 26.84
C ALA C 294 -0.53 -32.08 26.17
N LEU C 295 -1.36 -31.46 27.00
CA LEU C 295 -2.33 -30.46 26.56
C LEU C 295 -1.62 -29.36 25.79
N ALA C 296 -0.61 -28.75 26.40
CA ALA C 296 0.12 -27.69 25.72
C ALA C 296 0.31 -28.08 24.28
N ALA C 297 1.19 -29.04 24.06
CA ALA C 297 1.48 -29.50 22.70
C ALA C 297 0.25 -29.96 21.94
N SER C 298 -0.78 -30.37 22.67
CA SER C 298 -2.00 -30.84 22.01
C SER C 298 -2.51 -29.80 21.04
N VAL C 299 -2.25 -28.54 21.36
CA VAL C 299 -2.66 -27.47 20.49
C VAL C 299 -1.46 -26.81 19.87
N LEU C 300 -0.46 -26.52 20.69
CA LEU C 300 0.75 -25.90 20.20
C LEU C 300 1.39 -26.64 19.04
N ILE C 301 1.12 -27.93 18.91
CA ILE C 301 1.69 -28.70 17.81
C ILE C 301 1.35 -28.10 16.45
N LEU C 302 0.19 -27.43 16.35
CA LEU C 302 -0.23 -26.77 15.12
C LEU C 302 0.93 -26.02 14.48
N PHE C 303 1.63 -25.24 15.30
CA PHE C 303 2.75 -24.48 14.82
C PHE C 303 3.74 -25.31 14.01
N LEU C 304 3.84 -26.60 14.34
CA LEU C 304 4.77 -27.51 13.65
C LEU C 304 4.36 -28.00 12.28
N ILE C 305 3.09 -28.38 12.11
CA ILE C 305 2.62 -28.87 10.83
C ILE C 305 3.39 -28.28 9.65
N PRO C 306 3.54 -26.94 9.60
CA PRO C 306 4.28 -26.36 8.47
C PRO C 306 5.65 -26.96 8.24
N PHE C 307 6.26 -27.50 9.27
CA PHE C 307 7.59 -28.10 9.09
C PHE C 307 7.51 -29.57 8.88
N LEU C 308 6.34 -30.12 9.17
CA LEU C 308 6.09 -31.55 9.01
C LEU C 308 5.35 -31.80 7.70
N HIS C 309 5.80 -31.09 6.66
CA HIS C 309 5.24 -31.19 5.31
C HIS C 309 6.38 -31.75 4.48
N LYS C 310 6.16 -32.86 3.80
CA LYS C 310 7.22 -33.46 3.03
C LYS C 310 6.84 -33.75 1.60
N SER C 311 5.54 -33.80 1.31
CA SER C 311 5.10 -34.11 -0.05
C SER C 311 5.50 -33.08 -1.10
N LYS C 312 5.99 -33.58 -2.24
CA LYS C 312 6.41 -32.72 -3.35
C LYS C 312 5.21 -31.94 -3.85
N GLN C 313 4.02 -32.48 -3.56
CA GLN C 313 2.75 -31.87 -3.94
C GLN C 313 2.23 -31.16 -2.70
N ARG C 314 1.31 -30.22 -2.89
CA ARG C 314 0.82 -29.47 -1.73
C ARG C 314 -0.42 -29.94 -1.04
N THR C 315 -1.46 -30.23 -1.80
CA THR C 315 -2.69 -30.66 -1.17
C THR C 315 -2.79 -32.17 -1.23
N MET C 316 -3.66 -32.70 -0.39
CA MET C 316 -3.86 -34.13 -0.34
C MET C 316 -4.79 -34.60 -1.44
N THR C 317 -5.22 -33.68 -2.29
CA THR C 317 -6.13 -34.05 -3.36
C THR C 317 -5.60 -35.25 -4.15
N PHE C 318 -4.29 -35.28 -4.37
CA PHE C 318 -3.68 -36.36 -5.13
C PHE C 318 -2.81 -37.27 -4.30
N ARG C 319 -3.16 -37.44 -3.03
CA ARG C 319 -2.38 -38.29 -2.14
C ARG C 319 -3.32 -39.17 -1.33
N PRO C 320 -3.92 -40.16 -1.98
CA PRO C 320 -4.87 -41.07 -1.33
C PRO C 320 -4.36 -41.51 0.03
N LEU C 321 -3.07 -41.83 0.10
CA LEU C 321 -2.49 -42.26 1.35
C LEU C 321 -2.67 -41.20 2.41
N SER C 322 -2.05 -40.06 2.22
CA SER C 322 -2.20 -38.99 3.19
C SER C 322 -3.67 -38.81 3.57
N GLN C 323 -4.54 -38.70 2.57
CA GLN C 323 -5.97 -38.53 2.81
C GLN C 323 -6.46 -39.48 3.89
N THR C 324 -6.36 -40.76 3.59
CA THR C 324 -6.81 -41.76 4.53
C THR C 324 -6.26 -41.47 5.91
N LEU C 325 -5.01 -41.05 5.97
CA LEU C 325 -4.42 -40.74 7.25
C LEU C 325 -5.19 -39.58 7.84
N PHE C 326 -5.26 -38.49 7.09
CA PHE C 326 -6.01 -37.30 7.51
C PHE C 326 -7.31 -37.69 8.22
N TRP C 327 -8.26 -38.24 7.47
CA TRP C 327 -9.54 -38.65 8.04
C TRP C 327 -9.44 -39.49 9.29
N LEU C 328 -8.45 -40.36 9.30
CA LEU C 328 -8.24 -41.19 10.45
C LEU C 328 -8.01 -40.21 11.62
N LEU C 329 -7.20 -39.18 11.38
CA LEU C 329 -6.89 -38.15 12.37
C LEU C 329 -8.13 -37.36 12.79
N VAL C 330 -8.98 -37.03 11.82
CA VAL C 330 -10.22 -36.33 12.11
C VAL C 330 -10.88 -37.19 13.14
N ALA C 331 -11.26 -38.38 12.70
CA ALA C 331 -11.90 -39.36 13.56
C ALA C 331 -11.14 -39.57 14.86
N ASN C 332 -9.81 -39.47 14.81
CA ASN C 332 -9.01 -39.65 16.00
C ASN C 332 -9.42 -38.58 17.02
N LEU C 333 -9.73 -37.39 16.54
CA LEU C 333 -10.16 -36.35 17.44
C LEU C 333 -11.59 -36.64 17.87
N LEU C 334 -12.40 -36.92 16.88
CA LEU C 334 -13.78 -37.23 17.11
C LEU C 334 -13.86 -38.26 18.26
N ILE C 335 -12.83 -39.08 18.40
CA ILE C 335 -12.81 -40.08 19.43
C ILE C 335 -12.41 -39.40 20.68
N LEU C 336 -11.18 -38.93 20.69
CA LEU C 336 -10.67 -38.22 21.86
C LEU C 336 -11.77 -37.41 22.52
N THR C 337 -12.61 -36.76 21.71
CA THR C 337 -13.70 -35.96 22.26
C THR C 337 -14.66 -36.81 23.07
N TRP C 338 -15.15 -37.88 22.45
CA TRP C 338 -16.05 -38.79 23.12
C TRP C 338 -15.50 -39.08 24.50
N ILE C 339 -14.32 -39.69 24.54
CA ILE C 339 -13.67 -40.02 25.79
C ILE C 339 -13.83 -38.91 26.80
N GLY C 340 -13.53 -37.68 26.38
CA GLY C 340 -13.65 -36.55 27.28
C GLY C 340 -14.97 -36.58 28.00
N SER C 341 -16.02 -36.83 27.24
CA SER C 341 -17.34 -36.87 27.81
C SER C 341 -17.59 -38.14 28.61
N GLN C 342 -16.58 -38.98 28.75
CA GLN C 342 -16.77 -40.22 29.49
C GLN C 342 -15.91 -40.31 30.74
N PRO C 343 -16.51 -40.72 31.85
CA PRO C 343 -15.83 -40.86 33.14
C PRO C 343 -14.50 -41.58 33.09
N VAL C 344 -13.71 -41.40 34.15
CA VAL C 344 -12.40 -42.02 34.24
C VAL C 344 -12.46 -43.42 34.80
N GLU C 345 -12.64 -44.39 33.90
CA GLU C 345 -12.73 -45.81 34.22
C GLU C 345 -12.35 -46.63 33.02
N HIS C 346 -12.56 -47.93 33.11
CA HIS C 346 -12.25 -48.80 32.01
C HIS C 346 -13.54 -49.05 31.24
N PRO C 347 -13.46 -49.20 29.90
CA PRO C 347 -12.29 -49.17 29.00
C PRO C 347 -11.74 -47.74 28.81
N PHE C 348 -12.68 -46.80 28.73
CA PHE C 348 -12.41 -45.39 28.55
C PHE C 348 -10.99 -44.91 28.79
N ILE C 349 -10.43 -45.17 29.97
CA ILE C 349 -9.08 -44.68 30.24
C ILE C 349 -8.05 -45.14 29.23
N ILE C 350 -7.96 -46.44 29.03
CA ILE C 350 -6.97 -46.92 28.10
C ILE C 350 -7.30 -46.46 26.68
N ILE C 351 -8.56 -46.61 26.29
CA ILE C 351 -8.98 -46.16 24.97
C ILE C 351 -8.46 -44.75 24.77
N GLY C 352 -8.54 -43.95 25.82
CA GLY C 352 -8.07 -42.58 25.76
C GLY C 352 -6.58 -42.52 25.54
N GLN C 353 -5.82 -43.01 26.51
CA GLN C 353 -4.37 -43.00 26.40
C GLN C 353 -3.92 -43.36 24.98
N MET C 354 -4.62 -44.29 24.32
CA MET C 354 -4.22 -44.66 22.97
C MET C 354 -4.44 -43.52 21.98
N ALA C 355 -5.69 -43.09 21.83
CA ALA C 355 -6.06 -42.02 20.91
C ALA C 355 -5.12 -40.85 20.98
N SER C 356 -4.65 -40.58 22.19
CA SER C 356 -3.72 -39.51 22.45
C SER C 356 -2.39 -39.93 21.85
N LEU C 357 -2.02 -41.19 22.05
CA LEU C 357 -0.80 -41.66 21.49
C LEU C 357 -1.00 -41.55 19.99
N SER C 358 -2.22 -41.91 19.61
CA SER C 358 -2.69 -41.90 18.22
C SER C 358 -2.45 -40.54 17.59
N TYR C 359 -3.12 -39.55 18.19
CA TYR C 359 -3.06 -38.17 17.79
C TYR C 359 -1.65 -37.77 17.44
N PHE C 360 -0.83 -37.55 18.46
CA PHE C 360 0.55 -37.13 18.25
C PHE C 360 1.34 -37.82 17.16
N THR C 361 1.17 -39.12 17.07
CA THR C 361 1.91 -39.88 16.08
C THR C 361 1.51 -39.59 14.64
N ILE C 362 0.21 -39.46 14.41
CA ILE C 362 -0.27 -39.18 13.08
C ILE C 362 0.36 -37.88 12.63
N LEU C 363 0.35 -36.91 13.53
CA LEU C 363 0.90 -35.61 13.23
C LEU C 363 2.42 -35.56 13.22
N LEU C 364 3.06 -36.12 14.24
CA LEU C 364 4.50 -36.05 14.29
C LEU C 364 5.25 -37.08 13.46
N ILE C 365 4.63 -38.23 13.22
CA ILE C 365 5.33 -39.30 12.49
C ILE C 365 4.75 -39.84 11.21
N LEU C 366 3.52 -40.37 11.25
CA LEU C 366 2.95 -40.94 10.04
C LEU C 366 2.90 -39.94 8.91
N PHE C 367 2.28 -38.79 9.19
CA PHE C 367 2.15 -37.76 8.16
C PHE C 367 3.40 -37.45 7.37
N PRO C 368 4.48 -37.10 8.05
CA PRO C 368 5.69 -36.79 7.31
C PRO C 368 6.21 -38.05 6.65
N THR C 369 5.97 -39.18 7.27
CA THR C 369 6.45 -40.41 6.69
C THR C 369 5.65 -40.84 5.48
N ILE C 370 4.35 -41.06 5.64
CA ILE C 370 3.52 -41.45 4.49
C ILE C 370 3.76 -40.45 3.37
N GLY C 371 4.10 -39.22 3.76
CA GLY C 371 4.35 -38.16 2.80
C GLY C 371 5.56 -38.46 1.93
N THR C 372 6.72 -38.70 2.56
CA THR C 372 7.96 -39.02 1.84
C THR C 372 7.68 -40.22 0.96
N LEU C 373 7.29 -41.33 1.59
CA LEU C 373 6.98 -42.56 0.89
C LEU C 373 6.21 -42.23 -0.38
N GLU C 374 5.23 -41.37 -0.22
CA GLU C 374 4.40 -40.95 -1.34
C GLU C 374 5.15 -40.43 -2.58
N ASN C 375 6.20 -39.66 -2.40
CA ASN C 375 6.91 -39.11 -3.54
C ASN C 375 7.74 -40.15 -4.25
N LYS C 376 8.17 -41.17 -3.51
CA LYS C 376 8.99 -42.22 -4.11
C LYS C 376 8.10 -43.11 -4.95
N MET C 377 6.81 -43.13 -4.60
CA MET C 377 5.89 -43.93 -5.37
C MET C 377 5.55 -43.18 -6.66
N LEU C 378 5.68 -41.85 -6.65
CA LEU C 378 5.42 -41.10 -7.87
C LEU C 378 6.73 -41.05 -8.62
N ASN C 379 7.80 -41.39 -7.90
CA ASN C 379 9.16 -41.46 -8.44
C ASN C 379 10.02 -40.21 -8.33
N TYR C 380 9.61 -39.23 -7.52
CA TYR C 380 10.38 -37.99 -7.36
C TYR C 380 11.53 -38.10 -6.34
N GLY D 1 -22.68 -49.50 42.88
CA GLY D 1 -22.59 -48.11 43.42
C GLY D 1 -22.79 -47.03 42.38
N GLU D 2 -22.24 -47.24 41.19
CA GLU D 2 -22.34 -46.30 40.05
C GLU D 2 -23.70 -46.42 39.34
N LEU D 3 -24.56 -47.32 39.82
CA LEU D 3 -25.86 -47.57 39.22
C LEU D 3 -26.96 -46.56 39.53
N GLU D 4 -27.69 -46.19 38.49
CA GLU D 4 -28.79 -45.24 38.59
C GLU D 4 -29.78 -45.51 37.47
N LEU D 5 -31.04 -45.22 37.72
CA LEU D 5 -32.08 -45.43 36.72
C LEU D 5 -32.39 -44.18 35.90
N HIS D 6 -32.37 -44.31 34.58
CA HIS D 6 -32.66 -43.18 33.71
C HIS D 6 -34.16 -43.11 33.43
N PRO D 7 -34.78 -41.94 33.66
CA PRO D 7 -36.22 -41.67 33.47
C PRO D 7 -36.76 -41.86 32.07
N PRO D 8 -37.99 -42.37 31.97
CA PRO D 8 -38.67 -42.61 30.70
C PRO D 8 -38.92 -41.27 30.02
N ALA D 9 -39.67 -41.25 28.94
CA ALA D 9 -39.92 -40.00 28.24
C ALA D 9 -41.38 -39.79 27.92
N PHE D 10 -42.03 -38.91 28.66
CA PHE D 10 -43.44 -38.63 28.44
C PHE D 10 -43.61 -37.64 27.33
N PRO D 11 -44.70 -37.75 26.57
CA PRO D 11 -45.02 -36.89 25.45
C PRO D 11 -45.66 -35.58 25.87
N TRP D 12 -44.91 -34.77 26.60
CA TRP D 12 -45.46 -33.53 27.09
C TRP D 12 -46.17 -32.79 25.99
N SER D 13 -47.19 -32.05 26.39
CA SER D 13 -48.00 -31.26 25.49
C SER D 13 -47.14 -30.27 24.70
N HIS D 14 -46.09 -29.78 25.33
CA HIS D 14 -45.20 -28.81 24.74
C HIS D 14 -43.90 -29.38 24.20
N GLY D 15 -43.77 -30.70 24.22
CA GLY D 15 -42.53 -31.33 23.77
C GLY D 15 -42.03 -31.01 22.39
N GLY D 16 -42.95 -30.89 21.44
CA GLY D 16 -42.57 -30.62 20.06
C GLY D 16 -41.99 -29.27 19.68
N PRO D 17 -41.14 -29.26 18.65
CA PRO D 17 -40.49 -28.04 18.17
C PRO D 17 -41.50 -26.92 17.92
N LEU D 18 -42.75 -27.31 17.68
CA LEU D 18 -43.75 -26.30 17.42
C LEU D 18 -44.85 -26.33 18.48
N SER D 19 -44.64 -27.17 19.49
CA SER D 19 -45.60 -27.32 20.56
C SER D 19 -45.47 -26.29 21.67
N ALA D 20 -46.50 -25.47 21.84
CA ALA D 20 -46.50 -24.44 22.88
C ALA D 20 -46.83 -25.11 24.20
N LEU D 21 -46.73 -24.36 25.28
CA LEU D 21 -47.04 -24.89 26.61
C LEU D 21 -48.54 -24.89 26.82
N ASP D 22 -49.08 -25.93 27.47
CA ASP D 22 -50.53 -25.95 27.73
C ASP D 22 -50.82 -25.00 28.91
N HIS D 23 -50.88 -23.70 28.61
CA HIS D 23 -51.12 -22.70 29.64
C HIS D 23 -52.16 -23.13 30.64
N SER D 24 -53.06 -24.01 30.23
CA SER D 24 -54.09 -24.49 31.14
C SER D 24 -53.42 -25.22 32.30
N SER D 25 -52.48 -26.09 31.94
CA SER D 25 -51.76 -26.92 32.90
C SER D 25 -50.78 -26.17 33.77
N VAL D 26 -50.28 -25.03 33.30
CA VAL D 26 -49.33 -24.26 34.12
C VAL D 26 -50.10 -23.56 35.23
N ARG D 27 -51.28 -23.07 34.89
CA ARG D 27 -52.15 -22.40 35.86
C ARG D 27 -52.43 -23.34 37.01
N ARG D 28 -52.43 -24.64 36.73
CA ARG D 28 -52.63 -25.61 37.79
C ARG D 28 -51.24 -25.80 38.37
N GLY D 29 -50.30 -26.13 37.49
CA GLY D 29 -48.94 -26.35 37.91
C GLY D 29 -48.59 -25.33 38.96
N PHE D 30 -48.95 -24.09 38.68
CA PHE D 30 -48.69 -23.00 39.60
C PHE D 30 -49.30 -23.25 40.97
N GLN D 31 -50.60 -23.52 40.94
CA GLN D 31 -51.34 -23.77 42.17
C GLN D 31 -50.61 -24.84 42.97
N VAL D 32 -50.15 -25.86 42.25
CA VAL D 32 -49.43 -26.94 42.90
C VAL D 32 -48.18 -26.42 43.56
N TYR D 33 -47.48 -25.52 42.87
CA TYR D 33 -46.27 -24.94 43.45
C TYR D 33 -46.61 -24.08 44.66
N LYS D 34 -47.55 -23.17 44.47
CA LYS D 34 -47.96 -22.29 45.54
C LYS D 34 -48.38 -23.00 46.81
N GLN D 35 -49.36 -23.88 46.70
CA GLN D 35 -49.89 -24.58 47.86
C GLN D 35 -49.12 -25.77 48.43
N VAL D 36 -48.15 -26.30 47.70
CA VAL D 36 -47.45 -27.46 48.23
C VAL D 36 -45.96 -27.34 48.43
N CYS D 37 -45.27 -26.90 47.39
CA CYS D 37 -43.81 -26.79 47.42
C CYS D 37 -43.33 -25.46 48.02
N SER D 38 -44.11 -24.42 47.76
CA SER D 38 -43.79 -23.09 48.23
C SER D 38 -43.46 -23.07 49.73
N ALA D 39 -43.76 -24.15 50.42
CA ALA D 39 -43.48 -24.17 51.85
C ALA D 39 -42.08 -24.72 52.12
N CYS D 40 -41.39 -25.12 51.06
CA CYS D 40 -40.05 -25.65 51.21
C CYS D 40 -39.19 -25.18 50.04
N HIS D 41 -39.84 -24.88 48.92
CA HIS D 41 -39.08 -24.48 47.74
C HIS D 41 -39.17 -23.03 47.30
N SER D 42 -38.02 -22.38 47.32
CA SER D 42 -37.86 -20.99 46.93
C SER D 42 -37.97 -20.85 45.41
N MET D 43 -38.49 -19.75 44.90
CA MET D 43 -38.56 -19.57 43.44
C MET D 43 -38.16 -18.15 43.08
N ASP D 44 -37.05 -17.74 43.67
CA ASP D 44 -36.51 -16.40 43.54
C ASP D 44 -36.41 -15.74 42.16
N TYR D 45 -36.85 -16.36 41.09
CA TYR D 45 -36.72 -15.65 39.83
C TYR D 45 -38.00 -15.39 39.10
N VAL D 46 -39.12 -15.67 39.76
CA VAL D 46 -40.40 -15.38 39.15
C VAL D 46 -41.08 -14.34 40.03
N ALA D 47 -42.18 -13.79 39.56
CA ALA D 47 -42.87 -12.79 40.35
C ALA D 47 -44.24 -12.60 39.78
N PHE D 48 -45.21 -12.54 40.68
CA PHE D 48 -46.60 -12.41 40.35
C PHE D 48 -46.87 -11.74 39.02
N ARG D 49 -46.16 -10.66 38.72
CA ARG D 49 -46.41 -10.01 37.44
C ARG D 49 -46.20 -10.95 36.27
N ASN D 50 -45.23 -11.86 36.42
CA ASN D 50 -44.89 -12.83 35.38
C ASN D 50 -46.12 -13.65 34.99
N LEU D 51 -46.94 -13.97 35.97
CA LEU D 51 -48.15 -14.75 35.71
C LEU D 51 -49.09 -14.06 34.75
N ILE D 52 -49.34 -12.78 34.97
CA ILE D 52 -50.28 -12.00 34.15
C ILE D 52 -50.16 -12.17 32.63
N GLY D 53 -51.21 -12.75 32.04
CA GLY D 53 -51.22 -13.00 30.61
C GLY D 53 -50.70 -14.38 30.23
N VAL D 54 -50.16 -15.08 31.22
CA VAL D 54 -49.62 -16.40 31.01
C VAL D 54 -50.61 -17.42 31.56
N THR D 55 -51.01 -17.25 32.81
CA THR D 55 -51.96 -18.16 33.45
C THR D 55 -52.99 -17.38 34.27
N HIS D 56 -52.76 -16.08 34.46
CA HIS D 56 -53.67 -15.29 35.25
C HIS D 56 -53.97 -13.95 34.68
N THR D 57 -54.97 -13.31 35.27
CA THR D 57 -55.44 -11.98 34.88
C THR D 57 -54.84 -10.98 35.84
N GLU D 58 -54.81 -9.71 35.42
CA GLU D 58 -54.27 -8.65 36.24
C GLU D 58 -54.77 -8.74 37.69
N ALA D 59 -56.08 -8.67 37.87
CA ALA D 59 -56.66 -8.76 39.20
C ALA D 59 -56.02 -9.93 39.92
N GLU D 60 -56.38 -11.14 39.47
CA GLU D 60 -55.86 -12.38 40.03
C GLU D 60 -54.45 -12.28 40.61
N ALA D 61 -53.50 -11.88 39.78
CA ALA D 61 -52.13 -11.77 40.24
C ALA D 61 -52.09 -10.89 41.47
N LYS D 62 -52.67 -9.71 41.34
CA LYS D 62 -52.70 -8.78 42.44
C LYS D 62 -53.21 -9.45 43.71
N ALA D 63 -54.29 -10.20 43.62
CA ALA D 63 -54.83 -10.89 44.80
C ALA D 63 -53.80 -11.89 45.28
N LEU D 64 -53.30 -12.68 44.34
CA LEU D 64 -52.30 -13.68 44.64
C LEU D 64 -51.09 -13.09 45.36
N ALA D 65 -50.70 -11.88 44.98
CA ALA D 65 -49.56 -11.23 45.62
C ALA D 65 -49.91 -10.68 46.98
N GLU D 66 -51.09 -10.10 47.09
CA GLU D 66 -51.55 -9.52 48.34
C GLU D 66 -51.88 -10.61 49.34
N GLU D 67 -51.79 -11.86 48.92
CA GLU D 67 -52.06 -12.98 49.81
C GLU D 67 -50.86 -13.20 50.72
N VAL D 68 -49.80 -12.42 50.53
CA VAL D 68 -48.58 -12.56 51.33
C VAL D 68 -48.11 -11.27 52.00
N GLU D 69 -47.33 -11.43 53.07
CA GLU D 69 -46.78 -10.29 53.79
C GLU D 69 -45.32 -10.15 53.39
N VAL D 70 -44.92 -8.96 52.98
CA VAL D 70 -43.55 -8.71 52.57
C VAL D 70 -42.89 -7.69 53.51
N GLN D 71 -41.63 -7.95 53.83
CA GLN D 71 -40.87 -7.05 54.70
C GLN D 71 -40.20 -5.98 53.84
N ASP D 72 -40.63 -4.74 54.00
CA ASP D 72 -40.07 -3.64 53.23
C ASP D 72 -39.45 -2.67 54.21
N GLY D 73 -39.05 -1.49 53.71
CA GLY D 73 -38.47 -0.49 54.59
C GLY D 73 -37.07 -0.11 54.17
N PRO D 74 -36.35 0.64 55.01
CA PRO D 74 -36.83 1.11 56.31
C PRO D 74 -37.80 2.27 56.22
N ASP D 75 -38.40 2.59 57.36
CA ASP D 75 -39.35 3.67 57.44
C ASP D 75 -38.68 4.95 57.91
N GLU D 76 -39.50 5.97 58.17
CA GLU D 76 -39.02 7.27 58.63
C GLU D 76 -38.14 7.12 59.86
N ASN D 77 -38.39 6.08 60.63
CA ASN D 77 -37.62 5.82 61.86
C ASN D 77 -36.56 4.75 61.67
N GLY D 78 -36.32 4.38 60.41
CA GLY D 78 -35.31 3.38 60.12
C GLY D 78 -35.71 2.01 60.61
N GLU D 79 -37.00 1.82 60.83
CA GLU D 79 -37.51 0.55 61.29
C GLU D 79 -37.97 -0.24 60.07
N LEU D 80 -38.03 -1.56 60.20
CA LEU D 80 -38.51 -2.43 59.13
C LEU D 80 -39.97 -2.69 59.45
N PHE D 81 -40.72 -3.19 58.47
CA PHE D 81 -42.13 -3.45 58.71
C PHE D 81 -42.71 -4.31 57.61
N MET D 82 -43.89 -4.87 57.85
CA MET D 82 -44.54 -5.71 56.85
C MET D 82 -45.53 -4.87 56.07
N ARG D 83 -45.82 -5.31 54.85
CA ARG D 83 -46.78 -4.63 54.00
C ARG D 83 -47.36 -5.71 53.12
N PRO D 84 -48.54 -5.45 52.54
CA PRO D 84 -49.14 -6.45 51.67
C PRO D 84 -48.27 -6.55 50.41
N GLY D 85 -48.45 -7.61 49.63
CA GLY D 85 -47.64 -7.79 48.44
C GLY D 85 -48.14 -7.06 47.22
N LYS D 86 -47.21 -6.61 46.38
CA LYS D 86 -47.59 -5.93 45.17
C LYS D 86 -47.24 -6.94 44.08
N ILE D 87 -47.70 -6.70 42.86
CA ILE D 87 -47.43 -7.62 41.76
C ILE D 87 -45.96 -7.70 41.41
N SER D 88 -45.20 -6.70 41.86
CA SER D 88 -43.76 -6.61 41.60
C SER D 88 -42.87 -7.39 42.53
N ASP D 89 -43.42 -8.13 43.47
CA ASP D 89 -42.62 -8.93 44.39
C ASP D 89 -42.27 -10.29 43.78
N TYR D 90 -41.13 -10.85 44.19
CA TYR D 90 -40.72 -12.16 43.73
C TYR D 90 -41.33 -13.21 44.67
N PHE D 91 -41.64 -14.40 44.16
CA PHE D 91 -42.25 -15.43 44.99
C PHE D 91 -41.55 -15.61 46.33
N PRO D 92 -42.33 -15.57 47.41
CA PRO D 92 -41.93 -15.70 48.80
C PRO D 92 -40.98 -16.83 49.14
N LYS D 93 -39.82 -16.46 49.65
CA LYS D 93 -38.82 -17.42 50.10
C LYS D 93 -39.44 -18.01 51.35
N PRO D 94 -39.35 -19.33 51.52
CA PRO D 94 -39.93 -19.95 52.70
C PRO D 94 -38.96 -19.89 53.89
N TYR D 95 -37.69 -19.67 53.61
CA TYR D 95 -36.70 -19.55 54.66
C TYR D 95 -35.83 -18.33 54.43
N PRO D 96 -35.38 -17.66 55.50
CA PRO D 96 -34.55 -16.47 55.37
C PRO D 96 -33.12 -16.73 54.90
N ASN D 97 -32.73 -18.00 54.83
CA ASN D 97 -31.39 -18.34 54.38
C ASN D 97 -31.24 -19.85 54.31
N PRO D 98 -30.30 -20.35 53.49
CA PRO D 98 -30.13 -21.80 53.38
C PRO D 98 -29.85 -22.53 54.70
N GLU D 99 -28.87 -22.07 55.45
CA GLU D 99 -28.54 -22.71 56.71
C GLU D 99 -29.78 -22.98 57.57
N ALA D 100 -30.81 -22.16 57.42
CA ALA D 100 -32.04 -22.33 58.19
C ALA D 100 -32.95 -23.36 57.57
N ALA D 101 -33.01 -23.35 56.25
CA ALA D 101 -33.85 -24.30 55.54
C ALA D 101 -33.37 -25.68 55.89
N ARG D 102 -32.04 -25.83 55.98
CA ARG D 102 -31.45 -27.12 56.31
C ARG D 102 -31.95 -27.64 57.66
N ALA D 103 -31.94 -26.78 58.67
CA ALA D 103 -32.40 -27.20 59.99
C ALA D 103 -33.83 -27.73 59.96
N ALA D 104 -34.65 -27.12 59.13
CA ALA D 104 -36.04 -27.51 59.03
C ALA D 104 -36.31 -28.70 58.11
N ASN D 105 -35.27 -29.29 57.55
CA ASN D 105 -35.44 -30.44 56.66
C ASN D 105 -34.40 -31.53 56.87
N ASN D 106 -33.76 -31.52 58.04
CA ASN D 106 -32.76 -32.53 58.41
C ASN D 106 -31.41 -32.40 57.71
N GLY D 107 -30.88 -31.19 57.65
CA GLY D 107 -29.60 -30.97 56.99
C GLY D 107 -29.75 -31.05 55.48
N ALA D 108 -31.00 -31.20 55.04
CA ALA D 108 -31.34 -31.28 53.62
C ALA D 108 -31.63 -29.86 53.11
N LEU D 109 -31.12 -29.55 51.92
CA LEU D 109 -31.30 -28.23 51.35
C LEU D 109 -32.19 -28.17 50.13
N PRO D 110 -33.51 -28.09 50.33
CA PRO D 110 -34.48 -28.02 49.23
C PRO D 110 -34.16 -26.88 48.26
N PRO D 111 -33.48 -27.20 47.15
CA PRO D 111 -33.07 -26.27 46.09
C PRO D 111 -34.18 -25.46 45.41
N ASP D 112 -33.90 -24.18 45.18
CA ASP D 112 -34.84 -23.26 44.55
C ASP D 112 -35.29 -23.81 43.18
N LEU D 113 -36.60 -24.01 43.02
CA LEU D 113 -37.16 -24.54 41.79
C LEU D 113 -37.49 -23.46 40.81
N SER D 114 -36.49 -22.80 40.25
CA SER D 114 -36.75 -21.76 39.27
C SER D 114 -36.26 -22.30 37.95
N TYR D 115 -34.98 -22.65 37.96
CA TYR D 115 -34.32 -23.18 36.79
C TYR D 115 -34.16 -24.68 37.00
N ILE D 116 -35.00 -25.25 37.84
CA ILE D 116 -34.83 -26.67 38.13
C ILE D 116 -34.85 -27.61 36.92
N VAL D 117 -35.95 -27.61 36.19
CA VAL D 117 -36.07 -28.49 35.05
C VAL D 117 -34.85 -28.43 34.14
N ASN D 118 -34.07 -27.34 34.24
CA ASN D 118 -32.89 -27.24 33.38
C ASN D 118 -31.60 -27.48 34.11
N ALA D 119 -31.68 -27.71 35.42
CA ALA D 119 -30.49 -27.94 36.24
C ALA D 119 -30.24 -29.41 36.43
N ARG D 120 -31.26 -30.22 36.17
CA ARG D 120 -31.19 -31.66 36.31
C ARG D 120 -31.40 -32.17 34.90
N HIS D 121 -30.75 -33.26 34.50
CA HIS D 121 -31.01 -33.72 33.15
C HIS D 121 -32.45 -34.19 33.02
N GLY D 122 -32.90 -34.51 31.82
CA GLY D 122 -34.27 -34.97 31.65
C GLY D 122 -35.35 -33.95 31.99
N GLY D 123 -35.00 -32.95 32.79
CA GLY D 123 -35.96 -31.93 33.15
C GLY D 123 -37.29 -32.52 33.57
N GLU D 124 -38.37 -31.93 33.10
CA GLU D 124 -39.70 -32.43 33.44
C GLU D 124 -39.83 -33.96 33.41
N ASP D 125 -39.16 -34.61 32.47
CA ASP D 125 -39.22 -36.07 32.37
C ASP D 125 -38.58 -36.72 33.59
N TYR D 126 -37.70 -35.98 34.25
CA TYR D 126 -37.05 -36.49 35.43
C TYR D 126 -37.79 -36.03 36.63
N VAL D 127 -37.93 -34.72 36.77
CA VAL D 127 -38.65 -34.13 37.91
C VAL D 127 -39.97 -34.83 38.11
N PHE D 128 -40.63 -35.19 37.01
CA PHE D 128 -41.89 -35.90 37.14
C PHE D 128 -41.60 -37.24 37.80
N SER D 129 -40.87 -38.09 37.09
CA SER D 129 -40.49 -39.40 37.55
C SER D 129 -40.11 -39.42 39.03
N LEU D 130 -39.35 -38.43 39.49
CA LEU D 130 -38.95 -38.39 40.88
C LEU D 130 -40.17 -38.29 41.78
N LEU D 131 -41.02 -37.30 41.52
CA LEU D 131 -42.22 -37.11 42.34
C LEU D 131 -43.09 -38.37 42.44
N THR D 132 -43.16 -39.12 41.34
CA THR D 132 -43.98 -40.31 41.29
C THR D 132 -43.24 -41.54 41.72
N GLY D 133 -42.09 -41.77 41.10
CA GLY D 133 -41.27 -42.94 41.36
C GLY D 133 -41.12 -43.54 42.74
N TYR D 134 -41.30 -42.75 43.81
CA TYR D 134 -41.18 -43.21 45.19
C TYR D 134 -41.66 -44.64 45.51
N CYS D 135 -40.89 -45.36 46.33
CA CYS D 135 -41.24 -46.73 46.71
C CYS D 135 -40.19 -47.32 47.65
N ASP D 136 -40.45 -48.54 48.15
CA ASP D 136 -39.57 -49.25 49.09
C ASP D 136 -38.24 -49.73 48.52
N PRO D 137 -37.17 -49.69 49.34
CA PRO D 137 -35.87 -50.12 48.88
C PRO D 137 -35.88 -51.60 48.59
N PRO D 138 -35.01 -52.06 47.69
CA PRO D 138 -34.96 -53.49 47.38
C PRO D 138 -34.10 -54.14 48.47
N ALA D 139 -33.94 -55.45 48.37
CA ALA D 139 -33.14 -56.16 49.34
C ALA D 139 -31.68 -55.68 49.41
N GLY D 140 -31.14 -55.56 50.62
CA GLY D 140 -29.77 -55.12 50.80
C GLY D 140 -29.60 -53.61 50.85
N VAL D 141 -30.70 -52.90 50.67
CA VAL D 141 -30.67 -51.45 50.67
C VAL D 141 -31.20 -50.85 51.96
N VAL D 142 -30.31 -50.22 52.72
CA VAL D 142 -30.68 -49.57 53.99
C VAL D 142 -30.67 -48.05 53.86
N VAL D 143 -31.84 -47.44 53.83
CA VAL D 143 -31.93 -46.00 53.70
C VAL D 143 -31.76 -45.26 55.05
N ARG D 144 -30.64 -44.58 55.22
CA ARG D 144 -30.35 -43.84 56.45
C ARG D 144 -31.63 -43.23 57.03
N GLU D 145 -31.73 -43.23 58.35
CA GLU D 145 -32.88 -42.67 59.04
C GLU D 145 -33.19 -41.29 58.48
N GLY D 146 -34.46 -40.95 58.37
CA GLY D 146 -34.84 -39.62 57.90
C GLY D 146 -34.84 -39.33 56.41
N LEU D 147 -34.29 -40.25 55.62
CA LEU D 147 -34.26 -40.08 54.17
C LEU D 147 -35.34 -40.97 53.60
N HIS D 148 -35.52 -40.96 52.29
CA HIS D 148 -36.54 -41.79 51.66
C HIS D 148 -36.01 -42.40 50.37
N TYR D 149 -36.38 -43.65 50.12
CA TYR D 149 -35.92 -44.30 48.91
C TYR D 149 -36.64 -43.74 47.70
N ASN D 150 -35.89 -43.65 46.61
CA ASN D 150 -36.40 -43.21 45.33
C ASN D 150 -35.32 -43.60 44.33
N PRO D 151 -35.57 -44.69 43.61
CA PRO D 151 -34.65 -45.21 42.61
C PRO D 151 -34.20 -44.19 41.58
N TYR D 152 -35.07 -43.23 41.23
CA TYR D 152 -34.75 -42.20 40.24
C TYR D 152 -33.70 -41.18 40.68
N PHE D 153 -33.64 -40.93 41.98
CA PHE D 153 -32.69 -39.99 42.54
C PHE D 153 -31.35 -40.69 42.71
N PRO D 154 -30.26 -40.00 42.39
CA PRO D 154 -28.92 -40.56 42.52
C PRO D 154 -28.60 -40.71 44.00
N GLY D 155 -28.28 -41.93 44.40
CA GLY D 155 -28.02 -42.21 45.80
C GLY D 155 -29.23 -43.00 46.28
N GLN D 156 -30.33 -42.84 45.54
CA GLN D 156 -31.60 -43.51 45.81
C GLN D 156 -32.15 -43.09 47.18
N ALA D 157 -31.28 -42.43 47.96
CA ALA D 157 -31.62 -41.94 49.28
C ALA D 157 -31.78 -40.44 49.18
N ILE D 158 -33.02 -39.99 49.05
CA ILE D 158 -33.34 -38.56 48.93
C ILE D 158 -33.68 -38.02 50.32
N GLY D 159 -33.86 -36.71 50.43
CA GLY D 159 -34.18 -36.12 51.71
C GLY D 159 -35.54 -35.44 51.75
N MET D 160 -36.27 -35.56 50.65
CA MET D 160 -37.60 -34.96 50.52
C MET D 160 -38.65 -36.04 50.62
N ALA D 161 -39.60 -35.88 51.53
CA ALA D 161 -40.65 -36.87 51.68
C ALA D 161 -41.68 -36.63 50.58
N PRO D 162 -42.21 -37.70 49.98
CA PRO D 162 -43.21 -37.64 48.91
C PRO D 162 -44.09 -36.45 49.18
N PRO D 163 -43.90 -35.40 48.41
CA PRO D 163 -44.64 -34.15 48.51
C PRO D 163 -46.03 -34.20 47.98
N ILE D 164 -46.32 -35.15 47.10
CA ILE D 164 -47.70 -35.24 46.63
C ILE D 164 -48.37 -36.60 46.74
N TYR D 165 -49.66 -36.54 47.12
CA TYR D 165 -50.54 -37.70 47.24
C TYR D 165 -51.96 -37.32 46.81
N ASN D 166 -52.65 -38.22 46.13
CA ASN D 166 -54.01 -37.98 45.65
C ASN D 166 -54.78 -36.94 46.43
N GLU D 167 -55.43 -36.02 45.71
CA GLU D 167 -56.26 -34.97 46.32
C GLU D 167 -55.60 -34.04 47.31
N ILE D 168 -54.27 -34.09 47.45
CA ILE D 168 -53.59 -33.24 48.40
C ILE D 168 -54.05 -31.79 48.31
N LEU D 169 -54.89 -31.52 47.30
CA LEU D 169 -55.49 -30.21 47.07
C LEU D 169 -56.70 -30.41 46.16
N GLU D 170 -57.27 -29.32 45.64
CA GLU D 170 -58.45 -29.38 44.75
C GLU D 170 -58.38 -28.28 43.67
N TYR D 171 -57.93 -28.59 42.45
CA TYR D 171 -57.86 -27.53 41.43
C TYR D 171 -59.27 -26.98 41.26
N ASP D 172 -59.40 -25.65 41.35
CA ASP D 172 -60.71 -25.02 41.25
C ASP D 172 -61.33 -25.02 39.87
N ASP D 173 -60.77 -25.79 38.94
CA ASP D 173 -61.34 -25.86 37.60
C ASP D 173 -62.08 -27.19 37.44
N GLY D 174 -62.03 -27.99 38.49
CA GLY D 174 -62.70 -29.27 38.47
C GLY D 174 -61.88 -30.40 37.92
N THR D 175 -60.56 -30.29 38.01
CA THR D 175 -59.70 -31.33 37.50
C THR D 175 -59.38 -32.37 38.54
N PRO D 176 -59.46 -33.64 38.14
CA PRO D 176 -59.18 -34.81 38.96
C PRO D 176 -57.81 -34.73 39.62
N ALA D 177 -57.78 -34.21 40.85
CA ALA D 177 -56.55 -34.06 41.61
C ALA D 177 -55.80 -35.37 41.95
N THR D 178 -55.69 -36.27 40.99
CA THR D 178 -54.98 -37.54 41.18
C THR D 178 -53.50 -37.20 41.30
N MET D 179 -52.69 -38.10 41.85
CA MET D 179 -51.26 -37.79 42.02
C MET D 179 -50.58 -37.43 40.69
N SER D 180 -50.53 -38.39 39.80
CA SER D 180 -49.92 -38.17 38.51
C SER D 180 -50.47 -36.95 37.81
N GLN D 181 -51.70 -36.58 38.10
CA GLN D 181 -52.30 -35.41 37.46
C GLN D 181 -51.68 -34.15 38.04
N ILE D 182 -51.24 -34.23 39.28
CA ILE D 182 -50.59 -33.10 39.92
C ILE D 182 -49.19 -33.05 39.31
N ALA D 183 -48.36 -34.02 39.67
CA ALA D 183 -46.98 -34.12 39.18
C ALA D 183 -46.86 -33.80 37.70
N LYS D 184 -47.97 -33.89 36.98
CA LYS D 184 -47.94 -33.57 35.59
C LYS D 184 -48.00 -32.06 35.54
N ASP D 185 -49.08 -31.48 36.07
CA ASP D 185 -49.27 -30.03 36.10
C ASP D 185 -48.09 -29.23 36.69
N VAL D 186 -47.58 -29.67 37.84
CA VAL D 186 -46.47 -28.97 38.47
C VAL D 186 -45.20 -29.05 37.63
N CYS D 187 -45.08 -30.14 36.87
CA CYS D 187 -43.91 -30.29 36.02
C CYS D 187 -44.07 -29.37 34.82
N THR D 188 -45.26 -29.37 34.22
CA THR D 188 -45.52 -28.49 33.09
C THR D 188 -45.22 -27.08 33.55
N PHE D 189 -45.47 -26.78 34.82
CA PHE D 189 -45.21 -25.45 35.37
C PHE D 189 -43.69 -25.22 35.47
N LEU D 190 -43.01 -26.06 36.24
CA LEU D 190 -41.58 -25.95 36.43
C LEU D 190 -40.80 -25.69 35.14
N ARG D 191 -41.44 -25.93 34.00
CA ARG D 191 -40.80 -25.68 32.73
C ARG D 191 -40.97 -24.22 32.51
N TRP D 192 -42.19 -23.81 32.21
CA TRP D 192 -42.50 -22.41 32.01
C TRP D 192 -41.57 -21.58 32.88
N ALA D 193 -41.69 -21.75 34.19
CA ALA D 193 -40.90 -20.99 35.16
C ALA D 193 -39.41 -20.93 34.88
N ALA D 194 -38.86 -21.99 34.34
CA ALA D 194 -37.45 -22.00 34.05
C ALA D 194 -37.14 -21.25 32.75
N GLU D 195 -38.18 -20.93 31.98
CA GLU D 195 -37.99 -20.23 30.72
C GLU D 195 -39.29 -19.81 30.07
N PRO D 196 -39.96 -18.81 30.62
CA PRO D 196 -41.23 -18.21 30.19
C PRO D 196 -41.29 -17.95 28.71
N GLU D 197 -40.22 -17.38 28.18
CA GLU D 197 -40.16 -17.11 26.77
C GLU D 197 -40.68 -18.28 25.93
N HIS D 198 -40.21 -19.49 26.26
CA HIS D 198 -40.58 -20.74 25.57
C HIS D 198 -41.42 -20.60 24.30
N ASP D 199 -42.70 -20.29 24.48
CA ASP D 199 -43.64 -20.10 23.38
C ASP D 199 -43.11 -19.20 22.25
N GLN D 200 -42.89 -17.94 22.57
CA GLN D 200 -42.40 -16.99 21.59
C GLN D 200 -41.13 -17.55 20.97
N ARG D 201 -40.30 -18.17 21.79
CA ARG D 201 -39.07 -18.76 21.31
C ARG D 201 -39.34 -19.65 20.12
N LYS D 202 -40.36 -20.49 20.26
CA LYS D 202 -40.76 -21.41 19.20
C LYS D 202 -41.51 -20.74 18.08
N ARG D 203 -42.37 -19.79 18.41
CA ARG D 203 -43.12 -19.08 17.37
C ARG D 203 -42.12 -18.45 16.43
N MET D 204 -41.09 -17.81 17.00
CA MET D 204 -40.06 -17.19 16.19
C MET D 204 -39.44 -18.31 15.40
N GLY D 205 -38.92 -19.30 16.12
CA GLY D 205 -38.32 -20.44 15.47
C GLY D 205 -39.04 -20.84 14.20
N LEU D 206 -40.35 -20.76 14.23
CA LEU D 206 -41.13 -21.09 13.05
C LEU D 206 -40.76 -20.05 12.00
N LYS D 207 -41.26 -18.82 12.17
CA LYS D 207 -40.96 -17.74 11.24
C LYS D 207 -39.53 -17.85 10.70
N MET D 208 -38.58 -17.96 11.62
CA MET D 208 -37.16 -18.08 11.26
C MET D 208 -36.95 -19.17 10.24
N LEU D 209 -37.50 -20.34 10.50
CA LEU D 209 -37.34 -21.42 9.55
C LEU D 209 -37.96 -21.07 8.20
N LEU D 210 -39.17 -20.51 8.20
CA LEU D 210 -39.82 -20.15 6.94
C LEU D 210 -39.06 -19.14 6.10
N ILE D 211 -38.60 -18.05 6.72
CA ILE D 211 -37.84 -17.05 6.00
C ILE D 211 -36.55 -17.71 5.54
N SER D 212 -35.93 -18.47 6.43
CA SER D 212 -34.67 -19.10 6.09
C SER D 212 -34.79 -20.11 4.97
N ALA D 213 -35.96 -20.68 4.82
CA ALA D 213 -36.18 -21.65 3.75
C ALA D 213 -36.15 -20.88 2.44
N LEU D 214 -37.02 -19.86 2.40
CA LEU D 214 -37.20 -18.96 1.25
C LEU D 214 -35.91 -18.23 0.86
N LEU D 215 -35.34 -17.52 1.81
CA LEU D 215 -34.11 -16.76 1.61
C LEU D 215 -32.95 -17.61 1.13
N THR D 216 -32.71 -18.74 1.81
CA THR D 216 -31.63 -19.62 1.39
C THR D 216 -31.86 -19.96 -0.06
N SER D 217 -33.07 -20.45 -0.36
CA SER D 217 -33.39 -20.81 -1.71
C SER D 217 -33.12 -19.66 -2.65
N LEU D 218 -33.79 -18.54 -2.44
CA LEU D 218 -33.54 -17.38 -3.29
C LEU D 218 -32.06 -17.15 -3.61
N LEU D 219 -31.22 -17.04 -2.58
CA LEU D 219 -29.80 -16.80 -2.81
C LEU D 219 -29.11 -17.89 -3.61
N TYR D 220 -29.53 -19.14 -3.43
CA TYR D 220 -28.87 -20.22 -4.16
C TYR D 220 -28.92 -19.89 -5.64
N TYR D 221 -30.11 -19.48 -6.07
CA TYR D 221 -30.29 -19.12 -7.46
C TYR D 221 -29.21 -18.09 -7.80
N MET D 222 -29.29 -16.93 -7.15
CA MET D 222 -28.35 -15.87 -7.40
C MET D 222 -26.89 -16.31 -7.38
N LYS D 223 -26.54 -17.23 -6.49
CA LYS D 223 -25.14 -17.63 -6.45
C LYS D 223 -24.82 -18.36 -7.73
N ARG D 224 -25.77 -19.16 -8.21
CA ARG D 224 -25.57 -19.92 -9.43
C ARG D 224 -25.66 -19.02 -10.64
N HIS D 225 -26.71 -18.20 -10.64
CA HIS D 225 -26.94 -17.28 -11.74
C HIS D 225 -25.63 -16.63 -12.10
N LYS D 226 -25.02 -15.97 -11.13
CA LYS D 226 -23.75 -15.29 -11.32
C LYS D 226 -22.66 -16.25 -11.75
N TRP D 227 -22.54 -17.38 -11.06
CA TRP D 227 -21.51 -18.34 -11.41
C TRP D 227 -21.72 -19.04 -12.75
N SER D 228 -22.97 -19.13 -13.18
CA SER D 228 -23.24 -19.75 -14.46
C SER D 228 -22.10 -19.40 -15.43
N VAL D 229 -21.84 -18.09 -15.57
CA VAL D 229 -20.81 -17.62 -16.45
C VAL D 229 -19.60 -18.52 -16.43
N LEU D 230 -19.17 -18.89 -15.23
CA LEU D 230 -18.00 -19.73 -15.08
C LEU D 230 -18.27 -21.21 -15.18
N LYS D 231 -19.51 -21.61 -14.92
CA LYS D 231 -19.84 -23.03 -15.01
C LYS D 231 -19.93 -23.48 -16.46
N SER D 232 -20.74 -22.77 -17.26
CA SER D 232 -20.96 -23.07 -18.67
C SER D 232 -19.73 -22.87 -19.55
N ARG D 233 -18.83 -22.00 -19.08
CA ARG D 233 -17.60 -21.64 -19.76
C ARG D 233 -16.89 -22.75 -20.52
N LYS D 234 -16.32 -22.41 -21.65
CA LYS D 234 -15.59 -23.35 -22.48
C LYS D 234 -14.33 -22.69 -23.03
N MET D 235 -13.26 -23.48 -23.12
CA MET D 235 -11.98 -22.97 -23.61
C MET D 235 -11.25 -24.02 -24.41
N ALA D 236 -10.27 -23.59 -25.21
CA ALA D 236 -9.44 -24.48 -26.03
C ALA D 236 -8.08 -23.82 -26.36
N TYR D 237 -7.04 -24.65 -26.45
CA TYR D 237 -5.69 -24.18 -26.74
C TYR D 237 -5.42 -24.30 -28.22
N ARG D 238 -5.30 -23.15 -28.89
CA ARG D 238 -5.02 -23.12 -30.31
C ARG D 238 -3.69 -22.40 -30.57
N PRO D 239 -2.57 -23.10 -30.34
CA PRO D 239 -1.26 -22.48 -30.57
C PRO D 239 -1.23 -22.11 -32.03
N PRO D 240 -0.30 -21.25 -32.44
CA PRO D 240 -0.26 -20.89 -33.86
C PRO D 240 0.69 -21.83 -34.60
N LYS D 241 0.54 -21.87 -35.92
CA LYS D 241 1.40 -22.71 -36.73
C LYS D 241 2.09 -21.81 -37.78
N VAL E 1 -5.51 -19.91 -38.22
CA VAL E 1 -5.96 -18.48 -38.27
C VAL E 1 -7.25 -18.24 -37.48
N HIS E 2 -7.77 -17.02 -37.54
CA HIS E 2 -8.98 -16.71 -36.79
C HIS E 2 -10.24 -17.01 -37.56
N ASN E 3 -10.09 -17.53 -38.76
CA ASN E 3 -11.26 -17.85 -39.53
C ASN E 3 -11.73 -19.25 -39.14
N ASP E 4 -10.78 -20.06 -38.66
CA ASP E 4 -11.08 -21.44 -38.25
C ASP E 4 -11.58 -21.54 -36.80
N VAL E 5 -12.07 -20.43 -36.26
CA VAL E 5 -12.56 -20.43 -34.88
C VAL E 5 -14.05 -20.17 -34.83
N THR E 6 -14.75 -20.99 -34.05
CA THR E 6 -16.20 -20.89 -33.87
C THR E 6 -16.62 -21.05 -32.42
N VAL E 7 -17.70 -20.36 -32.05
CA VAL E 7 -18.25 -20.45 -30.70
C VAL E 7 -18.97 -21.78 -30.67
N PRO E 8 -18.52 -22.70 -29.83
CA PRO E 8 -19.12 -24.03 -29.73
C PRO E 8 -20.62 -24.06 -29.44
N ASP E 9 -21.18 -25.27 -29.42
CA ASP E 9 -22.60 -25.42 -29.17
C ASP E 9 -22.95 -25.30 -27.69
N PHE E 10 -23.65 -24.22 -27.35
CA PHE E 10 -24.05 -23.98 -25.99
C PHE E 10 -25.51 -24.33 -25.78
N SER E 11 -26.05 -25.16 -26.65
CA SER E 11 -27.45 -25.53 -26.50
C SER E 11 -27.61 -26.21 -25.16
N ALA E 12 -26.68 -27.10 -24.85
CA ALA E 12 -26.70 -27.84 -23.61
C ALA E 12 -27.09 -26.99 -22.39
N TYR E 13 -26.72 -25.72 -22.41
CA TYR E 13 -26.97 -24.78 -21.30
C TYR E 13 -27.94 -23.63 -21.55
N ARG E 14 -28.19 -23.32 -22.82
CA ARG E 14 -29.08 -22.22 -23.16
C ARG E 14 -30.47 -22.28 -22.54
N ARG E 15 -31.01 -21.12 -22.20
CA ARG E 15 -32.36 -21.08 -21.63
C ARG E 15 -33.30 -21.44 -22.75
N GLU E 16 -34.44 -22.00 -22.41
CA GLU E 16 -35.44 -22.42 -23.39
C GLU E 16 -35.76 -21.38 -24.47
N ASP E 17 -36.00 -20.14 -24.07
CA ASP E 17 -36.36 -19.10 -25.04
C ASP E 17 -35.34 -18.58 -26.03
N VAL E 18 -34.11 -19.04 -25.96
CA VAL E 18 -33.11 -18.58 -26.89
C VAL E 18 -32.32 -19.77 -27.42
N MET E 19 -33.02 -20.85 -27.71
CA MET E 19 -32.35 -22.04 -28.21
C MET E 19 -32.40 -22.16 -29.72
N ASP E 20 -33.39 -21.50 -30.31
CA ASP E 20 -33.54 -21.54 -31.76
C ASP E 20 -32.72 -20.44 -32.40
N ALA E 21 -31.74 -20.83 -33.19
CA ALA E 21 -30.86 -19.89 -33.87
C ALA E 21 -31.59 -19.00 -34.89
N THR E 22 -32.92 -19.02 -34.87
CA THR E 22 -33.69 -18.22 -35.83
C THR E 22 -34.79 -17.35 -35.23
N THR E 23 -34.70 -17.06 -33.93
CA THR E 23 -35.71 -16.24 -33.31
C THR E 23 -35.05 -15.17 -32.43
N SER E 24 -35.44 -13.92 -32.64
CA SER E 24 -34.89 -12.80 -31.90
C SER E 24 -34.93 -12.97 -30.40
N SER E 25 -33.77 -13.16 -29.79
CA SER E 25 -33.72 -13.31 -28.34
C SER E 25 -34.37 -12.08 -27.68
N GLN E 26 -34.13 -10.93 -28.28
CA GLN E 26 -34.62 -9.63 -27.84
C GLN E 26 -36.04 -9.55 -27.25
N THR E 27 -36.96 -10.30 -27.82
CA THR E 27 -38.34 -10.26 -27.33
C THR E 27 -38.47 -11.04 -26.00
N SER E 28 -37.87 -12.21 -25.97
CA SER E 28 -37.90 -13.06 -24.79
C SER E 28 -36.77 -12.67 -23.85
N SER E 29 -36.36 -11.41 -23.86
CA SER E 29 -35.30 -10.96 -22.98
C SER E 29 -35.99 -10.41 -21.74
N GLU E 30 -36.82 -9.41 -21.96
CA GLU E 30 -37.56 -8.78 -20.89
C GLU E 30 -37.96 -9.79 -19.84
N ASP E 31 -38.27 -11.00 -20.27
CA ASP E 31 -38.67 -12.06 -19.35
C ASP E 31 -37.50 -12.67 -18.61
N ARG E 32 -36.51 -13.14 -19.36
CA ARG E 32 -35.33 -13.73 -18.75
C ARG E 32 -34.71 -12.89 -17.62
N LYS E 33 -34.75 -11.56 -17.75
CA LYS E 33 -34.20 -10.68 -16.71
C LYS E 33 -35.24 -10.47 -15.63
N GLY E 34 -36.49 -10.28 -16.06
CA GLY E 34 -37.57 -10.08 -15.12
C GLY E 34 -37.51 -11.14 -14.06
N PHE E 35 -37.38 -12.40 -14.48
CA PHE E 35 -37.30 -13.50 -13.53
C PHE E 35 -36.08 -13.34 -12.63
N SER E 36 -34.89 -13.61 -13.16
CA SER E 36 -33.67 -13.46 -12.36
C SER E 36 -33.76 -12.26 -11.45
N TYR E 37 -34.18 -11.13 -12.00
CA TYR E 37 -34.28 -9.97 -11.17
C TYR E 37 -35.33 -10.12 -10.10
N LEU E 38 -36.39 -10.84 -10.43
CA LEU E 38 -37.49 -11.09 -9.49
C LEU E 38 -36.99 -11.80 -8.24
N VAL E 39 -36.24 -12.87 -8.46
CA VAL E 39 -35.65 -13.66 -7.40
C VAL E 39 -34.87 -12.71 -6.49
N THR E 40 -33.91 -12.02 -7.09
CA THR E 40 -33.08 -11.06 -6.37
C THR E 40 -33.95 -10.06 -5.61
N ALA E 41 -34.88 -9.41 -6.32
CA ALA E 41 -35.79 -8.46 -5.71
C ALA E 41 -36.42 -9.06 -4.47
N THR E 42 -36.97 -10.26 -4.63
CA THR E 42 -37.61 -10.98 -3.53
C THR E 42 -36.63 -11.15 -2.39
N ALA E 43 -35.48 -11.75 -2.71
CA ALA E 43 -34.42 -11.99 -1.76
C ALA E 43 -34.21 -10.75 -0.88
N CYS E 44 -34.30 -9.57 -1.50
CA CYS E 44 -34.17 -8.31 -0.78
C CYS E 44 -35.27 -8.16 0.25
N VAL E 45 -36.51 -8.33 -0.23
CA VAL E 45 -37.65 -8.24 0.65
C VAL E 45 -37.35 -9.16 1.85
N ALA E 46 -37.03 -10.43 1.56
CA ALA E 46 -36.71 -11.41 2.59
C ALA E 46 -35.78 -10.75 3.58
N THR E 47 -34.55 -10.46 3.14
CA THR E 47 -33.55 -9.80 3.97
C THR E 47 -34.19 -8.70 4.79
N ALA E 48 -34.75 -7.73 4.08
CA ALA E 48 -35.43 -6.60 4.69
C ALA E 48 -36.18 -7.07 5.93
N TYR E 49 -37.23 -7.85 5.71
CA TYR E 49 -38.06 -8.38 6.78
C TYR E 49 -37.24 -8.95 7.94
N ALA E 50 -36.34 -9.86 7.61
CA ALA E 50 -35.48 -10.48 8.63
C ALA E 50 -34.86 -9.38 9.49
N ALA E 51 -34.01 -8.59 8.84
CA ALA E 51 -33.29 -7.48 9.46
C ALA E 51 -34.21 -6.58 10.26
N LYS E 52 -35.22 -6.03 9.60
CA LYS E 52 -36.14 -5.16 10.29
C LYS E 52 -36.41 -5.72 11.67
N ASN E 53 -37.05 -6.88 11.72
CA ASN E 53 -37.35 -7.49 13.01
C ASN E 53 -36.14 -7.58 13.93
N VAL E 54 -35.00 -8.07 13.43
CA VAL E 54 -33.81 -8.17 14.27
C VAL E 54 -33.41 -6.83 14.87
N VAL E 55 -33.61 -5.75 14.12
CA VAL E 55 -33.29 -4.43 14.63
C VAL E 55 -34.32 -4.12 15.68
N THR E 56 -35.56 -4.01 15.22
CA THR E 56 -36.70 -3.74 16.08
C THR E 56 -36.42 -4.33 17.45
N GLN E 57 -35.94 -5.57 17.44
CA GLN E 57 -35.63 -6.33 18.65
C GLN E 57 -34.45 -5.80 19.45
N PHE E 58 -33.26 -6.07 18.95
CA PHE E 58 -32.07 -5.63 19.64
C PHE E 58 -32.21 -4.17 20.07
N ILE E 59 -32.97 -3.39 19.34
CA ILE E 59 -33.17 -1.98 19.72
C ILE E 59 -33.96 -1.87 21.01
N SER E 60 -35.08 -2.57 21.13
CA SER E 60 -35.86 -2.51 22.36
C SER E 60 -35.11 -3.25 23.47
N SER E 61 -33.98 -3.87 23.14
CA SER E 61 -33.23 -4.54 24.17
C SER E 61 -32.85 -3.45 25.14
N LEU E 62 -32.71 -2.24 24.61
CA LEU E 62 -32.32 -1.08 25.39
C LEU E 62 -33.46 -0.54 26.21
N SER E 63 -34.58 -0.28 25.54
CA SER E 63 -35.78 0.27 26.15
C SER E 63 -36.02 -0.21 27.57
N ALA E 64 -36.95 0.43 28.25
CA ALA E 64 -37.24 0.06 29.63
C ALA E 64 -37.42 -1.44 29.71
N SER E 65 -36.96 -2.02 30.81
CA SER E 65 -37.06 -3.46 31.04
C SER E 65 -38.46 -3.86 31.55
N ALA E 66 -38.67 -5.15 31.81
CA ALA E 66 -39.97 -5.61 32.28
C ALA E 66 -40.08 -5.57 33.80
N ASP E 67 -38.95 -5.51 34.48
CA ASP E 67 -38.94 -5.48 35.94
C ASP E 67 -39.09 -4.05 36.46
N VAL E 68 -39.46 -3.15 35.56
CA VAL E 68 -39.68 -1.75 35.90
C VAL E 68 -41.12 -1.62 36.38
N LEU E 69 -41.25 -1.12 37.59
CA LEU E 69 -42.52 -0.93 38.28
C LEU E 69 -43.47 0.07 37.60
N ALA E 70 -44.52 0.45 38.34
CA ALA E 70 -45.59 1.36 37.93
C ALA E 70 -46.35 1.36 39.25
N LEU E 71 -45.76 2.06 40.20
CA LEU E 71 -46.34 2.15 41.54
C LEU E 71 -47.55 3.05 41.97
N SER E 72 -47.79 2.94 43.27
CA SER E 72 -48.87 3.61 44.00
C SER E 72 -48.75 5.09 44.36
N LYS E 73 -49.25 5.43 45.54
CA LYS E 73 -49.29 6.79 46.07
C LYS E 73 -48.44 6.95 47.36
N ILE E 74 -48.78 7.97 48.14
CA ILE E 74 -48.09 8.28 49.39
C ILE E 74 -48.96 9.18 50.27
N GLU E 75 -49.21 8.75 51.49
CA GLU E 75 -50.02 9.53 52.42
C GLU E 75 -49.14 10.51 53.16
N ILE E 76 -49.62 11.73 53.33
CA ILE E 76 -48.85 12.77 54.01
C ILE E 76 -49.65 13.61 55.01
N LYS E 77 -49.23 13.57 56.28
CA LYS E 77 -49.89 14.33 57.32
C LYS E 77 -49.62 15.82 57.08
N LEU E 78 -50.66 16.57 56.73
CA LEU E 78 -50.53 18.00 56.46
C LEU E 78 -50.07 18.81 57.66
N SER E 79 -49.78 18.14 58.77
CA SER E 79 -49.33 18.82 59.97
C SER E 79 -47.80 18.84 60.08
N ASP E 80 -47.17 17.81 59.54
CA ASP E 80 -45.71 17.73 59.57
C ASP E 80 -45.17 18.99 58.91
N ILE E 81 -45.99 19.58 58.03
CA ILE E 81 -45.61 20.76 57.29
C ILE E 81 -46.27 22.06 57.79
N PRO E 82 -45.61 22.79 58.70
CA PRO E 82 -46.21 24.04 59.19
C PRO E 82 -46.31 25.05 58.04
N GLU E 83 -46.88 26.21 58.30
CA GLU E 83 -47.06 27.23 57.27
C GLU E 83 -45.76 27.96 56.88
N GLY E 84 -45.66 28.31 55.60
CA GLY E 84 -44.50 29.04 55.08
C GLY E 84 -43.29 28.25 54.63
N LYS E 85 -43.33 26.94 54.81
CA LYS E 85 -42.22 26.06 54.45
C LYS E 85 -42.59 25.00 53.40
N ASN E 86 -41.57 24.36 52.85
CA ASN E 86 -41.72 23.31 51.84
C ASN E 86 -40.91 22.07 52.23
N VAL E 87 -41.32 20.91 51.73
CA VAL E 87 -40.63 19.66 52.05
C VAL E 87 -40.58 18.72 50.85
N ALA E 88 -39.62 17.81 50.85
CA ALA E 88 -39.45 16.86 49.75
C ALA E 88 -39.69 15.44 50.21
N PHE E 89 -40.11 14.59 49.28
CA PHE E 89 -40.39 13.21 49.61
C PHE E 89 -39.97 12.24 48.53
N LYS E 90 -39.45 11.09 48.98
CA LYS E 90 -39.02 10.01 48.10
C LYS E 90 -40.25 9.49 47.38
N TRP E 91 -40.28 9.59 46.05
CA TRP E 91 -41.45 9.13 45.32
C TRP E 91 -41.23 8.89 43.84
N ARG E 92 -41.84 7.82 43.33
CA ARG E 92 -41.75 7.45 41.92
C ARG E 92 -40.49 7.95 41.22
N GLY E 93 -39.33 7.73 41.85
CA GLY E 93 -38.08 8.14 41.26
C GLY E 93 -37.59 9.51 41.70
N LYS E 94 -38.13 10.55 41.08
CA LYS E 94 -37.74 11.92 41.37
C LYS E 94 -38.56 12.51 42.54
N PRO E 95 -37.99 13.51 43.26
CA PRO E 95 -38.62 14.18 44.41
C PRO E 95 -40.12 14.47 44.30
N LEU E 96 -40.65 15.13 45.33
CA LEU E 96 -42.05 15.53 45.40
C LEU E 96 -42.22 16.63 46.44
N PHE E 97 -42.74 17.77 46.00
CA PHE E 97 -42.92 18.90 46.90
C PHE E 97 -44.35 19.10 47.41
N VAL E 98 -44.47 19.30 48.71
CA VAL E 98 -45.75 19.55 49.36
C VAL E 98 -45.43 20.78 50.20
N ARG E 99 -45.92 21.93 49.78
CA ARG E 99 -45.63 23.17 50.47
C ARG E 99 -46.82 23.89 51.07
N HIS E 100 -46.65 24.32 52.32
CA HIS E 100 -47.70 25.06 53.04
C HIS E 100 -47.47 26.53 52.71
N ARG E 101 -48.31 27.07 51.84
CA ARG E 101 -48.18 28.48 51.47
C ARG E 101 -49.07 29.39 52.28
N THR E 102 -48.48 30.48 52.78
CA THR E 102 -49.22 31.47 53.56
C THR E 102 -49.92 32.32 52.51
N GLN E 103 -50.92 33.11 52.89
CA GLN E 103 -51.57 33.93 51.88
C GLN E 103 -50.67 35.13 51.57
N ALA E 104 -49.58 35.27 52.32
CA ALA E 104 -48.61 36.35 52.12
C ALA E 104 -47.86 36.01 50.83
N GLU E 105 -48.11 34.80 50.37
CA GLU E 105 -47.52 34.28 49.14
C GLU E 105 -48.71 34.00 48.24
N ILE E 106 -49.69 33.26 48.78
CA ILE E 106 -50.91 32.87 48.06
C ILE E 106 -51.52 33.98 47.22
N ASN E 107 -51.34 35.23 47.64
CA ASN E 107 -51.88 36.35 46.89
C ASN E 107 -51.03 36.58 45.64
N GLN E 108 -49.74 36.79 45.84
CA GLN E 108 -48.83 37.03 44.72
C GLN E 108 -48.99 36.09 43.52
N GLU E 109 -49.12 34.79 43.78
CA GLU E 109 -49.25 33.77 42.72
C GLU E 109 -50.52 33.79 41.86
N ALA E 110 -51.47 34.65 42.22
CA ALA E 110 -52.72 34.79 41.46
C ALA E 110 -52.72 36.19 40.85
N GLU E 111 -51.96 37.09 41.46
CA GLU E 111 -51.81 38.48 41.04
C GLU E 111 -50.69 38.59 40.01
N VAL E 112 -50.62 37.65 39.07
CA VAL E 112 -49.57 37.71 38.08
C VAL E 112 -50.07 37.58 36.65
N ASP E 113 -49.37 38.24 35.74
CA ASP E 113 -49.71 38.23 34.33
C ASP E 113 -49.93 36.83 33.78
N VAL E 114 -51.15 36.33 33.91
CA VAL E 114 -51.50 35.00 33.42
C VAL E 114 -51.33 34.98 31.89
N SER E 115 -50.93 36.12 31.35
CA SER E 115 -50.72 36.25 29.91
C SER E 115 -49.23 36.34 29.60
N LYS E 116 -48.44 36.77 30.60
CA LYS E 116 -46.98 36.88 30.44
C LYS E 116 -46.25 35.68 31.04
N LEU E 117 -46.94 34.53 31.03
CA LEU E 117 -46.39 33.26 31.54
C LEU E 117 -45.88 32.42 30.38
N ARG E 118 -44.70 31.85 30.54
CA ARG E 118 -44.16 31.00 29.49
C ARG E 118 -45.24 29.94 29.28
N ASP E 119 -45.51 29.20 30.35
CA ASP E 119 -46.54 28.17 30.36
C ASP E 119 -47.74 28.88 31.01
N PRO E 120 -48.73 29.30 30.18
CA PRO E 120 -49.95 30.01 30.60
C PRO E 120 -50.95 29.26 31.48
N GLN E 121 -50.94 29.56 32.78
CA GLN E 121 -51.84 28.94 33.74
C GLN E 121 -52.03 29.82 34.98
N HIS E 122 -53.21 29.69 35.61
CA HIS E 122 -53.54 30.46 36.80
C HIS E 122 -53.26 29.60 38.04
N ASP E 123 -52.62 30.19 39.04
CA ASP E 123 -52.31 29.49 40.28
C ASP E 123 -53.50 28.69 40.80
N LEU E 124 -54.69 28.98 40.26
CA LEU E 124 -55.92 28.29 40.65
C LEU E 124 -56.09 26.91 40.03
N ASP E 125 -55.91 26.80 38.71
CA ASP E 125 -56.08 25.52 38.03
C ASP E 125 -54.89 24.53 38.10
N ARG E 126 -53.96 24.80 39.01
CA ARG E 126 -52.79 23.93 39.22
C ARG E 126 -52.98 23.23 40.56
N VAL E 127 -53.48 23.99 41.53
CA VAL E 127 -53.73 23.48 42.87
C VAL E 127 -55.18 23.74 43.28
N LYS E 128 -55.67 23.01 44.28
CA LYS E 128 -57.02 23.19 44.74
C LYS E 128 -57.05 24.01 46.03
N LYS E 129 -56.60 23.46 47.15
CA LYS E 129 -56.59 24.25 48.37
C LYS E 129 -55.46 25.26 48.29
N PRO E 130 -55.80 26.55 48.19
CA PRO E 130 -54.90 27.71 48.08
C PRO E 130 -53.70 27.80 49.03
N GLU E 131 -53.72 27.06 50.15
CA GLU E 131 -52.60 27.12 51.09
C GLU E 131 -51.66 25.92 50.95
N TRP E 132 -52.03 24.99 50.07
CA TRP E 132 -51.23 23.78 49.80
C TRP E 132 -50.93 23.60 48.32
N VAL E 133 -49.65 23.62 47.98
CA VAL E 133 -49.20 23.43 46.60
C VAL E 133 -48.34 22.17 46.51
N ILE E 134 -48.53 21.41 45.45
CA ILE E 134 -47.78 20.18 45.25
C ILE E 134 -47.35 20.02 43.80
N LEU E 135 -46.14 19.50 43.61
CA LEU E 135 -45.59 19.33 42.26
C LEU E 135 -44.36 18.40 42.23
N VAL E 136 -44.08 17.87 41.05
CA VAL E 136 -42.94 16.97 40.85
C VAL E 136 -41.64 17.78 40.79
N GLY E 137 -40.89 17.75 41.89
CA GLY E 137 -39.63 18.48 41.99
C GLY E 137 -38.58 18.21 40.93
N VAL E 138 -38.95 18.42 39.67
CA VAL E 138 -38.06 18.20 38.56
C VAL E 138 -38.03 19.38 37.62
N CYS E 139 -36.90 20.07 37.55
CA CYS E 139 -36.78 21.21 36.65
C CYS E 139 -37.15 20.70 35.28
N THR E 140 -37.98 21.43 34.55
CA THR E 140 -38.37 20.96 33.22
C THR E 140 -37.16 20.91 32.30
N HIS E 141 -36.32 21.93 32.39
CA HIS E 141 -35.12 22.05 31.55
C HIS E 141 -34.47 20.71 31.26
N LEU E 142 -33.52 20.37 32.12
CA LEU E 142 -32.79 19.13 32.02
C LEU E 142 -32.68 18.43 33.38
N GLY E 143 -33.83 18.00 33.88
CA GLY E 143 -33.95 17.26 35.13
C GLY E 143 -33.18 17.50 36.42
N CYS E 144 -32.88 18.74 36.81
CA CYS E 144 -32.18 18.93 38.08
C CYS E 144 -33.26 19.24 39.10
N VAL E 145 -32.98 18.95 40.37
CA VAL E 145 -33.96 19.21 41.45
C VAL E 145 -33.92 20.65 41.92
N PRO E 146 -34.92 21.45 41.50
CA PRO E 146 -34.99 22.87 41.88
C PRO E 146 -34.81 23.02 43.38
N ILE E 147 -34.07 24.03 43.80
CA ILE E 147 -33.86 24.26 45.23
C ILE E 147 -35.07 25.05 45.77
N ALA E 148 -35.71 24.54 46.82
CA ALA E 148 -36.86 25.22 47.40
C ALA E 148 -36.37 26.37 48.28
N ASN E 149 -36.94 27.55 48.06
CA ASN E 149 -36.58 28.73 48.82
C ASN E 149 -35.27 29.38 48.36
N SER E 150 -35.39 30.15 47.28
CA SER E 150 -34.31 30.90 46.65
C SER E 150 -34.75 31.28 45.23
N GLY E 151 -34.12 32.31 44.67
CA GLY E 151 -34.49 32.78 43.34
C GLY E 151 -35.12 34.14 43.46
N ASP E 152 -35.45 34.76 42.33
CA ASP E 152 -36.05 36.08 42.36
C ASP E 152 -37.57 36.02 42.29
N PHE E 153 -38.15 34.91 42.73
CA PHE E 153 -39.60 34.75 42.71
C PHE E 153 -40.11 33.94 43.91
N GLY E 154 -39.37 34.03 45.02
CA GLY E 154 -39.75 33.35 46.26
C GLY E 154 -40.38 31.98 46.13
N GLY E 155 -40.07 31.27 45.05
CA GLY E 155 -40.61 29.95 44.85
C GLY E 155 -39.46 28.97 44.84
N TYR E 156 -38.81 28.85 43.68
CA TYR E 156 -37.70 27.94 43.55
C TYR E 156 -36.57 28.49 42.67
N TYR E 157 -35.58 27.62 42.45
CA TYR E 157 -34.41 27.94 41.63
C TYR E 157 -33.63 26.67 41.36
N CYS E 158 -33.57 26.27 40.10
CA CYS E 158 -32.80 25.09 39.73
C CYS E 158 -31.39 25.59 39.45
N PRO E 159 -30.43 25.30 40.34
CA PRO E 159 -29.04 25.73 40.19
C PRO E 159 -28.22 25.23 39.00
N CYS E 160 -28.80 24.34 38.19
CA CYS E 160 -28.07 23.83 37.03
C CYS E 160 -27.91 24.87 35.92
N HIS E 161 -28.98 25.61 35.63
CA HIS E 161 -28.91 26.64 34.60
C HIS E 161 -29.73 27.88 34.89
N GLY E 162 -29.84 28.21 36.17
CA GLY E 162 -30.55 29.40 36.60
C GLY E 162 -32.01 29.55 36.22
N SER E 163 -32.82 28.53 36.44
CA SER E 163 -34.24 28.64 36.13
C SER E 163 -34.91 29.12 37.42
N HIS E 164 -35.84 30.06 37.29
CA HIS E 164 -36.54 30.59 38.45
C HIS E 164 -37.97 30.12 38.44
N TYR E 165 -38.45 29.66 39.59
CA TYR E 165 -39.82 29.19 39.70
C TYR E 165 -40.53 29.94 40.79
N ASP E 166 -41.83 30.16 40.60
CA ASP E 166 -42.64 30.86 41.58
C ASP E 166 -43.23 29.84 42.56
N ALA E 167 -43.76 30.34 43.68
CA ALA E 167 -44.35 29.51 44.71
C ALA E 167 -45.45 28.58 44.17
N SER E 168 -45.83 28.79 42.91
CA SER E 168 -46.85 27.96 42.29
C SER E 168 -46.12 26.88 41.52
N GLY E 169 -44.81 27.03 41.42
CA GLY E 169 -43.99 26.08 40.71
C GLY E 169 -44.00 26.34 39.22
N ARG E 170 -44.24 27.59 38.85
CA ARG E 170 -44.27 27.95 37.44
C ARG E 170 -42.91 28.51 37.06
N ILE E 171 -42.55 28.35 35.78
CA ILE E 171 -41.29 28.86 35.29
C ILE E 171 -41.48 30.32 34.94
N ARG E 172 -40.70 31.18 35.58
CA ARG E 172 -40.81 32.61 35.35
C ARG E 172 -39.61 33.21 34.58
N LYS E 173 -38.40 32.95 35.07
CA LYS E 173 -37.19 33.45 34.42
C LYS E 173 -36.23 32.27 34.21
N GLY E 174 -35.50 32.30 33.08
CA GLY E 174 -34.55 31.23 32.79
C GLY E 174 -34.76 30.47 31.48
N PRO E 175 -34.08 29.31 31.31
CA PRO E 175 -34.19 28.47 30.12
C PRO E 175 -35.28 27.40 30.22
N ALA E 176 -35.72 27.12 31.44
CA ALA E 176 -36.78 26.14 31.67
C ALA E 176 -37.97 26.57 30.84
N PRO E 177 -38.51 25.68 30.01
CA PRO E 177 -39.67 25.97 29.15
C PRO E 177 -41.05 25.68 29.71
N TYR E 178 -41.19 24.75 30.66
CA TYR E 178 -42.52 24.46 31.22
C TYR E 178 -42.57 24.69 32.72
N ASN E 179 -43.77 24.70 33.29
CA ASN E 179 -43.91 24.89 34.72
C ASN E 179 -43.94 23.50 35.35
N LEU E 180 -43.36 23.38 36.55
CA LEU E 180 -43.30 22.12 37.26
C LEU E 180 -44.52 21.25 37.01
N GLU E 181 -44.31 19.94 37.08
CA GLU E 181 -45.37 18.98 36.85
C GLU E 181 -46.30 18.93 38.07
N VAL E 182 -47.61 19.02 37.83
CA VAL E 182 -48.57 18.97 38.90
C VAL E 182 -49.18 17.57 38.96
N PRO E 183 -48.95 16.85 40.06
CA PRO E 183 -49.46 15.49 40.24
C PRO E 183 -50.98 15.45 40.44
N THR E 184 -51.54 14.26 40.43
CA THR E 184 -52.97 14.07 40.62
C THR E 184 -53.18 13.59 42.06
N TYR E 185 -53.87 14.40 42.88
CA TYR E 185 -54.06 14.02 44.28
C TYR E 185 -55.50 14.11 44.83
N GLN E 186 -55.61 14.49 46.10
CA GLN E 186 -56.92 14.58 46.77
C GLN E 186 -56.70 14.82 48.28
N PHE E 187 -57.58 15.63 48.89
CA PHE E 187 -57.50 15.94 50.33
C PHE E 187 -58.55 15.12 51.12
N VAL E 188 -58.35 13.81 51.22
CA VAL E 188 -59.28 12.93 51.93
C VAL E 188 -59.27 13.08 53.45
N GLY E 189 -59.02 14.29 53.93
CA GLY E 189 -59.00 14.50 55.38
C GLY E 189 -58.94 15.93 55.88
N ASP E 190 -58.84 16.06 57.19
CA ASP E 190 -58.76 17.36 57.86
C ASP E 190 -57.31 17.84 57.73
N ASP E 191 -56.39 16.96 58.14
CA ASP E 191 -54.96 17.22 58.10
C ASP E 191 -54.18 16.06 57.47
N LEU E 192 -54.82 15.33 56.57
CA LEU E 192 -54.19 14.19 55.89
C LEU E 192 -54.52 14.23 54.40
N VAL E 193 -53.50 14.45 53.57
CA VAL E 193 -53.68 14.50 52.13
C VAL E 193 -52.98 13.36 51.42
N VAL E 194 -53.65 12.80 50.42
CA VAL E 194 -53.10 11.69 49.65
C VAL E 194 -52.72 12.14 48.25
N VAL E 195 -51.54 11.73 47.79
CA VAL E 195 -51.06 12.07 46.46
C VAL E 195 -50.85 10.79 45.66
N GLY E 196 -51.33 10.77 44.41
CA GLY E 196 -51.18 9.60 43.57
C GLY E 196 -52.47 9.17 42.91
N GLY F 10 11.46 -58.90 -10.50
CA GLY F 10 10.04 -58.66 -10.07
C GLY F 10 9.49 -57.28 -10.37
N ARG F 11 8.45 -57.20 -11.21
CA ARG F 11 7.87 -55.92 -11.55
C ARG F 11 7.20 -55.21 -10.40
N LEU F 12 7.24 -55.82 -9.22
CA LEU F 12 6.62 -55.23 -8.03
C LEU F 12 6.68 -53.72 -8.00
N MET F 13 7.89 -53.16 -7.97
CA MET F 13 8.01 -51.72 -7.95
C MET F 13 7.28 -51.10 -9.11
N ASP F 14 7.52 -51.57 -10.32
CA ASP F 14 6.81 -50.99 -11.44
C ASP F 14 5.31 -51.12 -11.25
N ARG F 15 4.83 -52.33 -11.01
CA ARG F 15 3.38 -52.57 -10.79
C ARG F 15 2.79 -51.62 -9.73
N ILE F 16 3.62 -51.19 -8.78
CA ILE F 16 3.18 -50.28 -7.71
C ILE F 16 3.10 -48.85 -8.17
N ARG F 17 4.21 -48.30 -8.65
CA ARG F 17 4.20 -46.94 -9.12
C ARG F 17 3.00 -46.78 -10.03
N LYS F 18 2.88 -47.68 -10.99
CA LYS F 18 1.77 -47.66 -11.95
C LYS F 18 0.46 -47.62 -11.19
N TRP F 19 0.46 -48.20 -9.99
CA TRP F 19 -0.77 -48.16 -9.21
C TRP F 19 -0.99 -46.76 -8.65
N TYR F 20 -0.18 -46.43 -7.65
CA TYR F 20 -0.25 -45.13 -6.98
C TYR F 20 -0.58 -44.07 -8.00
N TYR F 21 -0.02 -44.21 -9.20
CA TYR F 21 -0.30 -43.22 -10.23
C TYR F 21 -1.78 -43.17 -10.53
N ASN F 22 -2.36 -44.31 -10.83
CA ASN F 22 -3.79 -44.34 -11.11
C ASN F 22 -4.55 -43.93 -9.85
N ALA F 23 -3.94 -44.16 -8.70
CA ALA F 23 -4.53 -43.83 -7.41
C ALA F 23 -4.65 -42.33 -7.23
N ALA F 24 -3.53 -41.63 -7.34
CA ALA F 24 -3.51 -40.18 -7.20
C ALA F 24 -4.56 -39.62 -8.11
N GLY F 25 -4.68 -40.24 -9.28
CA GLY F 25 -5.69 -39.84 -10.25
C GLY F 25 -5.69 -38.39 -10.68
N PHE F 26 -4.52 -37.78 -10.75
CA PHE F 26 -4.48 -36.40 -11.18
C PHE F 26 -4.64 -36.44 -12.68
N ASN F 27 -4.26 -37.58 -13.23
CA ASN F 27 -4.36 -37.81 -14.64
C ASN F 27 -5.80 -37.75 -15.10
N LYS F 28 -6.74 -37.68 -14.16
CA LYS F 28 -8.14 -37.62 -14.56
C LYS F 28 -8.47 -36.18 -14.93
N TYR F 29 -7.57 -35.29 -14.53
CA TYR F 29 -7.74 -33.89 -14.83
C TYR F 29 -6.92 -33.60 -16.08
N GLY F 30 -6.21 -34.62 -16.55
CA GLY F 30 -5.39 -34.47 -17.74
C GLY F 30 -4.12 -33.73 -17.43
N LEU F 31 -3.65 -33.86 -16.19
CA LEU F 31 -2.45 -33.19 -15.73
C LEU F 31 -1.31 -34.19 -15.74
N MET F 32 -0.11 -33.70 -15.97
CA MET F 32 1.08 -34.56 -15.96
C MET F 32 1.63 -34.58 -14.54
N ARG F 33 2.40 -35.62 -14.21
CA ARG F 33 2.97 -35.70 -12.88
C ARG F 33 3.53 -34.32 -12.58
N ASP F 34 4.63 -34.01 -13.25
CA ASP F 34 5.27 -32.73 -13.06
C ASP F 34 4.30 -31.54 -13.04
N ASP F 35 3.15 -31.67 -13.68
CA ASP F 35 2.23 -30.57 -13.69
C ASP F 35 1.81 -30.24 -12.26
N THR F 36 1.75 -31.27 -11.41
CA THR F 36 1.30 -31.09 -10.03
C THR F 36 2.31 -30.58 -9.01
N LEU F 37 3.59 -30.70 -9.32
CA LEU F 37 4.60 -30.25 -8.38
C LEU F 37 4.19 -28.96 -7.72
N TYR F 38 4.46 -28.83 -6.42
CA TYR F 38 4.14 -27.61 -5.70
C TYR F 38 5.26 -26.68 -6.10
N GLU F 39 4.93 -25.45 -6.52
CA GLU F 39 5.93 -24.48 -6.99
C GLU F 39 6.87 -23.83 -5.99
N ASP F 40 7.95 -24.51 -5.61
CA ASP F 40 8.87 -23.91 -4.66
C ASP F 40 9.98 -23.16 -5.39
N ASP F 41 10.83 -22.49 -4.63
CA ASP F 41 11.92 -21.69 -5.19
C ASP F 41 12.71 -22.38 -6.31
N ASP F 42 12.88 -23.69 -6.23
CA ASP F 42 13.59 -24.44 -7.24
C ASP F 42 12.72 -24.62 -8.47
N VAL F 43 11.60 -25.31 -8.27
CA VAL F 43 10.66 -25.54 -9.34
C VAL F 43 10.52 -24.21 -10.06
N LYS F 44 10.18 -23.16 -9.32
CA LYS F 44 9.99 -21.84 -9.88
C LYS F 44 11.05 -21.56 -10.90
N GLU F 45 12.32 -21.77 -10.53
CA GLU F 45 13.42 -21.56 -11.48
C GLU F 45 13.32 -22.56 -12.62
N ALA F 46 13.05 -23.82 -12.32
CA ALA F 46 12.95 -24.80 -13.39
C ALA F 46 11.96 -24.26 -14.42
N LEU F 47 10.73 -24.07 -13.99
CA LEU F 47 9.70 -23.55 -14.88
C LEU F 47 10.16 -22.38 -15.73
N LYS F 48 10.99 -21.50 -15.19
CA LYS F 48 11.45 -20.35 -15.96
C LYS F 48 12.37 -20.79 -17.10
N ARG F 49 12.96 -21.97 -16.98
CA ARG F 49 13.85 -22.48 -18.02
C ARG F 49 13.14 -23.21 -19.14
N LEU F 50 11.88 -23.56 -18.94
CA LEU F 50 11.13 -24.27 -19.97
C LEU F 50 11.03 -23.54 -21.31
N PRO F 51 11.19 -24.29 -22.41
CA PRO F 51 11.13 -23.78 -23.77
C PRO F 51 9.71 -23.23 -23.86
N GLU F 52 9.51 -22.18 -24.64
CA GLU F 52 8.17 -21.62 -24.69
C GLU F 52 7.01 -22.57 -25.05
N ASP F 53 7.20 -23.46 -26.01
CA ASP F 53 6.09 -24.36 -26.30
C ASP F 53 5.76 -25.20 -25.03
N LEU F 54 6.68 -26.04 -24.58
CA LEU F 54 6.44 -26.89 -23.41
C LEU F 54 5.85 -26.16 -22.23
N TYR F 55 5.94 -24.84 -22.25
CA TYR F 55 5.43 -24.01 -21.16
C TYR F 55 3.99 -23.58 -21.39
N ASN F 56 3.72 -22.89 -22.47
CA ASN F 56 2.36 -22.46 -22.70
C ASN F 56 1.47 -23.66 -22.60
N GLU F 57 2.00 -24.81 -23.01
CA GLU F 57 1.26 -26.06 -22.96
C GLU F 57 0.90 -26.40 -21.51
N ARG F 58 1.94 -26.55 -20.68
CA ARG F 58 1.76 -26.85 -19.26
C ARG F 58 0.68 -25.93 -18.69
N MET F 59 0.80 -24.64 -18.98
CA MET F 59 -0.17 -23.68 -18.47
C MET F 59 -1.58 -24.06 -18.86
N PHE F 60 -1.84 -24.16 -20.15
CA PHE F 60 -3.19 -24.53 -20.58
C PHE F 60 -3.69 -25.75 -19.86
N ARG F 61 -2.84 -26.77 -19.77
CA ARG F 61 -3.20 -28.00 -19.07
C ARG F 61 -3.77 -27.68 -17.69
N ILE F 62 -3.17 -26.70 -17.02
CA ILE F 62 -3.59 -26.26 -15.70
C ILE F 62 -4.87 -25.43 -15.80
N LYS F 63 -4.86 -24.38 -16.62
CA LYS F 63 -6.03 -23.54 -16.77
C LYS F 63 -7.23 -24.38 -17.14
N ARG F 64 -6.99 -25.60 -17.59
CA ARG F 64 -8.06 -26.51 -17.96
C ARG F 64 -8.46 -27.26 -16.70
N ALA F 65 -7.45 -27.69 -15.95
CA ALA F 65 -7.65 -28.41 -14.70
C ALA F 65 -8.44 -27.53 -13.78
N LEU F 66 -8.08 -26.26 -13.73
CA LEU F 66 -8.79 -25.33 -12.87
C LEU F 66 -10.23 -25.28 -13.31
N ASP F 67 -10.44 -25.02 -14.60
CA ASP F 67 -11.79 -24.92 -15.14
C ASP F 67 -12.59 -26.13 -14.72
N LEU F 68 -11.94 -27.28 -14.71
CA LEU F 68 -12.61 -28.49 -14.26
C LEU F 68 -12.96 -28.28 -12.79
N SER F 69 -11.95 -28.38 -11.94
CA SER F 69 -12.10 -28.24 -10.49
C SER F 69 -13.15 -27.24 -10.03
N LEU F 70 -13.45 -26.24 -10.86
CA LEU F 70 -14.43 -25.21 -10.51
C LEU F 70 -15.80 -25.66 -10.93
N LYS F 71 -15.83 -26.56 -11.91
CA LYS F 71 -17.09 -27.10 -12.41
C LYS F 71 -17.41 -28.39 -11.66
N HIS F 72 -16.41 -28.89 -10.93
CA HIS F 72 -16.55 -30.12 -10.16
C HIS F 72 -16.53 -31.34 -11.04
N ARG F 73 -15.88 -31.23 -12.18
CA ARG F 73 -15.82 -32.34 -13.12
C ARG F 73 -14.41 -32.75 -13.48
N ILE F 74 -14.34 -33.76 -14.34
CA ILE F 74 -13.07 -34.28 -14.84
C ILE F 74 -13.18 -34.58 -16.33
N LEU F 75 -12.12 -35.17 -16.87
CA LEU F 75 -12.08 -35.51 -18.29
C LEU F 75 -12.71 -36.87 -18.58
N PRO F 76 -13.33 -37.02 -19.74
CA PRO F 76 -13.92 -38.32 -20.05
C PRO F 76 -12.76 -39.31 -20.08
N LYS F 77 -12.89 -40.41 -19.37
CA LYS F 77 -11.86 -41.45 -19.28
C LYS F 77 -10.90 -41.49 -20.47
N GLU F 78 -11.45 -41.37 -21.67
CA GLU F 78 -10.67 -41.40 -22.92
C GLU F 78 -9.46 -40.46 -22.88
N GLN F 79 -9.66 -39.24 -22.39
CA GLN F 79 -8.61 -38.24 -22.35
C GLN F 79 -7.80 -38.24 -21.06
N TRP F 80 -7.92 -39.27 -20.25
CA TRP F 80 -7.12 -39.30 -19.04
C TRP F 80 -5.68 -39.51 -19.48
N VAL F 81 -4.72 -39.15 -18.63
CA VAL F 81 -3.30 -39.35 -18.97
C VAL F 81 -2.90 -40.75 -18.57
N LYS F 82 -2.25 -41.46 -19.49
CA LYS F 82 -1.83 -42.82 -19.17
C LYS F 82 -0.41 -42.87 -18.58
N TYR F 83 -0.28 -43.59 -17.46
CA TYR F 83 0.99 -43.72 -16.76
C TYR F 83 2.21 -43.67 -17.66
N GLU F 84 2.31 -44.63 -18.58
CA GLU F 84 3.47 -44.67 -19.45
C GLU F 84 3.64 -43.48 -20.39
N GLU F 85 2.59 -42.69 -20.57
CA GLU F 85 2.70 -41.56 -21.49
C GLU F 85 2.91 -40.24 -20.78
N ASP F 86 3.07 -40.26 -19.46
CA ASP F 86 3.28 -39.01 -18.75
C ASP F 86 4.65 -38.47 -19.10
N LYS F 87 4.72 -37.23 -19.58
CA LYS F 87 6.01 -36.67 -19.96
C LYS F 87 6.68 -35.83 -18.86
N PRO F 88 7.71 -36.39 -18.19
CA PRO F 88 8.41 -35.65 -17.14
C PRO F 88 9.14 -34.51 -17.82
N TYR F 89 8.38 -33.52 -18.24
CA TYR F 89 8.94 -32.39 -18.94
C TYR F 89 9.87 -31.51 -18.11
N LEU F 90 9.72 -31.55 -16.79
CA LEU F 90 10.53 -30.69 -15.89
C LEU F 90 11.57 -31.43 -15.04
N GLU F 91 11.27 -32.68 -14.70
CA GLU F 91 12.15 -33.49 -13.87
C GLU F 91 13.60 -33.19 -14.15
N PRO F 92 14.06 -33.41 -15.40
CA PRO F 92 15.47 -33.11 -15.63
C PRO F 92 15.88 -31.64 -15.36
N TYR F 93 15.16 -30.67 -15.92
CA TYR F 93 15.47 -29.25 -15.68
C TYR F 93 15.65 -29.01 -14.19
N LEU F 94 14.62 -29.38 -13.44
CA LEU F 94 14.63 -29.23 -12.00
C LEU F 94 15.93 -29.77 -11.43
N LYS F 95 16.14 -31.08 -11.54
CA LYS F 95 17.34 -31.71 -11.01
C LYS F 95 18.59 -30.85 -11.16
N GLU F 96 18.80 -30.35 -12.37
CA GLU F 96 19.97 -29.52 -12.66
C GLU F 96 19.96 -28.34 -11.72
N VAL F 97 18.85 -27.61 -11.73
CA VAL F 97 18.69 -26.44 -10.88
C VAL F 97 19.23 -26.82 -9.51
N ILE F 98 18.59 -27.79 -8.89
CA ILE F 98 19.02 -28.27 -7.57
C ILE F 98 20.53 -28.50 -7.56
N ARG F 99 21.04 -29.23 -8.56
CA ARG F 99 22.46 -29.51 -8.61
C ARG F 99 23.23 -28.20 -8.50
N GLU F 100 22.95 -27.28 -9.43
CA GLU F 100 23.64 -26.00 -9.41
C GLU F 100 23.67 -25.44 -8.02
N ARG F 101 22.49 -25.33 -7.42
CA ARG F 101 22.40 -24.78 -6.08
C ARG F 101 23.35 -25.52 -5.13
N LEU F 102 23.10 -26.81 -4.92
CA LEU F 102 23.93 -27.57 -4.02
C LEU F 102 25.42 -27.26 -4.15
N GLU F 103 25.89 -26.99 -5.37
CA GLU F 103 27.30 -26.66 -5.62
C GLU F 103 27.58 -25.25 -5.08
N ARG F 104 26.67 -24.32 -5.36
CA ARG F 104 26.83 -22.97 -4.87
C ARG F 104 26.79 -23.04 -3.36
N GLU F 105 25.80 -23.76 -2.83
CA GLU F 105 25.63 -23.89 -1.38
C GLU F 105 26.85 -24.39 -0.64
N ALA F 106 27.35 -25.57 -1.02
CA ALA F 106 28.53 -26.14 -0.36
C ALA F 106 29.78 -25.30 -0.63
N TRP F 107 29.85 -24.66 -1.79
CA TRP F 107 30.99 -23.84 -2.15
C TRP F 107 31.12 -22.61 -1.25
N ASN F 108 30.03 -22.22 -0.59
CA ASN F 108 30.07 -21.04 0.30
C ASN F 108 30.38 -21.41 1.76
N LYS F 109 30.56 -22.71 1.99
CA LYS F 109 30.92 -23.26 3.29
C LYS F 109 32.44 -23.38 3.28
N LYS F 110 32.99 -23.56 2.08
CA LYS F 110 34.44 -23.66 1.90
C LYS F 110 35.02 -22.36 2.42
N GLY G 1 -1.35 -4.73 -3.51
CA GLY G 1 -2.63 -4.03 -3.88
C GLY G 1 -3.37 -4.63 -5.07
N ILE G 2 -3.34 -3.93 -6.20
CA ILE G 2 -3.99 -4.40 -7.43
C ILE G 2 -3.17 -5.57 -7.99
N HIS G 3 -3.79 -6.73 -8.15
CA HIS G 3 -3.07 -7.88 -8.66
C HIS G 3 -3.45 -8.23 -10.09
N PHE G 4 -4.58 -7.76 -10.57
CA PHE G 4 -4.98 -8.10 -11.93
C PHE G 4 -4.17 -7.43 -13.04
N GLY G 5 -3.24 -8.21 -13.62
CA GLY G 5 -2.41 -7.70 -14.69
C GLY G 5 -0.98 -8.24 -14.61
N ASN G 6 -0.51 -8.52 -13.41
CA ASN G 6 0.84 -9.06 -13.21
C ASN G 6 0.75 -10.58 -13.19
N LEU G 7 -0.31 -11.08 -12.56
CA LEU G 7 -0.61 -12.50 -12.40
C LEU G 7 0.26 -13.51 -13.13
N ALA G 8 0.20 -13.54 -14.47
CA ALA G 8 1.05 -14.48 -15.22
C ALA G 8 1.02 -14.26 -16.73
N ARG G 9 2.00 -14.86 -17.42
CA ARG G 9 2.15 -14.76 -18.88
C ARG G 9 1.41 -15.92 -19.47
N VAL G 10 0.47 -15.63 -20.36
CA VAL G 10 -0.34 -16.66 -20.96
C VAL G 10 -0.52 -16.44 -22.43
N ARG G 11 -0.33 -17.49 -23.21
CA ARG G 11 -0.49 -17.40 -24.66
C ARG G 11 -1.37 -18.50 -25.27
N HIS G 12 -2.28 -18.07 -26.15
CA HIS G 12 -3.18 -18.94 -26.90
C HIS G 12 -4.17 -19.72 -26.08
N ILE G 13 -5.22 -19.07 -25.63
CA ILE G 13 -6.22 -19.75 -24.85
C ILE G 13 -7.48 -18.97 -25.08
N ILE G 14 -8.33 -19.55 -25.89
CA ILE G 14 -9.58 -18.93 -26.24
C ILE G 14 -10.65 -19.48 -25.30
N THR G 15 -11.45 -18.57 -24.74
CA THR G 15 -12.50 -18.95 -23.82
C THR G 15 -13.78 -18.29 -24.25
N TYR G 16 -14.87 -19.06 -24.25
CA TYR G 16 -16.16 -18.50 -24.62
C TYR G 16 -17.09 -18.76 -23.46
N SER G 17 -17.84 -17.73 -23.06
CA SER G 17 -18.81 -17.83 -21.96
C SER G 17 -20.01 -17.00 -22.41
N LEU G 18 -21.20 -17.36 -21.92
CA LEU G 18 -22.41 -16.63 -22.31
C LEU G 18 -22.97 -15.88 -21.12
N SER G 19 -23.58 -14.73 -21.39
CA SER G 19 -24.18 -13.92 -20.34
C SER G 19 -25.07 -14.84 -19.49
N PRO G 20 -25.21 -14.54 -18.20
CA PRO G 20 -26.03 -15.39 -17.33
C PRO G 20 -27.49 -15.38 -17.71
N PHE G 21 -27.91 -14.33 -18.37
CA PHE G 21 -29.28 -14.23 -18.79
C PHE G 21 -29.60 -15.03 -20.03
N GLU G 22 -28.60 -15.65 -20.64
CA GLU G 22 -28.82 -16.46 -21.83
C GLU G 22 -28.73 -17.92 -21.42
N GLN G 23 -28.27 -18.20 -20.21
CA GLN G 23 -28.16 -19.60 -19.80
C GLN G 23 -28.96 -19.99 -18.58
N ARG G 24 -29.17 -21.29 -18.44
CA ARG G 24 -29.94 -21.87 -17.33
C ARG G 24 -29.14 -21.87 -16.03
N ALA G 25 -29.82 -21.58 -14.93
CA ALA G 25 -29.21 -21.51 -13.61
C ALA G 25 -28.55 -22.81 -13.15
N ILE G 26 -29.36 -23.86 -13.02
CA ILE G 26 -28.90 -25.19 -12.60
C ILE G 26 -29.39 -26.17 -13.67
N PRO G 27 -28.72 -26.20 -14.81
CA PRO G 27 -29.05 -27.07 -15.93
C PRO G 27 -28.58 -28.50 -15.85
N ASN G 28 -29.28 -29.37 -16.60
CA ASN G 28 -28.99 -30.80 -16.66
C ASN G 28 -28.86 -31.40 -15.27
N ILE G 29 -29.83 -31.06 -14.42
CA ILE G 29 -29.85 -31.52 -13.04
C ILE G 29 -29.70 -33.02 -12.98
N PHE G 30 -30.13 -33.71 -14.04
CA PHE G 30 -30.03 -35.17 -14.06
C PHE G 30 -28.93 -35.66 -14.98
N SER G 31 -29.17 -35.55 -16.26
CA SER G 31 -28.21 -36.00 -17.25
C SER G 31 -26.76 -35.77 -16.87
N ASP G 32 -26.52 -34.62 -16.23
CA ASP G 32 -25.17 -34.18 -15.84
C ASP G 32 -24.94 -34.11 -14.33
N ALA G 33 -25.64 -33.20 -13.68
CA ALA G 33 -25.50 -33.00 -12.25
C ALA G 33 -25.36 -34.27 -11.42
N LEU G 34 -26.47 -34.71 -10.85
CA LEU G 34 -26.49 -35.89 -10.03
C LEU G 34 -25.40 -36.90 -10.36
N PRO G 35 -25.39 -37.46 -11.57
CA PRO G 35 -24.37 -38.44 -11.94
C PRO G 35 -23.02 -38.14 -11.34
N ASN G 36 -22.55 -36.91 -11.49
CA ASN G 36 -21.26 -36.52 -10.94
C ASN G 36 -21.26 -36.53 -9.43
N VAL G 37 -22.40 -36.18 -8.86
CA VAL G 37 -22.51 -36.19 -7.42
C VAL G 37 -22.23 -37.61 -6.99
N TRP G 38 -22.83 -38.56 -7.68
CA TRP G 38 -22.62 -39.96 -7.34
C TRP G 38 -21.16 -40.27 -7.60
N ARG G 39 -20.70 -39.93 -8.79
CA ARG G 39 -19.30 -40.16 -9.21
C ARG G 39 -18.34 -39.79 -8.09
N ARG G 40 -18.51 -38.56 -7.61
CA ARG G 40 -17.70 -37.99 -6.52
C ARG G 40 -17.87 -38.82 -5.26
N PHE G 41 -19.09 -38.84 -4.71
CA PHE G 41 -19.40 -39.61 -3.52
C PHE G 41 -18.66 -40.93 -3.58
N SER G 42 -18.89 -41.71 -4.64
CA SER G 42 -18.22 -43.01 -4.81
C SER G 42 -16.72 -42.99 -4.49
N SER G 43 -15.95 -42.46 -5.43
CA SER G 43 -14.50 -42.37 -5.29
C SER G 43 -14.02 -42.01 -3.89
N GLN G 44 -14.79 -41.19 -3.17
CA GLN G 44 -14.44 -40.73 -1.82
C GLN G 44 -14.87 -41.54 -0.60
N VAL G 45 -16.05 -42.16 -0.70
CA VAL G 45 -16.60 -42.96 0.39
C VAL G 45 -15.61 -43.94 0.98
N PHE G 46 -14.82 -44.59 0.13
CA PHE G 46 -13.85 -45.57 0.61
C PHE G 46 -12.61 -45.03 1.26
N LYS G 47 -12.54 -43.71 1.36
CA LYS G 47 -11.40 -43.08 1.98
C LYS G 47 -11.87 -42.45 3.29
N VAL G 48 -13.05 -41.84 3.25
CA VAL G 48 -13.61 -41.19 4.43
C VAL G 48 -14.28 -42.18 5.40
N ALA G 49 -15.37 -42.79 4.95
CA ALA G 49 -16.12 -43.75 5.76
C ALA G 49 -15.28 -44.77 6.56
N PRO G 50 -14.32 -45.45 5.90
CA PRO G 50 -13.53 -46.43 6.67
C PRO G 50 -13.23 -46.04 8.12
N PRO G 51 -12.31 -45.09 8.35
CA PRO G 51 -12.00 -44.72 9.73
C PRO G 51 -13.20 -44.41 10.64
N PHE G 52 -14.11 -43.55 10.18
CA PHE G 52 -15.26 -43.21 10.97
C PHE G 52 -15.94 -44.48 11.41
N LEU G 53 -16.27 -45.32 10.44
CA LEU G 53 -16.91 -46.59 10.72
C LEU G 53 -16.10 -47.28 11.79
N GLY G 54 -14.79 -47.33 11.57
CA GLY G 54 -13.90 -47.96 12.54
C GLY G 54 -14.12 -47.46 13.95
N ALA G 55 -14.14 -46.13 14.11
CA ALA G 55 -14.35 -45.51 15.42
C ALA G 55 -15.67 -45.96 15.99
N TYR G 56 -16.74 -45.61 15.31
CA TYR G 56 -18.06 -46.00 15.74
C TYR G 56 -18.05 -47.32 16.51
N LEU G 57 -17.42 -48.31 15.92
CA LEU G 57 -17.33 -49.61 16.56
C LEU G 57 -16.66 -49.41 17.91
N LEU G 58 -15.41 -48.98 17.87
CA LEU G 58 -14.65 -48.73 19.10
C LEU G 58 -15.49 -47.96 20.08
N TYR G 59 -16.52 -47.28 19.57
CA TYR G 59 -17.41 -46.53 20.45
C TYR G 59 -18.41 -47.52 20.98
N SER G 60 -19.14 -48.18 20.09
CA SER G 60 -20.12 -49.16 20.52
C SER G 60 -19.45 -50.10 21.49
N TRP G 61 -18.37 -50.70 21.04
CA TRP G 61 -17.65 -51.63 21.88
C TRP G 61 -17.47 -51.10 23.30
N GLY G 62 -16.57 -50.13 23.45
CA GLY G 62 -16.30 -49.55 24.74
C GLY G 62 -17.56 -49.21 25.51
N THR G 63 -18.54 -48.65 24.83
CA THR G 63 -19.78 -48.29 25.47
C THR G 63 -20.40 -49.52 26.12
N GLN G 64 -20.52 -50.60 25.35
CA GLN G 64 -21.11 -51.85 25.85
C GLN G 64 -20.25 -52.53 26.91
N GLU G 65 -19.01 -52.84 26.57
CA GLU G 65 -18.11 -53.47 27.51
C GLU G 65 -18.19 -52.76 28.87
N PHE G 66 -18.44 -51.46 28.85
CA PHE G 66 -18.56 -50.69 30.09
C PHE G 66 -19.82 -51.12 30.80
N GLU G 67 -20.94 -51.04 30.07
CA GLU G 67 -22.25 -51.40 30.55
C GLU G 67 -22.29 -52.81 31.13
N ARG G 68 -21.52 -53.71 30.54
CA ARG G 68 -21.47 -55.07 31.02
C ARG G 68 -20.76 -55.06 32.39
N LEU G 69 -19.74 -54.22 32.53
CA LEU G 69 -19.00 -54.14 33.78
C LEU G 69 -19.79 -53.48 34.89
N LYS G 70 -21.02 -53.08 34.55
CA LYS G 70 -21.91 -52.46 35.50
C LYS G 70 -22.78 -53.58 36.12
N ARG G 71 -23.23 -54.49 35.26
CA ARG G 71 -24.06 -55.62 35.67
C ARG G 71 -23.27 -56.48 36.66
N LYS G 72 -23.99 -57.10 37.60
CA LYS G 72 -23.32 -57.93 38.60
C LYS G 72 -23.14 -59.36 38.13
N ASN G 73 -22.08 -59.98 38.64
CA ASN G 73 -21.72 -61.37 38.33
C ASN G 73 -22.27 -62.25 39.46
N PRO G 74 -23.44 -62.87 39.26
CA PRO G 74 -24.04 -63.73 40.28
C PRO G 74 -23.10 -64.70 40.97
N ALA G 75 -21.92 -64.86 40.38
CA ALA G 75 -20.90 -65.77 40.91
C ALA G 75 -20.05 -65.18 42.04
N ASP G 76 -20.38 -63.97 42.47
CA ASP G 76 -19.64 -63.34 43.56
C ASP G 76 -20.38 -63.68 44.86
N TYR G 77 -21.61 -64.18 44.72
CA TYR G 77 -22.44 -64.50 45.88
C TYR G 77 -22.96 -65.95 45.97
N GLU G 78 -22.49 -66.85 45.11
CA GLU G 78 -22.94 -68.25 45.16
C GLU G 78 -22.31 -68.98 46.34
N ASN G 79 -21.52 -68.23 47.11
CA ASN G 79 -20.84 -68.76 48.28
C ASN G 79 -21.53 -68.18 49.51
N ASP G 80 -22.18 -67.03 49.33
CA ASP G 80 -22.84 -66.31 50.41
C ASP G 80 -24.05 -67.02 51.10
N GLN G 81 -24.18 -66.77 52.41
CA GLN G 81 -25.21 -67.34 53.28
C GLN G 81 -25.91 -66.31 54.18
CA GLU H 8 -73.71 -40.07 42.70
C GLU H 8 -73.11 -41.46 42.85
N GLU H 9 -72.16 -41.78 41.98
CA GLU H 9 -71.51 -43.09 42.02
C GLU H 9 -70.15 -43.15 41.30
N GLU H 10 -69.11 -42.70 42.00
CA GLU H 10 -67.74 -42.72 41.47
C GLU H 10 -66.76 -43.03 42.62
N GLU H 11 -65.52 -43.33 42.25
CA GLU H 11 -64.45 -43.63 43.20
C GLU H 11 -63.18 -43.06 42.57
N LEU H 12 -62.48 -42.19 43.28
CA LEU H 12 -61.28 -41.58 42.73
C LEU H 12 -60.18 -42.60 42.51
N VAL H 13 -59.70 -42.68 41.28
CA VAL H 13 -58.64 -43.61 40.95
C VAL H 13 -57.58 -42.89 40.16
N ASP H 14 -56.31 -43.09 40.54
CA ASP H 14 -55.18 -42.45 39.87
C ASP H 14 -54.78 -43.23 38.62
N PRO H 15 -55.13 -42.71 37.43
CA PRO H 15 -54.81 -43.41 36.19
C PRO H 15 -53.43 -44.05 36.25
N LEU H 16 -52.57 -43.46 37.06
CA LEU H 16 -51.23 -43.98 37.20
C LEU H 16 -51.25 -45.41 37.67
N THR H 17 -51.76 -45.62 38.87
CA THR H 17 -51.82 -46.96 39.48
C THR H 17 -52.48 -48.00 38.59
N THR H 18 -53.52 -47.59 37.85
CA THR H 18 -54.23 -48.48 36.93
C THR H 18 -53.32 -48.96 35.78
N ILE H 19 -52.66 -48.02 35.11
CA ILE H 19 -51.78 -48.35 34.00
C ILE H 19 -50.47 -49.00 34.39
N ARG H 20 -50.08 -48.88 35.65
CA ARG H 20 -48.86 -49.54 36.09
C ARG H 20 -49.24 -51.00 36.31
N GLU H 21 -50.52 -51.23 36.58
CA GLU H 21 -51.04 -52.58 36.75
C GLU H 21 -50.95 -53.21 35.36
N HIS H 22 -51.78 -52.72 34.45
CA HIS H 22 -51.84 -53.16 33.07
C HIS H 22 -50.47 -53.33 32.43
N CYS H 23 -49.52 -52.50 32.80
CA CYS H 23 -48.17 -52.59 32.25
C CYS H 23 -47.37 -53.70 32.95
N GLU H 24 -47.63 -53.92 34.23
CA GLU H 24 -46.91 -54.97 34.95
C GLU H 24 -47.24 -56.34 34.38
N GLN H 25 -48.37 -56.42 33.68
CA GLN H 25 -48.82 -57.66 33.06
C GLN H 25 -48.33 -57.76 31.62
N THR H 26 -47.25 -57.05 31.34
CA THR H 26 -46.64 -57.03 30.03
C THR H 26 -45.43 -57.94 30.05
N GLU H 27 -45.21 -58.59 28.92
CA GLU H 27 -44.10 -59.51 28.76
C GLU H 27 -42.84 -59.12 29.53
N LYS H 28 -42.09 -58.15 29.00
CA LYS H 28 -40.85 -57.70 29.63
C LYS H 28 -40.96 -57.49 31.14
N CYS H 29 -42.10 -56.98 31.58
CA CYS H 29 -42.33 -56.73 33.00
C CYS H 29 -42.30 -58.05 33.78
N VAL H 30 -43.13 -58.97 33.36
CA VAL H 30 -43.21 -60.26 34.02
C VAL H 30 -41.84 -60.93 34.10
N LYS H 31 -41.17 -61.09 32.97
CA LYS H 31 -39.87 -61.75 32.96
C LYS H 31 -38.85 -61.01 33.79
N ALA H 32 -39.21 -59.80 34.21
CA ALA H 32 -38.32 -58.98 35.04
C ALA H 32 -38.82 -59.07 36.47
N ARG H 33 -40.11 -58.76 36.65
CA ARG H 33 -40.78 -58.81 37.95
C ARG H 33 -40.43 -60.17 38.58
N GLU H 34 -40.33 -61.18 37.72
CA GLU H 34 -39.97 -62.50 38.16
C GLU H 34 -38.54 -62.41 38.66
N ARG H 35 -37.64 -61.98 37.79
CA ARG H 35 -36.21 -61.88 38.13
C ARG H 35 -35.98 -61.24 39.47
N LEU H 36 -36.82 -60.27 39.83
CA LEU H 36 -36.67 -59.59 41.10
C LEU H 36 -37.08 -60.51 42.25
N GLU H 37 -38.35 -60.90 42.26
CA GLU H 37 -38.89 -61.76 43.29
C GLU H 37 -37.79 -62.70 43.73
N LEU H 38 -37.17 -63.36 42.74
CA LEU H 38 -36.11 -64.31 42.98
C LEU H 38 -34.96 -63.70 43.78
N CYS H 39 -34.47 -62.54 43.33
CA CYS H 39 -33.38 -61.87 44.02
C CYS H 39 -33.80 -61.44 45.41
N ASP H 40 -34.86 -60.64 45.46
CA ASP H 40 -35.40 -60.16 46.73
C ASP H 40 -35.33 -61.35 47.70
N ALA H 41 -35.97 -62.45 47.31
CA ALA H 41 -36.00 -63.66 48.11
C ALA H 41 -34.62 -64.15 48.53
N ARG H 42 -33.82 -64.60 47.58
CA ARG H 42 -32.51 -65.11 47.93
C ARG H 42 -31.69 -64.15 48.78
N VAL H 43 -31.94 -62.85 48.66
CA VAL H 43 -31.18 -61.90 49.45
C VAL H 43 -31.79 -61.69 50.82
N SER H 44 -33.12 -61.79 50.88
CA SER H 44 -33.84 -61.62 52.14
C SER H 44 -33.40 -62.73 53.07
N SER H 45 -33.56 -63.98 52.63
CA SER H 45 -33.18 -65.14 53.42
C SER H 45 -31.75 -64.97 53.95
N ARG H 46 -30.76 -65.11 53.07
CA ARG H 46 -29.38 -64.96 53.49
C ARG H 46 -29.21 -63.74 54.43
N SER H 47 -28.41 -63.92 55.47
CA SER H 47 -28.19 -62.84 56.43
C SER H 47 -26.76 -62.29 56.37
N HIS H 48 -25.94 -62.83 55.46
CA HIS H 48 -24.55 -62.38 55.28
C HIS H 48 -24.15 -62.25 53.80
N THR H 49 -24.99 -61.63 52.99
CA THR H 49 -24.69 -61.47 51.58
C THR H 49 -24.65 -60.01 51.19
N GLU H 50 -23.55 -59.60 50.55
CA GLU H 50 -23.38 -58.21 50.11
C GLU H 50 -24.29 -57.94 48.90
N GLU H 51 -25.12 -58.92 48.57
CA GLU H 51 -26.00 -58.81 47.44
C GLU H 51 -26.94 -57.66 47.61
N GLN H 52 -27.51 -57.22 46.49
CA GLN H 52 -28.46 -56.12 46.46
C GLN H 52 -29.29 -56.32 45.22
N CYS H 53 -30.59 -56.15 45.37
CA CYS H 53 -31.47 -56.34 44.22
C CYS H 53 -31.82 -55.01 43.58
N THR H 54 -30.86 -54.09 43.54
CA THR H 54 -31.11 -52.79 42.94
C THR H 54 -31.33 -52.99 41.44
N GLU H 55 -30.25 -53.38 40.77
CA GLU H 55 -30.23 -53.63 39.33
C GLU H 55 -31.55 -54.19 38.84
N GLU H 56 -31.98 -55.29 39.44
CA GLU H 56 -33.23 -55.92 39.08
C GLU H 56 -34.36 -54.93 39.22
N LEU H 57 -34.44 -54.30 40.39
CA LEU H 57 -35.49 -53.33 40.64
C LEU H 57 -35.56 -52.36 39.47
N PHE H 58 -34.38 -52.05 38.95
CA PHE H 58 -34.23 -51.15 37.84
C PHE H 58 -34.72 -51.74 36.54
N ASP H 59 -34.05 -52.80 36.08
CA ASP H 59 -34.42 -53.45 34.83
C ASP H 59 -35.94 -53.46 34.76
N PHE H 60 -36.56 -53.77 35.90
CA PHE H 60 -38.00 -53.80 36.01
C PHE H 60 -38.58 -52.42 35.79
N LEU H 61 -38.51 -51.61 36.83
CA LEU H 61 -39.00 -50.25 36.78
C LEU H 61 -38.85 -49.67 35.37
N HIS H 62 -37.61 -49.76 34.87
CA HIS H 62 -37.26 -49.27 33.54
C HIS H 62 -38.38 -49.65 32.58
N ALA H 63 -38.58 -50.97 32.46
CA ALA H 63 -39.59 -51.50 31.57
C ALA H 63 -41.00 -51.14 31.99
N ARG H 64 -41.28 -51.13 33.29
CA ARG H 64 -42.63 -50.79 33.72
C ARG H 64 -42.96 -49.36 33.33
N ASP H 65 -42.30 -48.40 33.98
CA ASP H 65 -42.53 -46.99 33.70
C ASP H 65 -42.51 -46.70 32.21
N HIS H 66 -41.52 -47.21 31.48
CA HIS H 66 -41.48 -46.92 30.05
C HIS H 66 -42.88 -47.12 29.49
N CYS H 67 -43.40 -48.31 29.70
CA CYS H 67 -44.74 -48.65 29.23
C CYS H 67 -45.70 -47.58 29.76
N VAL H 68 -45.62 -47.32 31.07
CA VAL H 68 -46.46 -46.33 31.73
C VAL H 68 -46.53 -45.00 30.98
N ALA H 69 -45.37 -44.48 30.64
CA ALA H 69 -45.20 -43.21 29.95
C ALA H 69 -45.67 -43.24 28.51
N HIS H 70 -45.97 -44.42 28.00
CA HIS H 70 -46.38 -44.51 26.62
C HIS H 70 -47.86 -44.30 26.45
N LYS H 71 -48.53 -43.95 27.55
CA LYS H 71 -49.98 -43.73 27.49
C LYS H 71 -50.54 -42.97 28.69
N LEU H 72 -49.82 -43.00 29.81
CA LEU H 72 -50.25 -42.33 31.03
C LEU H 72 -50.72 -40.90 30.82
N PHE H 73 -50.24 -40.26 29.77
CA PHE H 73 -50.63 -38.89 29.50
C PHE H 73 -51.94 -38.78 28.72
N ASN H 74 -52.53 -39.93 28.42
CA ASN H 74 -53.79 -39.94 27.69
C ASN H 74 -54.95 -39.65 28.61
N LYS H 75 -54.88 -40.24 29.80
CA LYS H 75 -55.94 -40.07 30.79
C LYS H 75 -55.68 -38.91 31.76
N LEU H 76 -54.66 -38.11 31.47
CA LEU H 76 -54.31 -36.94 32.27
C LEU H 76 -54.69 -35.69 31.50
N LYS H 77 -55.26 -34.71 32.19
CA LYS H 77 -55.73 -33.49 31.54
C LYS H 77 -54.78 -32.27 31.59
N UNK I 1 -11.64 13.59 -40.37
CA UNK I 1 -12.79 13.81 -39.44
C UNK I 1 -14.06 13.20 -40.03
N UNK I 2 -13.92 12.01 -40.59
CA UNK I 2 -15.02 11.29 -41.21
C UNK I 2 -14.45 10.11 -41.98
N UNK I 3 -13.21 9.78 -41.64
CA UNK I 3 -12.47 8.68 -42.25
C UNK I 3 -11.02 8.79 -41.80
N UNK I 4 -10.41 7.66 -41.46
CA UNK I 4 -9.02 7.69 -41.02
C UNK I 4 -8.55 6.39 -40.40
N UNK I 5 -8.63 6.31 -39.06
CA UNK I 5 -8.20 5.13 -38.34
C UNK I 5 -6.69 5.06 -38.16
N UNK I 6 -6.21 5.15 -36.92
CA UNK I 6 -4.77 5.10 -36.66
C UNK I 6 -4.39 4.11 -35.57
N UNK I 7 -3.25 3.44 -35.76
CA UNK I 7 -2.77 2.45 -34.82
C UNK I 7 -1.94 3.07 -33.69
N UNK I 8 -0.84 2.40 -33.33
CA UNK I 8 0.07 2.86 -32.28
C UNK I 8 1.24 1.89 -32.07
N UNK I 9 2.33 2.41 -31.52
CA UNK I 9 3.50 1.59 -31.30
C UNK I 9 4.41 2.06 -30.18
N UNK I 10 5.43 1.25 -29.90
CA UNK I 10 6.40 1.53 -28.85
C UNK I 10 7.50 2.47 -29.26
N UNK I 11 8.14 3.04 -28.25
CA UNK I 11 9.24 3.95 -28.47
C UNK I 11 10.41 3.44 -27.64
N UNK I 12 11.16 4.36 -27.05
CA UNK I 12 12.33 4.01 -26.24
C UNK I 12 13.27 3.16 -27.06
N UNK I 13 13.05 3.20 -28.39
CA UNK I 13 13.86 2.42 -29.31
C UNK I 13 13.01 1.36 -30.00
N UNK I 14 13.04 0.15 -29.45
CA UNK I 14 12.28 -0.96 -30.00
C UNK I 14 12.42 -2.21 -29.15
N UNK I 15 11.65 -3.25 -29.49
CA UNK I 15 11.70 -4.49 -28.73
C UNK I 15 10.46 -5.36 -28.92
CA ARG I 16 -0.44 -6.46 -40.93
C ARG I 16 0.70 -6.41 -41.93
N PRO I 17 1.29 -7.57 -42.27
CA PRO I 17 2.40 -7.69 -43.22
C PRO I 17 2.01 -8.14 -44.64
N LEU I 18 2.99 -8.11 -45.54
CA LEU I 18 2.80 -8.50 -46.95
C LEU I 18 3.55 -9.80 -47.25
N LEU I 19 3.01 -10.61 -48.15
CA LEU I 19 3.63 -11.88 -48.55
C LEU I 19 3.07 -12.42 -49.88
N CYS I 20 2.44 -11.55 -50.67
CA CYS I 20 1.87 -11.93 -51.97
C CYS I 20 1.78 -10.74 -52.92
N ARG I 21 1.96 -11.00 -54.22
CA ARG I 21 1.89 -9.93 -55.22
C ARG I 21 0.59 -9.14 -55.09
N GLU I 22 -0.53 -9.86 -55.08
CA GLU I 22 -1.86 -9.27 -54.99
C GLU I 22 -2.06 -8.17 -53.94
N SER I 23 -1.77 -8.49 -52.69
CA SER I 23 -1.92 -7.55 -51.59
C SER I 23 -0.80 -6.51 -51.50
N MET I 24 0.29 -6.77 -52.19
CA MET I 24 1.43 -5.85 -52.20
C MET I 24 1.32 -4.77 -53.26
N SER I 25 0.58 -5.04 -54.34
CA SER I 25 0.42 -4.08 -55.45
C SER I 25 -0.20 -2.72 -55.07
N GLY I 26 0.64 -1.69 -55.07
CA GLY I 26 0.20 -0.33 -54.73
C GLY I 26 0.96 0.32 -53.59
N ARG I 27 1.86 -0.44 -52.96
CA ARG I 27 2.65 0.07 -51.83
C ARG I 27 4.07 0.46 -52.25
N SER I 28 4.30 0.62 -53.54
CA SER I 28 5.61 1.01 -54.07
C SER I 28 5.58 2.50 -54.43
N ALA I 29 6.51 3.27 -53.87
CA ALA I 29 6.61 4.72 -54.09
C ALA I 29 5.49 5.36 -54.93
N ARG I 30 4.42 5.79 -54.28
CA ARG I 30 3.32 6.43 -55.01
C ARG I 30 3.93 7.58 -55.80
N ARG I 31 4.35 8.61 -55.07
CA ARG I 31 4.99 9.80 -55.65
C ARG I 31 5.98 10.34 -54.61
N ASP I 32 6.02 11.66 -54.40
CA ASP I 32 6.93 12.20 -53.39
C ASP I 32 6.43 11.67 -52.04
N LEU I 33 6.54 12.47 -50.98
CA LEU I 33 6.08 12.02 -49.68
C LEU I 33 5.39 13.15 -48.93
N VAL I 34 4.09 13.02 -48.70
CA VAL I 34 3.35 14.04 -47.99
C VAL I 34 3.21 13.66 -46.54
N ALA I 35 2.80 14.61 -45.72
CA ALA I 35 2.59 14.39 -44.30
C ALA I 35 1.38 15.21 -43.92
N GLY I 36 0.51 14.64 -43.10
CA GLY I 36 -0.68 15.35 -42.67
C GLY I 36 -0.95 15.12 -41.20
N ILE I 37 -1.45 16.15 -40.53
CA ILE I 37 -1.78 16.06 -39.11
C ILE I 37 -3.04 16.85 -38.90
N SER I 38 -4.09 16.15 -38.50
CA SER I 38 -5.34 16.81 -38.30
C SER I 38 -5.52 17.13 -36.84
N LEU I 39 -6.56 17.90 -36.57
CA LEU I 39 -6.91 18.30 -35.22
C LEU I 39 -7.75 17.21 -34.59
N ASN I 40 -8.69 16.67 -35.37
CA ASN I 40 -9.55 15.60 -34.88
C ASN I 40 -9.66 14.49 -35.92
N ALA I 41 -8.51 14.04 -36.40
CA ALA I 41 -8.44 12.98 -37.41
C ALA I 41 -7.00 12.42 -37.52
N PRO I 42 -6.86 11.15 -37.98
CA PRO I 42 -5.61 10.41 -38.17
C PRO I 42 -4.40 11.11 -38.80
N ALA I 43 -3.25 10.43 -38.78
CA ALA I 43 -2.01 10.94 -39.34
C ALA I 43 -1.75 10.32 -40.70
N SER I 44 -1.87 11.14 -41.75
CA SER I 44 -1.67 10.70 -43.13
C SER I 44 -0.20 10.57 -43.56
N VAL I 45 0.00 10.06 -44.78
CA VAL I 45 1.33 9.85 -45.36
C VAL I 45 1.21 9.10 -46.73
N ARG I 46 1.94 9.56 -47.75
CA ARG I 46 1.90 8.94 -49.07
C ARG I 46 3.29 8.49 -49.50
N ALA J 1 -48.00 -9.99 -20.26
CA ALA J 1 -46.96 -10.87 -19.66
C ALA J 1 -46.41 -10.21 -18.40
N LEU J 2 -46.56 -10.85 -17.23
CA LEU J 2 -46.08 -10.26 -15.96
C LEU J 2 -44.59 -10.07 -15.84
N LEU J 3 -43.82 -11.06 -16.25
CA LEU J 3 -42.39 -10.93 -16.13
C LEU J 3 -41.96 -9.73 -16.96
N ARG J 4 -42.46 -9.61 -18.18
CA ARG J 4 -42.09 -8.44 -18.96
C ARG J 4 -42.62 -7.22 -18.22
N GLN J 5 -43.94 -7.14 -18.08
CA GLN J 5 -44.60 -6.03 -17.41
C GLN J 5 -43.87 -5.64 -16.13
N ALA J 6 -43.37 -6.65 -15.42
CA ALA J 6 -42.64 -6.43 -14.18
C ALA J 6 -41.25 -5.87 -14.40
N TYR J 7 -40.42 -6.60 -15.14
CA TYR J 7 -39.07 -6.17 -15.42
C TYR J 7 -39.09 -4.77 -16.00
N SER J 8 -39.96 -4.57 -16.98
CA SER J 8 -40.08 -3.28 -17.67
C SER J 8 -40.47 -2.12 -16.77
N ALA J 9 -41.37 -2.37 -15.83
CA ALA J 9 -41.85 -1.33 -14.94
C ALA J 9 -41.19 -1.20 -13.57
N LEU J 10 -40.68 -2.30 -13.04
CA LEU J 10 -40.10 -2.28 -11.70
C LEU J 10 -38.62 -2.56 -11.59
N PHE J 11 -38.20 -3.73 -12.04
CA PHE J 11 -36.81 -4.14 -11.92
C PHE J 11 -35.79 -3.42 -12.82
N ARG J 12 -36.27 -2.79 -13.88
CA ARG J 12 -35.37 -2.12 -14.81
C ARG J 12 -34.73 -0.87 -14.19
N ARG J 13 -35.55 0.14 -13.94
CA ARG J 13 -35.05 1.38 -13.34
C ARG J 13 -34.59 1.11 -11.92
N THR J 14 -33.28 1.07 -11.71
CA THR J 14 -32.70 0.80 -10.39
C THR J 14 -33.32 1.65 -9.29
N SER J 15 -33.98 2.74 -9.67
CA SER J 15 -34.63 3.60 -8.70
C SER J 15 -36.00 3.06 -8.31
N THR J 16 -36.73 2.47 -9.26
CA THR J 16 -38.04 1.92 -8.94
C THR J 16 -37.87 0.57 -8.27
N PHE J 17 -36.80 -0.13 -8.62
CA PHE J 17 -36.50 -1.42 -8.03
C PHE J 17 -36.70 -1.27 -6.54
N ALA J 18 -36.04 -0.27 -5.96
CA ALA J 18 -36.16 -0.01 -4.52
C ALA J 18 -37.61 0.09 -4.05
N LEU J 19 -38.32 1.11 -4.54
CA LEU J 19 -39.70 1.31 -4.14
C LEU J 19 -40.44 -0.01 -4.14
N THR J 20 -40.09 -0.88 -5.07
CA THR J 20 -40.73 -2.19 -5.16
C THR J 20 -40.40 -3.03 -3.94
N VAL J 21 -39.12 -3.11 -3.61
CA VAL J 21 -38.68 -3.88 -2.45
C VAL J 21 -39.34 -3.33 -1.19
N VAL J 22 -39.25 -2.02 -0.99
CA VAL J 22 -39.85 -1.38 0.18
C VAL J 22 -41.33 -1.69 0.25
N LEU J 23 -42.09 -1.11 -0.67
CA LEU J 23 -43.53 -1.32 -0.75
C LEU J 23 -43.82 -2.83 -0.66
N GLY J 24 -42.94 -3.63 -1.25
CA GLY J 24 -43.09 -5.08 -1.23
C GLY J 24 -42.92 -5.68 0.16
N ALA J 25 -41.76 -5.43 0.77
CA ALA J 25 -41.51 -5.94 2.12
C ALA J 25 -42.73 -5.63 2.96
N VAL J 26 -43.14 -4.37 2.93
CA VAL J 26 -44.30 -3.88 3.65
C VAL J 26 -45.48 -4.83 3.57
N LEU J 27 -45.86 -5.21 2.36
CA LEU J 27 -46.97 -6.12 2.19
C LEU J 27 -46.55 -7.45 2.74
N PHE J 28 -45.37 -7.90 2.31
CA PHE J 28 -44.85 -9.17 2.77
C PHE J 28 -44.88 -9.33 4.28
N GLU J 29 -44.53 -8.27 4.99
CA GLU J 29 -44.52 -8.32 6.45
C GLU J 29 -45.90 -8.71 6.94
N ARG J 30 -46.88 -7.86 6.67
CA ARG J 30 -48.23 -8.13 7.10
C ARG J 30 -48.71 -9.55 6.80
N ALA J 31 -48.77 -9.92 5.53
CA ALA J 31 -49.23 -11.26 5.17
C ALA J 31 -48.51 -12.37 5.94
N PHE J 32 -47.18 -12.28 5.99
CA PHE J 32 -46.37 -13.27 6.66
C PHE J 32 -46.75 -13.37 8.12
N ASP J 33 -46.47 -12.32 8.88
CA ASP J 33 -46.80 -12.32 10.29
C ASP J 33 -48.20 -12.90 10.54
N GLN J 34 -49.21 -12.46 9.80
CA GLN J 34 -50.58 -12.97 10.00
C GLN J 34 -50.71 -14.47 9.86
N GLY J 35 -50.23 -15.01 8.74
CA GLY J 35 -50.30 -16.44 8.54
C GLY J 35 -49.45 -17.17 9.56
N ALA J 36 -48.25 -16.66 9.79
CA ALA J 36 -47.32 -17.26 10.73
C ALA J 36 -47.97 -17.44 12.07
N ASP J 37 -48.43 -16.32 12.64
CA ASP J 37 -49.09 -16.38 13.92
C ASP J 37 -50.19 -17.42 13.80
N ALA J 38 -50.95 -17.33 12.71
CA ALA J 38 -52.05 -18.27 12.46
C ALA J 38 -51.56 -19.71 12.48
N ILE J 39 -50.62 -20.05 11.62
CA ILE J 39 -50.13 -21.41 11.59
C ILE J 39 -49.75 -21.86 12.98
N PHE J 40 -49.07 -21.00 13.72
CA PHE J 40 -48.70 -21.37 15.06
C PHE J 40 -49.90 -21.56 15.97
N GLU J 41 -50.63 -20.47 16.23
CA GLU J 41 -51.81 -20.52 17.09
C GLU J 41 -52.66 -21.77 16.89
N HIS J 42 -52.97 -22.07 15.64
CA HIS J 42 -53.79 -23.24 15.33
C HIS J 42 -53.09 -24.50 15.80
N LEU J 43 -51.80 -24.63 15.49
CA LEU J 43 -51.06 -25.81 15.88
C LEU J 43 -51.03 -25.96 17.40
N ASN J 44 -51.60 -24.97 18.09
CA ASN J 44 -51.66 -24.99 19.55
C ASN J 44 -53.03 -24.52 20.06
N GLU J 45 -54.12 -24.96 19.42
CA GLU J 45 -55.44 -24.52 19.86
C GLU J 45 -55.69 -24.91 21.29
N GLY J 46 -56.40 -24.03 21.99
CA GLY J 46 -56.78 -24.23 23.39
C GLY J 46 -55.70 -24.24 24.45
N LYS J 47 -54.45 -24.00 24.07
CA LYS J 47 -53.35 -24.02 25.02
C LYS J 47 -52.82 -22.63 25.35
N LEU J 48 -53.20 -21.66 24.53
CA LEU J 48 -52.70 -20.31 24.73
C LEU J 48 -53.61 -19.41 25.53
N TRP J 49 -53.04 -18.46 26.26
CA TRP J 49 -53.84 -17.56 27.06
C TRP J 49 -54.88 -16.89 26.20
N LYS J 50 -54.75 -16.99 24.88
CA LYS J 50 -55.72 -16.37 24.00
C LYS J 50 -57.00 -17.21 24.02
N HIS J 51 -56.84 -18.50 24.33
CA HIS J 51 -57.94 -19.46 24.38
C HIS J 51 -58.54 -19.58 25.78
N ILE J 52 -57.69 -19.75 26.78
CA ILE J 52 -58.12 -19.86 28.18
C ILE J 52 -58.75 -18.54 28.64
N LYS J 53 -58.16 -17.43 28.20
CA LYS J 53 -58.62 -16.08 28.52
C LYS J 53 -60.00 -15.98 29.14
N HIS J 54 -61.02 -15.98 28.28
CA HIS J 54 -62.44 -15.85 28.66
C HIS J 54 -62.92 -16.41 30.02
N LYS J 55 -62.28 -17.46 30.54
CA LYS J 55 -62.70 -18.05 31.82
C LYS J 55 -62.48 -17.17 33.04
N TYR J 56 -61.74 -16.09 32.88
CA TYR J 56 -61.44 -15.21 34.01
C TYR J 56 -61.49 -13.73 33.64
N GLU J 57 -61.28 -13.44 32.35
CA GLU J 57 -61.27 -12.07 31.85
C GLU J 57 -62.68 -11.52 31.72
N ALA J 58 -63.20 -10.97 32.82
CA ALA J 58 -64.55 -10.41 32.84
C ALA J 58 -65.63 -11.51 32.84
N SER J 59 -65.40 -12.57 33.62
CA SER J 59 -66.34 -13.71 33.73
C SER J 59 -66.85 -13.89 35.18
N GLU J 60 -65.96 -13.68 36.14
CA GLU J 60 -66.28 -13.81 37.57
C GLU J 60 -66.11 -12.46 38.27
N GLU J 61 -67.17 -12.02 38.98
CA GLU J 61 -67.22 -10.74 39.72
C GLU J 61 -67.31 -9.44 38.88
N THR K 3 58.87 -21.35 -9.85
CA THR K 3 57.67 -21.13 -8.97
C THR K 3 57.57 -19.69 -8.50
N TYR K 4 56.35 -19.26 -8.21
CA TYR K 4 56.04 -17.89 -7.75
C TYR K 4 57.10 -17.27 -6.86
N ALA K 5 56.99 -17.57 -5.56
CA ALA K 5 57.92 -17.05 -4.56
C ALA K 5 59.27 -16.70 -5.17
N GLN K 6 59.99 -17.72 -5.60
CA GLN K 6 61.30 -17.58 -6.20
C GLN K 6 61.42 -16.45 -7.21
N THR K 7 60.53 -16.42 -8.19
CA THR K 7 60.59 -15.35 -9.19
C THR K 7 60.61 -13.98 -8.52
N LEU K 8 60.13 -13.91 -7.29
CA LEU K 8 60.10 -12.64 -6.55
C LEU K 8 61.49 -12.15 -6.09
N GLN K 9 62.26 -13.05 -5.49
CA GLN K 9 63.60 -12.74 -4.99
C GLN K 9 64.65 -12.59 -6.10
N ASN K 10 64.33 -13.07 -7.31
CA ASN K 10 65.23 -12.97 -8.45
C ASN K 10 65.17 -11.56 -8.99
N ILE K 11 63.99 -10.95 -8.86
CA ILE K 11 63.77 -9.58 -9.32
C ILE K 11 64.92 -8.70 -8.81
N PRO K 12 65.76 -8.21 -9.74
CA PRO K 12 66.91 -7.36 -9.44
C PRO K 12 66.66 -6.21 -8.46
N GLU K 13 67.35 -6.26 -7.33
CA GLU K 13 67.21 -5.24 -6.29
C GLU K 13 67.23 -3.87 -6.97
N THR K 14 66.52 -2.91 -6.41
CA THR K 14 66.50 -1.59 -6.99
C THR K 14 67.57 -0.78 -6.29
N ASN K 15 68.64 -0.46 -7.01
CA ASN K 15 69.76 0.30 -6.47
C ASN K 15 69.45 1.77 -6.19
N VAL K 16 70.05 2.29 -5.12
CA VAL K 16 69.84 3.68 -4.76
C VAL K 16 71.14 4.32 -4.27
N THR K 17 71.40 5.53 -4.77
CA THR K 17 72.58 6.33 -4.42
C THR K 17 72.14 7.80 -4.38
N THR K 18 72.60 8.54 -3.37
CA THR K 18 72.20 9.94 -3.23
C THR K 18 73.26 10.95 -3.64
N LEU K 19 72.81 12.05 -4.24
CA LEU K 19 73.70 13.13 -4.68
C LEU K 19 73.91 14.09 -3.51
N ASP K 20 75.17 14.31 -3.16
CA ASP K 20 75.54 15.18 -2.06
C ASP K 20 74.73 16.49 -2.02
N ASN K 21 73.97 16.77 -3.07
CA ASN K 21 73.16 17.98 -3.16
C ASN K 21 71.73 17.83 -2.61
N GLY K 22 71.27 16.59 -2.51
CA GLY K 22 69.93 16.32 -2.01
C GLY K 22 69.14 15.34 -2.88
N LEU K 23 69.31 15.47 -4.19
CA LEU K 23 68.63 14.60 -5.14
C LEU K 23 68.93 13.16 -4.81
N ARG K 24 68.05 12.27 -5.24
CA ARG K 24 68.22 10.86 -5.00
C ARG K 24 68.00 10.11 -6.30
N VAL K 25 68.95 9.25 -6.66
CA VAL K 25 68.82 8.50 -7.90
C VAL K 25 68.66 7.02 -7.65
N ALA K 26 67.71 6.41 -8.35
CA ALA K 26 67.43 4.98 -8.23
C ALA K 26 66.82 4.41 -9.49
N SER K 27 66.91 3.10 -9.63
CA SER K 27 66.39 2.45 -10.82
C SER K 27 66.45 0.92 -10.76
N GLU K 28 65.73 0.27 -11.67
CA GLU K 28 65.68 -1.18 -11.79
C GLU K 28 66.15 -1.59 -13.18
N GLU K 29 67.23 -2.37 -13.23
CA GLU K 29 67.83 -2.81 -14.48
C GLU K 29 67.22 -4.11 -15.02
N SER K 30 66.88 -4.10 -16.30
CA SER K 30 66.29 -5.25 -16.99
C SER K 30 66.95 -5.39 -18.35
N SER K 31 66.50 -6.38 -19.13
CA SER K 31 67.06 -6.59 -20.45
C SER K 31 66.19 -5.89 -21.49
N GLN K 32 65.37 -4.95 -21.04
CA GLN K 32 64.47 -4.23 -21.92
C GLN K 32 65.21 -3.17 -22.73
N PRO K 33 65.28 -3.33 -24.07
CA PRO K 33 65.94 -2.42 -25.00
C PRO K 33 65.39 -0.99 -24.92
N THR K 34 64.18 -0.89 -24.40
CA THR K 34 63.55 0.40 -24.23
C THR K 34 63.42 0.64 -22.74
N CYS K 35 62.99 1.85 -22.35
CA CYS K 35 62.87 2.16 -20.93
C CYS K 35 62.05 3.41 -20.67
N THR K 36 62.20 3.90 -19.44
CA THR K 36 61.52 5.10 -18.95
C THR K 36 62.31 5.66 -17.77
N VAL K 37 62.37 6.98 -17.71
CA VAL K 37 63.08 7.67 -16.63
C VAL K 37 62.38 8.97 -16.34
N GLY K 38 62.37 9.36 -15.08
CA GLY K 38 61.73 10.60 -14.71
C GLY K 38 62.11 11.08 -13.33
N VAL K 39 61.82 12.35 -13.10
CA VAL K 39 62.09 12.97 -11.82
C VAL K 39 60.73 12.97 -11.13
N TRP K 40 60.72 12.53 -9.87
CA TRP K 40 59.50 12.47 -9.08
C TRP K 40 59.55 13.46 -7.93
N ILE K 41 59.27 14.71 -8.27
CA ILE K 41 59.29 15.78 -7.30
C ILE K 41 58.27 15.53 -6.22
N GLY K 42 58.58 15.95 -5.02
CA GLY K 42 57.64 15.78 -3.93
C GLY K 42 56.89 17.07 -3.75
N ALA K 43 56.44 17.65 -4.86
CA ALA K 43 55.71 18.92 -4.83
C ALA K 43 54.29 18.77 -5.32
N GLY K 44 53.39 19.60 -4.82
CA GLY K 44 52.01 19.52 -5.24
C GLY K 44 51.13 20.69 -4.88
N SER K 45 49.84 20.41 -4.73
CA SER K 45 48.84 21.40 -4.38
C SER K 45 48.82 21.59 -2.87
N ARG K 46 48.98 20.49 -2.13
CA ARG K 46 48.97 20.59 -0.70
C ARG K 46 50.02 21.62 -0.29
N TYR K 47 51.18 21.56 -0.94
CA TYR K 47 52.27 22.49 -0.65
C TYR K 47 51.92 23.93 -1.06
N GLU K 48 50.81 24.09 -1.78
CA GLU K 48 50.40 25.42 -2.21
C GLU K 48 49.62 26.05 -1.07
N ASN K 49 49.46 27.36 -1.09
CA ASN K 49 48.68 28.03 -0.07
C ASN K 49 47.44 28.59 -0.77
N GLU K 50 46.78 29.55 -0.14
CA GLU K 50 45.56 30.12 -0.69
C GLU K 50 45.75 31.11 -1.85
N LYS K 51 46.91 31.76 -1.91
CA LYS K 51 47.16 32.71 -2.98
C LYS K 51 47.83 32.07 -4.19
N ASN K 52 48.51 30.94 -3.97
CA ASN K 52 49.21 30.20 -5.04
C ASN K 52 48.62 28.79 -5.32
N ASN K 53 47.29 28.70 -5.27
CA ASN K 53 46.59 27.46 -5.54
C ASN K 53 46.58 27.40 -7.05
N GLY K 54 47.25 26.40 -7.61
CA GLY K 54 47.29 26.29 -9.05
C GLY K 54 48.71 25.97 -9.46
N ALA K 55 49.54 27.01 -9.48
CA ALA K 55 50.96 26.89 -9.83
C ALA K 55 51.40 25.47 -10.21
N GLY K 56 51.50 24.59 -9.22
CA GLY K 56 51.91 23.21 -9.48
C GLY K 56 51.32 22.66 -10.75
N TYR K 57 50.19 23.24 -11.16
CA TYR K 57 49.48 22.86 -12.38
C TYR K 57 49.90 23.75 -13.56
N PHE K 58 49.79 25.06 -13.38
CA PHE K 58 50.18 26.01 -14.42
C PHE K 58 51.57 25.67 -14.89
N VAL K 59 52.34 25.08 -13.98
CA VAL K 59 53.71 24.64 -14.21
C VAL K 59 53.79 23.28 -14.94
N GLU K 60 52.87 22.38 -14.63
CA GLU K 60 52.82 21.08 -15.27
C GLU K 60 52.51 21.38 -16.75
N HIS K 61 51.83 22.50 -16.95
CA HIS K 61 51.43 22.96 -18.28
C HIS K 61 52.56 23.53 -19.10
N LEU K 62 53.32 24.43 -18.51
CA LEU K 62 54.44 25.07 -19.20
C LEU K 62 55.75 24.34 -19.03
N ALA K 63 55.70 23.12 -18.51
CA ALA K 63 56.91 22.34 -18.29
C ALA K 63 57.32 21.61 -19.57
N PHE K 64 56.61 21.90 -20.65
CA PHE K 64 56.89 21.25 -21.92
C PHE K 64 56.95 22.23 -23.09
N LYS K 65 56.62 23.48 -22.81
CA LYS K 65 56.65 24.52 -23.82
C LYS K 65 58.05 25.12 -23.88
N GLY K 66 59.04 24.29 -23.57
CA GLY K 66 60.45 24.69 -23.62
C GLY K 66 61.24 25.13 -22.39
N THR K 67 62.47 25.55 -22.66
CA THR K 67 63.43 26.03 -21.66
C THR K 67 64.16 27.26 -22.23
N LYS K 68 65.10 27.82 -21.46
CA LYS K 68 65.88 28.98 -21.90
C LYS K 68 66.91 28.50 -22.92
N LYS K 69 67.34 27.24 -22.79
CA LYS K 69 68.33 26.64 -23.70
C LYS K 69 67.72 26.34 -25.07
N ARG K 70 66.60 25.63 -25.08
CA ARG K 70 65.92 25.29 -26.32
C ARG K 70 64.43 25.61 -26.21
N PRO K 71 63.98 26.72 -26.84
CA PRO K 71 62.58 27.14 -26.83
C PRO K 71 61.57 26.12 -27.36
N CYS K 72 60.32 26.55 -27.51
CA CYS K 72 59.22 25.69 -27.95
C CYS K 72 59.59 24.57 -28.95
N ALA K 73 59.45 24.85 -30.25
CA ALA K 73 59.74 23.88 -31.28
C ALA K 73 60.99 23.05 -31.00
N ALA K 74 62.13 23.71 -30.91
CA ALA K 74 63.40 23.02 -30.66
C ALA K 74 63.26 21.92 -29.62
N PHE K 75 62.62 22.23 -28.50
CA PHE K 75 62.43 21.24 -27.45
C PHE K 75 61.65 20.06 -28.03
N GLU K 76 60.35 20.28 -28.24
CA GLU K 76 59.49 19.24 -28.78
C GLU K 76 60.18 18.54 -29.94
N LYS K 77 60.62 19.31 -30.94
CA LYS K 77 61.29 18.72 -32.10
C LYS K 77 62.35 17.74 -31.63
N GLU K 78 63.34 18.22 -30.90
CA GLU K 78 64.40 17.36 -30.41
C GLU K 78 63.84 16.16 -29.62
N VAL K 79 62.66 16.33 -29.05
CA VAL K 79 62.05 15.25 -28.28
C VAL K 79 61.36 14.27 -29.19
N GLU K 80 60.44 14.77 -30.01
CA GLU K 80 59.70 13.93 -30.94
C GLU K 80 60.64 13.19 -31.87
N SER K 81 61.49 13.94 -32.55
CA SER K 81 62.45 13.38 -33.50
C SER K 81 63.32 12.22 -33.02
N MET K 82 63.42 12.03 -31.71
CA MET K 82 64.21 10.91 -31.21
C MET K 82 63.25 9.80 -30.79
N GLY K 83 61.96 10.14 -30.83
CA GLY K 83 60.91 9.19 -30.52
C GLY K 83 60.61 8.86 -29.07
N ALA K 84 60.91 9.77 -28.16
CA ALA K 84 60.64 9.53 -26.74
C ALA K 84 59.34 10.20 -26.35
N HIS K 85 58.60 9.57 -25.43
CA HIS K 85 57.32 10.10 -25.00
C HIS K 85 57.44 10.85 -23.70
N PHE K 86 57.21 12.16 -23.76
CA PHE K 86 57.29 12.97 -22.57
C PHE K 86 55.91 13.33 -22.04
N ASN K 87 55.67 12.87 -20.82
CA ASN K 87 54.41 13.08 -20.13
C ASN K 87 54.64 13.02 -18.62
N GLY K 88 53.64 13.46 -17.86
CA GLY K 88 53.73 13.47 -16.42
C GLY K 88 52.44 13.99 -15.78
N TYR K 89 52.53 14.39 -14.51
CA TYR K 89 51.35 14.87 -13.82
C TYR K 89 51.63 15.75 -12.62
N THR K 90 50.58 15.97 -11.83
CA THR K 90 50.65 16.79 -10.62
C THR K 90 49.46 16.52 -9.69
N SER K 91 49.65 15.65 -8.70
CA SER K 91 48.59 15.30 -7.74
C SER K 91 48.62 16.32 -6.60
N ARG K 92 47.95 16.01 -5.49
CA ARG K 92 47.92 16.91 -4.34
C ARG K 92 49.26 17.07 -3.64
N GLU K 93 50.00 15.99 -3.51
CA GLU K 93 51.29 16.09 -2.89
C GLU K 93 52.23 15.13 -3.57
N GLN K 94 52.48 15.44 -4.84
CA GLN K 94 53.40 14.69 -5.71
C GLN K 94 53.21 15.04 -7.17
N THR K 95 54.25 15.62 -7.78
CA THR K 95 54.26 15.96 -9.20
C THR K 95 55.39 15.08 -9.77
N ALA K 96 55.45 14.94 -11.09
CA ALA K 96 56.52 14.14 -11.68
C ALA K 96 56.53 14.29 -13.20
N PHE K 97 57.73 14.37 -13.77
CA PHE K 97 57.87 14.47 -15.23
C PHE K 97 58.82 13.36 -15.64
N TYR K 98 58.33 12.48 -16.49
CA TYR K 98 59.11 11.34 -16.93
C TYR K 98 58.98 11.14 -18.43
N ILE K 99 59.93 10.40 -19.01
CA ILE K 99 59.92 10.13 -20.43
C ILE K 99 60.16 8.66 -20.72
N LYS K 100 59.52 8.18 -21.78
CA LYS K 100 59.66 6.80 -22.23
C LYS K 100 60.57 6.90 -23.43
N ALA K 101 61.68 6.17 -23.41
CA ALA K 101 62.61 6.22 -24.52
C ALA K 101 63.48 4.98 -24.63
N LEU K 102 64.11 4.84 -25.79
CA LEU K 102 64.99 3.73 -26.10
C LEU K 102 66.11 3.77 -25.07
N SER K 103 66.53 2.62 -24.57
CA SER K 103 67.62 2.56 -23.57
C SER K 103 68.87 3.36 -23.97
N LYS K 104 69.02 3.54 -25.28
CA LYS K 104 70.12 4.30 -25.86
C LYS K 104 70.11 5.72 -25.28
N ASP K 105 69.09 6.49 -25.64
CA ASP K 105 68.94 7.88 -25.20
C ASP K 105 69.03 8.11 -23.69
N MET K 106 68.99 7.01 -22.94
CA MET K 106 69.05 7.04 -21.49
C MET K 106 69.72 8.31 -20.94
N PRO K 107 70.98 8.59 -21.33
CA PRO K 107 71.64 9.80 -20.83
C PRO K 107 71.02 11.07 -21.39
N LYS K 108 70.97 11.15 -22.71
CA LYS K 108 70.41 12.33 -23.36
C LYS K 108 69.08 12.66 -22.68
N VAL K 109 68.30 11.64 -22.39
CA VAL K 109 67.03 11.86 -21.75
C VAL K 109 67.26 12.72 -20.51
N VAL K 110 67.98 12.13 -19.55
CA VAL K 110 68.30 12.76 -18.28
C VAL K 110 68.55 14.25 -18.39
N GLU K 111 69.37 14.64 -19.37
CA GLU K 111 69.69 16.05 -19.60
C GLU K 111 68.36 16.83 -19.62
N LEU K 112 67.52 16.46 -20.59
CA LEU K 112 66.23 17.07 -20.81
C LEU K 112 65.46 17.23 -19.50
N LEU K 113 65.15 16.12 -18.86
CA LEU K 113 64.43 16.14 -17.59
C LEU K 113 64.95 17.28 -16.75
N ALA K 114 66.27 17.28 -16.57
CA ALA K 114 66.96 18.28 -15.77
C ALA K 114 66.75 19.70 -16.28
N ASP K 115 66.67 19.85 -17.60
CA ASP K 115 66.49 21.18 -18.16
C ASP K 115 65.05 21.72 -18.06
N VAL K 116 64.12 20.88 -17.58
CA VAL K 116 62.72 21.31 -17.43
C VAL K 116 62.39 21.66 -15.99
N VAL K 117 62.87 20.83 -15.07
CA VAL K 117 62.65 21.06 -13.65
C VAL K 117 63.37 22.34 -13.19
N GLN K 118 64.56 22.58 -13.75
CA GLN K 118 65.39 23.74 -13.41
C GLN K 118 65.17 25.01 -14.25
N ASN K 119 65.65 24.97 -15.50
CA ASN K 119 65.57 26.09 -16.42
C ASN K 119 64.30 26.07 -17.29
N CYS K 120 63.14 26.18 -16.67
CA CYS K 120 61.90 26.19 -17.43
C CYS K 120 61.74 27.58 -18.07
N ALA K 121 61.60 27.61 -19.39
CA ALA K 121 61.45 28.85 -20.16
C ALA K 121 60.47 29.85 -19.55
N LEU K 122 59.24 29.41 -19.32
CA LEU K 122 58.22 30.27 -18.74
C LEU K 122 58.01 31.52 -19.58
N GLU K 123 58.02 31.33 -20.90
CA GLU K 123 57.81 32.47 -21.78
C GLU K 123 56.44 33.08 -21.46
N GLU K 124 56.43 34.35 -21.09
CA GLU K 124 55.19 35.04 -20.74
C GLU K 124 54.20 35.19 -21.90
N SER K 125 54.62 34.80 -23.10
CA SER K 125 53.76 34.86 -24.28
C SER K 125 52.99 33.56 -24.28
N GLN K 126 53.58 32.57 -23.63
CA GLN K 126 53.04 31.23 -23.51
C GLN K 126 52.01 31.17 -22.37
N ILE K 127 52.25 31.97 -21.35
CA ILE K 127 51.36 32.01 -20.18
C ILE K 127 49.96 32.53 -20.47
N GLU K 128 49.84 33.71 -21.06
CA GLU K 128 48.51 34.23 -21.35
C GLU K 128 47.69 33.35 -22.32
N LYS K 129 48.30 32.28 -22.80
CA LYS K 129 47.64 31.32 -23.69
C LYS K 129 47.26 30.16 -22.78
N GLU K 130 48.23 29.67 -22.01
CA GLU K 130 47.98 28.59 -21.08
C GLU K 130 46.95 29.04 -20.07
N ARG K 131 46.64 30.34 -20.06
CA ARG K 131 45.65 30.86 -19.14
C ARG K 131 44.27 30.40 -19.62
N GLY K 132 43.89 30.78 -20.83
CA GLY K 132 42.60 30.35 -21.36
C GLY K 132 42.46 28.84 -21.50
N VAL K 133 43.59 28.15 -21.67
CA VAL K 133 43.63 26.69 -21.82
C VAL K 133 43.31 25.92 -20.53
N ILE K 134 43.90 26.31 -19.41
CA ILE K 134 43.56 25.63 -18.17
C ILE K 134 42.09 25.95 -17.91
N LEU K 135 41.73 27.23 -18.00
CA LEU K 135 40.35 27.66 -17.78
C LEU K 135 39.36 26.78 -18.53
N GLN K 136 39.82 26.23 -19.64
CA GLN K 136 38.97 25.35 -20.43
C GLN K 136 39.02 23.96 -19.80
N GLU K 137 40.24 23.45 -19.59
CA GLU K 137 40.38 22.13 -18.99
C GLU K 137 39.58 22.02 -17.71
N LEU K 138 39.11 23.14 -17.19
CA LEU K 138 38.32 23.10 -16.00
C LEU K 138 36.87 23.01 -16.39
N LYS K 139 36.45 23.84 -17.34
CA LYS K 139 35.07 23.81 -17.80
C LYS K 139 34.76 22.37 -18.19
N GLU K 140 35.80 21.64 -18.58
CA GLU K 140 35.67 20.25 -18.97
C GLU K 140 35.66 19.34 -17.74
N MET K 141 36.78 19.28 -17.01
CA MET K 141 36.88 18.46 -15.81
C MET K 141 35.71 18.58 -14.85
N ASP K 142 34.97 19.68 -14.96
CA ASP K 142 33.83 19.94 -14.09
C ASP K 142 32.60 19.13 -14.49
N ASN K 143 32.70 18.36 -15.55
CA ASN K 143 31.57 17.54 -15.95
C ASN K 143 31.88 16.09 -15.72
N ASP K 144 33.00 15.84 -15.05
CA ASP K 144 33.39 14.47 -14.73
C ASP K 144 33.03 14.23 -13.28
N MET K 145 31.77 13.90 -13.06
CA MET K 145 31.22 13.63 -11.75
C MET K 145 32.20 12.94 -10.82
N THR K 146 32.65 11.76 -11.23
CA THR K 146 33.57 11.02 -10.41
C THR K 146 34.58 11.96 -9.75
N ASN K 147 35.25 12.80 -10.55
CA ASN K 147 36.23 13.74 -10.00
C ASN K 147 35.57 14.76 -9.10
N VAL K 148 34.68 15.55 -9.68
CA VAL K 148 33.95 16.56 -8.93
C VAL K 148 33.61 16.04 -7.55
N THR K 149 33.31 14.76 -7.47
CA THR K 149 33.00 14.15 -6.21
C THR K 149 34.20 14.10 -5.29
N PHE K 150 35.27 13.41 -5.68
CA PHE K 150 36.45 13.33 -4.81
C PHE K 150 37.02 14.68 -4.35
N ASP K 151 37.03 15.67 -5.23
CA ASP K 151 37.55 16.96 -4.82
C ASP K 151 36.62 17.45 -3.71
N TYR K 152 35.31 17.38 -3.97
CA TYR K 152 34.32 17.79 -2.99
C TYR K 152 34.47 17.02 -1.70
N LEU K 153 34.67 15.71 -1.85
CA LEU K 153 34.86 14.83 -0.70
C LEU K 153 36.03 15.35 0.08
N HIS K 154 37.14 15.55 -0.64
CA HIS K 154 38.36 16.08 -0.05
C HIS K 154 38.06 17.43 0.60
N ALA K 155 37.41 18.28 -0.20
CA ALA K 155 37.04 19.62 0.23
C ALA K 155 36.21 19.71 1.52
N THR K 156 35.67 18.59 1.99
CA THR K 156 34.91 18.59 3.23
C THR K 156 35.56 17.64 4.20
N ALA K 157 36.17 16.60 3.66
CA ALA K 157 36.85 15.61 4.48
C ALA K 157 37.97 16.31 5.20
N PHE K 158 38.69 17.17 4.48
CA PHE K 158 39.80 17.86 5.09
C PHE K 158 39.58 19.34 5.33
N GLN K 159 38.40 19.83 4.95
CA GLN K 159 38.01 21.25 5.10
C GLN K 159 38.93 22.11 5.97
N GLY K 160 39.14 23.35 5.52
CA GLY K 160 39.97 24.26 6.25
C GLY K 160 41.47 24.12 6.04
N THR K 161 41.97 22.89 5.89
CA THR K 161 43.39 22.70 5.66
C THR K 161 43.72 22.73 4.16
N ALA K 162 44.99 22.48 3.84
CA ALA K 162 45.47 22.49 2.47
C ALA K 162 44.96 21.32 1.60
N LEU K 163 45.05 20.10 2.11
CA LEU K 163 44.59 18.95 1.37
C LEU K 163 43.26 19.21 0.69
N ALA K 164 42.41 19.98 1.35
CA ALA K 164 41.08 20.30 0.85
C ALA K 164 41.06 21.15 -0.43
N ARG K 165 42.20 21.24 -1.11
CA ARG K 165 42.30 22.04 -2.33
C ARG K 165 42.34 21.24 -3.64
N THR K 166 41.77 21.83 -4.68
CA THR K 166 41.76 21.23 -6.00
C THR K 166 43.15 21.39 -6.62
N VAL K 167 43.74 20.29 -7.07
CA VAL K 167 45.07 20.36 -7.67
C VAL K 167 45.11 21.39 -8.78
N GLU K 168 43.96 21.67 -9.37
CA GLU K 168 43.87 22.64 -10.47
C GLU K 168 43.69 24.08 -9.95
N GLY K 169 43.32 24.21 -8.69
CA GLY K 169 43.17 25.52 -8.09
C GLY K 169 42.00 26.36 -8.56
N THR K 170 41.76 27.43 -7.82
CA THR K 170 40.69 28.39 -8.05
C THR K 170 40.58 28.90 -9.47
N THR K 171 39.49 29.60 -9.77
CA THR K 171 39.29 30.18 -11.09
C THR K 171 40.02 31.51 -11.16
N GLU K 172 40.04 32.22 -10.04
CA GLU K 172 40.72 33.51 -9.97
C GLU K 172 42.24 33.37 -10.07
N ASN K 173 42.81 32.48 -9.27
CA ASN K 173 44.25 32.24 -9.28
C ASN K 173 44.74 31.89 -10.68
N ILE K 174 43.99 31.07 -11.39
CA ILE K 174 44.41 30.72 -12.74
C ILE K 174 44.21 31.95 -13.58
N LYS K 175 43.27 32.81 -13.18
CA LYS K 175 42.99 34.04 -13.91
C LYS K 175 44.02 35.16 -13.61
N HIS K 176 44.66 35.09 -12.45
CA HIS K 176 45.61 36.12 -12.06
C HIS K 176 47.06 35.70 -11.86
N LEU K 177 47.31 34.42 -11.57
CA LEU K 177 48.68 33.94 -11.36
C LEU K 177 49.65 34.69 -12.27
N THR K 178 50.78 35.14 -11.69
CA THR K 178 51.78 35.91 -12.41
C THR K 178 53.06 35.15 -12.72
N ARG K 179 53.71 35.55 -13.81
CA ARG K 179 54.95 34.92 -14.24
C ARG K 179 55.79 34.61 -13.01
N ALA K 180 55.83 35.60 -12.12
CA ALA K 180 56.59 35.47 -10.90
C ALA K 180 56.17 34.27 -10.05
N ASP K 181 54.96 34.35 -9.49
CA ASP K 181 54.42 33.32 -8.62
C ASP K 181 54.74 31.89 -9.04
N LEU K 182 54.75 31.64 -10.34
CA LEU K 182 55.06 30.29 -10.83
C LEU K 182 56.57 30.16 -10.75
N ALA K 183 57.26 31.22 -11.15
CA ALA K 183 58.71 31.24 -11.09
C ALA K 183 59.05 30.77 -9.68
N SER K 184 58.50 31.45 -8.70
CA SER K 184 58.71 31.14 -7.29
C SER K 184 58.35 29.70 -6.93
N TYR K 185 57.16 29.25 -7.34
CA TYR K 185 56.74 27.88 -7.05
C TYR K 185 57.87 26.93 -7.43
N ILE K 186 58.43 27.14 -8.62
CA ILE K 186 59.50 26.28 -9.11
C ILE K 186 60.71 26.30 -8.16
N ASP K 187 61.19 27.50 -7.83
CA ASP K 187 62.34 27.68 -6.94
C ASP K 187 62.02 27.13 -5.56
N THR K 188 60.99 27.72 -4.97
CA THR K 188 60.53 27.35 -3.65
C THR K 188 60.39 25.83 -3.47
N HIS K 189 59.74 25.17 -4.44
CA HIS K 189 59.49 23.72 -4.35
C HIS K 189 60.37 22.76 -5.15
N PHE K 190 60.61 23.03 -6.43
CA PHE K 190 61.43 22.13 -7.25
C PHE K 190 62.90 22.11 -6.81
N LYS K 191 63.20 21.37 -5.74
CA LYS K 191 64.57 21.27 -5.22
C LYS K 191 65.09 19.85 -5.02
N ALA K 192 66.33 19.65 -5.46
CA ALA K 192 67.05 18.38 -5.41
C ALA K 192 66.73 17.36 -4.30
N PRO K 193 66.83 17.77 -3.03
CA PRO K 193 66.55 16.86 -1.91
C PRO K 193 65.16 16.24 -1.92
N ARG K 194 64.21 16.96 -2.50
CA ARG K 194 62.83 16.50 -2.62
C ARG K 194 62.55 15.83 -3.99
N MET K 195 63.52 15.90 -4.89
CA MET K 195 63.35 15.30 -6.21
C MET K 195 64.01 13.92 -6.26
N VAL K 196 63.47 13.06 -7.12
CA VAL K 196 63.99 11.70 -7.28
C VAL K 196 64.00 11.25 -8.73
N LEU K 197 65.18 10.86 -9.20
CA LEU K 197 65.36 10.39 -10.57
C LEU K 197 65.27 8.87 -10.53
N ALA K 198 64.20 8.36 -11.12
CA ALA K 198 63.99 6.92 -11.18
C ALA K 198 64.00 6.51 -12.63
N ALA K 199 64.44 5.29 -12.88
CA ALA K 199 64.50 4.79 -14.24
C ALA K 199 64.38 3.28 -14.25
N ALA K 200 63.71 2.76 -15.26
CA ALA K 200 63.55 1.34 -15.36
C ALA K 200 63.65 0.92 -16.81
N GLY K 201 64.23 -0.27 -17.01
CA GLY K 201 64.41 -0.80 -18.35
C GLY K 201 65.84 -1.23 -18.52
N GLY K 202 66.35 -1.15 -19.73
CA GLY K 202 67.73 -1.53 -19.97
C GLY K 202 68.62 -0.34 -19.70
N ILE K 203 69.04 -0.19 -18.45
CA ILE K 203 69.89 0.93 -18.06
C ILE K 203 70.83 0.59 -16.91
N SER K 204 72.10 0.96 -17.05
CA SER K 204 73.11 0.71 -16.03
C SER K 204 72.97 1.75 -14.91
N HIS K 205 72.70 1.27 -13.71
CA HIS K 205 72.55 2.18 -12.57
C HIS K 205 73.68 3.19 -12.63
N LYS K 206 74.90 2.67 -12.80
CA LYS K 206 76.07 3.53 -12.88
C LYS K 206 75.81 4.64 -13.87
N GLU K 207 76.10 4.38 -15.13
CA GLU K 207 75.91 5.37 -16.18
C GLU K 207 74.80 6.36 -15.89
N LEU K 208 73.72 5.90 -15.25
CA LEU K 208 72.62 6.81 -14.91
C LEU K 208 73.11 7.83 -13.90
N VAL K 209 73.45 7.36 -12.70
CA VAL K 209 73.92 8.24 -11.64
C VAL K 209 74.94 9.26 -12.18
N ASP K 210 75.75 8.85 -13.15
CA ASP K 210 76.75 9.74 -13.74
C ASP K 210 76.10 10.93 -14.46
N ALA K 211 75.32 10.65 -15.49
CA ALA K 211 74.65 11.70 -16.23
C ALA K 211 73.84 12.55 -15.26
N ALA K 212 73.54 11.96 -14.11
CA ALA K 212 72.79 12.67 -13.08
C ALA K 212 73.69 13.72 -12.46
N ARG K 213 74.86 13.27 -11.99
CA ARG K 213 75.85 14.15 -11.38
C ARG K 213 76.14 15.29 -12.35
N GLN K 214 76.17 14.96 -13.63
CA GLN K 214 76.50 15.91 -14.68
C GLN K 214 75.52 17.05 -14.99
N HIS K 215 74.21 16.80 -14.99
CA HIS K 215 73.27 17.89 -15.30
C HIS K 215 72.47 18.42 -14.14
N PHE K 216 72.31 17.60 -13.10
CA PHE K 216 71.58 18.05 -11.92
C PHE K 216 72.57 18.63 -10.91
N SER K 217 73.55 19.36 -11.42
CA SER K 217 74.58 19.97 -10.59
C SER K 217 74.01 21.14 -9.79
N GLY K 218 73.76 20.87 -8.51
CA GLY K 218 73.23 21.88 -7.62
C GLY K 218 74.19 22.13 -6.47
N VAL K 219 74.07 23.30 -5.85
CA VAL K 219 74.96 23.60 -4.76
C VAL K 219 74.18 23.80 -3.47
N SER K 220 74.64 23.13 -2.43
CA SER K 220 74.00 23.24 -1.13
C SER K 220 74.97 23.85 -0.12
N PHE K 221 74.81 25.14 0.12
CA PHE K 221 75.67 25.82 1.06
C PHE K 221 75.20 25.57 2.48
N THR K 222 74.25 26.38 2.94
CA THR K 222 73.72 26.25 4.30
C THR K 222 73.11 24.88 4.55
N TYR K 223 72.50 24.72 5.72
CA TYR K 223 71.85 23.47 6.08
C TYR K 223 70.43 23.56 5.56
N LYS K 224 69.92 24.80 5.48
CA LYS K 224 68.57 25.10 5.01
C LYS K 224 68.20 24.32 3.74
N GLU K 225 68.97 24.54 2.67
CA GLU K 225 68.74 23.90 1.38
C GLU K 225 68.85 22.37 1.45
N ASP K 226 69.15 21.85 2.63
CA ASP K 226 69.27 20.41 2.83
C ASP K 226 68.16 19.86 3.73
N ALA K 227 67.23 20.73 4.12
CA ALA K 227 66.11 20.36 4.98
C ALA K 227 64.79 20.30 4.22
N VAL K 228 64.09 19.19 4.38
CA VAL K 228 62.80 18.97 3.73
C VAL K 228 61.71 19.52 4.65
N PRO K 229 61.12 20.69 4.30
CA PRO K 229 60.07 21.30 5.11
C PRO K 229 58.92 20.36 5.47
N ILE K 230 58.66 20.19 6.76
CA ILE K 230 57.57 19.32 7.20
C ILE K 230 56.25 20.04 7.03
N LEU K 231 55.24 19.27 6.61
CA LEU K 231 53.93 19.81 6.34
C LEU K 231 52.96 19.88 7.50
N PRO K 232 52.23 21.01 7.61
CA PRO K 232 51.25 21.25 8.67
C PRO K 232 50.08 20.28 8.56
N ARG K 233 49.99 19.42 9.56
CA ARG K 233 48.96 18.40 9.67
C ARG K 233 47.56 18.90 9.24
N CYS K 234 46.88 18.11 8.38
CA CYS K 234 45.54 18.44 7.91
C CYS K 234 44.48 17.75 8.80
N ARG K 235 43.53 18.54 9.27
CA ARG K 235 42.47 18.06 10.17
C ARG K 235 41.30 17.38 9.52
N PHE K 236 41.03 16.16 9.97
CA PHE K 236 39.89 15.45 9.42
C PHE K 236 38.63 15.92 10.10
N THR K 237 37.57 16.04 9.31
CA THR K 237 36.31 16.51 9.83
C THR K 237 35.14 15.72 9.25
N GLY K 238 34.70 14.73 10.01
CA GLY K 238 33.58 13.94 9.58
C GLY K 238 32.40 14.86 9.28
N SER K 239 31.96 14.84 8.04
CA SER K 239 30.84 15.66 7.67
C SER K 239 30.48 15.37 6.23
N GLU K 240 29.65 16.24 5.69
CA GLU K 240 29.21 16.07 4.33
C GLU K 240 29.13 17.36 3.52
N ILE K 241 28.93 17.15 2.22
CA ILE K 241 28.77 18.22 1.26
C ILE K 241 27.84 17.64 0.19
N ARG K 242 26.71 18.30 -0.01
CA ARG K 242 25.72 17.84 -0.98
C ARG K 242 25.52 18.82 -2.12
N ALA K 243 25.96 18.43 -3.30
CA ALA K 243 25.83 19.24 -4.51
C ALA K 243 24.70 18.63 -5.27
N ARG K 244 23.55 19.28 -5.24
CA ARG K 244 22.41 18.69 -5.91
C ARG K 244 22.04 19.27 -7.24
N ASP K 245 21.61 18.38 -8.12
CA ASP K 245 21.17 18.73 -9.47
C ASP K 245 20.34 17.55 -9.95
N ASP K 246 19.04 17.62 -9.71
CA ASP K 246 18.17 16.55 -10.12
C ASP K 246 18.20 16.36 -11.63
N ALA K 247 18.71 17.35 -12.35
CA ALA K 247 18.76 17.26 -13.81
C ALA K 247 19.95 16.44 -14.36
N LEU K 248 20.64 15.71 -13.49
CA LEU K 248 21.77 14.89 -13.91
C LEU K 248 21.33 13.44 -13.97
N PRO K 249 21.87 12.69 -14.95
CA PRO K 249 21.59 11.28 -15.18
C PRO K 249 21.65 10.41 -13.94
N VAL K 250 22.77 10.46 -13.26
CA VAL K 250 22.95 9.66 -12.06
C VAL K 250 23.56 10.49 -10.97
N ALA K 251 23.40 10.02 -9.75
CA ALA K 251 23.97 10.70 -8.64
C ALA K 251 25.21 9.89 -8.28
N HIS K 252 26.21 10.59 -7.74
CA HIS K 252 27.48 9.99 -7.32
C HIS K 252 27.62 10.16 -5.80
N VAL K 253 28.12 9.12 -5.15
CA VAL K 253 28.28 9.19 -3.72
C VAL K 253 29.63 8.63 -3.31
N ALA K 254 30.27 9.34 -2.39
CA ALA K 254 31.56 8.96 -1.88
C ALA K 254 31.56 9.12 -0.37
N LEU K 255 32.00 8.07 0.31
CA LEU K 255 32.05 8.10 1.76
C LEU K 255 33.42 7.61 2.16
N ALA K 256 33.97 8.20 3.22
CA ALA K 256 35.27 7.80 3.71
C ALA K 256 35.57 8.21 5.15
N VAL K 257 36.56 7.52 5.72
CA VAL K 257 37.05 7.71 7.08
C VAL K 257 38.51 8.12 6.98
N GLU K 258 39.04 8.83 7.97
CA GLU K 258 40.43 9.22 7.88
C GLU K 258 41.35 7.99 7.74
N GLY K 259 42.37 8.13 6.89
CA GLY K 259 43.33 7.07 6.65
C GLY K 259 44.60 7.33 7.43
N PRO K 260 45.41 6.28 7.68
CA PRO K 260 46.67 6.36 8.43
C PRO K 260 47.83 7.14 7.79
N GLY K 261 48.12 6.87 6.52
CA GLY K 261 49.24 7.55 5.89
C GLY K 261 50.32 6.53 5.57
N TRP K 262 50.85 6.61 4.35
CA TRP K 262 51.87 5.68 3.88
C TRP K 262 52.62 4.90 4.94
N ALA K 263 53.29 5.60 5.84
CA ALA K 263 54.06 4.97 6.91
C ALA K 263 53.42 3.68 7.44
N ASP K 264 52.30 3.84 8.14
CA ASP K 264 51.57 2.74 8.77
C ASP K 264 51.54 1.41 8.01
N PRO K 265 51.93 0.31 8.70
CA PRO K 265 51.98 -1.05 8.16
C PRO K 265 50.57 -1.59 8.04
N ASP K 266 49.63 -0.79 8.54
CA ASP K 266 48.24 -1.19 8.49
C ASP K 266 47.75 -1.07 7.06
N ASN K 267 48.24 -0.07 6.34
CA ASN K 267 47.80 0.12 4.97
C ASN K 267 47.68 -1.20 4.26
N VAL K 268 48.61 -2.11 4.53
CA VAL K 268 48.56 -3.44 3.92
C VAL K 268 47.14 -3.97 4.18
N VAL K 269 46.87 -4.32 5.43
CA VAL K 269 45.57 -4.84 5.82
C VAL K 269 44.45 -4.09 5.11
N LEU K 270 44.39 -2.78 5.28
CA LEU K 270 43.33 -2.03 4.64
C LEU K 270 43.14 -2.45 3.19
N HIS K 271 44.23 -2.58 2.44
CA HIS K 271 44.09 -2.97 1.05
C HIS K 271 43.54 -4.36 0.88
N VAL K 272 43.86 -5.24 1.82
CA VAL K 272 43.35 -6.61 1.78
C VAL K 272 41.84 -6.48 1.92
N ALA K 273 41.43 -5.69 2.89
CA ALA K 273 40.01 -5.47 3.10
C ALA K 273 39.45 -4.98 1.78
N ASN K 274 39.91 -3.82 1.34
CA ASN K 274 39.43 -3.26 0.07
C ASN K 274 39.37 -4.27 -1.07
N ALA K 275 40.02 -5.42 -0.90
CA ALA K 275 40.02 -6.45 -1.93
C ALA K 275 38.75 -7.29 -1.78
N ILE K 276 38.31 -7.46 -0.55
CA ILE K 276 37.11 -8.23 -0.25
C ILE K 276 35.86 -7.59 -0.83
N ILE K 277 35.71 -6.29 -0.62
CA ILE K 277 34.55 -5.58 -1.12
C ILE K 277 34.77 -5.25 -2.57
N GLY K 278 36.01 -5.36 -3.02
CA GLY K 278 36.34 -5.08 -4.42
C GLY K 278 35.62 -3.91 -5.10
N ARG K 279 35.33 -4.08 -6.38
CA ARG K 279 34.66 -3.04 -7.15
C ARG K 279 33.82 -3.69 -8.23
N TYR K 280 32.73 -3.02 -8.59
CA TYR K 280 31.84 -3.53 -9.61
C TYR K 280 31.44 -2.46 -10.62
N ASP K 281 30.96 -2.92 -11.78
CA ASP K 281 30.54 -2.04 -12.84
C ASP K 281 29.82 -2.82 -13.96
N ARG K 282 28.63 -2.34 -14.30
CA ARG K 282 27.77 -2.91 -15.34
C ARG K 282 28.33 -3.95 -16.31
N THR K 283 29.48 -3.66 -16.90
CA THR K 283 30.05 -4.56 -17.89
C THR K 283 30.67 -5.86 -17.41
N PHE K 284 31.08 -5.90 -16.15
CA PHE K 284 31.68 -7.12 -15.63
C PHE K 284 30.78 -8.27 -16.05
N GLY K 285 31.38 -9.31 -16.61
CA GLY K 285 30.58 -10.44 -17.03
C GLY K 285 30.26 -11.40 -15.89
N GLY K 286 31.02 -11.31 -14.81
CA GLY K 286 30.77 -12.19 -13.69
C GLY K 286 29.35 -12.11 -13.17
N GLY K 287 28.82 -10.88 -13.08
CA GLY K 287 27.46 -10.65 -12.61
C GLY K 287 27.08 -11.33 -11.31
N LYS K 288 25.81 -11.74 -11.21
CA LYS K 288 25.28 -12.38 -10.01
C LYS K 288 26.20 -13.36 -9.29
N HIS K 289 27.24 -13.82 -9.97
CA HIS K 289 28.15 -14.79 -9.34
C HIS K 289 29.39 -14.26 -8.67
N LEU K 290 29.75 -13.02 -8.97
CA LEU K 290 30.91 -12.38 -8.40
C LEU K 290 31.11 -12.80 -6.95
N SER K 291 32.35 -12.76 -6.49
CA SER K 291 32.66 -13.16 -5.14
C SER K 291 32.54 -12.00 -4.16
N SER K 292 32.52 -10.79 -4.68
CA SER K 292 32.38 -9.62 -3.83
C SER K 292 30.93 -9.44 -3.39
N ARG K 293 30.69 -9.68 -2.10
CA ARG K 293 29.36 -9.55 -1.54
C ARG K 293 28.61 -8.36 -2.15
N LEU K 294 29.11 -7.15 -1.90
CA LEU K 294 28.48 -5.93 -2.42
C LEU K 294 28.24 -5.98 -3.91
N ALA K 295 29.17 -6.59 -4.63
CA ALA K 295 29.04 -6.70 -6.07
C ALA K 295 27.79 -7.49 -6.39
N ALA K 296 27.65 -8.64 -5.74
CA ALA K 296 26.49 -9.52 -5.92
C ALA K 296 25.17 -8.75 -5.78
N LEU K 297 24.85 -8.36 -4.55
CA LEU K 297 23.64 -7.61 -4.31
C LEU K 297 23.58 -6.52 -5.36
N ALA K 298 24.68 -5.80 -5.53
CA ALA K 298 24.73 -4.72 -6.49
C ALA K 298 24.07 -5.13 -7.79
N VAL K 299 24.34 -6.37 -8.18
CA VAL K 299 23.81 -6.98 -9.39
C VAL K 299 22.34 -7.38 -9.23
N GLU K 300 22.08 -8.22 -8.23
CA GLU K 300 20.75 -8.74 -7.93
C GLU K 300 19.70 -7.68 -7.97
N HIS K 301 19.88 -6.63 -7.21
CA HIS K 301 18.87 -5.59 -7.16
C HIS K 301 19.15 -4.37 -8.03
N LYS K 302 20.04 -4.53 -9.00
CA LYS K 302 20.41 -3.42 -9.91
C LYS K 302 20.72 -2.17 -9.06
N LEU K 303 21.57 -2.36 -8.06
CA LEU K 303 21.94 -1.30 -7.14
C LEU K 303 22.63 -0.10 -7.77
N CYS K 304 23.84 -0.30 -8.28
CA CYS K 304 24.58 0.80 -8.87
C CYS K 304 25.07 0.50 -10.27
N HIS K 305 25.54 1.55 -10.93
CA HIS K 305 26.09 1.45 -12.26
C HIS K 305 27.53 0.99 -12.06
N SER K 306 28.03 1.28 -10.86
CA SER K 306 29.41 0.98 -10.52
C SER K 306 29.69 1.48 -9.12
N PHE K 307 30.64 0.82 -8.47
CA PHE K 307 31.05 1.21 -7.14
C PHE K 307 32.48 0.77 -7.00
N GLN K 308 33.23 1.46 -6.16
CA GLN K 308 34.63 1.14 -5.98
C GLN K 308 35.20 1.45 -4.61
N THR K 309 36.12 0.59 -4.18
CA THR K 309 36.79 0.76 -2.91
C THR K 309 38.05 1.54 -3.21
N PHE K 310 38.58 2.22 -2.20
CA PHE K 310 39.77 3.02 -2.38
C PHE K 310 40.40 3.44 -1.07
N ASN K 311 41.72 3.31 -0.99
CA ASN K 311 42.45 3.74 0.20
C ASN K 311 43.53 4.75 -0.18
N THR K 312 43.09 5.94 -0.58
CA THR K 312 43.99 6.99 -0.98
C THR K 312 44.83 7.37 0.24
N SER K 313 46.14 7.15 0.13
CA SER K 313 47.07 7.46 1.20
C SER K 313 47.83 8.77 1.02
N TYR K 314 48.35 9.28 2.12
CA TYR K 314 49.13 10.49 2.09
C TYR K 314 50.20 10.36 3.15
N SER K 315 51.19 11.25 3.08
CA SER K 315 52.30 11.33 4.01
C SER K 315 51.93 11.14 5.48
N ASP K 316 51.02 11.99 5.95
CA ASP K 316 50.51 12.02 7.32
C ASP K 316 49.06 11.53 7.54
N THR K 317 48.24 11.54 6.49
CA THR K 317 46.83 11.15 6.60
C THR K 317 46.37 10.08 5.59
N GLY K 318 45.09 10.13 5.23
CA GLY K 318 44.49 9.21 4.26
C GLY K 318 42.99 9.40 4.02
N LEU K 319 42.43 8.68 3.05
CA LEU K 319 41.00 8.76 2.81
C LEU K 319 40.49 7.39 2.41
N PHE K 320 40.12 6.60 3.43
CA PHE K 320 39.59 5.23 3.24
C PHE K 320 38.09 5.28 3.13
N GLY K 321 37.56 4.76 2.02
CA GLY K 321 36.13 4.78 1.85
C GLY K 321 35.63 4.02 0.65
N PHE K 322 34.63 4.61 -0.02
CA PHE K 322 34.04 4.03 -1.23
C PHE K 322 33.16 5.03 -1.99
N HIS K 323 33.09 4.80 -3.31
CA HIS K 323 32.34 5.63 -4.24
C HIS K 323 31.55 4.78 -5.21
N PHE K 324 30.26 5.07 -5.30
CA PHE K 324 29.38 4.34 -6.22
C PHE K 324 28.51 5.31 -7.03
N VAL K 325 28.08 4.90 -8.20
CA VAL K 325 27.24 5.75 -9.02
C VAL K 325 25.99 5.00 -9.35
N ALA K 326 24.83 5.57 -9.05
CA ALA K 326 23.59 4.84 -9.34
C ALA K 326 22.40 5.72 -9.64
N ASP K 327 21.32 5.09 -10.11
CA ASP K 327 20.10 5.79 -10.46
C ASP K 327 19.60 6.48 -9.23
N PRO K 328 18.98 7.66 -9.41
CA PRO K 328 18.45 8.48 -8.33
C PRO K 328 17.63 7.70 -7.34
N LEU K 329 16.94 6.66 -7.83
CA LEU K 329 16.05 5.83 -7.03
C LEU K 329 16.54 4.56 -6.33
N SER K 330 17.85 4.42 -6.12
CA SER K 330 18.32 3.23 -5.43
C SER K 330 19.45 3.65 -4.51
N ILE K 331 19.94 4.87 -4.72
CA ILE K 331 21.05 5.37 -3.94
C ILE K 331 21.01 4.78 -2.55
N ASP K 332 19.85 4.91 -1.92
CA ASP K 332 19.70 4.40 -0.56
C ASP K 332 20.06 2.94 -0.38
N ASP K 333 19.15 2.05 -0.79
CA ASP K 333 19.40 0.62 -0.69
C ASP K 333 20.90 0.35 -0.89
N MET K 334 21.46 0.89 -1.97
CA MET K 334 22.88 0.72 -2.31
C MET K 334 23.75 1.10 -1.13
N MET K 335 23.74 2.38 -0.81
CA MET K 335 24.52 2.87 0.32
C MET K 335 24.40 1.83 1.43
N PHE K 336 23.15 1.59 1.79
CA PHE K 336 22.83 0.66 2.84
C PHE K 336 23.65 -0.62 2.80
N CYS K 337 23.54 -1.36 1.70
CA CYS K 337 24.29 -2.61 1.57
C CYS K 337 25.76 -2.35 1.75
N ALA K 338 26.23 -1.26 1.14
CA ALA K 338 27.63 -0.87 1.21
C ALA K 338 28.03 -0.79 2.67
N GLN K 339 27.52 0.24 3.34
CA GLN K 339 27.84 0.45 4.76
C GLN K 339 27.77 -0.84 5.54
N GLY K 340 26.89 -1.73 5.09
CA GLY K 340 26.76 -3.01 5.76
C GLY K 340 28.05 -3.77 5.62
N GLU K 341 28.49 -3.91 4.39
CA GLU K 341 29.71 -4.64 4.15
C GLU K 341 30.80 -4.10 5.06
N TRP K 342 30.95 -2.79 5.11
CA TRP K 342 31.97 -2.24 6.00
C TRP K 342 31.77 -2.85 7.36
N MET K 343 30.56 -2.71 7.89
CA MET K 343 30.27 -3.27 9.20
C MET K 343 30.65 -4.71 9.18
N ARG K 344 30.15 -5.45 8.20
CA ARG K 344 30.47 -6.86 8.14
C ARG K 344 31.97 -7.08 8.23
N LEU K 345 32.75 -6.19 7.61
CA LEU K 345 34.21 -6.31 7.64
C LEU K 345 34.75 -6.23 9.07
N CYS K 346 34.25 -5.25 9.80
CA CYS K 346 34.68 -5.02 11.17
C CYS K 346 34.10 -6.03 12.15
N THR K 347 33.26 -6.95 11.67
CA THR K 347 32.62 -7.92 12.58
C THR K 347 32.62 -9.41 12.28
N SER K 348 32.55 -9.78 11.01
CA SER K 348 32.52 -11.21 10.70
C SER K 348 33.31 -11.67 9.46
N THR K 349 34.35 -10.94 9.08
CA THR K 349 35.14 -11.35 7.93
C THR K 349 35.67 -12.76 8.20
N THR K 350 35.68 -13.64 7.21
CA THR K 350 36.14 -15.00 7.43
C THR K 350 37.52 -15.28 6.87
N GLU K 351 38.03 -16.47 7.12
CA GLU K 351 39.34 -16.82 6.63
C GLU K 351 39.31 -16.94 5.12
N SER K 352 38.22 -17.48 4.59
CA SER K 352 38.09 -17.66 3.15
C SER K 352 38.00 -16.33 2.43
N GLU K 353 37.40 -15.36 3.09
CA GLU K 353 37.28 -14.05 2.48
C GLU K 353 38.65 -13.42 2.30
N VAL K 354 39.46 -13.42 3.35
CA VAL K 354 40.79 -12.83 3.24
C VAL K 354 41.67 -13.64 2.29
N LYS K 355 41.67 -14.96 2.41
CA LYS K 355 42.52 -15.79 1.53
C LYS K 355 42.43 -15.29 0.11
N ARG K 356 41.21 -15.06 -0.36
CA ARG K 356 41.04 -14.56 -1.71
C ARG K 356 41.67 -13.17 -1.85
N ALA K 357 41.05 -12.17 -1.22
CA ALA K 357 41.54 -10.78 -1.28
C ALA K 357 43.06 -10.81 -1.46
N LYS K 358 43.73 -11.52 -0.56
CA LYS K 358 45.19 -11.67 -0.62
C LYS K 358 45.61 -11.99 -2.04
N ASN K 359 45.15 -13.11 -2.58
CA ASN K 359 45.51 -13.47 -3.94
C ASN K 359 45.11 -12.41 -4.97
N HIS K 360 44.02 -11.70 -4.73
CA HIS K 360 43.62 -10.67 -5.67
C HIS K 360 44.63 -9.53 -5.54
N LEU K 361 44.86 -9.08 -4.31
CA LEU K 361 45.79 -8.01 -4.05
C LEU K 361 47.16 -8.30 -4.66
N ARG K 362 47.69 -9.50 -4.41
CA ARG K 362 48.99 -9.87 -4.95
C ARG K 362 49.04 -9.54 -6.43
N SER K 363 48.02 -9.96 -7.18
CA SER K 363 48.00 -9.68 -8.62
C SER K 363 48.08 -8.19 -9.00
N ALA K 364 47.23 -7.35 -8.44
CA ALA K 364 47.27 -5.92 -8.75
C ALA K 364 48.67 -5.46 -8.41
N MET K 365 49.17 -5.96 -7.27
CA MET K 365 50.51 -5.64 -6.78
C MET K 365 51.49 -5.82 -7.93
N VAL K 366 51.37 -6.95 -8.63
CA VAL K 366 52.20 -7.28 -9.76
C VAL K 366 51.84 -6.40 -10.96
N ALA K 367 50.56 -6.35 -11.29
CA ALA K 367 50.09 -5.57 -12.43
C ALA K 367 50.44 -4.08 -12.36
N GLN K 368 50.84 -3.60 -11.19
CA GLN K 368 51.21 -2.21 -11.06
C GLN K 368 52.61 -2.08 -11.60
N LEU K 369 53.31 -3.21 -11.62
CA LEU K 369 54.68 -3.29 -12.13
C LEU K 369 54.64 -4.09 -13.42
N ASP K 370 53.95 -3.53 -14.40
CA ASP K 370 53.80 -4.17 -15.70
C ASP K 370 54.39 -3.23 -16.74
N GLY K 371 55.69 -3.34 -16.93
CA GLY K 371 56.36 -2.51 -17.90
C GLY K 371 57.35 -1.57 -17.25
N THR K 372 57.84 -0.61 -18.03
CA THR K 372 58.80 0.36 -17.54
C THR K 372 58.12 1.49 -16.77
N THR K 373 57.39 2.34 -17.47
CA THR K 373 56.72 3.45 -16.80
C THR K 373 56.19 3.04 -15.43
N PRO K 374 55.30 2.03 -15.39
CA PRO K 374 54.75 1.60 -14.10
C PRO K 374 55.82 1.43 -13.02
N VAL K 375 56.81 0.58 -13.28
CA VAL K 375 57.90 0.33 -12.32
C VAL K 375 58.48 1.65 -11.82
N CYS K 376 58.95 2.45 -12.76
CA CYS K 376 59.55 3.74 -12.48
C CYS K 376 58.64 4.56 -11.57
N GLU K 377 57.34 4.53 -11.86
CA GLU K 377 56.37 5.28 -11.05
C GLU K 377 56.45 4.78 -9.62
N THR K 378 56.34 3.46 -9.47
CA THR K 378 56.39 2.83 -8.16
C THR K 378 57.64 3.29 -7.41
N ILE K 379 58.78 3.24 -8.08
CA ILE K 379 60.03 3.66 -7.47
C ILE K 379 59.98 5.16 -7.16
N GLY K 380 59.67 5.95 -8.19
CA GLY K 380 59.57 7.39 -8.00
C GLY K 380 58.78 7.66 -6.74
N SER K 381 57.66 6.97 -6.60
CA SER K 381 56.82 7.16 -5.43
C SER K 381 57.23 6.35 -4.20
N HIS K 382 57.99 5.28 -4.37
CA HIS K 382 58.37 4.54 -3.19
C HIS K 382 59.32 5.38 -2.34
N LEU K 383 60.42 5.82 -2.95
CA LEU K 383 61.41 6.62 -2.25
C LEU K 383 60.81 7.90 -1.67
N LEU K 384 60.01 8.57 -2.48
CA LEU K 384 59.39 9.81 -2.10
C LEU K 384 58.44 9.74 -0.90
N ASN K 385 57.70 8.64 -0.75
CA ASN K 385 56.75 8.47 0.35
C ASN K 385 57.13 7.48 1.43
N TYR K 386 57.50 6.27 1.03
CA TYR K 386 57.88 5.22 1.99
C TYR K 386 59.34 5.31 2.48
N GLY K 387 60.17 6.13 1.82
CA GLY K 387 61.56 6.24 2.25
C GLY K 387 62.50 5.52 1.30
N ARG K 388 62.34 4.20 1.15
CA ARG K 388 63.17 3.42 0.25
C ARG K 388 62.32 2.74 -0.84
N ARG K 389 62.76 1.56 -1.29
CA ARG K 389 62.02 0.84 -2.31
C ARG K 389 61.55 -0.44 -1.69
N ILE K 390 60.24 -0.68 -1.78
CA ILE K 390 59.63 -1.86 -1.25
C ILE K 390 59.43 -2.90 -2.35
N SER K 391 60.22 -3.96 -2.28
CA SER K 391 60.19 -5.03 -3.28
C SER K 391 58.93 -5.87 -3.18
N LEU K 392 58.62 -6.58 -4.26
CA LEU K 392 57.46 -7.43 -4.25
C LEU K 392 57.69 -8.56 -3.28
N GLU K 393 58.92 -9.08 -3.19
CA GLU K 393 59.17 -10.16 -2.26
C GLU K 393 58.72 -9.70 -0.87
N GLU K 394 59.03 -8.45 -0.54
CA GLU K 394 58.64 -7.90 0.75
C GLU K 394 57.13 -7.75 0.83
N TRP K 395 56.57 -6.85 0.02
CA TRP K 395 55.13 -6.67 0.01
C TRP K 395 54.48 -8.01 0.28
N ASP K 396 54.80 -9.02 -0.54
CA ASP K 396 54.22 -10.35 -0.37
C ASP K 396 54.21 -10.89 1.06
N SER K 397 55.34 -10.85 1.74
CA SER K 397 55.38 -11.35 3.11
C SER K 397 54.28 -10.66 3.88
N ARG K 398 54.37 -9.34 3.93
CA ARG K 398 53.40 -8.49 4.62
C ARG K 398 51.95 -8.88 4.34
N ILE K 399 51.71 -9.46 3.16
CA ILE K 399 50.38 -9.88 2.78
C ILE K 399 50.08 -11.29 3.26
N SER K 400 51.00 -12.23 3.06
CA SER K 400 50.77 -13.59 3.55
C SER K 400 50.56 -13.58 5.07
N ALA K 401 50.94 -12.47 5.69
CA ALA K 401 50.79 -12.31 7.14
C ALA K 401 49.34 -12.12 7.51
N VAL K 402 48.72 -11.09 6.93
CA VAL K 402 47.32 -10.74 7.18
C VAL K 402 46.36 -11.93 7.16
N ASP K 403 45.49 -11.97 8.16
CA ASP K 403 44.49 -13.01 8.29
C ASP K 403 43.21 -12.34 8.80
N ALA K 404 42.18 -13.16 9.03
CA ALA K 404 40.90 -12.64 9.51
C ALA K 404 41.08 -11.65 10.66
N ARG K 405 41.23 -12.21 11.86
CA ARG K 405 41.41 -11.42 13.10
C ARG K 405 41.96 -10.02 12.79
N MET K 406 43.06 -9.97 12.05
CA MET K 406 43.68 -8.71 11.70
C MET K 406 42.72 -7.78 10.98
N VAL K 407 42.23 -8.21 9.82
CA VAL K 407 41.31 -7.39 9.07
C VAL K 407 40.24 -6.81 9.98
N ARG K 408 39.57 -7.68 10.74
CA ARG K 408 38.53 -7.22 11.65
C ARG K 408 39.09 -6.07 12.49
N ASP K 409 40.02 -6.39 13.38
CA ASP K 409 40.64 -5.39 14.24
C ASP K 409 40.97 -4.09 13.51
N VAL K 410 41.73 -4.20 12.42
CA VAL K 410 42.16 -3.05 11.63
C VAL K 410 41.03 -2.20 11.08
N CYS K 411 40.05 -2.84 10.45
CA CYS K 411 38.93 -2.12 9.89
C CYS K 411 38.13 -1.51 11.02
N SER K 412 37.97 -2.29 12.08
CA SER K 412 37.25 -1.84 13.26
C SER K 412 38.00 -0.60 13.67
N LYS K 413 39.32 -0.77 13.76
CA LYS K 413 40.24 0.27 14.15
C LYS K 413 39.91 1.59 13.46
N TYR K 414 39.74 1.57 12.13
CA TYR K 414 39.47 2.79 11.35
C TYR K 414 38.05 3.09 10.87
N ILE K 415 37.17 2.08 10.86
CA ILE K 415 35.81 2.28 10.37
C ILE K 415 34.67 2.34 11.38
N TYR K 416 34.76 1.53 12.43
CA TYR K 416 33.71 1.45 13.44
C TYR K 416 33.42 2.69 14.29
N ASP K 417 32.17 3.12 14.21
CA ASP K 417 31.65 4.27 14.94
C ASP K 417 32.44 5.53 14.73
N LYS K 418 33.03 5.69 13.55
CA LYS K 418 33.80 6.88 13.26
C LYS K 418 32.89 7.80 12.50
N CYS K 419 33.00 9.10 12.70
CA CYS K 419 32.17 10.03 11.93
C CYS K 419 32.86 10.04 10.57
N PRO K 420 32.12 9.79 9.47
CA PRO K 420 32.76 9.78 8.15
C PRO K 420 32.50 11.01 7.30
N ALA K 421 33.18 11.06 6.16
CA ALA K 421 33.03 12.16 5.24
C ALA K 421 32.15 11.72 4.11
N LEU K 422 31.15 12.54 3.79
CA LEU K 422 30.23 12.20 2.73
C LEU K 422 30.26 13.19 1.57
N ALA K 423 30.20 12.64 0.36
CA ALA K 423 30.22 13.47 -0.82
C ALA K 423 29.07 13.08 -1.76
N ALA K 424 28.11 13.97 -1.90
CA ALA K 424 27.01 13.64 -2.79
C ALA K 424 26.87 14.68 -3.90
N VAL K 425 26.64 14.18 -5.11
CA VAL K 425 26.51 15.01 -6.29
C VAL K 425 25.46 14.43 -7.21
N GLY K 426 24.62 15.31 -7.78
CA GLY K 426 23.58 14.88 -8.70
C GLY K 426 22.20 14.93 -8.10
N PRO K 427 21.28 14.07 -8.57
CA PRO K 427 19.88 13.96 -8.10
C PRO K 427 19.81 13.04 -6.88
N ILE K 428 20.42 13.48 -5.79
CA ILE K 428 20.52 12.71 -4.55
C ILE K 428 19.39 12.74 -3.54
N GLU K 429 18.21 13.22 -3.93
CA GLU K 429 17.11 13.29 -2.97
C GLU K 429 16.95 12.05 -2.12
N GLN K 430 16.90 10.87 -2.73
CA GLN K 430 16.71 9.63 -1.99
C GLN K 430 17.64 9.36 -0.80
N LEU K 431 18.95 9.56 -0.94
CA LEU K 431 19.87 9.30 0.19
C LEU K 431 19.81 10.45 1.15
N LEU K 432 19.49 10.23 2.42
CA LEU K 432 19.47 11.40 3.29
C LEU K 432 19.90 11.26 4.74
N ASP K 433 20.05 12.42 5.35
CA ASP K 433 20.48 12.62 6.72
C ASP K 433 21.79 11.95 7.06
N TYR K 434 22.75 12.79 7.43
CA TYR K 434 24.07 12.32 7.85
C TYR K 434 23.83 11.44 9.09
N ASN K 435 23.03 11.97 10.02
CA ASN K 435 22.70 11.25 11.25
C ASN K 435 22.51 9.80 10.91
N ARG K 436 21.59 9.56 9.98
CA ARG K 436 21.26 8.23 9.54
C ARG K 436 22.47 7.55 8.95
N ILE K 437 23.18 8.23 8.06
CA ILE K 437 24.35 7.64 7.46
C ILE K 437 25.30 7.27 8.58
N ARG K 438 25.40 8.16 9.56
CA ARG K 438 26.27 7.97 10.71
C ARG K 438 25.93 6.66 11.39
N SER K 439 24.66 6.55 11.82
CA SER K 439 24.14 5.38 12.50
C SER K 439 24.55 4.11 11.74
N GLY K 440 24.72 4.23 10.43
CA GLY K 440 25.09 3.08 9.63
C GLY K 440 26.54 2.71 9.84
N MET K 441 27.13 3.23 10.91
CA MET K 441 28.52 2.97 11.18
C MET K 441 28.75 1.93 12.27
N TYR K 442 27.69 1.39 12.85
CA TYR K 442 27.89 0.39 13.88
C TYR K 442 26.77 -0.64 13.92
N TRP K 443 27.13 -1.85 14.37
CA TRP K 443 26.27 -3.04 14.48
C TRP K 443 25.99 -3.73 13.12
N ILE K 444 26.73 -4.82 12.84
CA ILE K 444 26.60 -5.58 11.59
C ILE K 444 25.25 -6.30 11.46
N CYS L 20 70.22 -19.30 -9.91
CA CYS L 20 68.78 -18.96 -10.12
C CYS L 20 68.50 -18.36 -11.52
N PRO L 21 67.22 -18.42 -11.99
CA PRO L 21 66.67 -17.96 -13.29
C PRO L 21 67.39 -16.90 -14.14
N GLY L 22 67.46 -17.18 -15.44
CA GLY L 22 68.11 -16.29 -16.38
C GLY L 22 67.21 -15.86 -17.53
N ALA L 23 67.43 -16.43 -18.72
CA ALA L 23 66.63 -16.12 -19.91
C ALA L 23 66.46 -17.40 -20.75
N GLU L 24 65.29 -17.54 -21.41
CA GLU L 24 64.99 -18.73 -22.22
C GLU L 24 64.73 -18.49 -23.72
N ASP L 25 64.62 -19.60 -24.44
CA ASP L 25 64.36 -19.60 -25.89
C ASP L 25 62.85 -19.72 -26.16
N LEU L 26 62.28 -18.76 -26.88
CA LEU L 26 60.85 -18.81 -27.22
C LEU L 26 60.57 -19.95 -28.20
N GLU L 27 60.23 -21.12 -27.68
CA GLU L 27 59.93 -22.30 -28.49
C GLU L 27 58.56 -22.16 -29.14
N ILE L 28 58.27 -22.99 -30.14
CA ILE L 28 56.99 -22.92 -30.83
C ILE L 28 56.70 -24.19 -31.64
N THR L 29 56.11 -25.19 -30.99
CA THR L 29 55.74 -26.45 -31.64
C THR L 29 54.50 -26.25 -32.53
N LYS L 30 53.98 -27.33 -33.10
CA LYS L 30 52.80 -27.27 -33.96
C LYS L 30 52.21 -28.68 -34.11
N LEU L 31 50.98 -28.86 -33.63
CA LEU L 31 50.29 -30.15 -33.65
C LEU L 31 49.83 -30.68 -35.00
N PRO L 32 49.57 -32.00 -35.08
CA PRO L 32 49.12 -32.68 -36.29
C PRO L 32 47.80 -32.18 -36.83
N ASN L 33 46.99 -31.58 -35.94
CA ASN L 33 45.68 -31.05 -36.32
C ASN L 33 45.62 -29.56 -36.67
N GLY L 34 46.75 -28.85 -36.57
CA GLY L 34 46.76 -27.44 -36.93
C GLY L 34 46.85 -26.45 -35.78
N LEU L 35 46.92 -26.97 -34.56
CA LEU L 35 47.01 -26.16 -33.37
C LEU L 35 48.44 -25.70 -33.16
N ILE L 36 48.61 -24.43 -32.81
CA ILE L 36 49.92 -23.84 -32.56
C ILE L 36 50.10 -23.56 -31.07
N ILE L 37 51.34 -23.63 -30.58
CA ILE L 37 51.64 -23.39 -29.16
C ILE L 37 52.89 -22.52 -29.06
N ALA L 38 52.73 -21.29 -28.56
CA ALA L 38 53.87 -20.40 -28.44
C ALA L 38 54.17 -19.99 -27.00
N SER L 39 54.92 -20.81 -26.28
CA SER L 39 55.27 -20.54 -24.88
C SER L 39 56.63 -19.87 -24.77
N LEU L 40 56.79 -19.08 -23.73
CA LEU L 40 58.04 -18.37 -23.50
C LEU L 40 58.15 -18.08 -22.04
N GLU L 41 59.10 -18.73 -21.39
CA GLU L 41 59.33 -18.52 -19.98
C GLU L 41 60.15 -17.19 -19.82
N ASN L 42 59.69 -16.28 -18.96
CA ASN L 42 60.40 -15.04 -18.75
C ASN L 42 60.48 -14.85 -17.25
N PHE L 43 60.23 -15.96 -16.56
CA PHE L 43 60.27 -16.04 -15.10
C PHE L 43 59.59 -14.92 -14.33
N SER L 44 58.50 -14.37 -14.88
CA SER L 44 57.77 -13.33 -14.18
C SER L 44 56.79 -14.05 -13.25
N PRO L 45 56.43 -13.40 -12.13
CA PRO L 45 55.50 -14.00 -11.17
C PRO L 45 54.10 -14.18 -11.75
N ALA L 46 53.81 -13.42 -12.81
CA ALA L 46 52.51 -13.47 -13.46
C ALA L 46 52.49 -14.15 -14.84
N SER L 47 51.85 -15.31 -14.89
CA SER L 47 51.72 -16.06 -16.12
C SER L 47 50.51 -15.42 -16.83
N ARG L 48 50.32 -15.75 -18.11
CA ARG L 48 49.19 -15.21 -18.87
C ARG L 48 48.97 -16.00 -20.16
N ILE L 49 48.14 -17.01 -20.06
CA ILE L 49 47.82 -17.87 -21.17
C ILE L 49 46.81 -17.19 -22.08
N GLY L 50 46.70 -17.69 -23.31
CA GLY L 50 45.76 -17.12 -24.27
C GLY L 50 45.45 -17.96 -25.50
N VAL L 51 44.17 -18.04 -25.84
CA VAL L 51 43.72 -18.78 -27.00
C VAL L 51 43.32 -17.78 -28.07
N PHE L 52 44.21 -17.55 -29.02
CA PHE L 52 43.93 -16.63 -30.10
C PHE L 52 43.20 -17.43 -31.17
N ILE L 53 42.11 -16.89 -31.69
CA ILE L 53 41.35 -17.61 -32.69
C ILE L 53 41.07 -16.78 -33.91
N LYS L 54 41.05 -17.43 -35.07
CA LYS L 54 40.78 -16.75 -36.33
C LYS L 54 39.28 -16.51 -36.52
N ALA L 55 38.56 -16.31 -35.42
CA ALA L 55 37.12 -16.05 -35.50
C ALA L 55 36.95 -14.54 -35.63
N GLY L 56 35.71 -14.04 -35.65
CA GLY L 56 35.54 -12.60 -35.76
C GLY L 56 34.20 -12.18 -36.32
N SER L 57 34.05 -10.89 -36.60
CA SER L 57 32.79 -10.37 -37.14
C SER L 57 32.70 -10.26 -38.67
N ARG L 58 33.55 -11.00 -39.37
CA ARG L 58 33.52 -10.97 -40.83
C ARG L 58 32.90 -12.27 -41.33
N TYR L 59 32.97 -13.30 -40.49
CA TYR L 59 32.40 -14.60 -40.84
C TYR L 59 30.89 -14.56 -40.58
N GLU L 60 30.40 -13.34 -40.35
CA GLU L 60 28.99 -13.15 -40.09
C GLU L 60 28.24 -12.87 -41.38
N THR L 61 27.10 -13.53 -41.54
CA THR L 61 26.24 -13.34 -42.72
C THR L 61 25.12 -12.42 -42.27
N THR L 62 24.40 -11.85 -43.22
CA THR L 62 23.29 -10.97 -42.87
C THR L 62 22.24 -11.78 -42.10
N ALA L 63 22.43 -13.09 -42.04
CA ALA L 63 21.51 -14.00 -41.35
C ALA L 63 21.89 -14.23 -39.87
N ASN L 64 23.17 -14.17 -39.54
CA ASN L 64 23.59 -14.36 -38.15
C ASN L 64 24.48 -13.24 -37.62
N LEU L 65 24.19 -12.02 -38.03
CA LEU L 65 24.94 -10.83 -37.60
C LEU L 65 25.11 -10.77 -36.09
N GLY L 66 25.99 -9.87 -35.67
CA GLY L 66 26.27 -9.67 -34.25
C GLY L 66 26.56 -10.89 -33.39
N THR L 67 26.21 -12.09 -33.85
CA THR L 67 26.45 -13.29 -33.06
C THR L 67 27.88 -13.39 -32.54
N ALA L 68 28.81 -12.72 -33.22
CA ALA L 68 30.20 -12.72 -32.77
C ALA L 68 30.17 -12.05 -31.40
N HIS L 69 29.89 -10.75 -31.47
CA HIS L 69 29.76 -9.86 -30.32
C HIS L 69 29.19 -10.57 -29.09
N LEU L 70 28.01 -11.16 -29.26
CA LEU L 70 27.34 -11.87 -28.19
C LEU L 70 28.26 -12.95 -27.65
N LEU L 71 28.71 -13.81 -28.56
CA LEU L 71 29.60 -14.89 -28.20
C LEU L 71 30.68 -14.37 -27.27
N ARG L 72 31.12 -13.15 -27.53
CA ARG L 72 32.15 -12.53 -26.72
C ARG L 72 31.70 -12.32 -25.27
N LEU L 73 30.45 -11.93 -25.07
CA LEU L 73 29.94 -11.67 -23.74
C LEU L 73 29.58 -12.97 -23.06
N ALA L 74 29.14 -13.91 -23.87
CA ALA L 74 28.73 -15.22 -23.38
C ALA L 74 29.87 -16.04 -22.79
N SER L 75 31.04 -15.43 -22.69
CA SER L 75 32.20 -16.09 -22.14
C SER L 75 31.95 -16.78 -20.80
N PRO L 76 31.41 -16.03 -19.83
CA PRO L 76 31.13 -16.56 -18.49
C PRO L 76 30.09 -17.66 -18.40
N LEU L 77 29.45 -17.96 -19.53
CA LEU L 77 28.40 -18.98 -19.64
C LEU L 77 28.83 -20.42 -19.48
N THR L 78 28.05 -21.16 -18.69
CA THR L 78 28.31 -22.56 -18.38
C THR L 78 28.90 -23.39 -19.52
N THR L 79 29.72 -24.34 -19.13
CA THR L 79 30.41 -25.25 -20.04
C THR L 79 30.05 -26.68 -19.67
N LYS L 80 30.67 -27.65 -20.34
CA LYS L 80 30.40 -29.07 -20.06
C LYS L 80 31.11 -29.53 -18.79
N GLY L 81 32.04 -28.71 -18.30
CA GLY L 81 32.76 -29.08 -17.09
C GLY L 81 32.80 -28.00 -16.03
N ALA L 82 32.30 -26.81 -16.35
CA ALA L 82 32.32 -25.73 -15.38
C ALA L 82 31.06 -24.89 -15.34
N SER L 83 30.50 -24.78 -14.15
CA SER L 83 29.29 -24.02 -13.92
C SER L 83 29.53 -22.52 -13.98
N SER L 84 28.68 -21.79 -14.71
CA SER L 84 28.81 -20.35 -14.80
C SER L 84 29.27 -19.81 -13.47
N PHE L 85 28.85 -20.50 -12.42
CA PHE L 85 29.20 -20.15 -11.06
C PHE L 85 30.66 -20.46 -10.82
N ARG L 86 30.98 -21.74 -10.74
CA ARG L 86 32.35 -22.17 -10.49
C ARG L 86 33.40 -21.47 -11.36
N ILE L 87 33.02 -21.01 -12.55
CA ILE L 87 33.99 -20.30 -13.36
C ILE L 87 34.33 -19.02 -12.65
N THR L 88 33.42 -18.05 -12.67
CA THR L 88 33.72 -16.81 -11.99
C THR L 88 34.27 -17.03 -10.57
N ARG L 89 33.64 -17.89 -9.79
CA ARG L 89 34.11 -18.14 -8.42
C ARG L 89 35.46 -18.81 -8.37
N GLY L 90 35.76 -19.60 -9.38
CA GLY L 90 37.03 -20.31 -9.42
C GLY L 90 38.21 -19.40 -9.75
N ILE L 91 38.01 -18.56 -10.76
CA ILE L 91 39.06 -17.63 -11.20
C ILE L 91 39.20 -16.55 -10.14
N GLU L 92 38.08 -16.13 -9.56
CA GLU L 92 38.13 -15.09 -8.53
C GLU L 92 38.86 -15.59 -7.28
N ALA L 93 38.69 -16.88 -6.98
CA ALA L 93 39.30 -17.51 -5.81
C ALA L 93 40.82 -17.50 -5.76
N VAL L 94 41.47 -17.09 -6.85
CA VAL L 94 42.93 -17.07 -6.90
C VAL L 94 43.43 -15.73 -7.43
N GLY L 95 42.57 -14.73 -7.41
CA GLY L 95 42.94 -13.43 -7.90
C GLY L 95 43.19 -13.52 -9.39
N GLY L 96 42.45 -14.37 -10.07
CA GLY L 96 42.62 -14.53 -11.51
C GLY L 96 41.83 -13.48 -12.26
N SER L 97 41.77 -13.64 -13.58
CA SER L 97 41.03 -12.72 -14.43
C SER L 97 40.79 -13.41 -15.75
N LEU L 98 39.68 -13.11 -16.40
CA LEU L 98 39.38 -13.73 -17.68
C LEU L 98 38.82 -12.66 -18.58
N SER L 99 39.45 -12.48 -19.73
CA SER L 99 39.00 -11.44 -20.64
C SER L 99 38.91 -11.95 -22.06
N VAL L 100 38.08 -11.30 -22.85
CA VAL L 100 37.95 -11.67 -24.25
C VAL L 100 38.12 -10.41 -25.08
N TYR L 101 39.05 -10.45 -26.02
CA TYR L 101 39.31 -9.32 -26.90
C TYR L 101 39.22 -9.82 -28.32
N SER L 102 38.59 -9.04 -29.20
CA SER L 102 38.47 -9.47 -30.58
C SER L 102 38.35 -8.34 -31.61
N THR L 103 38.85 -8.61 -32.81
CA THR L 103 38.83 -7.69 -33.96
C THR L 103 37.87 -8.28 -34.97
N ARG L 104 37.50 -7.52 -36.00
CA ARG L 104 36.59 -8.02 -37.01
C ARG L 104 36.99 -9.40 -37.50
N GLU L 105 38.27 -9.77 -37.34
CA GLU L 105 38.75 -11.07 -37.80
C GLU L 105 39.61 -11.87 -36.81
N LYS L 106 39.53 -11.54 -35.52
CA LYS L 106 40.33 -12.24 -34.52
C LYS L 106 39.75 -12.18 -33.10
N MET L 107 39.55 -13.32 -32.46
CA MET L 107 39.07 -13.38 -31.08
C MET L 107 40.20 -13.90 -30.19
N THR L 108 40.38 -13.32 -29.00
CA THR L 108 41.46 -13.71 -28.11
C THR L 108 41.05 -14.00 -26.65
N TYR L 109 40.71 -15.24 -26.34
CA TYR L 109 40.30 -15.60 -24.98
C TYR L 109 41.54 -15.85 -24.15
N CYS L 110 41.87 -14.95 -23.23
CA CYS L 110 43.05 -15.16 -22.40
C CYS L 110 42.86 -14.92 -20.91
N VAL L 111 43.31 -15.90 -20.12
CA VAL L 111 43.25 -15.81 -18.67
C VAL L 111 44.50 -15.04 -18.26
N GLU L 112 44.79 -15.02 -16.96
CA GLU L 112 45.96 -14.30 -16.41
C GLU L 112 45.99 -14.40 -14.89
N CYS L 113 46.83 -15.27 -14.35
CA CYS L 113 46.90 -15.47 -12.90
C CYS L 113 48.29 -15.44 -12.32
N LEU L 114 48.41 -15.93 -11.09
CA LEU L 114 49.67 -16.00 -10.39
C LEU L 114 50.24 -17.36 -10.77
N ARG L 115 51.54 -17.43 -10.97
CA ARG L 115 52.22 -18.65 -11.37
C ARG L 115 51.69 -19.98 -10.82
N ASP L 116 51.62 -20.11 -9.49
CA ASP L 116 51.19 -21.37 -8.88
C ASP L 116 49.73 -21.76 -9.09
N HIS L 117 49.07 -21.13 -10.05
CA HIS L 117 47.66 -21.43 -10.28
C HIS L 117 47.28 -21.56 -11.75
N VAL L 118 48.28 -21.57 -12.62
CA VAL L 118 48.01 -21.71 -14.05
C VAL L 118 47.14 -22.94 -14.31
N ASP L 119 47.50 -24.06 -13.66
CA ASP L 119 46.79 -25.32 -13.78
C ASP L 119 45.29 -25.10 -13.63
N THR L 120 44.93 -24.38 -12.58
CA THR L 120 43.54 -24.08 -12.29
C THR L 120 42.94 -23.12 -13.32
N VAL L 121 43.43 -21.87 -13.37
CA VAL L 121 42.88 -20.91 -14.33
C VAL L 121 42.83 -21.44 -15.74
N MET L 122 43.51 -22.55 -15.98
CA MET L 122 43.52 -23.11 -17.33
C MET L 122 42.18 -23.78 -17.62
N GLU L 123 41.81 -24.70 -16.74
CA GLU L 123 40.57 -25.43 -16.87
C GLU L 123 39.44 -24.61 -17.43
N TYR L 124 39.18 -23.47 -16.82
CA TYR L 124 38.10 -22.63 -17.26
C TYR L 124 38.34 -22.07 -18.66
N LEU L 125 39.54 -21.56 -18.91
CA LEU L 125 39.86 -21.03 -20.24
C LEU L 125 39.62 -22.10 -21.29
N LEU L 126 39.96 -23.33 -20.92
CA LEU L 126 39.77 -24.48 -21.79
C LEU L 126 38.26 -24.66 -22.01
N ASN L 127 37.57 -25.04 -20.94
CA ASN L 127 36.14 -25.26 -20.98
C ASN L 127 35.31 -24.11 -21.60
N VAL L 128 35.78 -22.88 -21.50
CA VAL L 128 35.02 -21.77 -22.07
C VAL L 128 35.14 -21.67 -23.59
N THR L 129 36.33 -21.99 -24.10
CA THR L 129 36.61 -21.89 -25.53
C THR L 129 36.35 -23.14 -26.33
N THR L 130 36.19 -24.26 -25.65
CA THR L 130 35.99 -25.53 -26.36
C THR L 130 34.80 -26.36 -25.92
N ALA L 131 34.12 -25.95 -24.85
CA ALA L 131 32.96 -26.70 -24.34
C ALA L 131 31.78 -25.82 -23.88
N PRO L 132 31.49 -24.76 -24.63
CA PRO L 132 30.38 -23.90 -24.22
C PRO L 132 29.09 -24.66 -24.42
N GLU L 133 28.15 -24.54 -23.48
CA GLU L 133 26.84 -25.22 -23.58
C GLU L 133 25.72 -24.27 -24.00
N PHE L 134 26.04 -22.99 -24.01
CA PHE L 134 25.11 -21.94 -24.41
C PHE L 134 23.69 -22.30 -24.07
N ARG L 135 23.46 -22.62 -22.80
CA ARG L 135 22.13 -22.97 -22.34
C ARG L 135 21.10 -21.89 -22.73
N PRO L 136 20.07 -22.30 -23.49
CA PRO L 136 18.95 -21.52 -24.03
C PRO L 136 18.48 -20.31 -23.23
N TRP L 137 18.45 -20.46 -21.91
CA TRP L 137 18.01 -19.40 -21.02
C TRP L 137 19.16 -18.47 -20.66
N GLU L 138 20.21 -19.01 -20.06
CA GLU L 138 21.36 -18.19 -19.70
C GLU L 138 21.57 -17.21 -20.84
N VAL L 139 21.54 -17.75 -22.05
CA VAL L 139 21.72 -16.95 -23.25
C VAL L 139 20.68 -15.84 -23.37
N THR L 140 19.41 -16.18 -23.26
CA THR L 140 18.37 -15.16 -23.37
C THR L 140 18.31 -14.19 -22.19
N ASP L 141 18.89 -14.58 -21.05
CA ASP L 141 18.91 -13.72 -19.86
C ASP L 141 20.01 -12.69 -20.09
N LEU L 142 20.99 -13.11 -20.87
CA LEU L 142 22.17 -12.31 -21.20
C LEU L 142 22.07 -11.32 -22.37
N GLN L 143 21.39 -11.69 -23.44
CA GLN L 143 21.31 -10.81 -24.57
C GLN L 143 21.10 -9.33 -24.30
N PRO L 144 20.26 -8.96 -23.33
CA PRO L 144 20.02 -7.54 -23.03
C PRO L 144 21.24 -6.76 -22.59
N GLN L 145 22.36 -7.46 -22.45
CA GLN L 145 23.64 -6.86 -22.07
C GLN L 145 24.22 -6.19 -23.30
N LEU L 146 24.01 -6.82 -24.46
CA LEU L 146 24.48 -6.29 -25.74
C LEU L 146 23.99 -4.85 -25.88
N LYS L 147 22.77 -4.60 -25.47
CA LYS L 147 22.19 -3.27 -25.54
C LYS L 147 22.99 -2.30 -24.67
N VAL L 148 23.68 -2.84 -23.67
CA VAL L 148 24.48 -2.05 -22.73
C VAL L 148 25.96 -1.99 -23.12
N ASP L 149 26.60 -3.16 -23.21
CA ASP L 149 28.01 -3.24 -23.58
C ASP L 149 28.22 -2.34 -24.79
N LYS L 150 27.24 -2.35 -25.67
CA LYS L 150 27.31 -1.52 -26.85
C LYS L 150 27.23 -0.07 -26.39
N ALA L 151 26.11 0.33 -25.79
CA ALA L 151 25.87 1.71 -25.34
C ALA L 151 27.01 2.42 -24.59
N VAL L 152 27.85 1.66 -23.90
CA VAL L 152 28.98 2.24 -23.18
C VAL L 152 30.04 2.61 -24.21
N ALA L 153 30.66 1.60 -24.83
CA ALA L 153 31.68 1.79 -25.83
C ALA L 153 31.28 2.92 -26.80
N PHE L 154 30.03 2.91 -27.25
CA PHE L 154 29.51 3.92 -28.15
C PHE L 154 29.49 5.32 -27.57
N GLN L 155 30.06 5.49 -26.39
CA GLN L 155 30.10 6.80 -25.77
C GLN L 155 31.26 7.58 -26.39
N SER L 156 32.19 6.84 -26.99
CA SER L 156 33.35 7.42 -27.65
C SER L 156 32.94 7.54 -29.13
N PRO L 157 32.56 8.75 -29.57
CA PRO L 157 32.15 8.89 -30.98
C PRO L 157 33.20 8.26 -31.84
N GLN L 158 34.43 8.32 -31.33
CA GLN L 158 35.61 7.75 -31.97
C GLN L 158 35.31 6.34 -32.52
N VAL L 159 34.45 5.58 -31.85
CA VAL L 159 34.07 4.21 -32.26
C VAL L 159 32.89 4.21 -33.23
N GLY L 160 32.12 5.29 -33.19
CA GLY L 160 30.99 5.40 -34.08
C GLY L 160 31.48 5.39 -35.51
N VAL L 161 32.05 6.50 -35.94
CA VAL L 161 32.56 6.64 -37.29
C VAL L 161 33.29 5.41 -37.86
N LEU L 162 34.05 4.70 -37.04
CA LEU L 162 34.77 3.51 -37.54
C LEU L 162 33.81 2.38 -37.95
N GLU L 163 32.75 2.17 -37.17
CA GLU L 163 31.77 1.14 -37.50
C GLU L 163 31.19 1.45 -38.86
N ASN L 164 30.89 2.73 -39.07
CA ASN L 164 30.31 3.26 -40.30
C ASN L 164 31.33 3.27 -41.44
N LEU L 165 32.58 3.61 -41.10
CA LEU L 165 33.63 3.64 -42.10
C LEU L 165 33.75 2.24 -42.67
N HIS L 166 34.12 1.29 -41.82
CA HIS L 166 34.25 -0.09 -42.27
C HIS L 166 33.10 -0.52 -43.16
N ALA L 167 31.91 -0.06 -42.84
CA ALA L 167 30.73 -0.39 -43.63
C ALA L 167 30.80 0.35 -44.97
N ALA L 168 31.22 1.61 -44.90
CA ALA L 168 31.35 2.46 -46.08
C ALA L 168 32.57 2.13 -46.93
N ALA L 169 33.51 1.41 -46.35
CA ALA L 169 34.73 1.07 -47.05
C ALA L 169 34.64 -0.32 -47.60
N TYR L 170 33.57 -1.03 -47.28
CA TYR L 170 33.44 -2.39 -47.78
C TYR L 170 32.04 -2.80 -48.26
N LYS L 171 31.96 -4.04 -48.73
CA LYS L 171 30.71 -4.58 -49.23
C LYS L 171 30.31 -5.78 -48.37
N THR L 172 31.29 -6.37 -47.69
CA THR L 172 31.04 -7.55 -46.86
C THR L 172 32.10 -7.85 -45.80
N ALA L 173 31.94 -8.99 -45.11
CA ALA L 173 32.86 -9.45 -44.07
C ALA L 173 33.42 -8.33 -43.21
N LEU L 174 34.42 -7.63 -43.72
CA LEU L 174 35.01 -6.54 -42.98
C LEU L 174 34.00 -5.42 -42.86
N ALA L 175 33.06 -5.31 -43.79
CA ALA L 175 32.07 -4.24 -43.69
C ALA L 175 31.14 -4.52 -42.52
N ASN L 176 31.18 -5.74 -42.01
CA ASN L 176 30.31 -6.15 -40.90
C ASN L 176 30.72 -5.56 -39.54
N PRO L 177 29.77 -4.84 -38.88
CA PRO L 177 29.98 -4.21 -37.56
C PRO L 177 30.51 -5.12 -36.46
N LEU L 178 31.29 -4.50 -35.57
CA LEU L 178 31.95 -5.16 -34.45
C LEU L 178 31.07 -5.32 -33.23
N TYR L 179 30.05 -4.47 -33.13
CA TYR L 179 29.10 -4.49 -32.03
C TYR L 179 27.68 -4.78 -32.58
N CYS L 180 27.25 -6.04 -32.50
CA CYS L 180 25.93 -6.48 -32.96
C CYS L 180 24.97 -5.30 -33.14
N PRO L 181 24.41 -5.15 -34.34
CA PRO L 181 23.48 -4.03 -34.58
C PRO L 181 22.23 -4.13 -33.71
N ASP L 182 21.55 -3.00 -33.55
CA ASP L 182 20.34 -2.93 -32.73
C ASP L 182 19.32 -4.04 -33.03
N TYR L 183 18.63 -3.91 -34.15
CA TYR L 183 17.60 -4.85 -34.55
C TYR L 183 17.87 -6.30 -34.14
N ARG L 184 19.10 -6.77 -34.31
CA ARG L 184 19.40 -8.16 -33.95
C ARG L 184 19.54 -8.50 -32.46
N ILE L 185 19.39 -7.52 -31.58
CA ILE L 185 19.50 -7.79 -30.15
C ILE L 185 18.42 -8.74 -29.69
N GLY L 186 18.83 -9.91 -29.22
CA GLY L 186 17.88 -10.87 -28.73
C GLY L 186 17.38 -11.94 -29.71
N LYS L 187 17.53 -11.69 -31.01
CA LYS L 187 17.06 -12.65 -32.00
C LYS L 187 18.10 -13.73 -32.34
N ILE L 188 19.26 -13.63 -31.71
CA ILE L 188 20.33 -14.59 -31.91
C ILE L 188 19.95 -15.87 -31.19
N THR L 189 20.28 -17.01 -31.77
CA THR L 189 19.91 -18.29 -31.16
C THR L 189 21.07 -18.97 -30.50
N SER L 190 20.76 -19.98 -29.70
CA SER L 190 21.79 -20.74 -29.02
C SER L 190 22.46 -21.56 -30.10
N GLU L 191 21.84 -21.54 -31.27
CA GLU L 191 22.34 -22.27 -32.41
C GLU L 191 23.40 -21.38 -33.07
N GLN L 192 22.95 -20.26 -33.63
CA GLN L 192 23.86 -19.32 -34.28
C GLN L 192 25.16 -19.18 -33.52
N LEU L 193 25.08 -19.36 -32.21
CA LEU L 193 26.28 -19.30 -31.39
C LEU L 193 27.00 -20.60 -31.61
N HIS L 194 26.39 -21.70 -31.20
CA HIS L 194 27.01 -23.00 -31.38
C HIS L 194 27.67 -23.16 -32.75
N HIS L 195 26.88 -23.11 -33.81
CA HIS L 195 27.40 -23.28 -35.16
C HIS L 195 28.54 -22.31 -35.43
N PHE L 196 28.52 -21.14 -34.81
CA PHE L 196 29.57 -20.17 -35.04
C PHE L 196 30.90 -20.63 -34.42
N VAL L 197 30.82 -21.54 -33.45
CA VAL L 197 32.02 -22.03 -32.79
C VAL L 197 32.55 -23.29 -33.45
N GLN L 198 31.66 -24.23 -33.75
CA GLN L 198 32.06 -25.48 -34.38
C GLN L 198 32.66 -25.19 -35.76
N ASN L 199 32.21 -24.10 -36.37
CA ASN L 199 32.67 -23.69 -37.70
C ASN L 199 33.81 -22.70 -37.73
N ASN L 200 34.24 -22.20 -36.58
CA ASN L 200 35.32 -21.22 -36.55
C ASN L 200 36.41 -21.51 -35.54
N PHE L 201 36.03 -22.05 -34.39
CA PHE L 201 36.98 -22.41 -33.35
C PHE L 201 37.50 -23.82 -33.62
N THR L 202 38.19 -23.96 -34.76
CA THR L 202 38.77 -25.22 -35.21
C THR L 202 40.29 -25.21 -35.03
N SER L 203 40.81 -26.22 -34.33
CA SER L 203 42.25 -26.35 -34.04
C SER L 203 43.26 -25.70 -35.01
N ALA L 204 42.92 -25.62 -36.30
CA ALA L 204 43.83 -25.04 -37.29
C ALA L 204 43.87 -23.52 -37.23
N ARG L 205 42.77 -22.93 -36.78
CA ARG L 205 42.62 -21.48 -36.67
C ARG L 205 42.95 -20.99 -35.25
N MET L 206 43.20 -21.92 -34.34
CA MET L 206 43.48 -21.57 -32.95
C MET L 206 44.97 -21.59 -32.62
N ALA L 207 45.37 -20.73 -31.70
CA ALA L 207 46.75 -20.64 -31.29
C ALA L 207 46.81 -20.46 -29.78
N LEU L 208 47.13 -21.53 -29.05
CA LEU L 208 47.25 -21.51 -27.58
C LEU L 208 48.57 -20.94 -27.09
N VAL L 209 48.73 -19.62 -27.22
CA VAL L 209 49.93 -18.93 -26.81
C VAL L 209 50.16 -18.93 -25.29
N GLY L 210 51.13 -18.13 -24.82
CA GLY L 210 51.41 -18.07 -23.40
C GLY L 210 52.76 -17.48 -22.96
N ILE L 211 52.76 -16.86 -21.78
CA ILE L 211 53.95 -16.26 -21.19
C ILE L 211 54.06 -16.81 -19.78
N GLY L 212 55.17 -16.54 -19.10
CA GLY L 212 55.31 -17.05 -17.75
C GLY L 212 55.13 -18.54 -17.63
N VAL L 213 55.50 -19.28 -18.67
CA VAL L 213 55.40 -20.74 -18.64
C VAL L 213 56.45 -21.49 -19.45
N LYS L 214 56.65 -22.75 -19.10
CA LYS L 214 57.63 -23.60 -19.77
C LYS L 214 56.88 -24.39 -20.84
N HIS L 215 57.35 -24.29 -22.07
CA HIS L 215 56.71 -24.93 -23.21
C HIS L 215 56.20 -26.34 -22.97
N SER L 216 56.90 -27.11 -22.16
CA SER L 216 56.52 -28.49 -21.87
C SER L 216 55.18 -28.65 -21.17
N ASP L 217 54.73 -27.59 -20.50
CA ASP L 217 53.45 -27.63 -19.81
C ASP L 217 52.37 -27.18 -20.81
N LEU L 218 52.32 -25.87 -21.09
CA LEU L 218 51.34 -25.31 -22.01
C LEU L 218 51.11 -26.16 -23.26
N LYS L 219 52.13 -26.94 -23.63
CA LYS L 219 52.01 -27.83 -24.77
C LYS L 219 51.20 -29.04 -24.33
N GLN L 220 51.70 -29.77 -23.33
CA GLN L 220 51.03 -30.96 -22.81
C GLN L 220 49.52 -30.74 -22.70
N VAL L 221 49.11 -29.63 -22.10
CA VAL L 221 47.70 -29.33 -21.96
C VAL L 221 47.05 -29.23 -23.34
N ALA L 222 47.62 -28.38 -24.19
CA ALA L 222 47.11 -28.18 -25.54
C ALA L 222 46.61 -29.47 -26.21
N GLU L 223 47.43 -30.51 -26.23
CA GLU L 223 47.02 -31.76 -26.86
C GLU L 223 46.05 -32.57 -26.02
N GLN L 224 46.59 -33.38 -25.10
CA GLN L 224 45.81 -34.24 -24.22
C GLN L 224 44.54 -33.60 -23.64
N PHE L 225 44.41 -32.28 -23.81
CA PHE L 225 43.23 -31.58 -23.33
C PHE L 225 42.35 -31.01 -24.44
N LEU L 226 42.83 -30.03 -25.19
CA LEU L 226 42.03 -29.44 -26.27
C LEU L 226 41.40 -30.47 -27.19
N ASN L 227 40.31 -30.09 -27.84
CA ASN L 227 39.57 -30.99 -28.73
C ASN L 227 39.00 -30.25 -29.96
N ILE L 228 37.68 -30.31 -30.12
CA ILE L 228 36.97 -29.67 -31.22
C ILE L 228 37.52 -30.06 -32.61
N ARG L 229 36.77 -29.69 -33.64
CA ARG L 229 37.11 -29.98 -35.04
C ARG L 229 38.47 -29.41 -35.52
N SER L 230 38.91 -29.92 -36.67
CA SER L 230 40.16 -29.52 -37.32
C SER L 230 39.79 -29.01 -38.72
N GLY L 231 40.60 -28.12 -39.30
CA GLY L 231 40.28 -27.62 -40.62
C GLY L 231 39.42 -26.37 -40.60
N ALA L 232 39.80 -25.39 -41.40
CA ALA L 232 39.16 -24.08 -41.51
C ALA L 232 37.62 -23.99 -41.69
N GLY L 233 36.91 -25.09 -41.45
CA GLY L 233 35.46 -25.11 -41.58
C GLY L 233 34.91 -24.13 -42.61
N THR L 234 34.44 -22.97 -42.14
CA THR L 234 33.88 -21.94 -43.02
C THR L 234 34.90 -20.82 -43.24
N SER L 235 35.15 -20.50 -44.50
CA SER L 235 36.10 -19.44 -44.84
C SER L 235 35.39 -18.11 -44.99
N SER L 236 36.13 -17.02 -44.83
CA SER L 236 35.54 -15.69 -44.95
C SER L 236 35.53 -15.20 -46.41
N ALA L 237 34.36 -14.78 -46.87
CA ALA L 237 34.22 -14.30 -48.24
C ALA L 237 35.02 -13.03 -48.45
N LYS L 238 36.28 -13.19 -48.90
CA LYS L 238 37.18 -12.07 -49.15
C LYS L 238 36.48 -10.72 -49.30
N ALA L 239 37.06 -9.70 -48.69
CA ALA L 239 36.49 -8.37 -48.70
C ALA L 239 36.54 -7.63 -50.03
N THR L 240 35.37 -7.22 -50.50
CA THR L 240 35.27 -6.46 -51.74
C THR L 240 35.36 -5.03 -51.23
N TYR L 241 35.93 -4.13 -52.02
CA TYR L 241 36.01 -2.74 -51.59
C TYR L 241 34.82 -1.96 -52.13
N TRP L 242 34.24 -1.09 -51.31
CA TRP L 242 33.10 -0.31 -51.75
C TRP L 242 33.52 1.10 -52.13
N GLY L 243 33.74 1.93 -51.11
CA GLY L 243 34.10 3.32 -51.37
C GLY L 243 32.84 4.12 -51.15
N GLY L 244 32.25 3.86 -49.99
CA GLY L 244 31.03 4.53 -49.63
C GLY L 244 31.22 5.71 -48.71
N GLU L 245 30.21 6.56 -48.72
CA GLU L 245 30.16 7.77 -47.93
C GLU L 245 28.96 7.60 -46.98
N ILE L 246 29.20 7.66 -45.66
CA ILE L 246 28.12 7.51 -44.67
C ILE L 246 28.10 8.69 -43.70
N ARG L 247 27.05 9.50 -43.75
CA ARG L 247 26.96 10.67 -42.87
C ARG L 247 25.83 10.60 -41.87
N GLU L 248 26.16 10.79 -40.60
CA GLU L 248 25.21 10.71 -39.49
C GLU L 248 25.05 12.04 -38.75
N GLN L 249 24.29 12.95 -39.34
CA GLN L 249 24.04 14.24 -38.73
C GLN L 249 23.55 13.98 -37.30
N ASN L 250 24.12 14.66 -36.30
CA ASN L 250 23.66 14.43 -34.92
C ASN L 250 23.78 15.55 -33.89
N GLY L 251 23.80 16.80 -34.35
CA GLY L 251 23.89 17.92 -33.43
C GLY L 251 25.02 18.01 -32.41
N HIS L 252 25.87 16.98 -32.36
CA HIS L 252 27.02 16.91 -31.45
C HIS L 252 28.06 17.95 -31.92
N SER L 253 28.32 18.97 -31.09
CA SER L 253 29.24 20.07 -31.42
C SER L 253 30.56 19.76 -32.18
N LEU L 254 31.17 18.61 -31.94
CA LEU L 254 32.43 18.29 -32.62
C LEU L 254 32.27 17.28 -33.74
N VAL L 255 32.58 17.71 -34.95
CA VAL L 255 32.48 16.85 -36.10
C VAL L 255 33.67 15.91 -36.22
N HIS L 256 33.43 14.61 -36.08
CA HIS L 256 34.50 13.66 -36.24
C HIS L 256 34.50 13.34 -37.70
N ALA L 257 35.59 12.76 -38.18
CA ALA L 257 35.66 12.42 -39.60
C ALA L 257 36.88 11.57 -39.92
N ALA L 258 36.72 10.71 -40.91
CA ALA L 258 37.79 9.82 -41.37
C ALA L 258 37.62 9.58 -42.87
N VAL L 259 38.70 9.79 -43.62
CA VAL L 259 38.70 9.60 -45.06
C VAL L 259 39.85 8.68 -45.36
N VAL L 260 39.56 7.50 -45.88
CA VAL L 260 40.63 6.55 -46.17
C VAL L 260 40.48 5.92 -47.54
N THR L 261 41.44 5.05 -47.87
CA THR L 261 41.42 4.32 -49.13
C THR L 261 42.03 2.97 -48.83
N GLU L 262 41.72 1.99 -49.66
CA GLU L 262 42.25 0.65 -49.45
C GLU L 262 43.71 0.85 -49.06
N GLY L 263 44.18 0.05 -48.11
CA GLY L 263 45.55 0.17 -47.68
C GLY L 263 46.28 -1.11 -48.03
N ALA L 264 47.25 -1.45 -47.21
CA ALA L 264 48.04 -2.64 -47.43
C ALA L 264 47.57 -3.69 -46.47
N ALA L 265 47.52 -4.93 -46.94
CA ALA L 265 47.08 -6.03 -46.11
C ALA L 265 48.18 -6.42 -45.15
N VAL L 266 47.92 -7.39 -44.29
CA VAL L 266 48.90 -7.83 -43.32
C VAL L 266 50.03 -8.62 -43.95
N GLY L 267 51.24 -8.43 -43.42
CA GLY L 267 52.41 -9.14 -43.92
C GLY L 267 52.91 -8.70 -45.27
N SER L 268 52.05 -8.10 -46.07
CA SER L 268 52.43 -7.64 -47.40
C SER L 268 53.50 -6.57 -47.29
N ALA L 269 54.57 -6.73 -48.07
CA ALA L 269 55.68 -5.79 -48.05
C ALA L 269 55.13 -4.37 -48.05
N GLU L 270 54.08 -4.16 -48.85
CA GLU L 270 53.43 -2.86 -49.00
C GLU L 270 52.94 -2.19 -47.71
N ALA L 271 53.00 -2.89 -46.58
CA ALA L 271 52.54 -2.34 -45.30
C ALA L 271 53.56 -1.41 -44.67
N ASN L 272 54.69 -2.00 -44.27
CA ASN L 272 55.78 -1.27 -43.65
C ASN L 272 55.84 0.13 -44.20
N ALA L 273 55.68 0.25 -45.52
CA ALA L 273 55.72 1.54 -46.20
C ALA L 273 54.72 2.52 -45.60
N PHE L 274 53.44 2.17 -45.58
CA PHE L 274 52.45 3.07 -45.02
C PHE L 274 52.80 3.44 -43.59
N SER L 275 52.99 2.41 -42.78
CA SER L 275 53.34 2.58 -41.37
C SER L 275 54.31 3.75 -41.20
N VAL L 276 55.28 3.82 -42.09
CA VAL L 276 56.25 4.90 -42.04
C VAL L 276 55.56 6.17 -42.52
N LEU L 277 54.78 6.06 -43.59
CA LEU L 277 54.06 7.22 -44.12
C LEU L 277 53.06 7.69 -43.08
N GLN L 278 52.69 6.77 -42.21
CA GLN L 278 51.76 7.04 -41.11
C GLN L 278 52.48 8.03 -40.22
N HIS L 279 53.50 7.53 -39.53
CA HIS L 279 54.30 8.34 -38.62
C HIS L 279 54.79 9.64 -39.24
N VAL L 280 55.01 9.63 -40.55
CA VAL L 280 55.48 10.81 -41.26
C VAL L 280 54.43 11.88 -41.28
N LEU L 281 53.17 11.47 -41.21
CA LEU L 281 52.06 12.42 -41.23
C LEU L 281 51.65 12.80 -39.82
N GLY L 282 52.16 12.05 -38.85
CA GLY L 282 51.86 12.29 -37.43
C GLY L 282 50.89 11.28 -36.86
N ALA L 283 51.31 10.52 -35.86
CA ALA L 283 50.43 9.51 -35.28
C ALA L 283 50.30 9.52 -33.75
N GLY L 284 49.47 10.42 -33.23
CA GLY L 284 49.25 10.49 -31.79
C GLY L 284 50.39 11.01 -30.93
N PRO L 285 50.46 12.33 -30.72
CA PRO L 285 51.48 13.05 -29.93
C PRO L 285 52.27 12.25 -28.88
N LEU L 286 53.50 12.71 -28.63
CA LEU L 286 54.37 12.05 -27.66
C LEU L 286 54.63 12.92 -26.46
N ILE L 287 54.04 14.11 -26.45
CA ILE L 287 54.22 15.04 -25.35
C ILE L 287 52.88 15.58 -24.87
N LYS L 288 52.60 15.37 -23.59
CA LYS L 288 51.36 15.82 -22.98
C LYS L 288 51.06 17.30 -23.25
N ARG L 289 49.95 17.57 -23.93
CA ARG L 289 49.56 18.94 -24.26
C ARG L 289 50.50 19.54 -25.29
N GLY L 290 51.22 18.67 -25.99
CA GLY L 290 52.18 19.11 -26.98
C GLY L 290 51.64 19.86 -28.20
N SER L 291 52.41 19.82 -29.27
CA SER L 291 52.07 20.47 -30.53
C SER L 291 52.57 19.60 -31.67
N SER L 292 53.25 18.50 -31.32
CA SER L 292 53.79 17.57 -32.30
C SER L 292 54.23 18.28 -33.58
N VAL L 293 55.51 18.63 -33.67
CA VAL L 293 56.02 19.28 -34.87
C VAL L 293 56.41 18.23 -35.90
N THR L 294 56.75 17.03 -35.42
CA THR L 294 57.14 15.91 -36.30
C THR L 294 55.93 15.44 -37.10
N SER L 295 54.78 16.06 -36.82
CA SER L 295 53.52 15.72 -37.48
C SER L 295 53.19 16.68 -38.63
N LYS L 296 53.55 16.26 -39.84
CA LYS L 296 53.28 17.05 -41.03
C LYS L 296 51.80 17.39 -40.99
N LEU L 297 50.99 16.33 -40.98
CA LEU L 297 49.55 16.50 -40.96
C LEU L 297 49.10 17.48 -39.89
N TYR L 298 49.33 17.12 -38.63
CA TYR L 298 48.95 17.96 -37.49
C TYR L 298 49.31 19.40 -37.84
N GLN L 299 50.60 19.68 -37.78
CA GLN L 299 51.11 21.00 -38.08
C GLN L 299 50.33 21.57 -39.26
N GLY L 300 50.27 20.80 -40.34
CA GLY L 300 49.58 21.25 -41.52
C GLY L 300 48.20 21.83 -41.25
N VAL L 301 47.40 21.11 -40.48
CA VAL L 301 46.05 21.56 -40.16
C VAL L 301 46.00 22.85 -39.36
N ALA L 302 46.86 22.97 -38.36
CA ALA L 302 46.90 24.17 -37.51
C ALA L 302 47.04 25.44 -38.32
N LYS L 303 47.92 25.42 -39.32
CA LYS L 303 48.16 26.59 -40.18
C LYS L 303 46.90 27.06 -40.90
N ALA L 304 45.84 26.26 -40.89
CA ALA L 304 44.60 26.60 -41.58
C ALA L 304 43.44 26.95 -40.64
N THR L 305 43.30 26.19 -39.56
CA THR L 305 42.22 26.45 -38.61
C THR L 305 42.74 27.23 -37.40
N THR L 306 41.90 28.14 -36.90
CA THR L 306 42.27 28.97 -35.74
C THR L 306 41.93 28.30 -34.39
N GLN L 307 40.75 27.68 -34.32
CA GLN L 307 40.26 27.00 -33.12
C GLN L 307 40.85 25.61 -32.92
N PRO L 308 40.53 24.96 -31.79
CA PRO L 308 41.02 23.61 -31.45
C PRO L 308 40.64 22.48 -32.41
N PHE L 309 41.39 21.39 -32.34
CA PHE L 309 41.17 20.24 -33.22
C PHE L 309 42.19 19.12 -32.94
N ASP L 310 42.23 18.14 -33.84
CA ASP L 310 43.18 17.03 -33.78
C ASP L 310 43.00 16.22 -35.05
N ALA L 311 44.09 15.69 -35.59
CA ALA L 311 44.03 14.89 -36.80
C ALA L 311 45.22 13.96 -36.83
N SER L 312 45.00 12.71 -37.22
CA SER L 312 46.11 11.77 -37.24
C SER L 312 46.08 10.87 -38.45
N ALA L 313 47.11 10.06 -38.58
CA ALA L 313 47.24 9.13 -39.70
C ALA L 313 46.59 7.81 -39.39
N PHE L 314 45.53 7.49 -40.13
CA PHE L 314 44.83 6.23 -39.92
C PHE L 314 45.44 5.12 -40.76
N ASN L 315 45.64 3.96 -40.15
CA ASN L 315 46.19 2.81 -40.86
C ASN L 315 45.81 1.48 -40.21
N VAL L 316 45.17 0.62 -40.99
CA VAL L 316 44.73 -0.69 -40.52
C VAL L 316 45.18 -1.82 -41.43
N ASN L 317 45.58 -2.94 -40.81
CA ASN L 317 46.03 -4.09 -41.57
C ASN L 317 45.16 -5.34 -41.30
N TYR L 318 44.43 -5.80 -42.31
CA TYR L 318 43.57 -6.98 -42.17
C TYR L 318 44.09 -8.12 -43.08
N SER L 319 43.67 -9.36 -42.81
CA SER L 319 44.13 -10.52 -43.57
C SER L 319 44.14 -10.34 -45.09
N ASP L 320 42.99 -10.00 -45.66
CA ASP L 320 42.90 -9.80 -47.11
C ASP L 320 42.67 -8.36 -47.54
N SER L 321 43.17 -7.42 -46.75
CA SER L 321 43.03 -6.01 -47.09
C SER L 321 43.52 -5.17 -45.94
N GLY L 322 43.10 -3.91 -45.93
CA GLY L 322 43.49 -2.99 -44.88
C GLY L 322 42.99 -1.63 -45.29
N LEU L 323 43.11 -0.66 -44.40
CA LEU L 323 42.66 0.70 -44.71
C LEU L 323 43.77 1.72 -44.44
N PHE L 324 43.60 2.92 -45.00
CA PHE L 324 44.60 3.96 -44.79
C PHE L 324 44.08 5.35 -45.10
N GLY L 325 44.51 6.30 -44.28
CA GLY L 325 44.10 7.67 -44.45
C GLY L 325 44.29 8.42 -43.15
N PHE L 326 43.45 9.41 -42.94
CA PHE L 326 43.54 10.22 -41.76
C PHE L 326 42.21 10.29 -41.00
N TYR L 327 42.23 10.89 -39.82
CA TYR L 327 41.02 11.03 -39.00
C TYR L 327 41.07 12.43 -38.36
N THR L 328 40.00 13.21 -38.54
CA THR L 328 39.95 14.55 -37.99
C THR L 328 38.77 14.87 -37.08
N ILE L 329 39.08 15.49 -35.95
CA ILE L 329 38.10 15.89 -34.97
C ILE L 329 38.19 17.40 -34.95
N SER L 330 37.08 18.08 -35.22
CA SER L 330 37.13 19.55 -35.25
C SER L 330 35.83 20.17 -34.82
N GLN L 331 35.76 21.49 -34.80
CA GLN L 331 34.51 22.12 -34.41
C GLN L 331 33.61 22.11 -35.60
N ALA L 332 32.33 22.35 -35.34
CA ALA L 332 31.32 22.34 -36.39
C ALA L 332 31.63 23.19 -37.61
N ALA L 333 31.98 24.46 -37.40
CA ALA L 333 32.26 25.36 -38.51
C ALA L 333 33.63 25.18 -39.16
N HIS L 334 34.63 24.82 -38.36
CA HIS L 334 35.99 24.63 -38.86
C HIS L 334 36.24 23.22 -39.37
N ALA L 335 35.17 22.44 -39.50
CA ALA L 335 35.28 21.07 -39.98
C ALA L 335 35.62 21.10 -41.46
N GLY L 336 35.12 22.12 -42.13
CA GLY L 336 35.37 22.24 -43.55
C GLY L 336 36.87 22.23 -43.75
N GLU L 337 37.46 23.42 -43.67
CA GLU L 337 38.89 23.56 -43.87
C GLU L 337 39.76 22.48 -43.23
N VAL L 338 39.44 22.07 -42.00
CA VAL L 338 40.24 21.06 -41.31
C VAL L 338 40.50 19.82 -42.16
N ILE L 339 39.44 19.21 -42.67
CA ILE L 339 39.56 18.01 -43.47
C ILE L 339 40.23 18.31 -44.81
N ARG L 340 39.81 19.40 -45.45
CA ARG L 340 40.35 19.83 -46.74
C ARG L 340 41.85 20.00 -46.65
N ALA L 341 42.29 20.74 -45.64
CA ALA L 341 43.70 21.00 -45.40
C ALA L 341 44.42 19.73 -44.95
N ALA L 342 43.65 18.76 -44.48
CA ALA L 342 44.20 17.48 -44.05
C ALA L 342 44.59 16.71 -45.31
N MET L 343 43.95 17.09 -46.42
CA MET L 343 44.18 16.47 -47.73
C MET L 343 45.41 17.06 -48.46
N ASN L 344 45.37 18.34 -48.77
CA ASN L 344 46.48 19.01 -49.47
C ASN L 344 47.79 18.53 -48.85
N GLN L 345 47.75 18.39 -47.53
CA GLN L 345 48.89 17.95 -46.74
C GLN L 345 49.21 16.49 -47.02
N LEU L 346 48.22 15.75 -47.50
CA LEU L 346 48.45 14.35 -47.82
C LEU L 346 48.81 14.28 -49.31
N LYS L 347 48.45 15.32 -50.05
CA LYS L 347 48.75 15.40 -51.47
C LYS L 347 50.17 15.91 -51.64
N ALA L 348 50.45 17.11 -51.13
CA ALA L 348 51.78 17.67 -51.22
C ALA L 348 52.73 16.77 -50.42
N ALA L 349 52.24 15.57 -50.12
CA ALA L 349 53.00 14.57 -49.39
C ALA L 349 53.22 13.42 -50.35
N ALA L 350 52.36 13.37 -51.36
CA ALA L 350 52.43 12.34 -52.38
C ALA L 350 53.26 12.89 -53.53
N GLN L 351 53.57 14.18 -53.45
CA GLN L 351 54.35 14.88 -54.47
C GLN L 351 55.71 15.43 -53.98
N GLY L 352 56.55 14.54 -53.45
CA GLY L 352 57.87 14.92 -52.98
C GLY L 352 58.07 15.49 -51.59
N GLY L 353 57.02 16.04 -50.98
CA GLY L 353 57.15 16.64 -49.65
C GLY L 353 57.67 15.73 -48.55
N VAL L 354 58.58 14.84 -48.91
CA VAL L 354 59.16 13.88 -47.98
C VAL L 354 60.69 13.94 -47.92
N THR L 355 61.23 14.65 -46.92
CA THR L 355 62.69 14.76 -46.73
C THR L 355 63.24 13.39 -46.36
N GLU L 356 64.40 13.05 -46.90
CA GLU L 356 65.03 11.76 -46.61
C GLU L 356 65.22 11.57 -45.11
N GLU L 357 64.98 12.64 -44.35
CA GLU L 357 65.12 12.60 -42.90
C GLU L 357 63.80 12.27 -42.22
N ASP L 358 62.71 12.89 -42.68
CA ASP L 358 61.41 12.62 -42.10
C ASP L 358 61.23 11.11 -42.10
N VAL L 359 61.82 10.47 -43.11
CA VAL L 359 61.75 9.03 -43.26
C VAL L 359 62.55 8.27 -42.20
N THR L 360 63.74 8.79 -41.87
CA THR L 360 64.57 8.14 -40.85
C THR L 360 64.04 8.42 -39.43
N LYS L 361 63.28 9.51 -39.27
CA LYS L 361 62.68 9.85 -37.98
C LYS L 361 61.49 8.94 -37.74
N ALA L 362 60.55 8.95 -38.69
CA ALA L 362 59.36 8.12 -38.60
C ALA L 362 59.79 6.67 -38.40
N LYS L 363 60.96 6.31 -38.94
CA LYS L 363 61.49 4.96 -38.80
C LYS L 363 61.77 4.63 -37.33
N ASN L 364 62.28 5.61 -36.60
CA ASN L 364 62.59 5.41 -35.19
C ASN L 364 61.29 5.34 -34.40
N GLN L 365 60.47 6.36 -34.54
CA GLN L 365 59.19 6.43 -33.84
C GLN L 365 58.49 5.07 -33.96
N LEU L 366 58.53 4.48 -35.15
CA LEU L 366 57.91 3.18 -35.39
C LEU L 366 58.71 2.09 -34.67
N LYS L 367 60.03 2.20 -34.71
CA LYS L 367 60.87 1.22 -34.01
C LYS L 367 60.49 1.34 -32.53
N ALA L 368 60.53 2.58 -32.05
CA ALA L 368 60.20 2.92 -30.67
C ALA L 368 58.86 2.33 -30.27
N THR L 369 57.79 3.01 -30.70
CA THR L 369 56.42 2.57 -30.42
C THR L 369 56.30 1.05 -30.44
N TYR L 370 56.79 0.42 -31.51
CA TYR L 370 56.75 -1.04 -31.58
C TYR L 370 57.41 -1.59 -30.32
N LEU L 371 58.67 -1.21 -30.09
CA LEU L 371 59.45 -1.69 -28.94
C LEU L 371 58.90 -1.39 -27.57
N MET L 372 58.16 -0.29 -27.44
CA MET L 372 57.58 0.08 -26.15
C MET L 372 56.32 -0.74 -25.86
N SER L 373 55.46 -0.84 -26.85
CA SER L 373 54.21 -1.57 -26.70
C SER L 373 54.36 -3.03 -26.26
N VAL L 374 55.58 -3.57 -26.31
CA VAL L 374 55.79 -4.97 -25.95
C VAL L 374 56.30 -5.19 -24.54
N GLU L 375 56.35 -4.12 -23.75
CA GLU L 375 56.82 -4.21 -22.38
C GLU L 375 55.74 -4.88 -21.53
N THR L 376 54.49 -4.44 -21.73
CA THR L 376 53.33 -4.95 -20.99
C THR L 376 52.94 -6.38 -21.37
N ALA L 377 52.80 -7.23 -20.36
CA ALA L 377 52.44 -8.62 -20.57
C ALA L 377 51.34 -8.79 -21.62
N GLN L 378 50.46 -7.80 -21.76
CA GLN L 378 49.40 -7.92 -22.75
C GLN L 378 49.88 -7.56 -24.14
N GLY L 379 50.69 -6.51 -24.24
CA GLY L 379 51.21 -6.12 -25.54
C GLY L 379 52.10 -7.21 -26.10
N LEU L 380 52.79 -7.93 -25.20
CA LEU L 380 53.69 -9.02 -25.57
C LEU L 380 52.96 -10.31 -25.94
N LEU L 381 52.18 -10.85 -25.01
CA LEU L 381 51.45 -12.07 -25.33
C LEU L 381 50.66 -11.82 -26.59
N ASN L 382 50.45 -10.55 -26.90
CA ASN L 382 49.70 -10.19 -28.09
C ASN L 382 50.58 -10.28 -29.33
N GLU L 383 51.79 -9.75 -29.25
CA GLU L 383 52.69 -9.78 -30.41
C GLU L 383 53.21 -11.19 -30.69
N ILE L 384 53.12 -12.08 -29.71
CA ILE L 384 53.58 -13.43 -29.92
C ILE L 384 52.51 -14.20 -30.68
N GLY L 385 51.32 -14.23 -30.11
CA GLY L 385 50.22 -14.93 -30.75
C GLY L 385 49.93 -14.42 -32.14
N SER L 386 49.73 -13.11 -32.28
CA SER L 386 49.44 -12.49 -33.57
C SER L 386 50.18 -13.16 -34.70
N GLU L 387 51.47 -13.42 -34.45
CA GLU L 387 52.34 -14.06 -35.42
C GLU L 387 52.17 -15.57 -35.36
N ALA L 388 52.21 -16.10 -34.15
CA ALA L 388 52.06 -17.54 -33.96
C ALA L 388 50.71 -18.04 -34.47
N LEU L 389 49.97 -17.20 -35.18
CA LEU L 389 48.66 -17.58 -35.71
C LEU L 389 48.61 -17.41 -37.22
N LEU L 390 49.18 -16.31 -37.69
CA LEU L 390 49.20 -16.03 -39.13
C LEU L 390 50.40 -16.63 -39.87
N SER L 391 51.34 -17.20 -39.12
CA SER L 391 52.53 -17.80 -39.72
C SER L 391 53.14 -18.97 -38.96
N GLY L 392 52.80 -19.13 -37.68
CA GLY L 392 53.37 -20.21 -36.92
C GLY L 392 54.86 -20.00 -36.69
N THR L 393 55.27 -18.74 -36.79
CA THR L 393 56.67 -18.35 -36.62
C THR L 393 56.80 -17.21 -35.60
N HIS L 394 58.00 -16.64 -35.52
CA HIS L 394 58.28 -15.53 -34.62
C HIS L 394 59.43 -14.67 -35.12
N THR L 395 59.11 -13.67 -35.93
CA THR L 395 60.13 -12.77 -36.45
C THR L 395 60.87 -12.20 -35.24
N ALA L 396 62.19 -12.27 -35.25
CA ALA L 396 62.98 -11.73 -34.15
C ALA L 396 62.84 -10.21 -34.12
N PRO L 397 63.01 -9.60 -32.93
CA PRO L 397 62.88 -8.14 -32.83
C PRO L 397 63.94 -7.43 -33.69
N SER L 398 64.94 -8.21 -34.11
CA SER L 398 66.03 -7.73 -34.95
C SER L 398 65.55 -7.67 -36.41
N VAL L 399 64.98 -8.78 -36.89
CA VAL L 399 64.47 -8.86 -38.25
C VAL L 399 63.47 -7.72 -38.49
N VAL L 400 62.47 -7.62 -37.63
CA VAL L 400 61.45 -6.57 -37.76
C VAL L 400 62.14 -5.22 -37.93
N ALA L 401 63.30 -5.06 -37.31
CA ALA L 401 64.04 -3.82 -37.43
C ALA L 401 64.41 -3.60 -38.90
N GLN L 402 65.04 -4.59 -39.50
CA GLN L 402 65.44 -4.51 -40.92
C GLN L 402 64.30 -3.99 -41.79
N LYS L 403 63.28 -4.83 -41.96
CA LYS L 403 62.12 -4.51 -42.79
C LYS L 403 61.56 -3.11 -42.50
N ILE L 404 61.91 -2.53 -41.36
CA ILE L 404 61.41 -1.19 -41.04
C ILE L 404 62.22 -0.16 -41.79
N ASP L 405 63.54 -0.16 -41.54
CA ASP L 405 64.43 0.79 -42.19
C ASP L 405 64.75 0.46 -43.65
N SER L 406 64.21 -0.64 -44.16
CA SER L 406 64.43 -1.03 -45.55
C SER L 406 63.37 -0.36 -46.41
N VAL L 407 62.77 0.70 -45.87
CA VAL L 407 61.75 1.45 -46.56
C VAL L 407 62.41 2.64 -47.22
N THR L 408 62.27 2.75 -48.54
CA THR L 408 62.88 3.84 -49.29
C THR L 408 62.04 5.12 -49.25
N SER L 409 62.70 6.24 -49.49
CA SER L 409 62.04 7.55 -49.51
C SER L 409 60.89 7.44 -50.50
N ALA L 410 61.12 6.64 -51.55
CA ALA L 410 60.13 6.43 -52.60
C ALA L 410 58.89 5.74 -52.04
N ASP L 411 59.06 4.50 -51.60
CA ASP L 411 57.97 3.69 -51.04
C ASP L 411 56.98 4.59 -50.31
N VAL L 412 57.52 5.61 -49.65
CA VAL L 412 56.72 6.57 -48.90
C VAL L 412 55.96 7.49 -49.85
N VAL L 413 56.70 8.23 -50.69
CA VAL L 413 56.05 9.12 -51.63
C VAL L 413 55.06 8.31 -52.46
N ASN L 414 55.34 7.01 -52.60
CA ASN L 414 54.46 6.10 -53.35
C ASN L 414 53.21 5.76 -52.54
N ALA L 415 53.41 5.17 -51.37
CA ALA L 415 52.29 4.84 -50.51
C ALA L 415 51.38 6.07 -50.50
N ALA L 416 52.00 7.25 -50.48
CA ALA L 416 51.30 8.52 -50.47
C ALA L 416 50.42 8.71 -51.70
N LYS L 417 50.90 8.23 -52.85
CA LYS L 417 50.15 8.33 -54.10
C LYS L 417 49.01 7.32 -54.12
N LYS L 418 49.31 6.09 -53.72
CA LYS L 418 48.31 5.03 -53.69
C LYS L 418 47.05 5.50 -52.97
N PHE L 419 47.19 6.56 -52.18
CA PHE L 419 46.07 7.12 -51.45
C PHE L 419 45.33 8.14 -52.31
N VAL L 420 46.08 9.07 -52.89
CA VAL L 420 45.48 10.12 -53.71
C VAL L 420 44.85 9.60 -55.01
N SER L 421 45.23 8.39 -55.39
CA SER L 421 44.72 7.77 -56.61
C SER L 421 43.45 6.93 -56.43
N GLY L 422 43.60 5.78 -55.77
CA GLY L 422 42.47 4.87 -55.53
C GLY L 422 41.18 5.55 -55.11
N LYS L 423 40.10 4.77 -55.03
CA LYS L 423 38.80 5.30 -54.64
C LYS L 423 38.79 5.50 -53.13
N LYS L 424 38.27 6.65 -52.70
CA LYS L 424 38.24 7.00 -51.28
C LYS L 424 36.89 6.78 -50.58
N SER L 425 36.97 6.27 -49.34
CA SER L 425 35.79 6.04 -48.51
C SER L 425 35.81 7.08 -47.37
N MET L 426 34.64 7.54 -46.95
CA MET L 426 34.59 8.55 -45.88
C MET L 426 33.51 8.25 -44.84
N ALA L 427 33.78 8.60 -43.59
CA ALA L 427 32.84 8.42 -42.50
C ALA L 427 32.79 9.77 -41.75
N ALA L 428 31.73 10.02 -40.98
CA ALA L 428 31.62 11.29 -40.25
C ALA L 428 30.42 11.33 -39.31
N SER L 429 30.52 12.13 -38.25
CA SER L 429 29.42 12.24 -37.29
C SER L 429 29.49 13.50 -36.43
N GLY L 430 28.48 14.35 -36.59
CA GLY L 430 28.41 15.60 -35.82
C GLY L 430 27.56 16.61 -36.57
N ASP L 431 27.47 17.84 -36.06
CA ASP L 431 26.68 18.85 -36.75
C ASP L 431 27.50 19.14 -38.01
N LEU L 432 27.35 18.26 -39.00
CA LEU L 432 28.07 18.34 -40.27
C LEU L 432 27.55 19.41 -41.23
N GLY L 433 27.14 20.54 -40.68
CA GLY L 433 26.61 21.62 -41.51
C GLY L 433 27.66 22.25 -42.39
N SER L 434 28.91 22.23 -41.93
CA SER L 434 30.00 22.83 -42.69
C SER L 434 30.97 21.78 -43.20
N THR L 435 30.67 20.50 -42.91
CA THR L 435 31.53 19.40 -43.36
C THR L 435 31.36 19.14 -44.86
N PRO L 436 32.43 18.66 -45.53
CA PRO L 436 32.34 18.37 -46.97
C PRO L 436 32.06 16.90 -47.34
N PHE L 437 31.62 16.70 -48.58
CA PHE L 437 31.31 15.38 -49.13
C PHE L 437 32.55 14.84 -49.84
N LEU L 438 32.72 13.51 -49.86
CA LEU L 438 33.87 12.91 -50.52
C LEU L 438 34.17 13.50 -51.90
N ASP L 439 33.12 13.88 -52.63
CA ASP L 439 33.32 14.47 -53.96
C ASP L 439 33.43 15.99 -53.92
N GLU L 440 34.23 16.48 -52.98
CA GLU L 440 34.46 17.90 -52.83
C GLU L 440 35.93 18.03 -52.44
N LEU L 441 36.64 16.92 -52.55
CA LEU L 441 38.04 16.85 -52.21
C LEU L 441 38.90 16.57 -53.46
N ALA M 2 14.73 -8.24 1.03
CA ALA M 2 15.39 -8.05 -0.31
C ALA M 2 15.14 -6.65 -0.87
N PRO M 3 16.08 -5.72 -0.64
CA PRO M 3 17.34 -5.91 0.10
C PRO M 3 17.21 -5.92 1.63
N ASN M 4 16.78 -4.78 2.19
CA ASN M 4 16.60 -4.66 3.64
C ASN M 4 15.17 -4.97 4.07
N ILE M 5 15.07 -5.91 4.99
CA ILE M 5 13.79 -6.34 5.49
C ILE M 5 12.88 -5.16 5.78
N ARG M 6 13.38 -4.18 6.53
CA ARG M 6 12.60 -3.02 6.92
C ARG M 6 11.59 -2.46 5.91
N LYS M 7 11.85 -2.66 4.62
CA LYS M 7 10.94 -2.13 3.59
C LYS M 7 9.98 -3.15 2.95
N SER M 8 10.37 -4.43 2.94
CA SER M 8 9.56 -5.49 2.34
C SER M 8 8.51 -6.09 3.26
N HIS M 9 8.93 -6.57 4.43
CA HIS M 9 8.03 -7.18 5.41
C HIS M 9 6.68 -6.45 5.43
N PRO M 10 5.56 -7.19 5.40
CA PRO M 10 4.22 -6.59 5.42
C PRO M 10 3.97 -5.75 6.65
N LEU M 11 4.53 -6.18 7.78
CA LEU M 11 4.34 -5.42 9.00
C LEU M 11 5.39 -4.32 9.16
N LEU M 12 6.67 -4.66 9.13
CA LEU M 12 7.71 -3.64 9.28
C LEU M 12 7.51 -2.50 8.30
N LYS M 13 7.20 -2.85 7.05
CA LYS M 13 6.95 -1.86 6.02
C LYS M 13 6.04 -0.77 6.60
N MET M 14 5.18 -1.13 7.54
CA MET M 14 4.28 -0.17 8.16
C MET M 14 5.01 0.63 9.23
N ILE M 15 5.58 -0.06 10.21
CA ILE M 15 6.33 0.61 11.25
C ILE M 15 7.27 1.61 10.58
N ASN M 16 7.88 1.16 9.48
CA ASN M 16 8.81 1.98 8.72
C ASN M 16 8.15 3.24 8.16
N ASN M 17 7.26 3.05 7.18
CA ASN M 17 6.57 4.14 6.52
C ASN M 17 5.80 5.09 7.42
N SER M 18 5.94 4.96 8.73
CA SER M 18 5.22 5.88 9.60
C SER M 18 5.95 6.28 10.86
N LEU M 19 7.14 5.71 11.08
CA LEU M 19 7.97 6.01 12.26
C LEU M 19 9.45 6.14 11.97
N ILE M 20 9.87 5.70 10.78
CA ILE M 20 11.27 5.79 10.44
C ILE M 20 11.60 6.58 9.17
N ASP M 21 11.15 6.10 8.00
CA ASP M 21 11.44 6.79 6.74
C ASP M 21 10.38 7.79 6.37
N LEU M 22 9.53 8.11 7.32
CA LEU M 22 8.47 9.06 7.06
C LEU M 22 8.99 10.47 6.88
N PRO M 23 8.64 11.10 5.76
CA PRO M 23 9.02 12.46 5.39
C PRO M 23 8.37 13.52 6.24
N ALA M 24 9.22 14.22 6.98
CA ALA M 24 8.79 15.27 7.87
C ALA M 24 9.37 16.63 7.49
N PRO M 25 8.55 17.69 7.60
CA PRO M 25 9.06 19.02 7.27
C PRO M 25 10.21 19.24 8.27
N SER M 26 11.22 20.01 7.89
CA SER M 26 12.36 20.26 8.75
C SER M 26 12.03 21.25 9.85
N ASN M 27 11.07 22.11 9.55
CA ASN M 27 10.66 23.18 10.45
C ASN M 27 9.44 23.06 11.36
N ILE M 28 8.82 21.90 11.50
CA ILE M 28 7.65 21.85 12.39
C ILE M 28 8.06 22.07 13.85
N SER M 29 7.33 22.97 14.50
CA SER M 29 7.55 23.40 15.87
C SER M 29 6.88 22.55 16.96
N ALA M 30 7.13 22.92 18.20
CA ALA M 30 6.57 22.23 19.35
C ALA M 30 5.11 21.92 19.11
N TRP M 31 4.38 22.89 18.59
CA TRP M 31 2.94 22.70 18.34
C TRP M 31 2.67 21.54 17.39
N TRP M 32 3.66 20.68 17.17
CA TRP M 32 3.47 19.54 16.29
C TRP M 32 3.58 18.22 17.03
N ASN M 33 3.92 18.30 18.31
CA ASN M 33 4.02 17.09 19.11
C ASN M 33 2.65 16.72 19.65
N PHE M 34 1.77 17.71 19.80
CA PHE M 34 0.47 17.42 20.37
C PHE M 34 -0.29 16.26 19.76
N GLY M 35 0.02 15.94 18.51
CA GLY M 35 -0.65 14.78 17.93
C GLY M 35 -0.18 13.55 18.67
N SER M 36 1.13 13.37 18.70
CA SER M 36 1.72 12.23 19.35
C SER M 36 1.43 12.20 20.83
N LEU M 37 1.50 13.35 21.50
CA LEU M 37 1.21 13.36 22.94
C LEU M 37 -0.22 12.92 23.14
N LEU M 38 -1.09 13.39 22.26
CA LEU M 38 -2.48 13.00 22.33
C LEU M 38 -2.49 11.48 22.35
N ALA M 39 -1.73 10.87 21.45
CA ALA M 39 -1.63 9.42 21.39
C ALA M 39 -1.34 8.90 22.77
N VAL M 40 -0.19 9.30 23.28
CA VAL M 40 0.24 8.90 24.62
C VAL M 40 -0.87 9.00 25.63
N CYS M 41 -1.69 10.05 25.54
CA CYS M 41 -2.80 10.12 26.49
C CYS M 41 -3.68 8.91 26.24
N LEU M 42 -4.08 8.72 24.99
CA LEU M 42 -4.91 7.58 24.65
C LEU M 42 -4.30 6.31 25.21
N MET M 43 -3.02 6.10 25.00
CA MET M 43 -2.40 4.90 25.51
C MET M 43 -2.45 4.84 27.01
N THR M 44 -2.28 5.99 27.63
CA THR M 44 -2.29 6.01 29.07
C THR M 44 -3.69 5.89 29.64
N GLN M 45 -4.70 6.32 28.89
CA GLN M 45 -6.02 6.16 29.44
C GLN M 45 -6.40 4.70 29.35
N ILE M 46 -6.22 4.12 28.17
CA ILE M 46 -6.59 2.71 27.97
C ILE M 46 -5.90 1.80 28.95
N LEU M 47 -4.65 2.09 29.21
CA LEU M 47 -3.93 1.25 30.15
C LEU M 47 -4.51 1.39 31.57
N THR M 48 -4.44 2.58 32.15
CA THR M 48 -4.95 2.79 33.49
C THR M 48 -6.40 2.43 33.55
N GLY M 49 -7.07 2.53 32.42
CA GLY M 49 -8.48 2.21 32.35
C GLY M 49 -8.83 0.76 32.55
N LEU M 50 -8.11 -0.12 31.86
CA LEU M 50 -8.31 -1.55 32.03
C LEU M 50 -8.04 -1.85 33.50
N LEU M 51 -6.95 -1.32 34.03
CA LEU M 51 -6.64 -1.55 35.42
C LEU M 51 -7.76 -1.16 36.37
N LEU M 52 -8.33 0.01 36.16
CA LEU M 52 -9.41 0.45 37.02
C LEU M 52 -10.62 -0.40 36.84
N ALA M 53 -10.82 -0.86 35.60
CA ALA M 53 -11.97 -1.69 35.31
C ALA M 53 -11.81 -3.03 36.01
N MET M 54 -10.57 -3.44 36.26
CA MET M 54 -10.36 -4.71 36.92
C MET M 54 -10.92 -4.71 38.33
N HIS M 55 -11.16 -3.52 38.88
CA HIS M 55 -11.68 -3.42 40.23
C HIS M 55 -13.01 -2.70 40.39
N TYR M 56 -13.46 -2.03 39.33
CA TYR M 56 -14.73 -1.32 39.38
C TYR M 56 -15.86 -2.34 39.49
N THR M 57 -17.07 -1.88 39.83
CA THR M 57 -18.22 -2.77 39.96
C THR M 57 -19.47 -2.03 39.51
N ALA M 58 -19.69 -1.98 38.21
CA ALA M 58 -20.83 -1.26 37.65
C ALA M 58 -22.22 -1.55 38.22
N ASP M 59 -22.53 -0.92 39.34
CA ASP M 59 -23.84 -1.14 39.95
C ASP M 59 -24.13 -0.13 41.05
N THR M 60 -25.12 0.73 40.83
CA THR M 60 -25.49 1.77 41.79
C THR M 60 -25.08 1.48 43.23
N SER M 61 -25.56 0.38 43.81
CA SER M 61 -25.26 0.02 45.20
C SER M 61 -23.79 -0.22 45.54
N LEU M 62 -22.95 -0.43 44.52
CA LEU M 62 -21.53 -0.68 44.75
C LEU M 62 -20.58 0.17 43.92
N ALA M 63 -21.12 0.85 42.91
CA ALA M 63 -20.31 1.68 42.04
C ALA M 63 -19.42 2.64 42.80
N PHE M 64 -19.97 3.32 43.79
CA PHE M 64 -19.15 4.25 44.53
C PHE M 64 -18.06 3.51 45.33
N SER M 65 -18.51 2.77 46.33
CA SER M 65 -17.63 2.02 47.23
C SER M 65 -16.64 1.06 46.56
N SER M 66 -16.77 0.87 45.25
CA SER M 66 -15.85 -0.03 44.56
C SER M 66 -14.65 0.81 44.19
N VAL M 67 -14.92 2.03 43.76
CA VAL M 67 -13.84 2.92 43.42
C VAL M 67 -13.08 3.14 44.73
N ALA M 68 -13.81 3.58 45.74
CA ALA M 68 -13.18 3.80 47.03
C ALA M 68 -12.28 2.63 47.37
N HIS M 69 -12.88 1.45 47.40
CA HIS M 69 -12.13 0.24 47.69
C HIS M 69 -10.91 0.16 46.72
N THR M 70 -11.13 0.40 45.43
CA THR M 70 -10.03 0.33 44.46
C THR M 70 -8.86 1.23 44.80
N CYS M 71 -9.14 2.36 45.42
CA CYS M 71 -8.08 3.31 45.77
C CYS M 71 -7.33 2.90 47.03
N ARG M 72 -8.09 2.62 48.09
CA ARG M 72 -7.54 2.26 49.40
C ARG M 72 -6.92 0.88 49.55
N ASN M 73 -7.63 -0.11 49.04
CA ASN M 73 -7.20 -1.49 49.17
C ASN M 73 -6.34 -2.08 48.08
N VAL M 74 -6.54 -1.63 46.85
CA VAL M 74 -5.76 -2.17 45.75
C VAL M 74 -4.38 -1.55 45.71
N GLN M 75 -3.34 -2.38 45.75
CA GLN M 75 -1.96 -1.92 45.69
C GLN M 75 -1.83 -0.87 44.60
N TYR M 76 -1.25 0.28 44.92
CA TYR M 76 -1.08 1.39 43.95
C TYR M 76 -2.30 1.79 43.14
N GLY M 77 -3.48 1.33 43.57
CA GLY M 77 -4.72 1.65 42.89
C GLY M 77 -4.98 3.14 42.90
N TRP M 78 -4.76 3.76 44.06
CA TRP M 78 -4.94 5.20 44.19
C TRP M 78 -4.17 5.90 43.08
N LEU M 79 -2.89 5.54 42.93
CA LEU M 79 -2.01 6.12 41.92
C LEU M 79 -2.61 5.90 40.54
N ILE M 80 -3.13 4.70 40.35
CA ILE M 80 -3.76 4.37 39.11
C ILE M 80 -4.90 5.35 38.94
N ARG M 81 -5.89 5.26 39.79
CA ARG M 81 -7.03 6.15 39.71
C ARG M 81 -6.53 7.57 39.35
N ASN M 82 -5.82 8.20 40.28
CA ASN M 82 -5.29 9.56 40.10
C ASN M 82 -4.87 9.74 38.66
N LEU M 83 -3.91 8.92 38.24
CA LEU M 83 -3.38 8.98 36.87
C LEU M 83 -4.46 8.99 35.80
N HIS M 84 -5.41 8.05 35.89
CA HIS M 84 -6.49 7.93 34.93
C HIS M 84 -7.28 9.22 34.88
N ALA M 85 -7.64 9.73 36.07
CA ALA M 85 -8.42 10.97 36.16
C ALA M 85 -7.76 12.24 35.60
N ASN M 86 -6.53 12.54 36.01
CA ASN M 86 -5.83 13.72 35.49
C ASN M 86 -5.45 13.47 34.03
N GLY M 87 -5.25 12.19 33.69
CA GLY M 87 -4.93 11.83 32.32
C GLY M 87 -6.01 12.42 31.45
N ALA M 88 -7.25 12.22 31.86
CA ALA M 88 -8.37 12.76 31.13
C ALA M 88 -8.09 14.23 30.85
N SER M 89 -7.91 15.00 31.92
CA SER M 89 -7.63 16.43 31.79
C SER M 89 -6.47 16.64 30.83
N PHE M 90 -5.30 16.09 31.16
CA PHE M 90 -4.16 16.28 30.27
C PHE M 90 -4.50 15.87 28.85
N PHE M 91 -5.44 14.94 28.72
CA PHE M 91 -5.82 14.53 27.39
C PHE M 91 -6.41 15.81 26.80
N PHE M 92 -7.57 16.22 27.30
CA PHE M 92 -8.20 17.43 26.79
C PHE M 92 -7.25 18.59 26.56
N ILE M 93 -6.29 18.77 27.46
CA ILE M 93 -5.33 19.85 27.28
C ILE M 93 -4.69 19.62 25.92
N CYS M 94 -3.91 18.55 25.84
CA CYS M 94 -3.26 18.22 24.61
C CYS M 94 -4.18 18.42 23.42
N ILE M 95 -5.40 17.93 23.50
CA ILE M 95 -6.30 18.06 22.36
C ILE M 95 -6.66 19.48 22.02
N PHE M 96 -6.84 20.33 23.04
CA PHE M 96 -7.18 21.72 22.77
C PHE M 96 -6.05 22.45 22.08
N LEU M 97 -4.83 22.18 22.49
CA LEU M 97 -3.72 22.82 21.84
C LEU M 97 -3.61 22.22 20.42
N HIS M 98 -3.63 20.89 20.32
CA HIS M 98 -3.54 20.21 19.01
C HIS M 98 -4.54 20.88 18.06
N ILE M 99 -5.68 21.31 18.58
CA ILE M 99 -6.65 21.96 17.73
C ILE M 99 -6.18 23.36 17.45
N GLY M 100 -5.73 24.03 18.50
CA GLY M 100 -5.24 25.39 18.33
C GLY M 100 -4.32 25.38 17.13
N ARG M 101 -3.20 24.67 17.27
CA ARG M 101 -2.22 24.57 16.21
C ARG M 101 -2.95 24.50 14.89
N GLY M 102 -3.71 23.44 14.70
CA GLY M 102 -4.45 23.27 13.47
C GLY M 102 -5.14 24.52 12.96
N LEU M 103 -5.75 25.29 13.86
CA LEU M 103 -6.45 26.49 13.44
C LEU M 103 -5.50 27.57 12.89
N TYR M 104 -4.51 27.92 13.71
CA TYR M 104 -3.53 28.94 13.38
C TYR M 104 -2.66 28.66 12.17
N TYR M 105 -2.39 27.40 11.88
CA TYR M 105 -1.57 27.12 10.72
C TYR M 105 -2.39 26.50 9.62
N GLY M 106 -3.70 26.75 9.66
CA GLY M 106 -4.59 26.19 8.66
C GLY M 106 -4.30 24.76 8.24
N SER M 107 -4.04 23.87 9.18
CA SER M 107 -3.79 22.49 8.83
C SER M 107 -5.13 21.99 8.37
N TYR M 108 -6.17 22.67 8.83
CA TYR M 108 -7.53 22.31 8.47
C TYR M 108 -7.77 22.29 6.99
N LEU M 109 -6.71 22.45 6.20
CA LEU M 109 -6.90 22.40 4.77
C LEU M 109 -6.74 20.96 4.31
N TYR M 110 -6.29 20.14 5.25
CA TYR M 110 -6.15 18.72 4.99
C TYR M 110 -7.51 18.10 5.36
N LYS M 111 -8.57 18.84 5.03
CA LYS M 111 -9.95 18.46 5.30
C LYS M 111 -10.23 17.14 6.00
N GLU M 112 -10.06 16.03 5.30
CA GLU M 112 -10.30 14.72 5.89
C GLU M 112 -9.53 14.56 7.18
N THR M 113 -8.21 14.76 7.11
CA THR M 113 -7.37 14.63 8.29
C THR M 113 -8.03 15.42 9.39
N TRP M 114 -8.56 16.57 9.02
CA TRP M 114 -9.24 17.45 9.96
C TRP M 114 -10.60 16.91 10.43
N ASN M 115 -11.54 16.69 9.50
CA ASN M 115 -12.87 16.19 9.88
C ASN M 115 -12.79 15.03 10.87
N THR M 116 -11.97 14.04 10.56
CA THR M 116 -11.78 12.90 11.43
C THR M 116 -11.37 13.43 12.79
N GLY M 117 -10.51 14.44 12.78
CA GLY M 117 -10.10 15.02 14.03
C GLY M 117 -11.33 15.41 14.84
N VAL M 118 -12.21 16.20 14.24
CA VAL M 118 -13.41 16.62 14.92
C VAL M 118 -14.02 15.39 15.57
N ILE M 119 -14.37 14.42 14.73
CA ILE M 119 -14.96 13.17 15.19
C ILE M 119 -14.24 12.68 16.45
N LEU M 120 -12.93 12.48 16.35
CA LEU M 120 -12.17 12.04 17.51
C LEU M 120 -12.53 12.93 18.68
N LEU M 121 -12.33 14.24 18.52
CA LEU M 121 -12.65 15.16 19.59
C LEU M 121 -14.03 14.88 20.16
N LEU M 122 -15.06 14.97 19.32
CA LEU M 122 -16.41 14.69 19.78
C LEU M 122 -16.41 13.43 20.67
N THR M 123 -15.96 12.31 20.10
CA THR M 123 -15.90 11.04 20.82
C THR M 123 -15.24 11.20 22.19
N LEU M 124 -14.02 11.72 22.20
CA LEU M 124 -13.34 11.91 23.46
C LEU M 124 -14.30 12.51 24.46
N MET M 125 -14.97 13.57 24.04
CA MET M 125 -15.93 14.24 24.92
C MET M 125 -16.97 13.27 25.43
N ALA M 126 -17.59 12.55 24.50
CA ALA M 126 -18.58 11.57 24.89
C ALA M 126 -17.91 10.62 25.86
N THR M 127 -16.84 9.97 25.42
CA THR M 127 -16.12 9.04 26.26
C THR M 127 -15.91 9.55 27.67
N ALA M 128 -15.25 10.70 27.77
CA ALA M 128 -14.94 11.33 29.05
C ALA M 128 -16.21 11.56 29.85
N PHE M 129 -17.33 11.69 29.15
CA PHE M 129 -18.59 11.90 29.80
C PHE M 129 -18.94 10.69 30.64
N VAL M 130 -19.22 9.58 29.97
CA VAL M 130 -19.58 8.35 30.66
C VAL M 130 -18.57 8.01 31.74
N GLY M 131 -17.29 8.04 31.38
CA GLY M 131 -16.27 7.73 32.36
C GLY M 131 -16.58 8.35 33.70
N TYR M 132 -16.92 9.64 33.68
CA TYR M 132 -17.23 10.38 34.90
C TYR M 132 -18.46 9.84 35.62
N VAL M 133 -19.46 9.45 34.87
CA VAL M 133 -20.64 8.97 35.53
C VAL M 133 -20.38 7.76 36.39
N LEU M 134 -19.46 6.90 35.97
CA LEU M 134 -19.13 5.68 36.70
C LEU M 134 -18.98 5.73 38.23
N PRO M 135 -18.07 6.57 38.76
CA PRO M 135 -17.85 6.67 40.20
C PRO M 135 -19.14 6.86 40.97
N TRP M 136 -20.19 7.20 40.23
CA TRP M 136 -21.51 7.42 40.77
C TRP M 136 -21.55 8.40 41.93
N GLY M 137 -20.88 9.54 41.75
CA GLY M 137 -20.85 10.57 42.78
C GLY M 137 -21.96 11.57 42.53
N GLN M 138 -22.04 12.61 43.34
CA GLN M 138 -23.09 13.59 43.14
C GLN M 138 -23.03 14.10 41.71
N MET M 139 -21.85 14.57 41.32
CA MET M 139 -21.70 15.10 39.97
C MET M 139 -22.06 13.98 39.03
N SER M 140 -21.31 12.88 39.11
CA SER M 140 -21.54 11.74 38.23
C SER M 140 -23.03 11.65 37.88
N PHE M 141 -23.85 11.62 38.93
CA PHE M 141 -25.28 11.48 38.76
C PHE M 141 -25.93 12.57 37.95
N TRP M 142 -25.97 13.75 38.55
CA TRP M 142 -26.60 14.88 37.93
C TRP M 142 -26.08 15.22 36.58
N GLY M 143 -24.77 15.08 36.39
CA GLY M 143 -24.24 15.33 35.06
C GLY M 143 -24.94 14.34 34.13
N ALA M 144 -24.93 13.06 34.53
CA ALA M 144 -25.58 12.03 33.75
C ALA M 144 -26.97 12.53 33.37
N THR M 145 -27.70 12.99 34.39
CA THR M 145 -29.07 13.49 34.23
C THR M 145 -29.29 14.64 33.25
N VAL M 146 -28.29 15.51 33.14
CA VAL M 146 -28.37 16.66 32.26
C VAL M 146 -27.95 16.31 30.85
N ILE M 147 -26.66 16.04 30.69
CA ILE M 147 -26.08 15.72 29.41
C ILE M 147 -27.03 14.90 28.62
N THR M 148 -27.46 13.78 29.18
CA THR M 148 -28.39 12.92 28.47
C THR M 148 -29.63 13.68 28.13
N ASN M 149 -30.20 14.33 29.13
CA ASN M 149 -31.44 15.07 28.91
C ASN M 149 -31.35 16.00 27.71
N LEU M 150 -30.14 16.46 27.39
CA LEU M 150 -29.95 17.33 26.24
C LEU M 150 -30.75 16.88 25.04
N PHE M 151 -30.72 15.59 24.78
CA PHE M 151 -31.43 15.06 23.63
C PHE M 151 -32.91 15.18 23.73
N SER M 152 -33.44 15.46 24.91
CA SER M 152 -34.86 15.58 25.04
C SER M 152 -35.25 16.81 24.26
N ALA M 153 -34.24 17.53 23.78
CA ALA M 153 -34.46 18.75 23.01
C ALA M 153 -34.93 18.48 21.58
N ILE M 154 -34.61 17.30 21.07
CA ILE M 154 -35.04 16.99 19.73
C ILE M 154 -36.54 16.76 19.73
N PRO M 155 -37.22 17.27 18.71
CA PRO M 155 -38.67 17.16 18.52
C PRO M 155 -39.17 15.74 18.28
N TYR M 156 -40.36 15.45 18.78
CA TYR M 156 -40.97 14.13 18.61
C TYR M 156 -40.24 12.95 19.27
N ILE M 157 -39.04 12.58 18.79
CA ILE M 157 -38.34 11.47 19.43
C ILE M 157 -37.71 11.96 20.74
N GLY M 158 -36.53 12.56 20.65
CA GLY M 158 -35.87 13.07 21.85
C GLY M 158 -36.14 12.19 23.05
N HIS M 159 -37.24 12.47 23.74
CA HIS M 159 -37.64 11.70 24.93
C HIS M 159 -37.39 10.22 24.78
N THR M 160 -37.65 9.70 23.58
CA THR M 160 -37.43 8.29 23.32
C THR M 160 -35.91 8.08 23.30
N LEU M 161 -35.20 8.93 22.56
CA LEU M 161 -33.74 8.79 22.52
C LEU M 161 -33.18 8.71 23.94
N VAL M 162 -33.76 9.47 24.84
CA VAL M 162 -33.31 9.43 26.21
C VAL M 162 -33.59 8.04 26.75
N GLU M 163 -34.86 7.63 26.75
CA GLU M 163 -35.26 6.30 27.23
C GLU M 163 -34.09 5.33 27.10
N TRP M 164 -33.60 5.17 25.86
CA TRP M 164 -32.48 4.28 25.60
C TRP M 164 -31.34 4.63 26.52
N ALA M 165 -30.74 5.79 26.30
CA ALA M 165 -29.62 6.23 27.11
C ALA M 165 -29.69 5.72 28.55
N TRP M 166 -30.79 6.03 29.25
CA TRP M 166 -30.94 5.61 30.65
C TRP M 166 -31.33 4.15 30.80
N GLY M 167 -31.96 3.62 29.77
CA GLY M 167 -32.38 2.24 29.83
C GLY M 167 -33.53 2.14 30.79
N GLY M 168 -33.90 3.26 31.37
CA GLY M 168 -35.02 3.28 32.29
C GLY M 168 -35.89 4.47 31.96
N PHE M 169 -36.53 5.02 32.98
CA PHE M 169 -37.36 6.17 32.76
C PHE M 169 -36.81 7.32 33.60
N SER M 170 -35.68 7.03 34.22
CA SER M 170 -34.94 7.99 35.05
C SER M 170 -33.55 7.38 35.15
N VAL M 171 -32.54 8.21 35.39
CA VAL M 171 -31.19 7.68 35.47
C VAL M 171 -31.00 6.75 36.63
N ASP M 172 -30.94 5.46 36.35
CA ASP M 172 -30.75 4.46 37.39
C ASP M 172 -29.69 3.44 36.95
N ASN M 173 -29.50 2.41 37.78
CA ASN M 173 -28.53 1.37 37.51
C ASN M 173 -28.36 1.06 36.02
N PRO M 174 -29.44 0.63 35.33
CA PRO M 174 -29.37 0.28 33.90
C PRO M 174 -28.54 1.26 33.12
N THR M 175 -28.53 2.51 33.57
CA THR M 175 -27.72 3.52 32.92
C THR M 175 -26.27 3.20 33.29
N LEU M 176 -25.98 3.25 34.58
CA LEU M 176 -24.63 2.97 35.04
C LEU M 176 -23.95 1.81 34.35
N THR M 177 -24.66 0.70 34.14
CA THR M 177 -24.05 -0.46 33.49
C THR M 177 -23.78 -0.23 32.03
N ARG M 178 -24.80 0.18 31.28
CA ARG M 178 -24.58 0.42 29.88
C ARG M 178 -23.61 1.58 29.70
N PHE M 179 -23.55 2.48 30.66
CA PHE M 179 -22.60 3.56 30.55
C PHE M 179 -21.21 3.00 30.70
N PHE M 180 -21.01 2.14 31.70
CA PHE M 180 -19.70 1.51 31.88
C PHE M 180 -19.30 0.78 30.59
N ALA M 181 -20.18 -0.12 30.16
CA ALA M 181 -19.95 -0.89 28.95
C ALA M 181 -19.54 0.02 27.80
N LEU M 182 -20.14 1.20 27.77
CA LEU M 182 -19.86 2.18 26.75
C LEU M 182 -18.49 2.80 26.94
N HIS M 183 -18.24 3.23 28.17
CA HIS M 183 -16.99 3.85 28.49
C HIS M 183 -15.90 2.86 28.24
N PHE M 184 -16.16 1.58 28.49
CA PHE M 184 -15.13 0.59 28.25
C PHE M 184 -14.79 0.48 26.77
N LEU M 185 -15.82 0.39 25.94
CA LEU M 185 -15.69 0.27 24.48
C LEU M 185 -15.11 1.47 23.72
N LEU M 186 -15.76 2.62 23.89
CA LEU M 186 -15.37 3.84 23.21
C LEU M 186 -13.91 4.13 23.00
N PRO M 187 -13.16 4.17 24.08
CA PRO M 187 -11.74 4.46 23.90
C PRO M 187 -11.19 3.76 22.68
N PHE M 188 -11.52 2.47 22.54
CA PHE M 188 -11.04 1.67 21.41
C PHE M 188 -11.44 2.25 20.08
N ALA M 189 -12.67 2.77 20.02
CA ALA M 189 -13.19 3.40 18.80
C ALA M 189 -12.29 4.56 18.42
N ILE M 190 -11.91 5.33 19.43
CA ILE M 190 -11.03 6.44 19.20
C ILE M 190 -9.78 5.85 18.55
N ALA M 191 -9.10 4.97 19.30
CA ALA M 191 -7.88 4.31 18.84
C ALA M 191 -7.99 3.94 17.37
N GLY M 192 -9.14 3.42 16.98
CA GLY M 192 -9.32 3.05 15.59
C GLY M 192 -9.33 4.27 14.68
N ILE M 193 -10.23 5.19 14.95
CA ILE M 193 -10.36 6.42 14.17
C ILE M 193 -9.01 7.13 14.07
N THR M 194 -8.30 7.22 15.17
CA THR M 194 -6.99 7.79 15.16
C THR M 194 -6.20 7.15 14.03
N ILE M 195 -6.19 5.82 13.97
CA ILE M 195 -5.49 5.11 12.90
C ILE M 195 -5.81 5.69 11.52
N ILE M 196 -7.08 6.08 11.35
CA ILE M 196 -7.54 6.67 10.09
C ILE M 196 -7.02 8.11 9.99
N HIS M 197 -7.28 8.89 11.04
CA HIS M 197 -6.82 10.28 11.09
C HIS M 197 -5.41 10.28 10.53
N LEU M 198 -4.53 9.46 11.10
CA LEU M 198 -3.16 9.37 10.65
C LEU M 198 -2.97 8.91 9.22
N THR M 199 -3.90 8.10 8.73
CA THR M 199 -3.78 7.66 7.34
C THR M 199 -4.05 8.83 6.44
N PHE M 200 -5.25 9.40 6.53
CA PHE M 200 -5.56 10.54 5.71
C PHE M 200 -4.38 11.54 5.70
N LEU M 201 -3.82 11.77 6.87
CA LEU M 201 -2.70 12.68 6.98
C LEU M 201 -1.62 12.22 6.01
N HIS M 202 -1.05 11.04 6.27
CA HIS M 202 0.01 10.45 5.45
C HIS M 202 -0.19 10.55 3.95
N GLU M 203 -1.37 11.00 3.54
CA GLU M 203 -1.63 11.17 2.11
C GLU M 203 -0.99 12.45 1.60
N SER M 204 -0.91 13.45 2.48
CA SER M 204 -0.36 14.78 2.17
C SER M 204 0.94 15.11 2.87
N GLY M 205 1.32 14.31 3.85
CA GLY M 205 2.53 14.59 4.59
C GLY M 205 2.05 15.62 5.58
N SER M 206 2.91 16.06 6.48
CA SER M 206 2.48 17.06 7.46
C SER M 206 2.59 18.51 6.95
N ASN M 207 1.81 19.40 7.55
CA ASN M 207 1.83 20.81 7.20
C ASN M 207 3.16 21.38 7.73
N ASN M 208 3.18 22.66 8.09
CA ASN M 208 4.40 23.28 8.63
C ASN M 208 4.28 24.81 8.71
N PRO M 209 4.82 25.39 9.78
CA PRO M 209 4.81 26.83 10.08
C PRO M 209 4.61 27.85 8.95
N LEU M 210 5.52 27.85 7.98
CA LEU M 210 5.48 28.80 6.87
C LEU M 210 4.33 28.65 5.89
N GLY M 211 3.71 27.49 5.87
CA GLY M 211 2.59 27.30 4.97
C GLY M 211 2.97 27.30 3.50
N ILE M 212 4.09 26.65 3.20
CA ILE M 212 4.61 26.54 1.85
C ILE M 212 5.30 25.19 1.64
N SER M 213 5.24 24.68 0.41
CA SER M 213 5.85 23.40 0.04
C SER M 213 7.12 23.08 0.82
N SER M 214 7.08 22.00 1.58
CA SER M 214 8.24 21.58 2.36
C SER M 214 9.07 20.51 1.63
N ASP M 215 8.59 20.13 0.44
CA ASP M 215 9.26 19.11 -0.38
C ASP M 215 10.73 19.46 -0.62
N SER M 216 11.03 20.75 -0.58
CA SER M 216 12.38 21.22 -0.83
C SER M 216 13.34 21.02 0.31
N ASP M 217 12.93 20.30 1.34
CA ASP M 217 13.82 20.09 2.48
C ASP M 217 13.14 19.23 3.52
N LYS M 218 12.92 17.97 3.21
CA LYS M 218 12.28 17.12 4.19
C LYS M 218 13.33 16.32 4.91
N ILE M 219 12.94 15.71 6.02
CA ILE M 219 13.85 14.93 6.81
C ILE M 219 13.18 13.70 7.37
N PRO M 220 13.93 12.58 7.43
CA PRO M 220 13.43 11.31 7.94
C PRO M 220 12.84 11.44 9.35
N PHE M 221 11.61 10.98 9.54
CA PHE M 221 10.98 11.07 10.83
C PHE M 221 11.96 10.69 11.91
N HIS M 222 12.76 9.66 11.64
CA HIS M 222 13.78 9.24 12.59
C HIS M 222 15.13 9.71 12.07
N PRO M 223 16.02 10.19 12.97
CA PRO M 223 15.92 10.35 14.44
C PRO M 223 15.39 11.71 14.82
N TYR M 224 15.25 12.56 13.82
CA TYR M 224 14.76 13.88 14.10
C TYR M 224 13.51 13.89 14.99
N TYR M 225 12.34 13.76 14.39
CA TYR M 225 11.11 13.78 15.16
C TYR M 225 10.84 12.67 16.15
N SER M 226 11.58 11.58 16.04
CA SER M 226 11.41 10.50 17.00
C SER M 226 11.96 11.02 18.34
N PHE M 227 13.23 11.43 18.36
CA PHE M 227 13.81 11.94 19.59
C PHE M 227 13.00 13.13 20.06
N LYS M 228 12.65 14.00 19.14
CA LYS M 228 11.86 15.16 19.47
C LYS M 228 10.55 14.76 20.16
N ASP M 229 10.02 13.58 19.86
CA ASP M 229 8.78 13.15 20.49
C ASP M 229 9.02 12.72 21.91
N ILE M 230 10.11 11.98 22.12
CA ILE M 230 10.45 11.51 23.45
C ILE M 230 10.60 12.70 24.40
N LEU M 231 11.28 13.74 23.94
CA LEU M 231 11.49 14.93 24.76
C LEU M 231 10.09 15.45 25.12
N GLY M 232 9.29 15.71 24.09
CA GLY M 232 7.93 16.20 24.27
C GLY M 232 7.13 15.28 25.16
N LEU M 233 7.58 14.03 25.24
CA LEU M 233 6.90 13.08 26.08
C LEU M 233 7.18 13.49 27.53
N THR M 234 8.42 13.29 27.99
CA THR M 234 8.81 13.63 29.35
C THR M 234 8.33 14.99 29.78
N LEU M 235 8.48 15.98 28.90
CA LEU M 235 8.06 17.35 29.19
C LEU M 235 6.62 17.43 29.64
N MET M 236 5.70 16.85 28.87
CA MET M 236 4.30 16.86 29.26
C MET M 236 4.17 15.93 30.46
N LEU M 237 4.78 14.76 30.36
CA LEU M 237 4.70 13.78 31.42
C LEU M 237 5.02 14.32 32.80
N THR M 238 5.69 15.46 32.87
CA THR M 238 6.04 16.02 34.17
C THR M 238 4.86 16.66 34.91
N PRO M 239 4.32 17.76 34.39
CA PRO M 239 3.19 18.38 35.10
C PRO M 239 2.11 17.36 35.39
N PHE M 240 1.84 16.51 34.41
CA PHE M 240 0.83 15.47 34.58
C PHE M 240 1.07 14.77 35.92
N LEU M 241 2.21 14.09 36.05
CA LEU M 241 2.56 13.39 37.27
C LEU M 241 2.58 14.34 38.45
N THR M 242 3.37 15.40 38.34
CA THR M 242 3.46 16.41 39.39
C THR M 242 2.07 16.67 39.90
N LEU M 243 1.21 17.03 38.96
CA LEU M 243 -0.16 17.32 39.27
C LEU M 243 -0.82 16.17 40.03
N ALA M 244 -0.67 14.96 39.49
CA ALA M 244 -1.27 13.75 40.04
C ALA M 244 -0.55 13.11 41.19
N LEU M 245 0.58 13.64 41.58
CA LEU M 245 1.30 13.06 42.69
C LEU M 245 1.24 13.97 43.90
N PHE M 246 1.18 15.28 43.63
CA PHE M 246 1.17 16.28 44.68
C PHE M 246 -0.19 16.90 44.92
N SER M 247 -0.98 17.09 43.86
CA SER M 247 -2.28 17.69 44.02
C SER M 247 -3.28 17.04 43.09
N PRO M 248 -3.52 15.73 43.28
CA PRO M 248 -4.43 14.94 42.47
C PRO M 248 -5.74 15.63 42.23
N ASN M 249 -6.39 16.00 43.32
CA ASN M 249 -7.69 16.61 43.24
C ASN M 249 -7.71 18.08 42.96
N LEU M 250 -6.62 18.61 42.44
CA LEU M 250 -6.63 20.03 42.14
C LEU M 250 -7.67 20.31 41.05
N LEU M 251 -7.48 19.72 39.88
CA LEU M 251 -8.38 19.94 38.76
C LEU M 251 -9.76 19.35 38.98
N GLY M 252 -9.93 18.62 40.08
CA GLY M 252 -11.21 17.99 40.32
C GLY M 252 -12.18 18.46 41.41
N ASP M 253 -13.43 18.70 40.98
CA ASP M 253 -14.51 19.12 41.86
C ASP M 253 -14.65 18.10 42.97
N PRO M 254 -14.71 18.55 44.22
CA PRO M 254 -14.84 17.63 45.36
C PRO M 254 -16.25 17.26 45.74
N GLU M 255 -17.23 17.92 45.14
CA GLU M 255 -18.61 17.62 45.44
C GLU M 255 -18.92 16.19 44.98
N ASN M 256 -18.01 15.62 44.20
CA ASN M 256 -18.16 14.26 43.66
C ASN M 256 -17.63 13.23 44.63
N PHE M 257 -17.37 13.65 45.86
CA PHE M 257 -16.89 12.76 46.90
C PHE M 257 -18.07 12.48 47.80
N THR M 258 -19.24 12.82 47.29
CA THR M 258 -20.44 12.58 48.04
C THR M 258 -21.35 11.75 47.15
N PRO M 259 -21.48 10.46 47.48
CA PRO M 259 -22.31 9.50 46.74
C PRO M 259 -23.55 10.15 46.17
N ALA M 260 -23.86 9.84 44.93
CA ALA M 260 -25.01 10.41 44.28
C ALA M 260 -26.25 10.32 45.17
N ASN M 261 -27.15 11.28 45.00
CA ASN M 261 -28.40 11.38 45.75
C ASN M 261 -29.42 11.81 44.71
N PRO M 262 -30.21 10.87 44.20
CA PRO M 262 -31.25 11.10 43.18
C PRO M 262 -32.20 12.21 43.53
N LEU M 263 -32.12 12.66 44.77
CA LEU M 263 -33.02 13.69 45.28
C LEU M 263 -32.45 15.07 45.55
N VAL M 264 -31.12 15.20 45.53
CA VAL M 264 -30.57 16.49 45.82
C VAL M 264 -29.52 16.96 44.83
N THR M 265 -29.86 17.93 43.99
CA THR M 265 -28.90 18.43 43.03
C THR M 265 -28.09 19.47 43.81
N PRO M 266 -26.79 19.23 44.01
CA PRO M 266 -25.94 20.17 44.75
C PRO M 266 -26.21 21.60 44.35
N PRO M 267 -26.26 22.50 45.33
CA PRO M 267 -26.53 23.92 45.07
C PRO M 267 -25.49 24.53 44.12
N HIS M 268 -24.24 24.10 44.27
CA HIS M 268 -23.14 24.59 43.43
C HIS M 268 -22.62 23.51 42.49
N ILE M 269 -23.35 23.31 41.39
CA ILE M 269 -23.03 22.30 40.38
C ILE M 269 -22.34 22.90 39.17
N LYS M 270 -21.05 22.58 39.02
CA LYS M 270 -20.24 23.09 37.91
C LYS M 270 -19.52 21.96 37.12
N PRO M 271 -19.78 21.88 35.80
CA PRO M 271 -19.20 20.88 34.90
C PRO M 271 -17.71 20.69 35.06
N GLU M 272 -17.21 19.56 34.56
CA GLU M 272 -15.78 19.27 34.61
C GLU M 272 -15.19 20.51 33.89
N TRP M 273 -13.97 20.93 34.24
CA TRP M 273 -13.44 22.11 33.57
C TRP M 273 -13.40 22.06 32.04
N TYR M 274 -12.93 20.97 31.46
CA TYR M 274 -12.85 20.88 30.00
C TYR M 274 -14.18 21.01 29.25
N PHE M 275 -15.28 21.24 29.94
CA PHE M 275 -16.56 21.40 29.26
C PHE M 275 -17.12 22.78 29.49
N LEU M 276 -16.61 23.45 30.52
CA LEU M 276 -17.09 24.77 30.88
C LEU M 276 -17.45 25.70 29.74
N PHE M 277 -16.54 25.90 28.80
CA PHE M 277 -16.84 26.80 27.71
C PHE M 277 -18.19 26.53 27.07
N ALA M 278 -18.43 25.30 26.69
CA ALA M 278 -19.69 24.96 26.06
C ALA M 278 -20.83 25.20 27.06
N TYR M 279 -20.56 24.81 28.30
CA TYR M 279 -21.52 24.97 29.37
C TYR M 279 -22.05 26.37 29.28
N ALA M 280 -21.09 27.31 29.26
CA ALA M 280 -21.38 28.73 29.20
C ALA M 280 -22.32 29.07 28.06
N ILE M 281 -21.90 28.76 26.86
CA ILE M 281 -22.73 29.06 25.71
C ILE M 281 -24.17 28.61 25.90
N LEU M 282 -24.38 27.38 26.34
CA LEU M 282 -25.75 26.90 26.53
C LEU M 282 -26.52 27.64 27.62
N ARG M 283 -25.84 28.03 28.69
CA ARG M 283 -26.53 28.76 29.73
C ARG M 283 -27.07 30.05 29.15
N SER M 284 -26.17 30.83 28.55
CA SER M 284 -26.52 32.12 27.97
C SER M 284 -27.73 32.15 27.06
N ILE M 285 -28.09 31.03 26.44
CA ILE M 285 -29.30 31.01 25.61
C ILE M 285 -30.43 30.51 26.49
N PRO M 286 -31.26 31.44 26.98
CA PRO M 286 -32.38 31.05 27.82
C PRO M 286 -33.53 30.50 26.99
N ASN M 287 -33.33 29.25 26.58
CA ASN M 287 -34.30 28.48 25.80
C ASN M 287 -33.76 27.05 25.68
N LYS M 288 -34.54 26.07 26.15
CA LYS M 288 -34.14 24.67 26.09
C LYS M 288 -33.39 24.47 24.79
N LEU M 289 -34.17 24.42 23.71
CA LEU M 289 -33.67 24.19 22.37
C LEU M 289 -32.54 25.11 21.92
N GLY M 290 -32.68 26.41 22.12
CA GLY M 290 -31.62 27.30 21.73
C GLY M 290 -30.35 26.90 22.47
N GLY M 291 -30.44 26.84 23.79
CA GLY M 291 -29.31 26.46 24.61
C GLY M 291 -28.62 25.26 24.01
N VAL M 292 -29.40 24.19 23.79
CA VAL M 292 -28.86 22.97 23.19
C VAL M 292 -28.22 23.30 21.85
N LEU M 293 -29.00 23.85 20.93
CA LEU M 293 -28.49 24.20 19.62
C LEU M 293 -27.20 25.00 19.65
N ALA M 294 -27.15 26.08 20.44
CA ALA M 294 -25.95 26.90 20.56
C ALA M 294 -24.78 25.95 20.81
N LEU M 295 -24.94 25.12 21.84
CA LEU M 295 -23.95 24.14 22.22
C LEU M 295 -23.55 23.34 21.00
N ALA M 296 -24.52 22.69 20.38
CA ALA M 296 -24.25 21.88 19.21
C ALA M 296 -23.20 22.58 18.35
N ALA M 297 -23.62 23.67 17.70
CA ALA M 297 -22.73 24.42 16.83
C ALA M 297 -21.49 24.89 17.57
N SER M 298 -21.59 25.03 18.88
CA SER M 298 -20.44 25.48 19.65
C SER M 298 -19.22 24.63 19.31
N VAL M 299 -19.44 23.37 18.99
CA VAL M 299 -18.34 22.48 18.66
C VAL M 299 -18.40 22.08 17.19
N LEU M 300 -19.61 21.72 16.77
CA LEU M 300 -19.83 21.33 15.39
C LEU M 300 -19.32 22.33 14.40
N ILE M 301 -19.18 23.57 14.84
CA ILE M 301 -18.71 24.61 13.95
C ILE M 301 -17.35 24.26 13.37
N LEU M 302 -16.54 23.55 14.14
CA LEU M 302 -15.23 23.13 13.70
C LEU M 302 -15.22 22.66 12.25
N PHE M 303 -16.22 21.85 11.92
CA PHE M 303 -16.37 21.30 10.57
C PHE M 303 -16.38 22.36 9.50
N LEU M 304 -16.80 23.56 9.88
CA LEU M 304 -16.89 24.69 8.95
C LEU M 304 -15.56 25.37 8.67
N ILE M 305 -14.78 25.62 9.69
CA ILE M 305 -13.50 26.29 9.51
C ILE M 305 -12.86 26.09 8.15
N PRO M 306 -12.78 24.85 7.68
CA PRO M 306 -12.18 24.60 6.36
C PRO M 306 -12.81 25.38 5.21
N PHE M 307 -14.08 25.74 5.35
CA PHE M 307 -14.77 26.49 4.30
C PHE M 307 -14.74 28.00 4.57
N LEU M 308 -14.36 28.38 5.80
CA LEU M 308 -14.26 29.78 6.21
C LEU M 308 -12.79 30.21 6.20
N HIS M 309 -12.10 29.80 5.14
CA HIS M 309 -10.69 30.12 4.94
C HIS M 309 -10.71 30.90 3.66
N LYS M 310 -10.16 32.11 3.69
CA LYS M 310 -10.18 32.94 2.51
C LYS M 310 -8.83 33.46 2.09
N SER M 311 -7.88 33.49 3.02
CA SER M 311 -6.54 33.99 2.73
C SER M 311 -5.80 33.21 1.64
N LYS M 312 -5.14 33.94 0.74
CA LYS M 312 -4.37 33.35 -0.36
C LYS M 312 -3.18 32.59 0.18
N GLN M 313 -2.84 32.92 1.42
CA GLN M 313 -1.74 32.30 2.14
C GLN M 313 -2.38 31.30 3.09
N ARG M 314 -1.62 30.33 3.58
CA ARG M 314 -2.19 29.31 4.45
C ARG M 314 -2.16 29.51 5.95
N THR M 315 -0.97 29.77 6.47
CA THR M 315 -0.80 29.98 7.89
C THR M 315 -0.88 31.44 8.28
N MET M 316 -1.19 31.70 9.54
CA MET M 316 -1.30 33.06 10.06
C MET M 316 0.07 33.63 10.37
N THR M 317 1.10 32.88 10.06
CA THR M 317 2.44 33.36 10.33
C THR M 317 2.65 34.76 9.71
N PHE M 318 2.13 34.98 8.50
CA PHE M 318 2.30 36.24 7.81
C PHE M 318 1.02 37.06 7.70
N ARG M 319 0.14 36.94 8.69
CA ARG M 319 -1.12 37.68 8.67
C ARG M 319 -1.37 38.27 10.06
N PRO M 320 -0.59 39.29 10.43
CA PRO M 320 -0.70 39.93 11.73
C PRO M 320 -2.14 40.15 12.12
N LEU M 321 -2.96 40.54 11.15
CA LEU M 321 -4.37 40.78 11.41
C LEU M 321 -5.07 39.52 11.91
N SER M 322 -5.06 38.48 11.08
CA SER M 322 -5.68 37.22 11.47
C SER M 322 -5.15 36.85 12.87
N GLN M 323 -3.83 36.82 13.01
CA GLN M 323 -3.21 36.48 14.29
C GLN M 323 -3.93 37.13 15.45
N THR M 324 -3.91 38.45 15.49
CA THR M 324 -4.57 39.21 16.54
C THR M 324 -6.00 38.72 16.76
N LEU M 325 -6.69 38.41 15.68
CA LEU M 325 -8.03 37.94 15.81
C LEU M 325 -7.97 36.58 16.51
N PHE M 326 -7.15 35.68 15.98
CA PHE M 326 -6.95 34.33 16.56
C PHE M 326 -6.85 34.37 18.09
N TRP M 327 -5.80 35.00 18.60
CA TRP M 327 -5.57 35.13 20.03
C TRP M 327 -6.75 35.71 20.76
N LEU M 328 -7.41 36.67 20.13
CA LEU M 328 -8.59 37.24 20.75
C LEU M 328 -9.57 36.08 20.97
N LEU M 329 -9.67 35.21 19.97
CA LEU M 329 -10.55 34.03 20.03
C LEU M 329 -10.11 33.08 21.14
N VAL M 330 -8.81 32.83 21.23
CA VAL M 330 -8.29 31.97 22.28
C VAL M 330 -8.85 32.54 23.56
N ALA M 331 -8.45 33.78 23.84
CA ALA M 331 -8.90 34.49 25.02
C ALA M 331 -10.42 34.47 25.14
N ASN M 332 -11.11 34.61 24.01
CA ASN M 332 -12.56 34.61 24.03
C ASN M 332 -13.06 33.34 24.71
N LEU M 333 -12.36 32.23 24.46
CA LEU M 333 -12.73 30.94 25.06
C LEU M 333 -12.30 30.95 26.53
N LEU M 334 -11.05 31.36 26.73
CA LEU M 334 -10.50 31.45 28.07
C LEU M 334 -11.51 32.19 28.94
N ILE M 335 -12.25 33.12 28.34
CA ILE M 335 -13.26 33.88 29.05
C ILE M 335 -14.48 33.03 29.27
N LEU M 336 -15.09 32.60 28.16
CA LEU M 336 -16.27 31.76 28.21
C LEU M 336 -16.14 30.71 29.31
N THR M 337 -14.95 30.13 29.44
CA THR M 337 -14.69 29.12 30.45
C THR M 337 -14.93 29.71 31.82
N TRP M 338 -14.22 30.80 32.12
CA TRP M 338 -14.39 31.49 33.40
C TRP M 338 -15.87 31.56 33.73
N ILE M 339 -16.63 32.26 32.89
CA ILE M 339 -18.06 32.39 33.10
C ILE M 339 -18.71 31.08 33.53
N GLY M 340 -18.39 30.01 32.82
CA GLY M 340 -18.97 28.74 33.16
C GLY M 340 -18.82 28.46 34.64
N SER M 341 -17.62 28.72 35.16
CA SER M 341 -17.32 28.49 36.56
C SER M 341 -17.97 29.54 37.45
N GLN M 342 -18.77 30.42 36.86
CA GLN M 342 -19.42 31.46 37.64
C GLN M 342 -20.94 31.38 37.60
N PRO M 343 -21.58 31.47 38.76
CA PRO M 343 -23.04 31.40 38.91
C PRO M 343 -23.82 32.26 37.93
N VAL M 344 -25.10 31.98 37.84
CA VAL M 344 -25.97 32.72 36.93
C VAL M 344 -26.52 33.99 37.55
N GLU M 345 -25.76 35.08 37.44
CA GLU M 345 -26.15 36.39 37.95
C GLU M 345 -25.45 37.47 37.16
N HIS M 346 -25.60 38.70 37.62
CA HIS M 346 -24.96 39.82 36.95
C HIS M 346 -23.64 40.06 37.68
N PRO M 347 -22.60 40.48 36.97
CA PRO M 347 -22.52 40.75 35.53
C PRO M 347 -22.50 39.47 34.67
N PHE M 348 -21.81 38.46 35.19
CA PHE M 348 -21.66 37.17 34.56
C PHE M 348 -22.59 36.80 33.43
N ILE M 349 -23.90 36.88 33.65
CA ILE M 349 -24.83 36.51 32.58
C ILE M 349 -24.63 37.26 31.29
N ILE M 350 -24.66 38.58 31.35
CA ILE M 350 -24.48 39.36 30.15
C ILE M 350 -23.06 39.17 29.60
N ILE M 351 -22.05 39.26 30.47
CA ILE M 351 -20.67 39.07 30.01
C ILE M 351 -20.64 37.80 29.16
N GLY M 352 -21.36 36.78 29.61
CA GLY M 352 -21.42 35.51 28.90
C GLY M 352 -22.07 35.65 27.54
N GLN M 353 -23.36 35.99 27.54
CA GLN M 353 -24.08 36.15 26.29
C GLN M 353 -23.21 36.82 25.25
N MET M 354 -22.38 37.77 25.66
CA MET M 354 -21.53 38.48 24.71
C MET M 354 -20.44 37.54 24.13
N ALA M 355 -19.55 37.05 25.01
CA ALA M 355 -18.46 36.17 24.62
C ALA M 355 -18.93 35.08 23.67
N SER M 356 -20.16 34.65 23.88
CA SER M 356 -20.75 33.64 23.04
C SER M 356 -21.00 34.30 21.70
N LEU M 357 -21.57 35.50 21.73
CA LEU M 357 -21.83 36.20 20.49
C LEU M 357 -20.48 36.44 19.88
N SER M 358 -19.53 36.71 20.76
CA SER M 358 -18.14 36.97 20.41
C SER M 358 -17.60 35.79 19.62
N TYR M 359 -17.63 34.63 20.28
CA TYR M 359 -17.17 33.37 19.72
C TYR M 359 -17.60 33.18 18.26
N PHE M 360 -18.88 32.85 18.08
CA PHE M 360 -19.43 32.63 16.75
C PHE M 360 -19.04 33.63 15.69
N THR M 361 -19.05 34.90 16.04
CA THR M 361 -18.71 35.92 15.08
C THR M 361 -17.26 35.90 14.62
N ILE M 362 -16.33 35.69 15.55
CA ILE M 362 -14.92 35.65 15.18
C ILE M 362 -14.75 34.56 14.14
N LEU M 363 -15.41 33.44 14.39
CA LEU M 363 -15.33 32.29 13.52
C LEU M 363 -16.13 32.40 12.24
N LEU M 364 -17.40 32.74 12.36
CA LEU M 364 -18.24 32.82 11.17
C LEU M 364 -18.09 34.07 10.32
N ILE M 365 -17.70 35.19 10.95
CA ILE M 365 -17.61 36.48 10.24
C ILE M 365 -16.28 37.21 10.15
N LEU M 366 -15.70 37.56 11.29
CA LEU M 366 -14.45 38.29 11.24
C LEU M 366 -13.38 37.54 10.48
N PHE M 367 -13.10 36.30 10.89
CA PHE M 367 -12.08 35.49 10.26
C PHE M 367 -12.08 35.44 8.75
N PRO M 368 -13.23 35.16 8.14
CA PRO M 368 -13.26 35.11 6.68
C PRO M 368 -13.14 36.52 6.10
N THR M 369 -13.63 37.51 6.85
CA THR M 369 -13.57 38.89 6.39
C THR M 369 -12.17 39.49 6.54
N ILE M 370 -11.61 39.52 7.74
CA ILE M 370 -10.25 40.05 7.93
C ILE M 370 -9.33 39.31 6.95
N GLY M 371 -9.72 38.09 6.59
CA GLY M 371 -8.94 37.29 5.68
C GLY M 371 -8.95 37.88 4.29
N THR M 372 -10.15 38.10 3.74
CA THR M 372 -10.28 38.68 2.40
C THR M 372 -9.55 39.98 2.39
N LEU M 373 -9.96 40.89 3.26
CA LEU M 373 -9.34 42.20 3.40
C LEU M 373 -7.81 42.07 3.30
N GLU M 374 -7.27 41.08 4.02
CA GLU M 374 -5.82 40.82 4.04
C GLU M 374 -5.14 40.67 2.69
N ASN M 375 -5.77 39.97 1.76
CA ASN M 375 -5.21 39.73 0.42
C ASN M 375 -5.18 40.99 -0.45
N LYS M 376 -6.17 41.86 -0.26
CA LYS M 376 -6.23 43.08 -1.02
C LYS M 376 -5.15 44.02 -0.53
N MET M 377 -4.73 43.82 0.70
CA MET M 377 -3.68 44.66 1.26
C MET M 377 -2.35 44.16 0.72
N LEU M 378 -2.29 42.89 0.34
CA LEU M 378 -1.07 42.35 -0.23
C LEU M 378 -1.17 42.60 -1.72
N ASN M 379 -2.40 42.91 -2.16
CA ASN M 379 -2.73 43.23 -3.55
C ASN M 379 -3.15 42.08 -4.47
N TYR M 380 -3.49 40.93 -3.89
CA TYR M 380 -3.89 39.78 -4.70
C TYR M 380 -5.37 39.80 -5.04
N GLY N 1 -28.55 33.71 53.88
CA GLY N 1 -29.29 33.75 52.60
C GLY N 1 -28.42 33.53 51.37
N GLU N 2 -27.92 34.63 50.81
CA GLU N 2 -27.09 34.58 49.61
C GLU N 2 -25.59 34.67 49.92
N LEU N 3 -25.25 34.97 51.17
CA LEU N 3 -23.85 35.13 51.59
C LEU N 3 -23.23 33.99 52.42
N GLU N 4 -21.89 34.03 52.52
CA GLU N 4 -21.15 33.01 53.26
C GLU N 4 -19.71 33.43 53.54
N LEU N 5 -19.16 32.95 54.65
CA LEU N 5 -17.80 33.28 55.06
C LEU N 5 -16.80 32.19 54.65
N HIS N 6 -15.75 32.60 53.93
CA HIS N 6 -14.71 31.67 53.49
C HIS N 6 -13.63 31.51 54.56
N PRO N 7 -13.36 30.27 54.97
CA PRO N 7 -12.35 29.94 56.00
C PRO N 7 -10.91 30.39 55.76
N PRO N 8 -10.19 30.73 56.85
CA PRO N 8 -8.80 31.18 56.81
C PRO N 8 -7.93 30.02 56.36
N ALA N 9 -6.61 30.16 56.43
CA ALA N 9 -5.76 29.07 55.99
C ALA N 9 -4.64 28.78 56.96
N PHE N 10 -4.81 27.75 57.76
CA PHE N 10 -3.81 27.38 58.73
C PHE N 10 -2.66 26.65 58.06
N PRO N 11 -1.45 26.80 58.58
CA PRO N 11 -0.23 26.16 58.06
C PRO N 11 -0.08 24.74 58.61
N TRP N 12 -0.95 23.83 58.16
CA TRP N 12 -0.91 22.46 58.64
C TRP N 12 0.49 21.88 58.53
N SER N 13 0.82 21.02 59.49
CA SER N 13 2.13 20.39 59.52
C SER N 13 2.43 19.67 58.21
N HIS N 14 1.37 19.16 57.56
CA HIS N 14 1.44 18.40 56.31
C HIS N 14 1.06 19.18 55.03
N GLY N 15 0.73 20.46 55.17
CA GLY N 15 0.34 21.28 54.03
C GLY N 15 1.27 21.38 52.83
N GLY N 16 2.58 21.33 53.09
CA GLY N 16 3.57 21.44 52.03
C GLY N 16 3.76 20.25 51.09
N PRO N 17 4.13 20.53 49.82
CA PRO N 17 4.34 19.50 48.80
C PRO N 17 5.27 18.40 49.29
N LEU N 18 6.12 18.69 50.25
CA LEU N 18 7.00 17.66 50.74
C LEU N 18 6.73 17.39 52.20
N SER N 19 5.68 18.00 52.71
CA SER N 19 5.29 17.84 54.11
C SER N 19 4.42 16.62 54.39
N ALA N 20 4.96 15.67 55.16
CA ALA N 20 4.23 14.46 55.52
C ALA N 20 3.22 14.81 56.63
N LEU N 21 2.41 13.83 57.00
CA LEU N 21 1.43 14.01 58.06
C LEU N 21 2.10 13.80 59.40
N ASP N 22 1.74 14.62 60.39
CA ASP N 22 2.31 14.47 61.72
C ASP N 22 1.62 13.28 62.39
N HIS N 23 2.10 12.07 62.08
CA HIS N 23 1.53 10.83 62.61
C HIS N 23 1.22 10.92 64.10
N SER N 24 1.91 11.80 64.81
CA SER N 24 1.65 11.95 66.23
C SER N 24 0.21 12.46 66.38
N SER N 25 -0.11 13.53 65.66
CA SER N 25 -1.43 14.17 65.71
C SER N 25 -2.61 13.36 65.18
N VAL N 26 -2.36 12.42 64.29
CA VAL N 26 -3.43 11.60 63.76
C VAL N 26 -3.80 10.60 64.86
N ARG N 27 -2.79 10.11 65.59
CA ARG N 27 -3.03 9.15 66.67
C ARG N 27 -3.95 9.75 67.71
N ARG N 28 -3.91 11.07 67.81
CA ARG N 28 -4.79 11.77 68.71
C ARG N 28 -6.07 12.00 67.91
N GLY N 29 -5.92 12.63 66.74
CA GLY N 29 -7.08 12.89 65.90
C GLY N 29 -8.02 11.71 65.95
N PHE N 30 -7.46 10.51 65.83
CA PHE N 30 -8.20 9.26 65.85
C PHE N 30 -9.00 9.12 67.14
N GLN N 31 -8.30 9.25 68.26
CA GLN N 31 -8.90 9.15 69.58
C GLN N 31 -10.06 10.12 69.64
N VAL N 32 -9.86 11.29 69.07
CA VAL N 32 -10.92 12.28 69.04
C VAL N 32 -12.11 11.74 68.26
N TYR N 33 -11.83 11.13 67.11
CA TYR N 33 -12.89 10.56 66.29
C TYR N 33 -13.60 9.44 67.05
N LYS N 34 -12.81 8.50 67.55
CA LYS N 34 -13.34 7.35 68.29
C LYS N 34 -14.23 7.70 69.46
N GLN N 35 -13.71 8.54 70.35
CA GLN N 35 -14.44 8.92 71.54
C GLN N 35 -15.47 10.04 71.43
N VAL N 36 -15.47 10.79 70.35
CA VAL N 36 -16.44 11.89 70.25
C VAL N 36 -17.42 11.91 69.09
N CYS N 37 -16.91 11.73 67.88
CA CYS N 37 -17.74 11.75 66.68
C CYS N 37 -18.32 10.38 66.36
N SER N 38 -17.56 9.34 66.72
CA SER N 38 -17.96 7.96 66.47
C SER N 38 -19.37 7.66 66.97
N ALA N 39 -19.90 8.53 67.83
CA ALA N 39 -21.24 8.31 68.35
C ALA N 39 -22.30 8.90 67.43
N CYS N 40 -21.86 9.59 66.39
CA CYS N 40 -22.77 10.18 65.41
C CYS N 40 -22.23 10.07 64.00
N HIS N 41 -20.91 9.95 63.87
CA HIS N 41 -20.27 9.86 62.55
C HIS N 41 -19.69 8.51 62.12
N SER N 42 -20.27 7.99 61.04
CA SER N 42 -19.88 6.71 60.44
C SER N 42 -18.57 6.91 59.67
N MET N 43 -17.70 5.90 59.66
CA MET N 43 -16.46 6.03 58.91
C MET N 43 -16.24 4.76 58.12
N ASP N 44 -17.28 4.34 57.41
CA ASP N 44 -17.27 3.12 56.63
C ASP N 44 -16.10 2.78 55.70
N TYR N 45 -15.10 3.63 55.54
CA TYR N 45 -14.03 3.25 54.64
C TYR N 45 -12.67 2.99 55.25
N VAL N 46 -12.62 2.99 56.58
CA VAL N 46 -11.38 2.71 57.28
C VAL N 46 -11.60 1.46 58.12
N ALA N 47 -10.53 0.94 58.70
CA ALA N 47 -10.67 -0.25 59.50
C ALA N 47 -9.41 -0.48 60.28
N PHE N 48 -9.62 -0.78 61.54
CA PHE N 48 -8.55 -1.01 62.47
C PHE N 48 -7.23 -1.45 61.84
N ARG N 49 -7.25 -2.35 60.86
CA ARG N 49 -5.97 -2.75 60.28
C ARG N 49 -5.24 -1.56 59.65
N ASN N 50 -6.01 -0.63 59.10
CA ASN N 50 -5.45 0.56 58.47
C ASN N 50 -4.52 1.32 59.42
N LEU N 51 -4.91 1.39 60.69
CA LEU N 51 -4.16 2.10 61.71
C LEU N 51 -2.74 1.54 61.89
N ILE N 52 -2.66 0.21 61.99
CA ILE N 52 -1.37 -0.46 62.18
C ILE N 52 -0.24 0.07 61.29
N GLY N 53 0.78 0.64 61.93
CA GLY N 53 1.92 1.16 61.19
C GLY N 53 1.75 2.61 60.84
N VAL N 54 0.55 3.12 61.09
CA VAL N 54 0.25 4.51 60.81
C VAL N 54 0.22 5.29 62.11
N THR N 55 -0.56 4.81 63.07
CA THR N 55 -0.67 5.48 64.35
C THR N 55 -0.67 4.49 65.47
N HIS N 56 -0.79 3.20 65.13
CA HIS N 56 -0.82 2.20 66.18
C HIS N 56 0.01 0.98 65.87
N THR N 57 0.17 0.13 66.88
CA THR N 57 0.93 -1.11 66.77
C THR N 57 -0.04 -2.25 66.57
N GLU N 58 0.45 -3.40 66.09
CA GLU N 58 -0.43 -4.54 65.87
C GLU N 58 -1.34 -4.82 67.06
N ALA N 59 -0.75 -5.04 68.24
CA ALA N 59 -1.55 -5.30 69.43
C ALA N 59 -2.65 -4.24 69.53
N GLU N 60 -2.26 -3.01 69.83
CA GLU N 60 -3.19 -1.87 69.96
C GLU N 60 -4.44 -1.94 69.09
N ALA N 61 -4.24 -2.03 67.78
CA ALA N 61 -5.36 -2.10 66.87
C ALA N 61 -6.25 -3.24 67.32
N LYS N 62 -5.66 -4.42 67.47
CA LYS N 62 -6.43 -5.59 67.87
C LYS N 62 -7.27 -5.30 69.10
N ALA N 63 -6.69 -4.61 70.08
CA ALA N 63 -7.44 -4.26 71.31
C ALA N 63 -8.54 -3.30 70.92
N LEU N 64 -8.15 -2.27 70.17
CA LEU N 64 -9.08 -1.26 69.69
C LEU N 64 -10.27 -1.87 68.97
N ALA N 65 -10.01 -2.92 68.20
CA ALA N 65 -11.09 -3.57 67.45
C ALA N 65 -11.94 -4.44 68.36
N GLU N 66 -11.29 -5.14 69.28
CA GLU N 66 -11.99 -6.02 70.21
C GLU N 66 -12.79 -5.22 71.22
N GLU N 67 -12.65 -3.90 71.16
CA GLU N 67 -13.38 -3.01 72.05
C GLU N 67 -14.82 -2.88 71.57
N VAL N 68 -15.13 -3.53 70.45
CA VAL N 68 -16.49 -3.45 69.90
C VAL N 68 -17.13 -4.81 69.61
N GLU N 69 -18.46 -4.80 69.57
CA GLU N 69 -19.24 -6.00 69.28
C GLU N 69 -19.71 -5.92 67.84
N VAL N 70 -19.42 -6.96 67.06
CA VAL N 70 -19.81 -6.99 65.65
C VAL N 70 -20.81 -8.10 65.39
N GLN N 71 -21.82 -7.79 64.59
CA GLN N 71 -22.84 -8.76 64.24
C GLN N 71 -22.36 -9.52 63.01
N ASP N 72 -22.10 -10.81 63.19
CA ASP N 72 -21.62 -11.68 62.11
C ASP N 72 -22.65 -12.79 61.91
N GLY N 73 -22.31 -13.77 61.07
CA GLY N 73 -23.23 -14.86 60.84
C GLY N 73 -23.64 -15.02 59.38
N PRO N 74 -24.66 -15.85 59.10
CA PRO N 74 -25.43 -16.64 60.08
C PRO N 74 -24.69 -17.87 60.60
N ASP N 75 -25.23 -18.45 61.66
CA ASP N 75 -24.63 -19.63 62.27
C ASP N 75 -25.27 -20.89 61.70
N GLU N 76 -24.86 -22.05 62.21
CA GLU N 76 -25.39 -23.32 61.73
C GLU N 76 -26.91 -23.30 61.70
N ASN N 77 -27.51 -22.60 62.65
CA ASN N 77 -28.96 -22.51 62.74
C ASN N 77 -29.51 -21.32 61.96
N GLY N 78 -28.65 -20.65 61.20
CA GLY N 78 -29.08 -19.52 60.42
C GLY N 78 -29.46 -18.33 61.28
N GLU N 79 -28.93 -18.29 62.50
CA GLU N 79 -29.19 -17.19 63.43
C GLU N 79 -28.04 -16.22 63.37
N LEU N 80 -28.31 -14.95 63.69
CA LEU N 80 -27.25 -13.96 63.70
C LEU N 80 -26.73 -13.94 65.13
N PHE N 81 -25.60 -13.28 65.35
CA PHE N 81 -25.05 -13.23 66.69
C PHE N 81 -23.93 -12.20 66.77
N MET N 82 -23.52 -11.87 67.98
CA MET N 82 -22.44 -10.92 68.14
C MET N 82 -21.14 -11.67 68.37
N ARG N 83 -20.03 -10.99 68.07
CA ARG N 83 -18.72 -11.55 68.27
C ARG N 83 -17.79 -10.37 68.51
N PRO N 84 -16.61 -10.62 69.07
CA PRO N 84 -15.68 -9.53 69.31
C PRO N 84 -15.15 -9.05 67.95
N GLY N 85 -14.56 -7.87 67.92
CA GLY N 85 -14.05 -7.33 66.66
C GLY N 85 -12.68 -7.82 66.28
N LYS N 86 -12.46 -7.98 64.99
CA LYS N 86 -11.17 -8.43 64.48
C LYS N 86 -10.60 -7.19 63.83
N ILE N 87 -9.30 -7.19 63.54
CA ILE N 87 -8.66 -6.03 62.93
C ILE N 87 -9.22 -5.75 61.54
N SER N 88 -9.87 -6.75 60.96
CA SER N 88 -10.43 -6.64 59.60
C SER N 88 -11.79 -5.96 59.48
N ASP N 89 -12.37 -5.55 60.60
CA ASP N 89 -13.66 -4.88 60.57
C ASP N 89 -13.50 -3.41 60.25
N TYR N 90 -14.55 -2.82 59.68
CA TYR N 90 -14.56 -1.40 59.35
C TYR N 90 -15.10 -0.65 60.57
N PHE N 91 -14.70 0.60 60.75
CA PHE N 91 -15.19 1.35 61.90
C PHE N 91 -16.69 1.29 62.07
N PRO N 92 -17.13 0.90 63.27
CA PRO N 92 -18.52 0.75 63.69
C PRO N 92 -19.47 1.86 63.29
N LYS N 93 -20.52 1.49 62.57
CA LYS N 93 -21.52 2.46 62.18
C LYS N 93 -22.29 2.72 63.47
N PRO N 94 -22.66 3.98 63.72
CA PRO N 94 -23.40 4.31 64.95
C PRO N 94 -24.90 4.10 64.78
N TYR N 95 -25.35 4.03 63.53
CA TYR N 95 -26.75 3.80 63.26
C TYR N 95 -26.84 2.75 62.15
N PRO N 96 -27.86 1.89 62.20
CA PRO N 96 -28.06 0.83 61.20
C PRO N 96 -28.49 1.31 59.81
N ASN N 97 -28.82 2.59 59.70
CA ASN N 97 -29.24 3.17 58.43
C ASN N 97 -29.46 4.68 58.58
N PRO N 98 -29.37 5.44 57.48
CA PRO N 98 -29.57 6.89 57.56
C PRO N 98 -30.91 7.34 58.16
N GLU N 99 -32.02 6.84 57.65
CA GLU N 99 -33.32 7.23 58.17
C GLU N 99 -33.38 7.18 59.71
N ALA N 100 -32.56 6.32 60.33
CA ALA N 100 -32.53 6.18 61.79
C ALA N 100 -31.63 7.23 62.42
N ALA N 101 -30.51 7.49 61.76
CA ALA N 101 -29.60 8.48 62.27
C ALA N 101 -30.38 9.77 62.35
N ARG N 102 -31.16 10.06 61.31
CA ARG N 102 -31.96 11.28 61.26
C ARG N 102 -32.87 11.49 62.48
N ALA N 103 -33.60 10.44 62.86
CA ALA N 103 -34.49 10.52 64.00
C ALA N 103 -33.74 10.86 65.28
N ALA N 104 -32.49 10.43 65.38
CA ALA N 104 -31.69 10.69 66.57
C ALA N 104 -30.94 12.02 66.56
N ASN N 105 -31.11 12.81 65.52
CA ASN N 105 -30.42 14.10 65.42
C ASN N 105 -31.31 15.22 64.91
N ASN N 106 -32.62 15.01 64.95
CA ASN N 106 -33.59 16.02 64.51
C ASN N 106 -33.72 16.14 63.00
N GLY N 107 -33.85 15.01 62.31
CA GLY N 107 -33.98 15.06 60.86
C GLY N 107 -32.67 15.48 60.22
N ALA N 108 -31.64 15.56 61.05
CA ALA N 108 -30.30 15.92 60.60
C ALA N 108 -29.55 14.64 60.31
N LEU N 109 -28.82 14.63 59.20
CA LEU N 109 -28.08 13.46 58.79
C LEU N 109 -26.57 13.61 58.87
N PRO N 110 -25.97 13.32 60.03
CA PRO N 110 -24.52 13.42 60.24
C PRO N 110 -23.75 12.57 59.25
N PRO N 111 -23.25 13.20 58.16
CA PRO N 111 -22.50 12.55 57.09
C PRO N 111 -21.24 11.78 57.50
N ASP N 112 -21.05 10.64 56.85
CA ASP N 112 -19.91 9.77 57.11
C ASP N 112 -18.61 10.54 56.87
N LEU N 113 -17.79 10.62 57.91
CA LEU N 113 -16.51 11.34 57.84
C LEU N 113 -15.35 10.46 57.41
N SER N 114 -15.34 10.07 56.15
CA SER N 114 -14.26 9.24 55.61
C SER N 114 -13.54 10.10 54.60
N TYR N 115 -14.30 10.53 53.60
CA TYR N 115 -13.80 11.37 52.55
C TYR N 115 -14.29 12.79 52.80
N ILE N 116 -14.55 13.13 54.07
CA ILE N 116 -15.06 14.48 54.38
C ILE N 116 -14.17 15.66 53.98
N VAL N 117 -12.93 15.65 54.44
CA VAL N 117 -12.02 16.72 54.14
C VAL N 117 -11.96 17.00 52.62
N ASN N 118 -12.33 16.03 51.80
CA ASN N 118 -12.28 16.22 50.35
C ASN N 118 -13.62 16.43 49.73
N ALA N 119 -14.65 16.34 50.55
CA ALA N 119 -16.01 16.50 50.07
C ALA N 119 -16.51 17.93 50.23
N ARG N 120 -15.84 18.66 51.13
CA ARG N 120 -16.19 20.05 51.40
C ARG N 120 -14.96 20.84 50.94
N HIS N 121 -15.14 22.04 50.41
CA HIS N 121 -13.96 22.79 50.00
C HIS N 121 -13.12 23.13 51.22
N GLY N 122 -11.92 23.65 51.01
CA GLY N 122 -11.07 24.03 52.13
C GLY N 122 -10.61 22.86 52.98
N GLY N 123 -11.38 21.78 52.98
CA GLY N 123 -11.01 20.62 53.76
C GLY N 123 -10.71 20.95 55.21
N GLU N 124 -9.62 20.38 55.72
CA GLU N 124 -9.22 20.59 57.10
C GLU N 124 -9.30 22.06 57.50
N ASP N 125 -8.98 22.96 56.59
CA ASP N 125 -9.06 24.40 56.85
C ASP N 125 -10.52 24.84 57.07
N TYR N 126 -11.46 24.05 56.58
CA TYR N 126 -12.87 24.36 56.74
C TYR N 126 -13.40 23.56 57.89
N VAL N 127 -13.20 22.24 57.84
CA VAL N 127 -13.67 21.37 58.90
C VAL N 127 -13.22 21.89 60.24
N PHE N 128 -12.00 22.42 60.27
CA PHE N 128 -11.48 22.97 61.50
C PHE N 128 -12.34 24.16 61.89
N SER N 129 -12.27 25.21 61.07
CA SER N 129 -13.03 26.44 61.28
C SER N 129 -14.47 26.20 61.73
N LEU N 130 -15.14 25.20 61.15
CA LEU N 130 -16.51 24.92 61.54
C LEU N 130 -16.58 24.50 63.01
N LEU N 131 -15.76 23.52 63.39
CA LEU N 131 -15.73 23.02 64.77
C LEU N 131 -15.52 24.13 65.79
N THR N 132 -14.61 25.03 65.47
CA THR N 132 -14.28 26.13 66.35
C THR N 132 -15.22 27.34 66.22
N GLY N 133 -15.34 27.84 64.99
CA GLY N 133 -16.16 28.99 64.67
C GLY N 133 -17.46 29.30 65.41
N TYR N 134 -18.10 28.27 65.97
CA TYR N 134 -19.39 28.44 66.67
C TYR N 134 -19.56 29.72 67.52
N CYS N 135 -20.76 30.30 67.47
CA CYS N 135 -21.08 31.52 68.21
C CYS N 135 -22.53 31.98 67.96
N ASP N 136 -22.95 33.02 68.66
CA ASP N 136 -24.30 33.57 68.56
C ASP N 136 -24.63 34.26 67.23
N PRO N 137 -25.90 34.21 66.80
CA PRO N 137 -26.32 34.84 65.55
C PRO N 137 -26.30 36.36 65.70
N PRO N 138 -26.06 37.08 64.58
CA PRO N 138 -26.03 38.54 64.65
C PRO N 138 -27.46 39.02 64.66
N ALA N 139 -27.65 40.34 64.68
CA ALA N 139 -28.99 40.90 64.70
C ALA N 139 -29.75 40.56 63.43
N GLY N 140 -31.03 40.23 63.60
CA GLY N 140 -31.89 39.89 62.47
C GLY N 140 -31.87 38.42 62.08
N VAL N 141 -30.98 37.66 62.71
CA VAL N 141 -30.82 36.24 62.42
C VAL N 141 -31.49 35.32 63.44
N VAL N 142 -32.56 34.65 62.99
CA VAL N 142 -33.32 33.72 63.82
C VAL N 142 -33.04 32.26 63.43
N VAL N 143 -32.27 31.56 64.27
CA VAL N 143 -31.91 30.17 64.00
C VAL N 143 -33.01 29.20 64.45
N ARG N 144 -33.71 28.62 63.49
CA ARG N 144 -34.79 27.67 63.75
C ARG N 144 -34.48 26.83 64.99
N GLU N 145 -35.53 26.50 65.74
CA GLU N 145 -35.39 25.68 66.95
C GLU N 145 -34.60 24.40 66.64
N GLY N 146 -33.74 23.98 67.57
CA GLY N 146 -32.96 22.76 67.38
C GLY N 146 -31.67 22.82 66.58
N LEU N 147 -31.46 23.93 65.86
CA LEU N 147 -30.26 24.12 65.05
C LEU N 147 -29.31 25.03 65.83
N HIS N 148 -28.13 25.27 65.29
CA HIS N 148 -27.16 26.13 65.95
C HIS N 148 -26.50 27.01 64.94
N TYR N 149 -26.22 28.25 65.33
CA TYR N 149 -25.57 29.19 64.44
C TYR N 149 -24.10 28.82 64.26
N ASN N 150 -23.61 29.05 63.05
CA ASN N 150 -22.21 28.83 62.71
C ASN N 150 -22.05 29.53 61.38
N PRO N 151 -21.42 30.70 61.40
CA PRO N 151 -21.18 31.53 60.22
C PRO N 151 -20.46 30.81 59.10
N TYR N 152 -19.60 29.88 59.45
CA TYR N 152 -18.83 29.12 58.45
C TYR N 152 -19.66 28.13 57.64
N PHE N 153 -20.71 27.60 58.24
CA PHE N 153 -21.58 26.64 57.57
C PHE N 153 -22.53 27.40 56.67
N PRO N 154 -22.78 26.90 55.46
CA PRO N 154 -23.69 27.56 54.52
C PRO N 154 -25.13 27.46 55.04
N GLY N 155 -25.74 28.63 55.26
CA GLY N 155 -27.08 28.67 55.80
C GLY N 155 -26.93 29.17 57.23
N GLN N 156 -25.68 29.06 57.72
CA GLN N 156 -25.31 29.49 59.06
C GLN N 156 -26.07 28.73 60.14
N ALA N 157 -27.11 28.01 59.70
CA ALA N 157 -27.95 27.21 60.59
C ALA N 157 -27.60 25.75 60.37
N ILE N 158 -26.75 25.23 61.25
CA ILE N 158 -26.29 23.83 61.21
C ILE N 158 -27.17 22.98 62.13
N GLY N 159 -27.00 21.67 62.11
CA GLY N 159 -27.81 20.82 62.97
C GLY N 159 -26.99 20.04 63.97
N MET N 160 -25.68 20.27 63.96
CA MET N 160 -24.78 19.58 64.87
C MET N 160 -24.41 20.49 66.00
N ALA N 161 -24.60 20.01 67.22
CA ALA N 161 -24.26 20.81 68.38
C ALA N 161 -22.76 20.74 68.61
N PRO N 162 -22.13 21.90 68.92
CA PRO N 162 -20.69 22.00 69.16
C PRO N 162 -20.21 20.71 69.80
N PRO N 163 -19.62 19.82 69.00
CA PRO N 163 -19.10 18.53 69.43
C PRO N 163 -17.89 18.59 70.36
N ILE N 164 -17.12 19.67 70.32
CA ILE N 164 -15.97 19.76 71.21
C ILE N 164 -15.84 21.03 72.06
N TYR N 165 -15.42 20.80 73.31
CA TYR N 165 -15.20 21.81 74.34
C TYR N 165 -14.03 21.37 75.23
N ASN N 166 -13.19 22.33 75.64
CA ASN N 166 -12.03 22.04 76.49
C ASN N 166 -12.11 20.79 77.35
N GLU N 167 -11.05 19.98 77.30
CA GLU N 167 -10.97 18.76 78.09
C GLU N 167 -12.04 17.68 77.87
N ILE N 168 -12.89 17.81 76.86
CA ILE N 168 -13.94 16.83 76.62
C ILE N 168 -13.41 15.39 76.65
N LEU N 169 -12.08 15.26 76.78
CA LEU N 169 -11.41 13.98 76.88
C LEU N 169 -10.00 14.27 77.41
N GLU N 170 -9.12 13.28 77.33
CA GLU N 170 -7.74 13.47 77.81
C GLU N 170 -6.83 12.59 76.96
N TYR N 171 -6.01 13.18 76.10
CA TYR N 171 -5.10 12.37 75.30
C TYR N 171 -4.12 11.72 76.27
N ASP N 172 -3.95 10.41 76.19
CA ASP N 172 -3.05 9.68 77.09
C ASP N 172 -1.54 9.90 76.89
N ASP N 173 -1.17 10.91 76.10
CA ASP N 173 0.24 11.20 75.87
C ASP N 173 0.63 12.46 76.64
N GLY N 174 -0.36 13.07 77.29
CA GLY N 174 -0.11 14.27 78.08
C GLY N 174 -0.30 15.57 77.35
N THR N 175 -1.08 15.54 76.27
CA THR N 175 -1.30 16.77 75.54
C THR N 175 -2.47 17.57 76.06
N PRO N 176 -2.30 18.89 76.11
CA PRO N 176 -3.28 19.87 76.56
C PRO N 176 -4.57 19.79 75.76
N ALA N 177 -5.52 19.02 76.27
CA ALA N 177 -6.80 18.82 75.63
C ALA N 177 -7.64 20.10 75.47
N THR N 178 -7.02 21.16 74.97
CA THR N 178 -7.73 22.42 74.75
C THR N 178 -8.65 22.19 73.54
N MET N 179 -9.68 23.02 73.37
CA MET N 179 -10.58 22.82 72.23
C MET N 179 -9.80 22.82 70.92
N SER N 180 -9.21 23.97 70.57
CA SER N 180 -8.47 24.09 69.32
C SER N 180 -7.40 23.00 69.16
N GLN N 181 -6.92 22.45 70.26
CA GLN N 181 -5.92 21.40 70.18
C GLN N 181 -6.59 20.11 69.70
N ILE N 182 -7.85 19.93 70.05
CA ILE N 182 -8.61 18.77 69.61
C ILE N 182 -8.89 18.97 68.13
N ALA N 183 -9.77 19.92 67.83
CA ALA N 183 -10.16 20.25 66.46
C ALA N 183 -8.96 20.32 65.52
N LYS N 184 -7.76 20.39 66.08
CA LYS N 184 -6.56 20.40 65.27
C LYS N 184 -6.28 18.94 64.98
N ASP N 185 -6.07 18.16 66.05
CA ASP N 185 -5.80 16.71 65.95
C ASP N 185 -6.83 15.92 65.11
N VAL N 186 -8.10 16.20 65.34
CA VAL N 186 -9.16 15.52 64.63
C VAL N 186 -9.17 15.92 63.18
N CYS N 187 -8.78 17.16 62.90
CA CYS N 187 -8.74 17.60 61.51
C CYS N 187 -7.56 16.95 60.83
N THR N 188 -6.41 16.91 61.51
CA THR N 188 -5.23 16.26 60.95
C THR N 188 -5.57 14.79 60.63
N PHE N 189 -6.43 14.20 61.46
CA PHE N 189 -6.86 12.82 61.26
C PHE N 189 -7.74 12.74 60.01
N LEU N 190 -8.86 13.47 60.02
CA LEU N 190 -9.81 13.49 58.92
C LEU N 190 -9.18 13.62 57.55
N ARG N 191 -7.91 13.99 57.53
CA ARG N 191 -7.20 14.09 56.26
C ARG N 191 -6.73 12.67 56.06
N TRP N 192 -5.73 12.23 56.80
CA TRP N 192 -5.23 10.87 56.65
C TRP N 192 -6.36 9.93 56.22
N ALA N 193 -7.40 9.89 57.03
CA ALA N 193 -8.54 9.03 56.77
C ALA N 193 -9.09 9.13 55.36
N ALA N 194 -9.09 10.35 54.82
CA ALA N 194 -9.61 10.54 53.47
C ALA N 194 -8.61 10.15 52.37
N GLU N 195 -7.39 9.83 52.74
CA GLU N 195 -6.39 9.44 51.76
C GLU N 195 -5.08 9.04 52.37
N PRO N 196 -5.09 7.91 53.10
CA PRO N 196 -3.96 7.31 53.80
C PRO N 196 -2.64 7.35 53.01
N GLU N 197 -2.74 7.09 51.73
CA GLU N 197 -1.56 7.11 50.88
C GLU N 197 -0.73 8.37 51.14
N HIS N 198 -1.40 9.53 51.10
CA HIS N 198 -0.80 10.84 51.31
C HIS N 198 0.72 10.88 51.32
N ASP N 199 1.31 10.43 52.42
CA ASP N 199 2.76 10.40 52.57
C ASP N 199 3.53 9.83 51.37
N GLN N 200 3.27 8.55 51.05
CA GLN N 200 3.92 7.87 49.94
C GLN N 200 3.67 8.65 48.67
N ARG N 201 2.47 9.16 48.56
CA ARG N 201 2.09 9.96 47.40
C ARG N 201 3.12 11.05 47.14
N LYS N 202 3.51 11.72 48.23
CA LYS N 202 4.48 12.81 48.19
C LYS N 202 5.91 12.31 48.13
N ARG N 203 6.22 11.24 48.84
CA ARG N 203 7.57 10.71 48.80
C ARG N 203 7.87 10.39 47.34
N MET N 204 6.92 9.73 46.67
CA MET N 204 7.11 9.39 45.27
C MET N 204 7.25 10.72 44.55
N GLY N 205 6.24 11.59 44.70
CA GLY N 205 6.28 12.90 44.09
C GLY N 205 7.68 13.47 44.10
N LEU N 206 8.41 13.24 45.18
CA LEU N 206 9.78 13.72 45.26
C LEU N 206 10.55 12.98 44.17
N LYS N 207 10.89 11.71 44.43
CA LYS N 207 11.63 10.89 43.47
C LYS N 207 11.27 11.24 42.02
N MET N 208 9.96 11.33 41.75
CA MET N 208 9.43 11.64 40.43
C MET N 208 10.01 12.93 39.92
N LEU N 209 9.91 13.96 40.75
CA LEU N 209 10.47 15.24 40.36
C LEU N 209 11.96 15.10 40.10
N LEU N 210 12.69 14.40 40.98
CA LEU N 210 14.13 14.24 40.81
C LEU N 210 14.55 13.50 39.56
N ILE N 211 13.85 12.42 39.24
CA ILE N 211 14.19 11.66 38.04
C ILE N 211 13.77 12.49 36.84
N SER N 212 12.61 13.14 36.94
CA SER N 212 12.08 13.96 35.87
C SER N 212 12.98 15.18 35.54
N ALA N 213 13.67 15.71 36.55
CA ALA N 213 14.56 16.83 36.32
C ALA N 213 15.74 16.30 35.51
N LEU N 214 16.36 15.25 36.03
CA LEU N 214 17.52 14.59 35.41
C LEU N 214 17.28 14.08 33.98
N LEU N 215 16.20 13.31 33.84
CA LEU N 215 15.80 12.71 32.57
C LEU N 215 15.43 13.76 31.53
N THR N 216 14.64 14.76 31.92
CA THR N 216 14.27 15.81 30.97
C THR N 216 15.54 16.47 30.44
N SER N 217 16.42 16.84 31.36
CA SER N 217 17.69 17.45 30.99
C SER N 217 18.41 16.51 30.03
N LEU N 218 18.76 15.31 30.50
CA LEU N 218 19.44 14.35 29.64
C LEU N 218 18.95 14.35 28.18
N LEU N 219 17.66 14.13 27.99
CA LEU N 219 17.08 14.10 26.64
C LEU N 219 17.14 15.40 25.88
N TYR N 220 17.11 16.53 26.58
CA TYR N 220 17.19 17.79 25.89
C TYR N 220 18.50 17.76 25.10
N TYR N 221 19.57 17.32 25.75
CA TYR N 221 20.85 17.25 25.09
C TYR N 221 20.69 16.45 23.81
N MET N 222 20.34 15.18 23.98
CA MET N 222 20.14 14.29 22.85
C MET N 222 19.23 14.83 21.76
N LYS N 223 18.20 15.57 22.12
CA LYS N 223 17.33 16.10 21.10
C LYS N 223 18.11 17.11 20.28
N ARG N 224 18.96 17.87 20.96
CA ARG N 224 19.80 18.90 20.31
C ARG N 224 20.94 18.25 19.56
N HIS N 225 21.69 17.42 20.27
CA HIS N 225 22.79 16.73 19.69
C HIS N 225 22.45 16.30 18.27
N LYS N 226 21.38 15.55 18.16
CA LYS N 226 20.94 15.06 16.86
C LYS N 226 20.56 16.17 15.94
N TRP N 227 19.73 17.09 16.41
CA TRP N 227 19.31 18.21 15.56
C TRP N 227 20.45 19.14 15.18
N SER N 228 21.50 19.18 15.99
CA SER N 228 22.65 20.01 15.67
C SER N 228 22.88 20.01 14.16
N VAL N 229 22.95 18.81 13.59
CA VAL N 229 23.17 18.64 12.16
C VAL N 229 22.34 19.61 11.36
N LEU N 230 21.08 19.76 11.74
CA LEU N 230 20.19 20.68 11.03
C LEU N 230 20.21 22.12 11.52
N LYS N 231 20.70 22.37 12.74
CA LYS N 231 20.78 23.73 13.26
C LYS N 231 22.00 24.46 12.68
N SER N 232 23.17 23.82 12.77
CA SER N 232 24.42 24.37 12.28
C SER N 232 24.49 24.45 10.76
N ARG N 233 23.63 23.68 10.10
CA ARG N 233 23.58 23.60 8.64
C ARG N 233 23.63 24.91 7.85
N LYS N 234 24.36 24.87 6.74
CA LYS N 234 24.52 26.01 5.85
C LYS N 234 24.35 25.58 4.39
N MET N 235 23.72 26.45 3.60
CA MET N 235 23.46 26.17 2.19
C MET N 235 23.61 27.47 1.37
N ALA N 236 23.75 27.33 0.04
CA ALA N 236 23.89 28.46 -0.88
C ALA N 236 23.51 28.05 -2.31
N TYR N 237 22.84 28.95 -3.03
CA TYR N 237 22.42 28.71 -4.41
C TYR N 237 23.47 29.16 -5.41
N ARG N 238 24.11 28.21 -6.09
CA ARG N 238 25.13 28.50 -7.08
C ARG N 238 24.74 28.00 -8.45
N PRO N 239 23.79 28.70 -9.10
CA PRO N 239 23.34 28.30 -10.43
C PRO N 239 24.52 28.26 -11.39
N PRO N 240 24.28 27.82 -12.63
CA PRO N 240 25.35 27.74 -13.63
C PRO N 240 25.48 29.09 -14.33
N LYS N 241 26.70 29.42 -14.73
CA LYS N 241 26.97 30.69 -15.41
C LYS N 241 27.94 30.43 -16.56
N VAL O 1 32.31 26.76 -11.56
CA VAL O 1 32.73 25.33 -11.47
C VAL O 1 32.82 24.83 -10.03
N HIS O 2 33.35 23.62 -9.87
CA HIS O 2 33.46 23.01 -8.56
C HIS O 2 34.76 23.34 -7.87
N ASN O 3 35.61 24.10 -8.54
CA ASN O 3 36.87 24.45 -7.94
C ASN O 3 36.67 25.68 -7.07
N ASP O 4 35.64 26.45 -7.42
CA ASP O 4 35.27 27.67 -6.70
C ASP O 4 34.33 27.41 -5.52
N VAL O 5 34.31 26.18 -5.02
CA VAL O 5 33.45 25.82 -3.89
C VAL O 5 34.28 25.39 -2.68
N THR O 6 33.92 25.96 -1.52
CA THR O 6 34.60 25.68 -0.26
C THR O 6 33.63 25.50 0.87
N VAL O 7 34.03 24.68 1.84
CA VAL O 7 33.22 24.43 3.02
C VAL O 7 33.45 25.63 3.93
N PRO O 8 32.41 26.48 4.13
CA PRO O 8 32.47 27.68 4.96
C PRO O 8 33.09 27.49 6.34
N ASP O 9 33.19 28.58 7.09
CA ASP O 9 33.78 28.52 8.42
C ASP O 9 32.76 28.05 9.44
N PHE O 10 33.04 26.88 10.02
CA PHE O 10 32.18 26.29 11.04
C PHE O 10 32.76 26.41 12.43
N SER O 11 33.69 27.34 12.61
CA SER O 11 34.29 27.55 13.91
C SER O 11 33.20 27.95 14.89
N ALA O 12 32.32 28.83 14.44
CA ALA O 12 31.22 29.31 15.26
C ALA O 12 30.49 28.18 16.03
N TYR O 13 30.49 26.97 15.47
CA TYR O 13 29.82 25.84 16.08
C TYR O 13 30.70 24.68 16.52
N ARG O 14 31.92 24.59 15.97
CA ARG O 14 32.81 23.49 16.31
C ARG O 14 33.06 23.31 17.79
N ARG O 15 33.26 22.06 18.18
CA ARG O 15 33.52 21.76 19.57
C ARG O 15 34.94 22.23 19.84
N GLU O 16 35.20 22.62 21.07
CA GLU O 16 36.51 23.12 21.46
C GLU O 16 37.69 22.28 20.92
N ASP O 17 37.67 20.96 21.10
CA ASP O 17 38.78 20.08 20.69
C ASP O 17 39.11 19.88 19.21
N VAL O 18 38.29 20.42 18.33
CA VAL O 18 38.55 20.27 16.90
C VAL O 18 38.38 21.60 16.21
N MET O 19 38.89 22.67 16.83
CA MET O 19 38.78 24.01 16.27
C MET O 19 40.06 24.45 15.54
N ASP O 20 41.17 23.78 15.86
CA ASP O 20 42.46 24.08 15.25
C ASP O 20 42.67 23.19 14.04
N ALA O 21 42.71 23.83 12.88
CA ALA O 21 42.88 23.15 11.61
C ALA O 21 44.23 22.44 11.48
N THR O 22 44.94 22.28 12.59
CA THR O 22 46.25 21.65 12.54
C THR O 22 46.46 20.55 13.57
N THR O 23 45.38 20.09 14.19
CA THR O 23 45.49 19.04 15.19
C THR O 23 44.49 17.92 14.91
N SER O 24 45.03 16.70 14.82
CA SER O 24 44.25 15.48 14.55
C SER O 24 43.03 15.34 15.43
N SER O 25 41.85 15.49 14.85
CA SER O 25 40.62 15.35 15.62
C SER O 25 40.58 13.94 16.25
N GLN O 26 41.07 12.96 15.49
CA GLN O 26 41.12 11.55 15.90
C GLN O 26 41.42 11.21 17.36
N THR O 27 42.33 11.94 17.97
CA THR O 27 42.70 11.66 19.34
C THR O 27 41.61 12.14 20.29
N SER O 28 41.12 13.35 20.06
CA SER O 28 40.07 13.94 20.87
C SER O 28 38.70 13.52 20.39
N SER O 29 38.62 12.34 19.78
CA SER O 29 37.36 11.81 19.28
C SER O 29 36.77 10.98 20.41
N GLU O 30 37.52 9.95 20.78
CA GLU O 30 37.15 9.03 21.84
C GLU O 30 36.38 9.80 22.90
N ASP O 31 36.83 11.02 23.16
CA ASP O 31 36.19 11.85 24.17
C ASP O 31 34.88 12.40 23.72
N ARG O 32 34.88 13.09 22.59
CA ARG O 32 33.65 13.69 22.08
C ARG O 32 32.48 12.72 22.01
N LYS O 33 32.77 11.45 21.73
CA LYS O 33 31.72 10.44 21.65
C LYS O 33 31.42 9.90 23.06
N GLY O 34 32.48 9.63 23.82
CA GLY O 34 32.30 9.14 25.18
C GLY O 34 31.26 9.98 25.90
N PHE O 35 31.36 11.30 25.79
CA PHE O 35 30.40 12.19 26.44
C PHE O 35 29.02 11.99 25.88
N SER O 36 28.75 12.51 24.69
CA SER O 36 27.43 12.35 24.09
C SER O 36 26.84 11.00 24.44
N TYR O 37 27.62 9.93 24.23
CA TYR O 37 27.15 8.58 24.53
C TYR O 37 26.87 8.39 26.01
N LEU O 38 27.65 9.03 26.85
CA LEU O 38 27.46 8.98 28.30
C LEU O 38 26.10 9.50 28.65
N VAL O 39 25.75 10.68 28.14
CA VAL O 39 24.46 11.29 28.39
C VAL O 39 23.40 10.28 28.06
N THR O 40 23.44 9.82 26.80
CA THR O 40 22.51 8.85 26.28
C THR O 40 22.46 7.63 27.21
N ALA O 41 23.62 7.00 27.43
CA ALA O 41 23.70 5.84 28.32
C ALA O 41 22.97 6.10 29.64
N THR O 42 23.23 7.26 30.23
CA THR O 42 22.60 7.65 31.47
C THR O 42 21.10 7.71 31.28
N ALA O 43 20.69 8.46 30.26
CA ALA O 43 19.27 8.59 29.95
C ALA O 43 18.62 7.21 30.05
N CYS O 44 19.32 6.21 29.54
CA CYS O 44 18.82 4.83 29.59
C CYS O 44 18.59 4.38 31.03
N VAL O 45 19.63 4.50 31.85
CA VAL O 45 19.54 4.14 33.24
C VAL O 45 18.33 4.86 33.82
N ALA O 46 18.23 6.16 33.59
CA ALA O 46 17.09 6.95 34.05
C ALA O 46 15.84 6.17 33.70
N THR O 47 15.49 6.18 32.39
CA THR O 47 14.32 5.45 31.92
C THR O 47 14.17 4.13 32.67
N ALA O 48 15.18 3.28 32.53
CA ALA O 48 15.18 1.99 33.19
C ALA O 48 14.50 2.14 34.55
N TYR O 49 15.18 2.83 35.45
CA TYR O 49 14.68 3.03 36.80
C TYR O 49 13.20 3.44 36.83
N ALA O 50 12.87 4.51 36.14
CA ALA O 50 11.50 4.97 36.13
C ALA O 50 10.60 3.77 35.84
N ALA O 51 10.74 3.26 34.62
CA ALA O 51 9.97 2.12 34.15
C ALA O 51 9.92 1.00 35.17
N LYS O 52 11.08 0.43 35.47
CA LYS O 52 11.13 -0.65 36.45
C LYS O 52 10.08 -0.41 37.53
N ASN O 53 10.21 0.69 38.27
CA ASN O 53 9.25 0.96 39.32
C ASN O 53 7.82 0.97 38.84
N VAL O 54 7.54 1.67 37.74
CA VAL O 54 6.18 1.74 37.22
C VAL O 54 5.63 0.35 36.96
N VAL O 55 6.47 -0.56 36.50
CA VAL O 55 6.02 -1.91 36.26
C VAL O 55 5.75 -2.56 37.62
N THR O 56 6.83 -2.73 38.38
CA THR O 56 6.76 -3.27 39.71
C THR O 56 5.44 -2.89 40.36
N GLN O 57 5.06 -1.65 40.17
CA GLN O 57 3.82 -1.11 40.71
C GLN O 57 2.59 -1.71 40.06
N PHE O 58 2.26 -1.16 38.91
CA PHE O 58 1.10 -1.63 38.17
C PHE O 58 0.99 -3.14 38.21
N ILE O 59 2.11 -3.85 38.30
CA ILE O 59 2.05 -5.31 38.38
C ILE O 59 1.44 -5.76 39.70
N SER O 60 1.89 -5.21 40.81
CA SER O 60 1.34 -5.61 42.10
C SER O 60 -0.09 -5.09 42.25
N SER O 61 -0.54 -4.33 41.26
CA SER O 61 -1.89 -3.80 41.27
C SER O 61 -2.81 -5.02 41.26
N LEU O 62 -2.30 -6.07 40.63
CA LEU O 62 -3.01 -7.33 40.50
C LEU O 62 -3.01 -8.15 41.78
N SER O 63 -1.80 -8.43 42.25
CA SER O 63 -1.58 -9.21 43.47
C SER O 63 -2.66 -9.02 44.52
N ALA O 64 -2.62 -9.87 45.53
CA ALA O 64 -3.58 -9.79 46.61
C ALA O 64 -3.73 -8.34 47.07
N SER O 65 -4.97 -7.94 47.39
CA SER O 65 -5.24 -6.58 47.88
C SER O 65 -4.97 -6.45 49.39
N ALA O 66 -5.28 -5.29 49.99
CA ALA O 66 -5.06 -5.08 51.42
C ALA O 66 -6.22 -5.59 52.27
N ASP O 67 -7.39 -5.76 51.65
CA ASP O 67 -8.60 -6.23 52.33
C ASP O 67 -8.65 -7.76 52.39
N VAL O 68 -7.53 -8.37 52.08
CA VAL O 68 -7.40 -9.82 52.12
C VAL O 68 -6.98 -10.22 53.53
N LEU O 69 -7.80 -11.06 54.13
CA LEU O 69 -7.63 -11.55 55.48
C LEU O 69 -6.37 -12.40 55.74
N ALA O 70 -6.33 -13.01 56.93
CA ALA O 70 -5.28 -13.87 57.46
C ALA O 70 -5.95 -14.23 58.80
N LEU O 71 -6.97 -15.05 58.66
CA LEU O 71 -7.75 -15.48 59.83
C LEU O 71 -7.35 -16.60 60.85
N SER O 72 -8.32 -16.77 61.75
CA SER O 72 -8.26 -17.70 62.89
C SER O 72 -8.49 -19.19 62.66
N LYS O 73 -9.16 -19.83 63.63
CA LYS O 73 -9.43 -21.27 63.64
C LYS O 73 -10.94 -21.60 63.62
N ILE O 74 -11.24 -22.81 64.09
CA ILE O 74 -12.60 -23.30 64.17
C ILE O 74 -12.75 -24.50 65.09
N GLU O 75 -13.63 -24.38 66.09
CA GLU O 75 -13.87 -25.47 67.04
C GLU O 75 -14.93 -26.39 66.47
N ILE O 76 -14.72 -27.70 66.62
CA ILE O 76 -15.66 -28.68 66.09
C ILE O 76 -15.98 -29.84 67.05
N LYS O 77 -17.25 -29.97 67.42
CA LYS O 77 -17.69 -31.03 68.31
C LYS O 77 -17.55 -32.38 67.58
N LEU O 78 -16.63 -33.22 68.03
CA LEU O 78 -16.40 -34.53 67.42
C LEU O 78 -17.58 -35.48 67.58
N SER O 79 -18.57 -35.07 68.36
CA SER O 79 -19.76 -35.89 68.55
C SER O 79 -20.55 -35.84 67.24
N ASP O 80 -20.75 -34.61 66.73
CA ASP O 80 -21.48 -34.35 65.49
C ASP O 80 -21.10 -35.32 64.37
N ILE O 81 -19.90 -35.89 64.48
CA ILE O 81 -19.40 -36.84 63.50
C ILE O 81 -19.30 -38.23 64.09
N PRO O 82 -20.40 -39.02 64.04
CA PRO O 82 -20.32 -40.37 64.61
C PRO O 82 -19.36 -41.22 63.78
N GLU O 83 -19.07 -42.42 64.25
CA GLU O 83 -18.13 -43.30 63.55
C GLU O 83 -18.65 -43.82 62.19
N GLY O 84 -17.74 -43.90 61.21
CA GLY O 84 -18.08 -44.38 59.88
C GLY O 84 -18.53 -43.32 58.89
N LYS O 85 -18.31 -42.04 59.22
CA LYS O 85 -18.72 -40.94 58.35
C LYS O 85 -17.73 -39.75 58.32
N ASN O 86 -17.92 -38.89 57.33
CA ASN O 86 -17.09 -37.71 57.13
C ASN O 86 -17.98 -36.47 56.98
N VAL O 87 -17.45 -35.29 57.27
CA VAL O 87 -18.20 -34.04 57.16
C VAL O 87 -17.33 -32.88 56.65
N ALA O 88 -17.96 -31.86 56.08
CA ALA O 88 -17.24 -30.71 55.54
C ALA O 88 -17.56 -29.44 56.32
N PHE O 89 -16.64 -28.49 56.32
CA PHE O 89 -16.84 -27.23 57.03
C PHE O 89 -16.25 -26.05 56.28
N LYS O 90 -17.01 -24.97 56.19
CA LYS O 90 -16.52 -23.78 55.50
C LYS O 90 -15.32 -23.37 56.34
N TRP O 91 -14.21 -23.05 55.69
CA TRP O 91 -13.02 -22.63 56.41
C TRP O 91 -11.97 -22.06 55.46
N ARG O 92 -11.30 -21.01 55.91
CA ARG O 92 -10.24 -20.35 55.13
C ARG O 92 -10.37 -20.53 53.63
N GLY O 93 -11.58 -20.32 53.09
CA GLY O 93 -11.78 -20.46 51.67
C GLY O 93 -12.32 -21.81 51.20
N LYS O 94 -11.44 -22.78 51.05
CA LYS O 94 -11.83 -24.12 50.60
C LYS O 94 -12.23 -25.03 51.77
N PRO O 95 -13.04 -26.07 51.51
CA PRO O 95 -13.53 -27.03 52.50
C PRO O 95 -12.55 -27.49 53.57
N LEU O 96 -13.02 -28.40 54.40
CA LEU O 96 -12.22 -29.00 55.48
C LEU O 96 -12.89 -30.29 55.93
N PHE O 97 -12.14 -31.37 55.91
CA PHE O 97 -12.69 -32.66 56.31
C PHE O 97 -12.24 -33.13 57.69
N VAL O 98 -13.21 -33.60 58.47
CA VAL O 98 -12.98 -34.12 59.81
C VAL O 98 -13.76 -35.43 59.75
N ARG O 99 -13.07 -36.54 59.65
CA ARG O 99 -13.73 -37.82 59.53
C ARG O 99 -13.49 -38.79 60.67
N HIS O 100 -14.56 -39.42 61.12
CA HIS O 100 -14.50 -40.40 62.21
C HIS O 100 -14.27 -41.78 61.59
N ARG O 101 -13.11 -42.37 61.86
CA ARG O 101 -12.81 -43.67 61.30
C ARG O 101 -13.06 -44.80 62.28
N THR O 102 -13.42 -45.95 61.73
CA THR O 102 -13.64 -47.17 62.51
C THR O 102 -12.32 -47.90 62.28
N GLN O 103 -11.93 -48.79 63.18
CA GLN O 103 -10.66 -49.48 62.96
C GLN O 103 -10.66 -50.36 61.71
N ALA O 104 -11.81 -50.88 61.31
CA ALA O 104 -11.92 -51.71 60.11
C ALA O 104 -11.31 -50.95 58.92
N GLU O 105 -11.18 -49.63 59.10
CA GLU O 105 -10.59 -48.74 58.10
C GLU O 105 -9.16 -48.40 58.53
N ILE O 106 -9.03 -47.93 59.77
CA ILE O 106 -7.75 -47.54 60.36
C ILE O 106 -6.69 -48.62 60.11
N ASN O 107 -7.16 -49.84 59.86
CA ASN O 107 -6.24 -50.93 59.59
C ASN O 107 -5.61 -50.68 58.24
N GLN O 108 -6.42 -50.77 57.19
CA GLN O 108 -5.93 -50.56 55.83
C GLN O 108 -5.06 -49.32 55.67
N GLU O 109 -5.56 -48.15 56.05
CA GLU O 109 -4.80 -46.91 55.92
C GLU O 109 -3.41 -46.96 56.56
N ALA O 110 -3.05 -48.12 57.08
CA ALA O 110 -1.75 -48.30 57.73
C ALA O 110 -1.03 -49.52 57.16
N GLU O 111 -1.79 -50.55 56.81
CA GLU O 111 -1.23 -51.80 56.28
C GLU O 111 -0.79 -51.72 54.81
N VAL O 112 -0.22 -50.60 54.36
CA VAL O 112 0.21 -50.51 52.96
C VAL O 112 1.68 -50.11 52.72
N ASP O 113 2.22 -50.57 51.60
CA ASP O 113 3.60 -50.28 51.21
C ASP O 113 3.84 -48.79 51.14
N VAL O 114 4.16 -48.16 52.27
CA VAL O 114 4.41 -46.73 52.27
C VAL O 114 5.70 -46.47 51.48
N SER O 115 6.10 -47.45 50.68
CA SER O 115 7.30 -47.37 49.86
C SER O 115 6.99 -47.10 48.39
N LYS O 116 5.87 -47.64 47.91
CA LYS O 116 5.47 -47.46 46.52
C LYS O 116 4.53 -46.25 46.36
N LEU O 117 4.39 -45.46 47.41
CA LEU O 117 3.52 -44.30 47.40
C LEU O 117 4.17 -43.07 46.78
N ARG O 118 3.36 -42.30 46.05
CA ARG O 118 3.82 -41.09 45.38
C ARG O 118 4.46 -40.22 46.43
N ASP O 119 3.65 -39.82 47.40
CA ASP O 119 4.13 -39.02 48.51
C ASP O 119 3.91 -39.95 49.69
N PRO O 120 4.98 -40.58 50.19
CA PRO O 120 4.86 -41.49 51.33
C PRO O 120 4.72 -40.63 52.58
N GLN O 121 4.08 -41.19 53.60
CA GLN O 121 3.82 -40.50 54.87
C GLN O 121 2.94 -41.57 55.51
N HIS O 122 3.21 -41.96 56.76
CA HIS O 122 2.35 -43.00 57.35
C HIS O 122 1.11 -42.42 58.05
N ASP O 123 0.01 -43.12 57.88
CA ASP O 123 -1.26 -42.73 58.46
C ASP O 123 -1.07 -42.12 59.85
N LEU O 124 -0.08 -42.65 60.57
CA LEU O 124 0.22 -42.24 61.94
C LEU O 124 0.94 -40.92 62.19
N ASP O 125 1.63 -40.39 61.17
CA ASP O 125 2.31 -39.11 61.33
C ASP O 125 1.55 -38.03 60.56
N ARG O 126 0.35 -38.41 60.11
CA ARG O 126 -0.55 -37.51 59.39
C ARG O 126 -1.64 -37.06 60.35
N VAL O 127 -2.09 -38.01 61.17
CA VAL O 127 -3.12 -37.75 62.16
C VAL O 127 -2.75 -38.28 63.57
N LYS O 128 -3.27 -37.62 64.59
CA LYS O 128 -2.98 -37.99 65.98
C LYS O 128 -3.88 -39.13 66.40
N LYS O 129 -5.15 -38.83 66.61
CA LYS O 129 -6.11 -39.87 67.00
C LYS O 129 -6.56 -40.65 65.77
N PRO O 130 -5.99 -41.86 65.57
CA PRO O 130 -6.26 -42.77 64.46
C PRO O 130 -7.74 -43.00 64.15
N GLU O 131 -8.59 -42.50 65.03
CA GLU O 131 -10.02 -42.65 64.82
C GLU O 131 -10.50 -41.36 64.16
N TRP O 132 -9.59 -40.39 64.10
CA TRP O 132 -9.90 -39.08 63.51
C TRP O 132 -8.88 -38.59 62.48
N VAL O 133 -9.34 -38.38 61.24
CA VAL O 133 -8.50 -37.88 60.14
C VAL O 133 -9.02 -36.52 59.68
N ILE O 134 -8.10 -35.60 59.44
CA ILE O 134 -8.47 -34.26 59.01
C ILE O 134 -7.57 -33.77 57.89
N LEU O 135 -8.15 -33.07 56.92
CA LEU O 135 -7.39 -32.56 55.79
C LEU O 135 -8.14 -31.48 55.00
N VAL O 136 -7.39 -30.72 54.21
CA VAL O 136 -7.96 -29.66 53.38
C VAL O 136 -8.61 -30.27 52.14
N GLY O 137 -9.94 -30.32 52.14
CA GLY O 137 -10.70 -30.88 51.03
C GLY O 137 -10.45 -30.28 49.67
N VAL O 138 -9.18 -30.24 49.27
CA VAL O 138 -8.81 -29.69 47.99
C VAL O 138 -7.84 -30.65 47.33
N CYS O 139 -8.16 -31.04 46.10
CA CYS O 139 -7.32 -31.95 45.35
C CYS O 139 -6.00 -31.26 45.15
N THR O 140 -4.93 -32.01 45.06
CA THR O 140 -3.63 -31.39 44.84
C THR O 140 -3.50 -31.00 43.38
N HIS O 141 -4.03 -31.86 42.51
CA HIS O 141 -3.98 -31.68 41.07
C HIS O 141 -4.25 -30.26 40.55
N LEU O 142 -5.52 -30.01 40.22
CA LEU O 142 -5.94 -28.73 39.71
C LEU O 142 -6.98 -28.00 40.59
N GLY O 143 -7.10 -28.45 41.82
CA GLY O 143 -7.99 -27.79 42.77
C GLY O 143 -9.45 -28.13 42.99
N CYS O 144 -9.90 -29.35 42.72
CA CYS O 144 -11.31 -29.66 42.96
C CYS O 144 -11.51 -30.28 44.33
N VAL O 145 -12.72 -30.15 44.88
CA VAL O 145 -13.06 -30.71 46.18
C VAL O 145 -13.28 -32.21 46.07
N PRO O 146 -12.35 -33.03 46.58
CA PRO O 146 -12.44 -34.49 46.52
C PRO O 146 -13.74 -34.99 47.13
N ILE O 147 -14.43 -35.88 46.42
CA ILE O 147 -15.69 -36.44 46.93
C ILE O 147 -15.41 -37.59 47.86
N ALA O 148 -15.99 -37.50 49.06
CA ALA O 148 -15.80 -38.50 50.09
C ALA O 148 -16.72 -39.69 49.91
N ASN O 149 -16.17 -40.88 50.16
CA ASN O 149 -16.91 -42.12 50.05
C ASN O 149 -17.13 -42.57 48.61
N SER O 150 -16.04 -42.73 47.88
CA SER O 150 -16.10 -43.20 46.51
C SER O 150 -14.67 -43.47 46.12
N GLY O 151 -14.49 -44.06 44.95
CA GLY O 151 -13.15 -44.38 44.54
C GLY O 151 -12.86 -45.78 45.04
N ASP O 152 -11.79 -46.36 44.52
CA ASP O 152 -11.42 -47.72 44.86
C ASP O 152 -10.44 -47.80 46.01
N PHE O 153 -10.50 -46.82 46.90
CA PHE O 153 -9.65 -46.80 48.08
C PHE O 153 -10.39 -46.31 49.33
N GLY O 154 -11.72 -46.46 49.31
CA GLY O 154 -12.57 -46.07 50.43
C GLY O 154 -12.20 -44.79 51.17
N GLY O 155 -11.56 -43.86 50.47
CA GLY O 155 -11.18 -42.59 51.06
C GLY O 155 -11.90 -41.49 50.32
N TYR O 156 -11.34 -41.07 49.20
CA TYR O 156 -11.94 -40.01 48.42
C TYR O 156 -11.83 -40.25 46.94
N TYR O 157 -12.26 -39.24 46.16
CA TYR O 157 -12.22 -39.25 44.71
C TYR O 157 -12.52 -37.86 44.17
N CYS O 158 -11.53 -37.23 43.55
CA CYS O 158 -11.75 -35.92 42.98
C CYS O 158 -12.29 -36.21 41.58
N PRO O 159 -13.57 -35.92 41.33
CA PRO O 159 -14.18 -36.17 40.02
C PRO O 159 -13.65 -35.38 38.78
N CYS O 160 -12.78 -34.40 39.01
CA CYS O 160 -12.25 -33.58 37.92
C CYS O 160 -11.34 -34.35 36.98
N HIS O 161 -10.46 -35.19 37.52
CA HIS O 161 -9.58 -35.98 36.67
C HIS O 161 -9.26 -37.33 37.21
N GLY O 162 -10.20 -37.91 37.95
CA GLY O 162 -10.04 -39.24 38.51
C GLY O 162 -8.90 -39.53 39.47
N SER O 163 -8.73 -38.68 40.47
CA SER O 163 -7.69 -38.91 41.45
C SER O 163 -8.33 -39.71 42.59
N HIS O 164 -7.64 -40.73 43.07
CA HIS O 164 -8.19 -41.54 44.15
C HIS O 164 -7.40 -41.28 45.42
N TYR O 165 -8.11 -41.08 46.52
CA TYR O 165 -7.44 -40.83 47.79
C TYR O 165 -7.89 -41.84 48.82
N ASP O 166 -6.98 -42.19 49.72
CA ASP O 166 -7.26 -43.16 50.78
C ASP O 166 -7.81 -42.45 52.01
N ALA O 167 -8.40 -43.22 52.92
CA ALA O 167 -8.99 -42.68 54.15
C ALA O 167 -8.00 -41.83 54.96
N SER O 168 -6.74 -41.84 54.53
CA SER O 168 -5.72 -41.04 55.18
C SER O 168 -5.60 -39.71 54.41
N GLY O 169 -6.23 -39.69 53.24
CA GLY O 169 -6.21 -38.51 52.40
C GLY O 169 -4.97 -38.51 51.52
N ARG O 170 -4.42 -39.70 51.30
CA ARG O 170 -3.24 -39.80 50.48
C ARG O 170 -3.64 -40.08 49.06
N ILE O 171 -2.79 -39.68 48.12
CA ILE O 171 -3.07 -39.90 46.71
C ILE O 171 -2.55 -41.29 46.36
N ARG O 172 -3.45 -42.15 45.90
CA ARG O 172 -3.08 -43.51 45.56
C ARG O 172 -3.09 -43.81 44.06
N LYS O 173 -4.18 -43.45 43.39
CA LYS O 173 -4.30 -43.65 41.94
C LYS O 173 -4.82 -42.33 41.35
N GLY O 174 -4.42 -41.98 40.13
CA GLY O 174 -4.88 -40.74 39.54
C GLY O 174 -3.76 -39.76 39.23
N PRO O 175 -4.06 -38.62 38.58
CA PRO O 175 -3.05 -37.61 38.25
C PRO O 175 -2.64 -36.58 39.30
N ALA O 176 -3.27 -36.58 40.47
CA ALA O 176 -2.90 -35.63 41.53
C ALA O 176 -1.45 -35.88 41.95
N PRO O 177 -0.67 -34.82 42.15
CA PRO O 177 0.74 -34.92 42.53
C PRO O 177 1.10 -35.28 43.97
N TYR O 178 0.39 -34.69 44.93
CA TYR O 178 0.67 -34.90 46.35
C TYR O 178 -0.50 -35.47 47.14
N ASN O 179 -0.33 -35.66 48.44
CA ASN O 179 -1.41 -36.17 49.27
C ASN O 179 -2.05 -34.96 49.91
N LEU O 180 -3.38 -35.01 50.06
CA LEU O 180 -4.12 -33.91 50.64
C LEU O 180 -3.35 -33.17 51.71
N GLU O 181 -3.66 -31.88 51.83
CA GLU O 181 -3.00 -31.02 52.81
C GLU O 181 -3.52 -31.33 54.23
N VAL O 182 -2.60 -31.54 55.16
CA VAL O 182 -2.98 -31.83 56.55
C VAL O 182 -2.86 -30.55 57.34
N PRO O 183 -3.98 -30.07 57.90
CA PRO O 183 -3.98 -28.84 58.69
C PRO O 183 -3.33 -29.03 60.05
N THR O 184 -3.12 -27.94 60.76
CA THR O 184 -2.51 -27.98 62.09
C THR O 184 -3.63 -27.90 63.13
N TYR O 185 -3.87 -29.01 63.83
CA TYR O 185 -4.94 -29.02 64.82
C TYR O 185 -4.53 -29.42 66.23
N GLN O 186 -5.53 -29.76 67.05
CA GLN O 186 -5.31 -30.16 68.44
C GLN O 186 -6.62 -30.71 69.00
N PHE O 187 -6.54 -31.54 70.03
CA PHE O 187 -7.74 -32.12 70.64
C PHE O 187 -7.98 -31.59 72.05
N VAL O 188 -8.12 -30.27 72.19
CA VAL O 188 -8.37 -29.66 73.50
C VAL O 188 -9.76 -30.03 74.06
N GLY O 189 -9.94 -31.31 74.36
CA GLY O 189 -11.22 -31.75 74.89
C GLY O 189 -11.31 -33.26 74.96
N ASP O 190 -12.53 -33.74 75.17
CA ASP O 190 -12.83 -35.17 75.25
C ASP O 190 -13.54 -35.54 73.95
N ASP O 191 -14.45 -34.66 73.54
CA ASP O 191 -15.23 -34.81 72.32
C ASP O 191 -15.27 -33.45 71.61
N LEU O 192 -14.16 -32.73 71.66
CA LEU O 192 -14.04 -31.41 71.04
C LEU O 192 -12.62 -31.21 70.46
N VAL O 193 -12.53 -31.08 69.14
CA VAL O 193 -11.24 -30.88 68.46
C VAL O 193 -11.13 -29.51 67.81
N VAL O 194 -9.96 -28.89 67.96
CA VAL O 194 -9.70 -27.56 67.40
C VAL O 194 -8.75 -27.63 66.22
N VAL O 195 -9.09 -26.92 65.15
CA VAL O 195 -8.28 -26.89 63.96
C VAL O 195 -7.83 -25.46 63.70
N GLY O 196 -6.55 -25.29 63.42
CA GLY O 196 -6.02 -23.96 63.15
C GLY O 196 -4.76 -23.67 63.94
N GLY P 10 -6.31 55.51 -3.97
CA GLY P 10 -5.10 56.23 -4.46
C GLY P 10 -3.84 55.91 -3.67
N ARG P 11 -3.06 56.92 -3.33
CA ARG P 11 -1.82 56.71 -2.56
C ARG P 11 -2.15 56.35 -1.10
N LEU P 12 -3.42 56.05 -0.85
CA LEU P 12 -3.86 55.68 0.49
C LEU P 12 -3.36 54.28 0.77
N MET P 13 -4.08 53.31 0.21
CA MET P 13 -3.73 51.91 0.38
C MET P 13 -2.35 51.66 -0.21
N ASP P 14 -1.80 52.64 -0.93
CA ASP P 14 -0.49 52.51 -1.55
C ASP P 14 0.67 52.76 -0.56
N ARG P 15 0.35 53.38 0.59
CA ARG P 15 1.35 53.63 1.63
C ARG P 15 1.03 52.60 2.73
N ILE P 16 -0.23 52.17 2.71
CA ILE P 16 -0.75 51.15 3.63
C ILE P 16 -0.16 49.82 3.18
N ARG P 17 -0.31 49.51 1.90
CA ARG P 17 0.23 48.28 1.35
C ARG P 17 1.69 48.16 1.77
N LYS P 18 2.42 49.26 1.62
CA LYS P 18 3.82 49.30 2.00
C LYS P 18 3.91 48.93 3.48
N TRP P 19 2.90 49.30 4.26
CA TRP P 19 2.90 48.97 5.67
C TRP P 19 2.70 47.48 5.83
N TYR P 20 1.46 47.04 5.62
CA TYR P 20 1.10 45.63 5.76
C TYR P 20 2.23 44.75 5.28
N TYR P 21 2.93 45.19 4.23
CA TYR P 21 4.03 44.40 3.72
C TYR P 21 5.11 44.25 4.78
N ASN P 22 5.55 45.35 5.35
CA ASN P 22 6.59 45.28 6.39
C ASN P 22 6.04 44.55 7.61
N ALA P 23 4.71 44.59 7.76
CA ALA P 23 4.01 43.94 8.87
C ALA P 23 4.05 42.41 8.74
N ALA P 24 3.59 41.91 7.60
CA ALA P 24 3.61 40.47 7.35
C ALA P 24 5.02 39.96 7.65
N GLY P 25 5.99 40.79 7.30
CA GLY P 25 7.38 40.49 7.55
C GLY P 25 7.94 39.20 6.98
N PHE P 26 7.38 38.74 5.87
CA PHE P 26 7.87 37.50 5.29
C PHE P 26 9.18 37.84 4.64
N ASN P 27 9.29 39.11 4.29
CA ASN P 27 10.49 39.59 3.67
C ASN P 27 11.67 39.45 4.63
N LYS P 28 11.40 39.12 5.90
CA LYS P 28 12.52 38.97 6.83
C LYS P 28 13.16 37.61 6.61
N TYR P 29 12.45 36.76 5.87
CA TYR P 29 12.94 35.43 5.56
C TYR P 29 13.56 35.47 4.18
N GLY P 30 13.45 36.63 3.54
CA GLY P 30 14.01 36.78 2.21
C GLY P 30 13.10 36.16 1.18
N LEU P 31 11.80 36.13 1.47
CA LEU P 31 10.80 35.55 0.58
C LEU P 31 10.04 36.64 -0.15
N MET P 32 9.71 36.40 -1.39
CA MET P 32 8.94 37.36 -2.15
C MET P 32 7.48 37.14 -1.84
N ARG P 33 6.65 38.13 -2.14
CA ARG P 33 5.22 37.99 -1.88
C ARG P 33 4.78 36.66 -2.49
N ASP P 34 4.80 36.59 -3.82
CA ASP P 34 4.40 35.38 -4.50
C ASP P 34 5.02 34.11 -3.96
N ASP P 35 6.17 34.24 -3.30
CA ASP P 35 6.82 33.07 -2.72
C ASP P 35 5.92 32.43 -1.66
N THR P 36 5.17 33.25 -0.92
CA THR P 36 4.31 32.73 0.14
C THR P 36 2.95 32.16 -0.28
N LEU P 37 2.51 32.47 -1.49
CA LEU P 37 1.23 31.99 -1.93
C LEU P 37 1.00 30.57 -1.50
N TYR P 38 -0.23 30.23 -1.10
CA TYR P 38 -0.54 28.85 -0.73
C TYR P 38 -0.75 28.14 -2.07
N GLU P 39 -0.02 27.03 -2.28
CA GLU P 39 -0.08 26.27 -3.53
C GLU P 39 -1.38 25.53 -3.89
N ASP P 40 -2.38 26.22 -4.42
CA ASP P 40 -3.61 25.53 -4.81
C ASP P 40 -3.50 25.06 -6.26
N ASP P 41 -4.53 24.33 -6.73
CA ASP P 41 -4.57 23.78 -8.10
C ASP P 41 -4.19 24.75 -9.23
N ASP P 42 -4.43 26.04 -9.02
CA ASP P 42 -4.10 27.09 -9.99
C ASP P 42 -2.62 27.42 -9.87
N VAL P 43 -2.26 27.88 -8.67
CA VAL P 43 -0.89 28.20 -8.39
C VAL P 43 -0.04 27.07 -8.93
N LYS P 44 -0.33 25.87 -8.46
CA LYS P 44 0.40 24.69 -8.90
C LYS P 44 0.69 24.75 -10.39
N GLU P 45 -0.33 25.03 -11.18
CA GLU P 45 -0.17 25.11 -12.65
C GLU P 45 0.73 26.30 -12.97
N ALA P 46 0.46 27.44 -12.35
CA ALA P 46 1.28 28.59 -12.59
C ALA P 46 2.75 28.14 -12.45
N LEU P 47 3.13 27.78 -11.23
CA LEU P 47 4.48 27.34 -10.95
C LEU P 47 5.07 26.43 -12.01
N LYS P 48 4.25 25.56 -12.59
CA LYS P 48 4.72 24.62 -13.62
C LYS P 48 5.13 25.36 -14.89
N ARG P 49 4.58 26.54 -15.11
CA ARG P 49 4.90 27.32 -16.29
C ARG P 49 6.17 28.17 -16.13
N LEU P 50 6.61 28.39 -14.91
CA LEU P 50 7.78 29.20 -14.68
C LEU P 50 9.01 28.75 -15.45
N PRO P 51 9.79 29.72 -15.95
CA PRO P 51 11.03 29.50 -16.72
C PRO P 51 11.96 28.87 -15.73
N GLU P 52 12.81 27.95 -16.19
CA GLU P 52 13.67 27.26 -15.24
C GLU P 52 14.50 28.12 -14.29
N ASP P 53 15.06 29.23 -14.74
CA ASP P 53 15.83 30.02 -13.80
C ASP P 53 14.91 30.55 -12.68
N LEU P 54 13.93 31.36 -13.04
CA LEU P 54 13.01 31.93 -12.05
C LEU P 54 12.42 30.92 -11.08
N TYR P 55 12.47 29.63 -11.44
CA TYR P 55 11.93 28.56 -10.61
C TYR P 55 12.95 28.03 -9.60
N ASN P 56 14.07 27.54 -10.10
CA ASN P 56 15.08 27.02 -9.21
C ASN P 56 15.36 28.08 -8.18
N GLU P 57 15.28 29.33 -8.60
CA GLU P 57 15.53 30.45 -7.72
C GLU P 57 14.48 30.46 -6.59
N ARG P 58 13.21 30.51 -6.98
CA ARG P 58 12.10 30.50 -6.03
C ARG P 58 12.34 29.40 -5.02
N MET P 59 12.62 28.21 -5.52
CA MET P 59 12.87 27.06 -4.68
C MET P 59 13.91 27.35 -3.61
N PHE P 60 15.14 27.63 -4.03
CA PHE P 60 16.18 27.93 -3.07
C PHE P 60 15.75 28.96 -2.06
N ARG P 61 15.04 30.00 -2.51
CA ARG P 61 14.54 31.04 -1.62
C ARG P 61 13.73 30.39 -0.49
N ILE P 62 12.99 29.34 -0.83
CA ILE P 62 12.18 28.62 0.13
C ILE P 62 13.06 27.71 0.98
N LYS P 63 13.84 26.84 0.32
CA LYS P 63 14.73 25.93 1.05
C LYS P 63 15.63 26.67 2.03
N ARG P 64 15.70 27.99 1.89
CA ARG P 64 16.53 28.81 2.79
C ARG P 64 15.63 29.28 3.91
N ALA P 65 14.41 29.66 3.52
CA ALA P 65 13.40 30.12 4.47
C ALA P 65 13.12 29.00 5.44
N LEU P 66 13.06 27.77 4.92
CA LEU P 66 12.82 26.62 5.77
C LEU P 66 14.01 26.47 6.72
N ASP P 67 15.22 26.42 6.15
CA ASP P 67 16.41 26.27 6.96
C ASP P 67 16.37 27.31 8.08
N LEU P 68 15.84 28.46 7.74
CA LEU P 68 15.70 29.49 8.74
C LEU P 68 14.71 28.92 9.76
N SER P 69 13.42 29.01 9.44
CA SER P 69 12.34 28.56 10.31
C SER P 69 12.65 27.36 11.19
N LEU P 70 13.63 26.55 10.79
CA LEU P 70 14.01 25.38 11.57
C LEU P 70 15.08 25.75 12.57
N LYS P 71 15.79 26.84 12.29
CA LYS P 71 16.84 27.32 13.19
C LYS P 71 16.25 28.38 14.13
N HIS P 72 15.04 28.83 13.80
CA HIS P 72 14.33 29.85 14.57
C HIS P 72 14.94 31.22 14.33
N ARG P 73 15.55 31.42 13.17
CA ARG P 73 16.19 32.70 12.85
C ARG P 73 15.69 33.32 11.58
N ILE P 74 16.24 34.50 11.28
CA ILE P 74 15.89 35.22 10.08
C ILE P 74 17.16 35.78 9.44
N LEU P 75 16.95 36.60 8.42
CA LEU P 75 18.04 37.23 7.68
C LEU P 75 18.47 38.58 8.29
N PRO P 76 19.78 38.86 8.29
CA PRO P 76 20.22 40.14 8.86
C PRO P 76 19.48 41.22 8.09
N LYS P 77 18.83 42.12 8.82
CA LYS P 77 18.09 43.23 8.21
C LYS P 77 18.54 43.62 6.80
N GLU P 78 19.85 43.67 6.61
CA GLU P 78 20.43 44.03 5.32
C GLU P 78 19.83 43.27 4.14
N GLN P 79 19.69 41.95 4.32
CA GLN P 79 19.17 41.06 3.27
C GLN P 79 17.66 40.90 3.21
N TRP P 80 16.93 41.70 3.96
CA TRP P 80 15.48 41.61 3.93
C TRP P 80 15.02 42.06 2.55
N VAL P 81 13.81 41.70 2.17
CA VAL P 81 13.28 42.10 0.87
C VAL P 81 12.57 43.43 1.02
N LYS P 82 12.91 44.40 0.18
CA LYS P 82 12.31 45.71 0.27
C LYS P 82 11.05 45.81 -0.57
N TYR P 83 9.98 46.28 0.05
CA TYR P 83 8.69 46.42 -0.60
C TYR P 83 8.74 46.65 -2.11
N GLU P 84 9.34 47.76 -2.51
CA GLU P 84 9.41 48.10 -3.92
C GLU P 84 10.21 47.13 -4.80
N GLU P 85 11.08 46.34 -4.20
CA GLU P 85 11.89 45.41 -4.97
C GLU P 85 11.32 43.99 -5.04
N ASP P 86 10.12 43.79 -4.50
CA ASP P 86 9.52 42.46 -4.52
C ASP P 86 9.07 42.18 -5.94
N LYS P 87 9.50 41.02 -6.45
CA LYS P 87 9.19 40.61 -7.81
C LYS P 87 7.96 39.73 -7.87
N PRO P 88 6.89 40.24 -8.49
CA PRO P 88 5.68 39.43 -8.60
C PRO P 88 5.96 38.51 -9.79
N TYR P 89 6.87 37.57 -9.60
CA TYR P 89 7.26 36.65 -10.66
C TYR P 89 6.16 35.71 -11.14
N LEU P 90 5.13 35.49 -10.32
CA LEU P 90 4.07 34.57 -10.70
C LEU P 90 2.73 35.24 -10.96
N GLU P 91 2.46 36.33 -10.25
CA GLU P 91 1.22 37.05 -10.41
C GLU P 91 0.66 36.95 -11.83
N PRO P 92 1.39 37.47 -12.83
CA PRO P 92 0.85 37.38 -14.20
C PRO P 92 0.57 35.94 -14.65
N TYR P 93 1.55 35.05 -14.58
CA TYR P 93 1.32 33.67 -14.99
C TYR P 93 0.03 33.16 -14.41
N LEU P 94 -0.10 33.34 -13.10
CA LEU P 94 -1.28 32.90 -12.37
C LEU P 94 -2.56 33.48 -12.98
N LYS P 95 -2.69 34.80 -13.00
CA LYS P 95 -3.86 35.47 -13.57
C LYS P 95 -4.34 34.82 -14.86
N GLU P 96 -3.40 34.48 -15.74
CA GLU P 96 -3.70 33.84 -17.02
C GLU P 96 -4.34 32.47 -16.79
N VAL P 97 -3.63 31.60 -16.06
CA VAL P 97 -4.14 30.28 -15.74
C VAL P 97 -5.61 30.47 -15.38
N ILE P 98 -5.87 31.24 -14.32
CA ILE P 98 -7.23 31.51 -13.87
C ILE P 98 -8.10 31.91 -15.05
N ARG P 99 -7.62 32.85 -15.83
CA ARG P 99 -8.34 33.34 -17.01
C ARG P 99 -8.76 32.15 -17.87
N GLU P 100 -7.79 31.34 -18.29
CA GLU P 100 -8.05 30.17 -19.12
C GLU P 100 -9.18 29.37 -18.52
N ARG P 101 -8.99 28.95 -17.28
CA ARG P 101 -9.98 28.15 -16.59
C ARG P 101 -11.36 28.78 -16.71
N LEU P 102 -11.55 29.97 -16.15
CA LEU P 102 -12.85 30.65 -16.21
C LEU P 102 -13.52 30.55 -17.57
N GLU P 103 -12.72 30.55 -18.63
CA GLU P 103 -13.22 30.43 -20.00
C GLU P 103 -13.71 29.01 -20.19
N ARG P 104 -12.87 28.04 -19.84
CA ARG P 104 -13.23 26.62 -19.97
C ARG P 104 -14.46 26.39 -19.12
N GLU P 105 -14.42 26.89 -17.89
CA GLU P 105 -15.53 26.72 -16.96
C GLU P 105 -16.87 27.22 -17.52
N ALA P 106 -16.95 28.50 -17.83
CA ALA P 106 -18.20 29.05 -18.34
C ALA P 106 -18.60 28.42 -19.67
N TRP P 107 -17.61 28.02 -20.47
CA TRP P 107 -17.87 27.41 -21.77
C TRP P 107 -18.58 26.05 -21.66
N ASN P 108 -18.44 25.38 -20.51
CA ASN P 108 -19.07 24.07 -20.29
C ASN P 108 -20.45 24.16 -19.62
N LYS P 109 -20.76 25.34 -19.10
CA LYS P 109 -22.04 25.58 -18.44
C LYS P 109 -23.06 25.98 -19.49
N LYS P 110 -22.55 26.40 -20.64
CA LYS P 110 -23.39 26.86 -21.76
C LYS P 110 -24.03 25.70 -22.53
N GLY Q 1 3.42 5.21 0.33
CA GLY Q 1 4.53 4.46 1.02
C GLY Q 1 5.81 5.28 1.15
N ILE Q 2 6.88 4.86 0.45
CA ILE Q 2 8.16 5.59 0.45
C ILE Q 2 8.06 6.89 -0.38
N HIS Q 3 8.19 8.03 0.30
CA HIS Q 3 8.11 9.33 -0.37
C HIS Q 3 9.47 9.92 -0.77
N PHE Q 4 10.55 9.46 -0.15
CA PHE Q 4 11.87 10.00 -0.47
C PHE Q 4 12.43 9.66 -1.85
N GLY Q 5 12.26 10.60 -2.77
CA GLY Q 5 12.73 10.42 -4.13
C GLY Q 5 11.83 11.12 -5.13
N ASN Q 6 10.54 11.16 -4.83
CA ASN Q 6 9.57 11.82 -5.71
C ASN Q 6 9.47 13.28 -5.31
N LEU Q 7 9.46 13.52 -4.00
CA LEU Q 7 9.35 14.83 -3.38
C LEU Q 7 9.36 16.06 -4.27
N ALA Q 8 10.49 16.36 -4.92
CA ALA Q 8 10.53 17.51 -5.82
C ALA Q 8 11.83 17.64 -6.62
N ARG Q 9 11.75 18.39 -7.71
CA ARG Q 9 12.89 18.61 -8.59
C ARG Q 9 13.68 19.78 -8.03
N VAL Q 10 14.96 19.56 -7.81
CA VAL Q 10 15.79 20.61 -7.26
C VAL Q 10 17.17 20.71 -7.89
N ARG Q 11 17.56 21.92 -8.27
CA ARG Q 11 18.85 22.13 -8.89
C ARG Q 11 19.68 23.22 -8.22
N HIS Q 12 20.98 22.92 -8.12
CA HIS Q 12 21.98 23.81 -7.58
C HIS Q 12 21.68 24.28 -6.19
N ILE Q 13 22.03 23.46 -5.21
CA ILE Q 13 21.83 23.86 -3.84
C ILE Q 13 22.82 23.01 -3.07
N ILE Q 14 23.87 23.67 -2.63
CA ILE Q 14 24.92 23.00 -1.90
C ILE Q 14 24.69 23.17 -0.42
N THR Q 15 24.80 22.07 0.32
CA THR Q 15 24.60 22.14 1.74
C THR Q 15 25.73 21.43 2.45
N TYR Q 16 26.23 22.07 3.49
CA TYR Q 16 27.31 21.50 4.28
C TYR Q 16 26.86 21.42 5.72
N SER Q 17 27.05 20.26 6.32
CA SER Q 17 26.68 20.05 7.71
C SER Q 17 27.82 19.21 8.28
N LEU Q 18 27.99 19.24 9.60
CA LEU Q 18 29.05 18.48 10.25
C LEU Q 18 28.48 17.46 11.22
N SER Q 19 29.19 16.35 11.35
CA SER Q 19 28.76 15.29 12.25
C SER Q 19 28.39 15.93 13.59
N PRO Q 20 27.43 15.37 14.31
CA PRO Q 20 27.08 15.98 15.59
C PRO Q 20 28.22 15.86 16.59
N PHE Q 21 29.11 14.91 16.35
CA PHE Q 21 30.25 14.70 17.24
C PHE Q 21 31.38 15.70 17.04
N GLU Q 22 31.24 16.57 16.05
CA GLU Q 22 32.25 17.59 15.77
C GLU Q 22 31.67 18.93 16.17
N GLN Q 23 30.39 18.99 16.50
CA GLN Q 23 29.80 20.26 16.91
C GLN Q 23 29.17 20.32 18.28
N ARG Q 24 28.89 21.54 18.72
CA ARG Q 24 28.30 21.79 20.04
C ARG Q 24 26.80 21.57 20.11
N ALA Q 25 26.38 20.98 21.23
CA ALA Q 25 24.96 20.70 21.47
C ALA Q 25 24.11 21.97 21.44
N ILE Q 26 24.35 22.85 22.41
CA ILE Q 26 23.63 24.11 22.50
C ILE Q 26 24.70 25.20 22.54
N PRO Q 27 25.22 25.59 21.38
CA PRO Q 27 26.25 26.62 21.23
C PRO Q 27 25.79 28.07 21.17
N ASN Q 28 26.68 28.98 21.57
CA ASN Q 28 26.38 30.41 21.57
C ASN Q 28 25.06 30.66 22.30
N ILE Q 29 24.99 30.14 23.52
CA ILE Q 29 23.80 30.27 24.36
C ILE Q 29 23.45 31.75 24.56
N PHE Q 30 24.47 32.61 24.54
CA PHE Q 30 24.32 34.05 24.73
C PHE Q 30 24.41 34.83 23.46
N SER Q 31 25.61 34.95 22.94
CA SER Q 31 25.85 35.69 21.72
C SER Q 31 24.76 35.54 20.64
N ASP Q 32 24.24 34.32 20.53
CA ASP Q 32 23.24 33.95 19.54
C ASP Q 32 21.85 33.61 20.11
N ALA Q 33 21.79 32.51 20.85
CA ALA Q 33 20.55 32.02 21.47
C ALA Q 33 19.64 33.11 22.05
N LEU Q 34 19.72 33.30 23.35
CA LEU Q 34 18.90 34.27 24.05
C LEU Q 34 18.45 35.45 23.19
N PRO Q 35 19.39 36.21 22.63
CA PRO Q 35 19.05 37.35 21.78
C PRO Q 35 17.81 37.10 20.94
N ASN Q 36 17.84 36.03 20.19
CA ASN Q 36 16.71 35.67 19.32
C ASN Q 36 15.47 35.33 20.13
N VAL Q 37 15.67 34.77 21.31
CA VAL Q 37 14.55 34.44 22.15
C VAL Q 37 13.84 35.74 22.45
N TRP Q 38 14.63 36.76 22.79
CA TRP Q 38 14.08 38.08 23.08
C TRP Q 38 13.45 38.57 21.78
N ARG Q 39 14.24 38.59 20.72
CA ARG Q 39 13.81 39.05 19.40
C ARG Q 39 12.41 38.54 19.12
N ARG Q 40 12.24 37.22 19.28
CA ARG Q 40 10.98 36.56 19.06
C ARG Q 40 9.93 37.08 20.02
N PHE Q 41 10.16 36.85 21.30
CA PHE Q 41 9.25 37.32 22.34
C PHE Q 41 8.72 38.69 21.98
N SER Q 42 9.64 39.63 21.74
CA SER Q 42 9.26 40.99 21.39
C SER Q 42 8.17 41.02 20.32
N SER Q 43 8.58 40.83 19.07
CA SER Q 43 7.69 40.85 17.93
C SER Q 43 6.30 40.26 18.19
N GLN Q 44 6.22 39.24 19.04
CA GLN Q 44 4.97 38.56 19.35
C GLN Q 44 4.13 39.10 20.51
N VAL Q 45 4.80 39.53 21.57
CA VAL Q 45 4.11 40.04 22.76
C VAL Q 45 2.94 40.98 22.44
N PHE Q 46 3.12 41.86 21.46
CA PHE Q 46 2.09 42.83 21.10
C PHE Q 46 0.92 42.30 20.29
N LYS Q 47 0.94 41.01 20.00
CA LYS Q 47 -0.16 40.42 19.27
C LYS Q 47 -0.90 39.48 20.21
N VAL Q 48 -0.13 38.82 21.06
CA VAL Q 48 -0.66 37.87 22.04
C VAL Q 48 -1.20 38.55 23.30
N ALA Q 49 -0.31 39.14 24.09
CA ALA Q 49 -0.68 39.81 25.33
C ALA Q 49 -1.94 40.70 25.28
N PRO Q 50 -2.06 41.59 24.28
CA PRO Q 50 -3.24 42.45 24.19
C PRO Q 50 -4.59 41.85 24.62
N PRO Q 51 -5.16 40.94 23.81
CA PRO Q 51 -6.44 40.37 24.20
C PRO Q 51 -6.47 39.71 25.57
N PHE Q 52 -5.45 38.91 25.88
CA PHE Q 52 -5.40 38.27 27.18
C PHE Q 52 -5.54 39.32 28.26
N LEU Q 53 -4.65 40.30 28.23
CA LEU Q 53 -4.72 41.39 29.19
C LEU Q 53 -6.13 41.95 29.21
N GLY Q 54 -6.70 42.18 28.02
CA GLY Q 54 -8.05 42.71 27.90
C GLY Q 54 -9.07 41.91 28.69
N ALA Q 55 -9.03 40.59 28.54
CA ALA Q 55 -9.93 39.71 29.26
C ALA Q 55 -9.76 39.89 30.77
N TYR Q 56 -8.55 39.56 31.24
CA TYR Q 56 -8.19 39.69 32.64
C TYR Q 56 -8.96 40.79 33.33
N LEU Q 57 -8.95 41.96 32.69
CA LEU Q 57 -9.67 43.10 33.23
C LEU Q 57 -11.14 42.71 33.29
N LEU Q 58 -11.72 42.40 32.13
CA LEU Q 58 -13.12 42.00 32.08
C LEU Q 58 -13.37 40.95 33.14
N TYR Q 59 -12.32 40.26 33.56
CA TYR Q 59 -12.45 39.26 34.62
C TYR Q 59 -12.46 40.02 35.94
N SER Q 60 -11.38 40.75 36.22
CA SER Q 60 -11.31 41.51 37.46
C SER Q 60 -12.60 42.30 37.62
N TRP Q 61 -12.92 43.10 36.61
CA TRP Q 61 -14.12 43.92 36.64
C TRP Q 61 -15.35 43.17 37.10
N GLY Q 62 -15.81 42.24 36.27
CA GLY Q 62 -16.99 41.47 36.60
C GLY Q 62 -16.91 40.85 37.98
N THR Q 63 -15.74 40.34 38.34
CA THR Q 63 -15.50 39.72 39.64
C THR Q 63 -15.82 40.68 40.78
N GLN Q 64 -15.26 41.89 40.70
CA GLN Q 64 -15.49 42.92 41.70
C GLN Q 64 -16.91 43.46 41.65
N GLU Q 65 -17.35 43.93 40.48
CA GLU Q 65 -18.70 44.45 40.32
C GLU Q 65 -19.71 43.50 40.94
N PHE Q 66 -19.39 42.20 40.90
CA PHE Q 66 -20.25 41.17 41.48
C PHE Q 66 -20.17 41.31 43.00
N GLU Q 67 -18.94 41.29 43.51
CA GLU Q 67 -18.68 41.41 44.94
C GLU Q 67 -19.28 42.66 45.56
N ARG Q 68 -19.39 43.72 44.78
CA ARG Q 68 -19.97 44.95 45.28
C ARG Q 68 -21.47 44.74 45.41
N LEU Q 69 -22.07 44.00 44.47
CA LEU Q 69 -23.51 43.74 44.51
C LEU Q 69 -23.92 42.78 45.62
N LYS Q 70 -22.92 42.31 46.35
CA LYS Q 70 -23.13 41.42 47.49
C LYS Q 70 -23.28 42.28 48.73
N ARG Q 71 -22.41 43.29 48.84
CA ARG Q 71 -22.41 44.23 49.96
C ARG Q 71 -23.78 44.92 50.00
N LYS Q 72 -24.23 45.28 51.21
CA LYS Q 72 -25.53 45.93 51.36
C LYS Q 72 -25.43 47.45 51.26
N ASN Q 73 -26.51 48.05 50.76
CA ASN Q 73 -26.60 49.49 50.60
C ASN Q 73 -27.33 50.01 51.84
N PRO Q 74 -26.57 50.55 52.83
CA PRO Q 74 -27.20 51.06 54.05
C PRO Q 74 -28.39 51.98 53.82
N ALA Q 75 -28.58 52.39 52.55
CA ALA Q 75 -29.67 53.30 52.16
C ALA Q 75 -31.02 52.61 51.92
N ASP Q 76 -31.08 51.31 52.18
CA ASP Q 76 -32.32 50.55 52.01
C ASP Q 76 -33.03 50.52 53.36
N TYR Q 77 -32.31 50.91 54.42
CA TYR Q 77 -32.85 50.89 55.77
C TYR Q 77 -32.81 52.22 56.55
N GLU Q 78 -32.43 53.32 55.89
CA GLU Q 78 -32.38 54.63 56.57
C GLU Q 78 -33.80 55.13 56.84
N ASN Q 79 -34.78 54.26 56.60
CA ASN Q 79 -36.20 54.57 56.81
C ASN Q 79 -36.69 53.96 58.13
N GLU R 11 -9.23 25.83 84.63
CA GLU R 11 -7.96 25.12 84.93
C GLU R 11 -6.89 25.30 83.84
N LEU R 12 -7.32 25.16 82.59
CA LEU R 12 -6.43 25.28 81.43
C LEU R 12 -7.00 26.35 80.49
N VAL R 13 -6.11 27.14 79.88
CA VAL R 13 -6.55 28.20 78.98
C VAL R 13 -6.42 27.76 77.53
N ASP R 14 -7.48 27.99 76.73
CA ASP R 14 -7.48 27.62 75.31
C ASP R 14 -6.80 28.72 74.51
N PRO R 15 -5.56 28.46 74.05
CA PRO R 15 -4.82 29.46 73.26
C PRO R 15 -5.71 30.16 72.26
N LEU R 16 -6.81 29.50 71.90
CA LEU R 16 -7.74 30.09 70.95
C LEU R 16 -8.30 31.39 71.51
N THR R 17 -9.09 31.29 72.59
CA THR R 17 -9.71 32.45 73.22
C THR R 17 -8.73 33.59 73.50
N THR R 18 -7.51 33.25 73.89
CA THR R 18 -6.48 34.26 74.17
C THR R 18 -6.09 35.06 72.93
N ILE R 19 -5.81 34.36 71.83
CA ILE R 19 -5.41 35.03 70.60
C ILE R 19 -6.53 35.71 69.85
N ARG R 20 -7.78 35.34 70.14
CA ARG R 20 -8.91 36.00 69.49
C ARG R 20 -9.07 37.33 70.21
N GLU R 21 -8.63 37.38 71.47
CA GLU R 21 -8.67 38.60 72.27
C GLU R 21 -7.67 39.52 71.62
N HIS R 22 -6.40 39.15 71.73
CA HIS R 22 -5.27 39.88 71.16
C HIS R 22 -5.51 40.33 69.71
N CYS R 23 -6.23 39.51 68.95
CA CYS R 23 -6.54 39.86 67.56
C CYS R 23 -7.71 40.85 67.47
N GLU R 24 -8.68 40.73 68.37
CA GLU R 24 -9.82 41.64 68.36
C GLU R 24 -9.39 43.09 68.57
N GLN R 25 -8.23 43.27 69.22
CA GLN R 25 -7.66 44.60 69.49
C GLN R 25 -7.15 45.21 68.19
N THR R 26 -6.71 44.35 67.27
CA THR R 26 -6.17 44.78 65.99
C THR R 26 -7.00 45.78 65.21
N GLU R 27 -6.31 46.72 64.59
CA GLU R 27 -6.92 47.77 63.79
C GLU R 27 -8.21 47.34 63.09
N LYS R 28 -8.05 46.59 62.00
CA LYS R 28 -9.19 46.11 61.22
C LYS R 28 -10.34 45.60 62.09
N CYS R 29 -10.00 44.78 63.08
CA CYS R 29 -11.00 44.21 63.98
C CYS R 29 -11.85 45.30 64.61
N VAL R 30 -11.17 46.24 65.23
CA VAL R 30 -11.84 47.35 65.89
C VAL R 30 -12.79 48.11 64.96
N LYS R 31 -12.28 48.59 63.83
CA LYS R 31 -13.09 49.34 62.86
C LYS R 31 -14.23 48.50 62.28
N ALA R 32 -14.22 47.21 62.56
CA ALA R 32 -15.26 46.30 62.10
C ALA R 32 -16.13 46.00 63.30
N ARG R 33 -15.50 45.57 64.40
CA ARG R 33 -16.19 45.25 65.65
C ARG R 33 -17.08 46.43 65.97
N GLU R 34 -16.60 47.62 65.63
CA GLU R 34 -17.35 48.85 65.84
C GLU R 34 -18.56 48.80 64.88
N ARG R 35 -18.28 48.69 63.58
CA ARG R 35 -19.33 48.66 62.55
C ARG R 35 -20.48 47.72 62.89
N LEU R 36 -20.19 46.65 63.63
CA LEU R 36 -21.23 45.69 64.02
C LEU R 36 -22.05 46.26 65.16
N GLU R 37 -21.40 46.53 66.29
CA GLU R 37 -22.07 47.08 67.46
C GLU R 37 -23.17 48.01 66.97
N LEU R 38 -22.80 48.91 66.08
CA LEU R 38 -23.71 49.88 65.51
C LEU R 38 -24.91 49.19 64.87
N CYS R 39 -24.66 48.25 63.97
CA CYS R 39 -25.73 47.54 63.30
C CYS R 39 -26.57 46.79 64.33
N ASP R 40 -25.93 45.87 65.04
CA ASP R 40 -26.59 45.07 66.06
C ASP R 40 -27.59 45.98 66.76
N ALA R 41 -27.08 47.08 67.30
CA ALA R 41 -27.87 48.04 68.01
C ALA R 41 -29.07 48.54 67.19
N ARG R 42 -28.81 49.27 66.10
CA ARG R 42 -29.89 49.82 65.29
C ARG R 42 -30.93 48.79 64.85
N VAL R 43 -30.52 47.53 64.76
CA VAL R 43 -31.45 46.49 64.34
C VAL R 43 -32.19 45.92 65.55
N SER R 44 -31.49 45.88 66.67
CA SER R 44 -32.07 45.38 67.91
C SER R 44 -33.26 46.25 68.26
N SER R 45 -32.99 47.55 68.39
CA SER R 45 -34.01 48.54 68.72
C SER R 45 -35.19 48.47 67.77
N ARG R 46 -35.04 49.10 66.60
CA ARG R 46 -36.08 49.15 65.57
C ARG R 46 -36.91 47.85 65.59
N SER R 47 -38.22 48.02 65.70
CA SER R 47 -39.17 46.90 65.74
C SER R 47 -39.88 46.71 64.41
N HIS R 48 -39.99 45.45 63.99
CA HIS R 48 -40.63 45.08 62.73
C HIS R 48 -39.77 45.56 61.56
N THR R 49 -38.63 44.88 61.35
CA THR R 49 -37.71 45.24 60.29
C THR R 49 -37.25 44.05 59.43
N GLU R 50 -36.43 44.34 58.43
CA GLU R 50 -35.91 43.32 57.51
C GLU R 50 -34.39 43.19 57.59
N GLU R 51 -33.69 44.29 57.89
CA GLU R 51 -32.24 44.27 57.96
C GLU R 51 -31.72 43.09 58.78
N GLN R 52 -30.44 42.80 58.60
CA GLN R 52 -29.76 41.70 59.30
C GLN R 52 -28.28 42.09 59.40
N CYS R 53 -27.64 41.87 60.56
CA CYS R 53 -26.23 42.23 60.73
C CYS R 53 -25.28 41.08 60.44
N THR R 54 -25.63 40.27 59.44
CA THR R 54 -24.82 39.14 59.05
C THR R 54 -23.50 39.65 58.46
N GLU R 55 -23.61 40.30 57.31
CA GLU R 55 -22.46 40.86 56.60
C GLU R 55 -21.39 41.39 57.55
N GLU R 56 -21.80 42.28 58.44
CA GLU R 56 -20.88 42.87 59.40
C GLU R 56 -20.21 41.78 60.21
N LEU R 57 -21.03 40.92 60.81
CA LEU R 57 -20.50 39.83 61.61
C LEU R 57 -19.40 39.16 60.83
N PHE R 58 -19.61 39.03 59.53
CA PHE R 58 -18.64 38.41 58.66
C PHE R 58 -17.39 39.24 58.50
N ASP R 59 -17.53 40.42 57.91
CA ASP R 59 -16.39 41.31 57.70
C ASP R 59 -15.49 41.20 58.91
N PHE R 60 -16.13 41.20 60.08
CA PHE R 60 -15.44 41.08 61.35
C PHE R 60 -14.75 39.73 61.41
N LEU R 61 -15.53 38.72 61.74
CA LEU R 61 -15.03 37.36 61.86
C LEU R 61 -13.89 37.17 60.88
N HIS R 62 -14.18 37.47 59.61
CA HIS R 62 -13.21 37.35 58.53
C HIS R 62 -11.85 37.82 59.01
N ALA R 63 -11.80 39.10 59.35
CA ALA R 63 -10.57 39.73 59.82
C ALA R 63 -10.08 39.14 61.15
N ARG R 64 -11.00 38.81 62.06
CA ARG R 64 -10.57 38.25 63.34
C ARG R 64 -9.86 36.94 63.11
N ASP R 65 -10.63 35.92 62.75
CA ASP R 65 -10.09 34.60 62.52
C ASP R 65 -8.84 34.61 61.66
N HIS R 66 -8.84 35.37 60.57
CA HIS R 66 -7.66 35.42 59.70
C HIS R 66 -6.45 35.62 60.60
N CYS R 67 -6.50 36.70 61.39
CA CYS R 67 -5.43 37.01 62.32
C CYS R 67 -5.19 35.76 63.17
N VAL R 68 -6.28 35.23 63.74
CA VAL R 68 -6.22 34.04 64.59
C VAL R 68 -5.38 32.93 63.98
N ALA R 69 -5.67 32.63 62.72
CA ALA R 69 -4.98 31.58 61.99
C ALA R 69 -3.52 31.88 61.65
N HIS R 70 -3.14 33.14 61.70
CA HIS R 70 -1.78 33.53 61.38
C HIS R 70 -0.81 33.18 62.52
N LYS R 71 -1.29 32.50 63.55
CA LYS R 71 -0.43 32.15 64.68
C LYS R 71 -1.00 31.11 65.64
N LEU R 72 -2.31 30.95 65.65
CA LEU R 72 -2.98 30.01 66.53
C LEU R 72 -2.34 28.63 66.56
N PHE R 73 -1.65 28.25 65.49
CA PHE R 73 -1.02 26.94 65.42
C PHE R 73 0.34 26.88 66.09
N ASN R 74 0.79 28.01 66.61
CA ASN R 74 2.08 28.06 67.28
C ASN R 74 2.00 27.46 68.66
N LYS R 75 0.94 27.82 69.39
CA LYS R 75 0.74 27.33 70.76
C LYS R 75 -0.02 26.00 70.82
N LEU R 76 -0.25 25.42 69.64
CA LEU R 76 -0.93 24.13 69.53
C LEU R 76 0.10 23.07 69.20
N LYS R 77 0.04 21.96 69.92
CA LYS R 77 0.99 20.86 69.75
C LYS R 77 0.63 19.85 68.67
N UNK S 3 42.94 -8.35 -14.23
CA UNK S 3 41.88 -7.30 -14.33
C UNK S 3 41.52 -6.73 -12.94
N UNK S 4 42.51 -6.14 -12.27
CA UNK S 4 42.34 -5.52 -10.97
C UNK S 4 42.21 -4.00 -11.21
N UNK S 5 42.88 -3.55 -12.27
CA UNK S 5 42.86 -2.15 -12.68
C UNK S 5 41.88 -2.04 -13.85
N UNK S 6 41.88 -0.92 -14.53
CA UNK S 6 40.97 -0.73 -15.64
C UNK S 6 39.85 0.17 -15.17
N UNK S 7 39.74 1.35 -15.77
CA UNK S 7 38.71 2.30 -15.38
C UNK S 7 37.32 1.70 -15.35
N UNK S 8 36.74 1.62 -14.16
CA UNK S 8 35.41 1.06 -14.00
C UNK S 8 34.36 1.86 -14.81
N UNK S 9 33.66 1.19 -15.71
N UNK S 10 32.87 3.23 -17.33
CA UNK S 10 31.85 4.07 -16.71
C UNK S 10 30.48 3.43 -16.86
N UNK S 11 29.48 4.24 -17.23
CA UNK S 11 28.11 3.77 -17.42
C UNK S 11 27.17 4.91 -17.81
N UNK S 12 26.05 4.58 -18.47
CA UNK S 12 25.11 5.60 -18.88
C UNK S 12 23.68 5.10 -19.07
N UNK S 13 22.77 6.04 -19.34
CA UNK S 13 21.34 5.75 -19.55
C UNK S 13 21.03 5.30 -20.99
N UNK S 14 19.87 4.68 -21.20
CA UNK S 14 19.50 4.20 -22.53
C UNK S 14 18.00 4.00 -22.73
N UNK S 15 17.59 4.01 -24.00
CA UNK S 15 16.19 3.83 -24.40
C UNK S 15 15.26 4.96 -23.96
CA ARG S 16 33.19 14.80 -20.12
C ARG S 16 33.58 15.24 -21.53
N PRO S 17 32.86 16.23 -22.09
CA PRO S 17 33.10 16.77 -23.43
C PRO S 17 34.53 17.25 -23.68
N LEU S 18 34.74 17.87 -24.84
CA LEU S 18 36.06 18.39 -25.23
C LEU S 18 35.88 19.78 -25.83
N LEU S 19 36.92 20.62 -25.76
CA LEU S 19 36.84 21.97 -26.32
C LEU S 19 38.17 22.62 -26.68
N CYS S 20 39.30 22.01 -26.33
CA CYS S 20 40.63 22.56 -26.65
C CYS S 20 41.57 21.49 -27.21
N ARG S 21 42.52 21.89 -28.05
CA ARG S 21 43.46 20.94 -28.66
C ARG S 21 44.12 19.99 -27.67
N GLU S 22 44.60 20.55 -26.56
CA GLU S 22 45.27 19.78 -25.52
C GLU S 22 44.55 18.49 -25.05
N SER S 23 43.23 18.55 -24.95
CA SER S 23 42.42 17.39 -24.50
C SER S 23 41.89 16.53 -25.65
N MET S 24 42.24 16.90 -26.88
CA MET S 24 41.80 16.19 -28.08
C MET S 24 42.92 15.38 -28.73
N SER S 25 44.15 15.91 -28.65
CA SER S 25 45.32 15.25 -29.24
C SER S 25 45.51 13.79 -28.83
N GLY S 26 45.74 12.94 -29.83
CA GLY S 26 45.93 11.52 -29.60
C GLY S 26 44.64 10.72 -29.74
N ARG S 27 43.52 11.37 -29.42
CA ARG S 27 42.21 10.76 -29.48
C ARG S 27 41.76 10.42 -30.89
N SER S 28 42.48 10.89 -31.90
CA SER S 28 42.10 10.60 -33.28
C SER S 28 42.43 9.15 -33.60
N ALA S 29 41.74 8.58 -34.57
CA ALA S 29 41.93 7.18 -34.96
C ALA S 29 43.37 6.69 -34.97
N ARG S 30 43.74 5.88 -33.97
CA ARG S 30 45.09 5.35 -33.93
C ARG S 30 45.23 4.35 -35.09
N ARG S 31 44.59 3.18 -34.96
CA ARG S 31 44.63 2.14 -35.99
C ARG S 31 43.30 1.39 -36.09
N ASP S 32 43.34 0.06 -36.07
CA ASP S 32 42.12 -0.75 -36.14
C ASP S 32 41.29 -0.57 -34.86
N LEU S 33 40.03 -0.97 -34.87
CA LEU S 33 39.22 -0.82 -33.67
C LEU S 33 38.98 -2.16 -32.99
N VAL S 34 39.47 -2.29 -31.76
CA VAL S 34 39.35 -3.52 -30.99
C VAL S 34 38.25 -3.35 -29.96
N ALA S 35 37.82 -4.47 -29.39
CA ALA S 35 36.79 -4.47 -28.37
C ALA S 35 37.15 -5.57 -27.42
N GLY S 36 37.01 -5.28 -26.14
CA GLY S 36 37.33 -6.27 -25.13
C GLY S 36 36.31 -6.27 -24.03
N ILE S 37 36.08 -7.44 -23.47
CA ILE S 37 35.13 -7.59 -22.38
C ILE S 37 35.70 -8.61 -21.44
N SER S 38 35.94 -8.19 -20.22
CA SER S 38 36.49 -9.08 -19.25
C SER S 38 35.41 -9.60 -18.36
N LEU S 39 35.79 -10.59 -17.55
CA LEU S 39 34.89 -11.21 -16.61
C LEU S 39 34.87 -10.41 -15.32
N ASN S 40 36.00 -9.82 -14.95
CA ASN S 40 36.13 -9.07 -13.70
C ASN S 40 36.62 -7.62 -13.79
N ALA S 41 36.84 -7.11 -14.99
CA ALA S 41 37.31 -5.74 -15.16
C ALA S 41 36.29 -4.87 -15.92
N PRO S 42 36.73 -3.76 -16.56
CA PRO S 42 35.74 -2.96 -17.28
C PRO S 42 35.72 -3.24 -18.79
N ALA S 43 34.99 -2.39 -19.50
CA ALA S 43 34.85 -2.51 -20.94
C ALA S 43 35.67 -1.40 -21.61
N SER S 44 36.65 -1.79 -22.41
CA SER S 44 37.51 -0.85 -23.12
C SER S 44 37.34 -0.92 -24.66
N VAL S 45 38.17 -0.15 -25.37
CA VAL S 45 38.15 -0.09 -26.85
C VAL S 45 39.17 0.95 -27.41
N ARG S 46 39.86 0.59 -28.49
CA ARG S 46 40.86 1.49 -29.11
C ARG S 46 40.21 2.42 -30.14
N ALA T 1 42.29 9.00 30.94
CA ALA T 1 41.13 9.88 30.60
C ALA T 1 39.85 9.06 30.65
N LEU T 2 38.92 9.42 31.54
CA LEU T 2 37.67 8.65 31.67
C LEU T 2 36.77 8.61 30.46
N LEU T 3 36.59 9.73 29.80
CA LEU T 3 35.69 9.71 28.68
C LEU T 3 36.23 8.78 27.63
N ARG T 4 37.54 8.79 27.43
CA ARG T 4 38.11 7.86 26.45
C ARG T 4 37.96 6.47 27.03
N GLN T 5 38.59 6.24 28.17
CA GLN T 5 38.52 4.94 28.84
C GLN T 5 37.09 4.40 28.82
N ALA T 6 36.13 5.30 28.99
CA ALA T 6 34.71 4.94 29.00
C ALA T 6 34.18 4.58 27.61
N TYR T 7 34.21 5.55 26.70
CA TYR T 7 33.74 5.29 25.35
C TYR T 7 34.42 4.03 24.82
N SER T 8 35.75 3.97 24.94
CA SER T 8 36.51 2.83 24.44
C SER T 8 36.13 1.47 25.01
N ALA T 9 35.83 1.44 26.31
CA ALA T 9 35.49 0.18 26.98
C ALA T 9 34.01 -0.15 27.17
N LEU T 10 33.16 0.86 27.19
CA LEU T 10 31.74 0.64 27.43
C LEU T 10 30.78 1.06 26.31
N PHE T 11 30.80 2.33 25.95
CA PHE T 11 29.88 2.84 24.95
C PHE T 11 30.13 2.43 23.50
N ARG T 12 31.34 1.96 23.22
CA ARG T 12 31.69 1.57 21.86
C ARG T 12 30.96 0.32 21.40
N ARG T 13 31.40 -0.84 21.88
CA ARG T 13 30.76 -2.11 21.52
C ARG T 13 29.30 -2.09 22.03
N THR T 14 28.34 -1.92 21.11
CA THR T 14 26.91 -1.86 21.43
C THR T 14 26.41 -2.96 22.37
N SER T 15 27.17 -4.04 22.46
CA SER T 15 26.81 -5.11 23.35
C SER T 15 27.17 -4.77 24.80
N THR T 16 28.33 -4.16 25.01
CA THR T 16 28.74 -3.82 26.37
C THR T 16 27.95 -2.60 26.85
N PHE T 17 27.56 -1.76 25.92
CA PHE T 17 26.80 -0.57 26.27
C PHE T 17 25.69 -1.03 27.19
N ALA T 18 24.96 -2.05 26.76
CA ALA T 18 23.87 -2.60 27.56
C ALA T 18 24.28 -2.93 28.99
N LEU T 19 25.15 -3.92 29.13
CA LEU T 19 25.60 -4.36 30.44
C LEU T 19 25.89 -3.15 31.31
N THR T 20 26.36 -2.09 30.67
CA THR T 20 26.67 -0.86 31.37
C THR T 20 25.38 -0.29 31.91
N VAL T 21 24.38 -0.15 31.05
CA VAL T 21 23.11 0.42 31.47
C VAL T 21 22.49 -0.41 32.58
N VAL T 22 22.45 -1.71 32.36
CA VAL T 22 21.88 -2.61 33.35
C VAL T 22 22.65 -2.44 34.67
N LEU T 23 23.88 -2.96 34.69
CA LEU T 23 24.74 -2.88 35.86
C LEU T 23 24.67 -1.48 36.48
N GLY T 24 24.53 -0.49 35.62
CA GLY T 24 24.45 0.89 36.07
C GLY T 24 23.13 1.22 36.72
N ALA T 25 22.02 0.97 36.03
CA ALA T 25 20.71 1.25 36.60
C ALA T 25 20.70 0.66 38.00
N VAL T 26 21.14 -0.60 38.09
CA VAL T 26 21.23 -1.33 39.34
C VAL T 26 21.82 -0.48 40.47
N LEU T 27 23.02 0.03 40.25
CA LEU T 27 23.66 0.85 41.26
C LEU T 27 22.79 2.08 41.47
N PHE T 28 22.48 2.75 40.37
CA PHE T 28 21.66 3.96 40.42
C PHE T 28 20.43 3.80 41.27
N GLU T 29 19.73 2.68 41.11
CA GLU T 29 18.54 2.48 41.88
C GLU T 29 18.90 2.59 43.37
N ARG T 30 19.74 1.69 43.85
CA ARG T 30 20.14 1.70 45.26
C ARG T 30 20.49 3.09 45.79
N ALA T 31 21.50 3.71 45.20
CA ALA T 31 21.91 5.04 45.64
C ALA T 31 20.74 6.03 45.66
N PHE T 32 19.99 6.09 44.57
CA PHE T 32 18.87 7.01 44.48
C PHE T 32 17.87 6.78 45.58
N ASP T 33 17.23 5.61 45.58
CA ASP T 33 16.25 5.29 46.60
C ASP T 33 16.74 5.69 48.03
N GLN T 34 17.94 5.27 48.41
CA GLN T 34 18.48 5.59 49.74
C GLN T 34 18.47 7.07 50.02
N GLY T 35 19.11 7.83 49.14
CA GLY T 35 19.17 9.27 49.33
C GLY T 35 17.79 9.87 49.31
N ALA T 36 16.99 9.43 48.35
CA ALA T 36 15.63 9.93 48.19
C ALA T 36 14.86 9.81 49.49
N ASP T 37 14.78 8.57 50.00
CA ASP T 37 14.09 8.31 51.25
C ASP T 37 14.69 9.23 52.32
N ALA T 38 16.02 9.29 52.33
CA ALA T 38 16.72 10.12 53.28
C ALA T 38 16.26 11.57 53.18
N ILE T 39 16.45 12.19 52.02
CA ILE T 39 16.03 13.57 51.83
C ILE T 39 14.63 13.79 52.37
N PHE T 40 13.72 12.89 52.00
CA PHE T 40 12.35 13.01 52.48
C PHE T 40 12.24 12.84 54.00
N GLU T 41 12.57 11.66 54.50
CA GLU T 41 12.49 11.41 55.94
C GLU T 41 12.97 12.59 56.74
N HIS T 42 14.17 13.07 56.43
CA HIS T 42 14.76 14.19 57.13
C HIS T 42 13.83 15.40 57.08
N LEU T 43 13.39 15.75 55.88
CA LEU T 43 12.50 16.89 55.72
C LEU T 43 11.21 16.73 56.54
N ASN T 44 11.08 15.57 57.18
CA ASN T 44 9.90 15.29 57.99
C ASN T 44 10.29 14.59 59.30
N GLU T 45 11.37 15.03 59.94
CA GLU T 45 11.79 14.38 61.18
C GLU T 45 10.71 14.47 62.25
N GLY T 46 10.61 13.39 63.03
CA GLY T 46 9.65 13.30 64.13
C GLY T 46 8.17 13.20 63.79
N LYS T 47 7.83 13.15 62.51
CA LYS T 47 6.42 13.07 62.10
C LYS T 47 6.01 11.71 61.55
N LEU T 48 6.99 10.88 61.25
CA LEU T 48 6.71 9.58 60.67
C LEU T 48 6.61 8.47 61.69
N TRP T 49 5.86 7.43 61.37
CA TRP T 49 5.73 6.30 62.27
C TRP T 49 7.10 5.69 62.54
N LYS T 50 8.10 6.08 61.77
CA LYS T 50 9.46 5.55 61.99
C LYS T 50 10.05 6.22 63.24
N HIS T 51 9.57 7.44 63.52
CA HIS T 51 10.01 8.26 64.65
C HIS T 51 9.17 8.02 65.89
N ILE T 52 7.85 8.13 65.76
CA ILE T 52 6.95 7.90 66.89
C ILE T 52 7.07 6.46 67.38
N LYS T 53 7.27 5.53 66.45
CA LYS T 53 7.40 4.11 66.74
C LYS T 53 7.65 3.72 68.19
N HIS T 54 8.92 3.79 68.58
CA HIS T 54 9.40 3.45 69.92
C HIS T 54 8.49 3.67 71.16
N LYS T 55 7.60 4.66 71.10
CA LYS T 55 6.71 4.95 72.24
C LYS T 55 5.66 3.89 72.53
N TYR T 56 5.51 2.91 71.64
CA TYR T 56 4.50 1.87 71.83
C TYR T 56 5.04 0.47 71.49
N GLU T 57 6.22 0.43 70.87
CA GLU T 57 6.87 -0.81 70.48
C GLU T 57 6.92 -1.84 71.59
N ALA T 58 8.09 -2.40 71.80
CA ALA T 58 8.31 -3.40 72.83
C ALA T 58 9.51 -2.96 73.67
N SER T 59 10.62 -2.67 72.98
CA SER T 59 11.86 -2.23 73.62
C SER T 59 12.86 -1.69 72.59
C13 PEE U . -23.74 -8.55 -0.82
C12 PEE U . -24.14 -7.96 -2.18
C11 PEE U . -24.82 -6.57 -2.03
C10 PEE U . -24.20 -5.46 -2.94
O4 PEE U . -23.09 -4.97 -2.69
O2 PEE U . -25.01 -5.08 -4.06
C2 PEE U . -24.87 -3.67 -4.61
C1 PEE U . -24.90 -3.67 -6.19
O3P PEE U . -23.63 -4.00 -6.88
P PEE U . -23.54 -4.35 -8.50
O2P PEE U . -24.98 -4.81 -9.03
O1P PEE U . -22.50 -5.56 -8.73
O4P PEE U . -23.02 -3.03 -9.35
C4 PEE U . -23.85 -1.85 -9.65
C5 PEE U . -23.13 -0.74 -10.47
C3 PEE U . -25.96 -2.74 -3.98
O3 PEE U . -25.53 -1.34 -3.81
C30 PEE U . -26.01 -0.72 -2.64
O5 PEE U . -27.21 -0.42 -2.43
C31 PEE U . -24.88 -0.42 -1.58
C32 PEE U . -24.77 -1.42 -0.41
O1 UNL V . -3.10 20.66 -26.51
CHA HEM W . -20.60 -14.69 28.38
CHB HEM W . -18.16 -16.36 24.73
CHC HEM W . -17.38 -11.97 23.19
CHD HEM W . -19.86 -10.26 26.85
C1A HEM W . -19.99 -15.51 27.51
C2A HEM W . -20.06 -16.93 27.65
C3A HEM W . -19.34 -17.36 26.63
C4A HEM W . -18.88 -16.25 25.88
CMA HEM W . -19.06 -18.80 26.32
CAA HEM W . -20.82 -17.77 28.66
CBA HEM W . -22.24 -17.75 28.13
CGA HEM W . -23.12 -18.82 28.74
O1A HEM W . -23.59 -18.68 29.89
O2A HEM W . -23.34 -19.85 28.05
C1B HEM W . -17.70 -15.33 24.00
C2B HEM W . -16.71 -15.42 22.93
C3B HEM W . -16.64 -14.20 22.41
C4B HEM W . -17.33 -13.33 23.32
CMB HEM W . -15.92 -16.60 22.38
CAB HEM W . -16.12 -13.90 21.18
CBB HEM W . -14.66 -14.02 20.96
C1C HEM W . -18.10 -11.13 24.01
C2C HEM W . -18.24 -9.69 23.81
C3C HEM W . -18.64 -9.17 24.97
C4C HEM W . -19.16 -10.34 25.70
CMC HEM W . -17.88 -8.91 22.59
CAC HEM W . -18.48 -7.83 25.32
CBC HEM W . -17.07 -7.19 25.19
C1D HEM W . -20.20 -11.36 27.60
C2D HEM W . -21.01 -11.26 28.84
C3D HEM W . -21.31 -12.52 29.24
C4D HEM W . -20.60 -13.36 28.29
CMD HEM W . -21.52 -9.97 29.50
CAD HEM W . -22.19 -12.79 30.45
CBD HEM W . -23.62 -13.14 30.12
CGD HEM W . -23.74 -14.58 29.67
O1D HEM W . -23.32 -15.46 30.42
O2D HEM W . -24.28 -14.85 28.57
NA HEM W . -19.28 -15.09 26.41
NB HEM W . -17.97 -14.02 24.33
NC HEM W . -18.79 -11.54 25.14
ND HEM W . -19.94 -12.67 27.28
FE HEM W . -19.01 -13.35 25.77
CHA HEM X . -7.56 -18.00 5.45
CHB HEM X . -10.18 -15.76 8.67
CHC HEM X . -8.42 -18.56 12.05
CHD HEM X . -5.56 -20.58 8.88
C1A HEM X . -8.53 -17.22 6.04
C2A HEM X . -9.48 -16.48 5.29
C3A HEM X . -10.06 -15.79 6.24
C4A HEM X . -9.61 -16.17 7.51
CMA HEM X . -11.14 -14.76 5.96
CAA HEM X . -9.78 -16.41 3.78
CBA HEM X . -10.95 -17.30 3.46
CGA HEM X . -10.62 -18.76 3.70
O1A HEM X . -11.33 -19.46 4.49
O2A HEM X . -9.62 -19.18 3.08
C1B HEM X . -9.95 -16.28 9.92
C2B HEM X . -10.63 -15.89 11.20
C3B HEM X . -9.82 -16.45 12.10
C4B HEM X . -9.09 -17.54 11.42
CMB HEM X . -11.91 -15.16 11.53
CAB HEM X . -9.59 -16.03 13.43
CBB HEM X . -10.39 -14.96 14.21
C1C HEM X . -7.49 -19.34 11.50
C2C HEM X . -6.80 -20.34 12.20
C3C HEM X . -5.99 -20.92 11.32
C4C HEM X . -6.18 -20.27 10.08
CMC HEM X . -6.93 -20.62 13.69
CAC HEM X . -5.17 -21.98 11.54
CBC HEM X . -3.95 -21.72 12.33
C1D HEM X . -5.75 -19.94 7.67
C2D HEM X . -5.05 -20.22 6.46
C3D HEM X . -5.57 -19.51 5.48
C4D HEM X . -6.64 -18.77 6.11
CMD HEM X . -3.98 -21.26 6.24
CAD HEM X . -5.22 -19.73 4.03
CBD HEM X . -6.44 -20.35 3.40
CGD HEM X . -6.24 -20.75 1.95
O1D HEM X . -5.46 -21.71 1.71
O2D HEM X . -6.87 -20.12 1.06
NA HEM X . -8.71 -17.11 7.39
NB HEM X . -9.01 -17.29 10.09
NC HEM X . -7.13 -19.28 10.19
ND HEM X . -6.68 -18.96 7.46
FE HEM X . -7.90 -18.13 8.75
C2 SMA Y . -10.02 -27.77 29.75
C3 SMA Y . -9.33 -28.67 30.53
C3M SMA Y . -8.04 -29.25 30.11
C4 SMA Y . -9.86 -29.11 31.84
C4A SMA Y . -11.17 -28.53 32.23
C5 SMA Y . -11.85 -28.86 33.45
C5M SMA Y . -11.84 -30.17 35.46
C6 SMA Y . -13.10 -28.27 33.79
C7 SMA Y . -13.70 -27.32 32.91
C7M SMA Y . -16.11 -27.52 33.03
C8 SMA Y . -13.04 -26.98 31.67
C8A SMA Y . -11.79 -27.60 31.36
C9 SMA Y . -9.67 -27.23 28.39
C10 SMA Y . -8.58 -26.20 28.31
C11 SMA Y . -8.66 -25.43 26.99
C12 SMA Y . -7.54 -24.34 26.86
C13 SMA Y . -7.77 -23.12 27.80
C14 SMA Y . -6.59 -22.12 27.74
C15 SMA Y . -6.27 -21.66 29.10
C16 SMA Y . -5.75 -20.48 29.40
C17 SMA Y . -6.41 -19.51 30.26
C18 SMA Y . -5.85 -18.31 30.54
C19 SMA Y . -6.21 -17.46 31.66
C20 SMA Y . -6.97 -16.37 31.43
C21 SMA Y . -7.43 -15.42 32.46
C22 SMA Y . -8.57 -26.39 25.82
C23 SMA Y . -5.36 -25.10 26.10
C24 SMA Y . -9.10 -22.42 27.45
C25 SMA Y . -6.25 -20.95 25.72
C26 SMA Y . -5.71 -17.85 33.02
O1 SMA Y . -11.24 -27.22 30.15
O4 SMA Y . -9.26 -29.92 32.55
O5 SMA Y . -11.21 -29.79 34.24
O7 SMA Y . -14.93 -26.70 33.20
O8 SMA Y . -13.63 -26.05 30.81
O12 SMA Y . -6.26 -24.94 27.19
O14 SMA Y . -6.97 -21.01 26.94
C1 ANY Z . -13.47 -15.24 1.18
C2 ANY Z . -13.69 -16.45 0.42
C3 ANY Z . -12.59 -17.02 -0.28
C4 ANY Z . -11.32 -16.41 -0.22
C5 ANY Z . -11.12 -15.24 0.51
C6 ANY Z . -12.17 -14.64 1.22
C7 ANY Z . -11.91 -13.37 1.99
N1 ANY Z . -14.99 -17.01 0.40
N2 ANY Z . -12.84 -13.01 2.94
O1 ANY Z . -14.57 -14.77 1.82
O3 ANY Z . -10.90 -12.67 1.79
C9 ANY Z . -12.76 -11.85 3.74
C10 ANY Z . -13.80 -10.73 3.33
O4 ANY Z . -12.36 -11.30 6.00
O5 ANY Z . -14.06 -9.83 4.41
C11 ANY Z . -13.04 -10.80 7.17
C12 ANY Z . -12.66 -9.26 7.24
C13 ANY Z . -13.33 -8.35 6.17
C14 ANY Z . -13.08 -8.93 4.78
O6 ANY Z . -12.13 -8.79 4.02
C15 ANY Z . -12.79 -6.90 6.23
C16 ANY Z . -13.63 -5.91 5.40
C20 ANY Z . -12.99 -12.20 5.20
O7 ANY Z . -13.59 -13.14 5.71
O8 ANY Z . -13.08 -8.77 8.54
C21 ANY Z . -12.16 -8.55 9.57
C22 ANY Z . -12.87 -8.07 10.81
C26 ANY Z . -15.15 -11.22 2.94
O9 ANY Z . -10.96 -8.77 9.39
C27 ANY Z . -12.54 -11.62 8.36
C23 ANY Z . -12.42 -6.76 11.44
C17 ANY Z . -13.27 -4.45 5.65
C8 ANY Z . -15.46 -18.16 -0.28
C25 ANY Z . -13.22 -8.68 12.16
C18 ANY Z . -14.35 -3.50 5.13
O2 ANY Z . -14.74 -18.88 -1.03
C19 ANY Z . -15.24 -2.89 6.24
C1 CDL AA . -16.14 -30.62 -1.24
O1 CDL AA . -14.70 -30.76 -0.93
CA2 CDL AA . -16.81 -31.92 -1.70
OA2 CDL AA . -15.90 -32.80 -2.25
PA1 CDL AA . -16.31 -33.94 -3.26
OA3 CDL AA . -15.28 -35.04 -3.30
OA4 CDL AA . -16.39 -33.39 -4.67
OA5 CDL AA . -17.75 -34.46 -2.75
CA3 CDL AA . -18.07 -35.78 -2.44
CA4 CDL AA . -19.34 -35.83 -1.51
OA6 CDL AA . -19.59 -37.13 -0.94
CA5 CDL AA . -18.96 -37.33 0.30
OA7 CDL AA . -17.86 -36.95 0.62
C11 CDL AA . -19.82 -38.13 1.29
C12 CDL AA . -19.05 -39.18 2.16
CA6 CDL AA . -20.54 -35.46 -2.35
OA8 CDL AA . -21.24 -34.41 -1.73
CA7 CDL AA . -21.59 -33.38 -2.59
OA9 CDL AA . -20.90 -32.92 -3.49
C31 CDL AA . -22.98 -32.82 -2.31
CB2 CDL AA . -16.39 -29.52 -2.30
OB2 CDL AA . -17.71 -29.47 -2.64
PB2 CDL AA . -18.64 -28.23 -2.38
OB3 CDL AA . -19.82 -28.27 -3.33
OB4 CDL AA . -17.98 -26.90 -2.65
OB5 CDL AA . -19.09 -28.37 -0.88
CB3 CDL AA . -19.97 -29.36 -0.44
CB4 CDL AA . -19.77 -29.68 1.09
OB6 CDL AA . -18.79 -28.88 1.78
CB5 CDL AA . -19.38 -28.29 2.87
OB7 CDL AA . -20.38 -27.61 2.84
C51 CDL AA . -18.66 -28.60 4.19
C52 CDL AA . -19.43 -28.20 5.49
C53 CDL AA . -19.57 -29.36 6.50
CB6 CDL AA . -19.37 -31.18 1.20
OB8 CDL AA . -20.52 -31.98 1.46
CB7 CDL AA . -20.35 -32.81 2.56
OB9 CDL AA . -19.38 -33.51 2.79
C71 CDL AA . -21.56 -32.79 3.52
C72 CDL AA . -22.96 -32.69 2.85
C26 PEE BA . -7.12 -28.94 17.09
C25 PEE BA . -6.30 -29.61 15.95
C24 PEE BA . -6.95 -29.42 14.55
C23 PEE BA . -7.02 -30.70 13.62
C22 PEE BA . -7.95 -30.58 12.41
C21 PEE BA . -9.11 -31.24 12.20
C20 PEE BA . -10.47 -30.90 12.80
C19 PEE BA . -11.63 -31.63 12.16
C18 PEE BA . -12.49 -31.17 11.23
C17 PEE BA . -13.01 -31.88 9.95
C16 PEE BA . -12.07 -31.66 8.72
C15 PEE BA . -12.78 -31.28 7.40
C14 PEE BA . -11.80 -30.63 6.38
C13 PEE BA . -12.18 -30.80 4.88
C12 PEE BA . -11.56 -32.05 4.20
C11 PEE BA . -11.38 -31.87 2.67
C10 PEE BA . -12.60 -32.32 1.83
O4 PEE BA . -13.64 -31.65 1.81
O2 PEE BA . -12.40 -33.55 1.10
C2 PEE BA . -13.42 -33.92 0.04
C1 PEE BA . -12.80 -33.90 -1.40
O3P PEE BA . -11.43 -33.41 -1.49
P PEE BA . -10.67 -33.25 -2.94
O2P PEE BA . -9.70 -34.52 -3.15
O1P PEE BA . -9.77 -31.91 -2.89
O4P PEE BA . -11.74 -33.11 -4.20
C4 PEE BA . -11.67 -32.03 -5.25
C5 PEE BA . -12.26 -32.42 -6.63
N PEE BA . -13.70 -32.77 -6.54
C3 PEE BA . -14.19 -35.26 0.35
O3 PEE BA . -14.57 -35.43 1.75
C30 PEE BA . -15.79 -34.84 2.13
O5 PEE BA . -16.39 -33.98 1.48
C31 PEE BA . -16.32 -35.37 3.48
C32 PEE BA . -16.67 -34.25 4.51
C33 PEE BA . -16.88 -34.81 5.93
C34 PEE BA . -17.91 -33.99 6.76
C35 PEE BA . -17.24 -33.19 7.90
C36 PEE BA . -17.80 -33.59 9.29
C37 PEE BA . -16.75 -34.35 10.14
C38 PEE BA . -17.12 -34.39 11.64
C39 PEE BA . -16.66 -33.15 12.44
C40 PEE BA . -15.32 -33.33 13.21
C41 PEE BA . -15.21 -32.40 14.45
C42 PEE BA . -14.03 -32.78 15.37
C43 PEE BA . -14.31 -32.70 16.89
C44 PEE BA . -13.77 -31.46 17.67
C45 PEE BA . -12.30 -31.56 18.04
C46 PEE BA . -11.40 -30.82 17.04
O1 UNL CA . -21.19 -22.74 25.71
C1 GOL DA . -27.11 -20.30 34.26
O1 GOL DA . -26.79 -21.00 33.01
C2 GOL DA . -27.80 -18.92 34.07
O2 GOL DA . -27.61 -18.07 35.28
C3 GOL DA . -29.30 -19.07 33.71
O3 GOL DA . -29.96 -17.79 33.40
O1 UNL EA . -2.82 -22.96 43.59
O1 UNL FA . -4.94 -6.10 4.11
FE HEC GA . -38.91 -30.83 47.04
CHA HEC GA . -35.63 -31.54 46.44
CHB HEC GA . -39.48 -30.95 43.73
CHC HEC GA . -42.22 -30.14 47.45
CHD HEC GA . -38.39 -30.72 50.23
NA HEC GA . -37.76 -31.12 45.43
C1A HEC GA . -36.41 -31.39 45.32
C2A HEC GA . -36.02 -31.66 43.94
C3A HEC GA . -37.10 -31.42 43.24
C4A HEC GA . -38.19 -31.13 44.13
CMA HEC GA . -37.24 -31.59 41.76
CAA HEC GA . -34.84 -32.36 43.32
CBA HEC GA . -33.45 -32.31 43.94
CGA HEC GA . -32.42 -33.14 43.17
O1A HEC GA . -31.26 -33.25 43.64
O2A HEC GA . -32.76 -33.70 42.11
NB HEC GA . -40.55 -30.65 45.88
C1B HEC GA . -40.59 -30.72 44.52
C2B HEC GA . -41.91 -30.39 44.02
C3B HEC GA . -42.69 -30.14 45.05
C4B HEC GA . -41.85 -30.34 46.21
CMB HEC GA . -42.40 -30.27 42.59
CAB HEC GA . -44.09 -29.52 45.10
CBB HEC GA . -45.06 -30.13 44.09
NC HEC GA . -40.04 -30.51 48.52
C1C HEC GA . -41.39 -30.22 48.53
C2C HEC GA . -41.81 -29.88 49.87
C3C HEC GA . -40.81 -30.18 50.68
C4C HEC GA . -39.68 -30.52 49.83
CMC HEC GA . -43.05 -29.12 50.34
CAC HEC GA . -40.71 -29.83 52.16
CBC HEC GA . -41.80 -30.73 52.73
ND HEC GA . -37.35 -31.10 48.10
C1D HEC GA . -37.31 -30.99 49.44
C2D HEC GA . -36.00 -31.36 49.93
C3D HEC GA . -35.22 -31.65 48.89
C4D HEC GA . -36.08 -31.45 47.73
CMD HEC GA . -35.53 -31.41 51.38
CAD HEC GA . -33.72 -31.99 49.00
CBD HEC GA . -33.44 -33.48 49.02
CGD HEC GA . -31.98 -33.80 48.74
O1D HEC GA . -31.43 -33.15 47.83
O2D HEC GA . -31.41 -34.69 49.41
C1 CDL HA . -21.76 -27.40 -6.58
O1 CDL HA . -21.39 -28.53 -5.66
CA2 CDL HA . -22.95 -26.55 -6.07
OA2 CDL HA . -22.65 -26.06 -4.82
PA1 CDL HA . -22.06 -24.61 -4.59
OA3 CDL HA . -22.71 -23.61 -5.51
OA4 CDL HA . -20.57 -24.53 -4.91
OA5 CDL HA . -22.35 -24.28 -3.05
CA3 CDL HA . -21.42 -24.48 -2.05
CA4 CDL HA . -22.09 -24.60 -0.63
OA6 CDL HA . -21.13 -24.36 0.45
CA5 CDL HA . -21.07 -23.05 0.87
OA7 CDL HA . -21.39 -22.06 0.24
C11 CDL HA . -20.50 -22.93 2.28
C12 CDL HA . -21.54 -23.06 3.42
C13 CDL HA . -21.04 -23.92 4.61
C14 CDL HA . -21.80 -23.60 5.94
C15 CDL HA . -22.39 -24.86 6.65
C16 CDL HA . -22.55 -24.67 8.19
C17 CDL HA . -21.85 -25.80 9.01
C18 CDL HA . -22.52 -26.04 10.39
C19 CDL HA . -22.49 -27.55 10.81
C20 CDL HA . -23.41 -27.86 12.04
CA6 CDL HA . -22.69 -26.05 -0.50
OA8 CDL HA . -22.80 -26.46 0.88
CA7 CDL HA . -23.22 -27.75 1.07
OA9 CDL HA . -22.75 -28.73 0.57
C31 CDL HA . -24.39 -27.84 2.03
CB2 CDL HA . -22.11 -27.87 -8.03
OB2 CDL HA . -22.56 -29.19 -8.04
PB2 CDL HA . -23.14 -29.93 -9.33
OB3 CDL HA . -22.28 -31.13 -9.70
OB4 CDL HA . -23.16 -29.02 -10.55
OB5 CDL HA . -24.59 -30.39 -8.92
CB3 CDL HA . -25.56 -29.53 -8.46
CB4 CDL HA . -26.48 -30.26 -7.45
OB6 CDL HA . -27.63 -29.48 -7.12
CB5 CDL HA . -28.78 -30.22 -7.22
OB7 CDL HA . -28.86 -31.41 -7.37
C51 CDL HA . -30.03 -29.34 -7.12
C52 CDL HA . -30.72 -29.30 -5.72
C53 CDL HA . -32.02 -28.48 -5.75
CB6 CDL HA . -25.67 -30.53 -6.16
OB8 CDL HA . -25.52 -29.35 -5.39
CB7 CDL HA . -25.25 -29.59 -4.05
OB9 CDL HA . -24.38 -30.30 -3.60
C71 CDL HA . -26.21 -28.85 -3.12
C72 CDL HA . -25.76 -27.42 -2.65
C73 CDL HA . -26.26 -27.09 -1.22
C74 CDL HA . -27.44 -26.07 -1.20
FE1 FES IA . -32.86 23.28 35.73
FE2 FES IA . -31.25 23.48 33.67
S1 FES IA . -32.06 25.13 34.89
S2 FES IA . -31.90 21.63 34.62
C27 PEE JA . -27.86 -6.24 11.67
C26 PEE JA . -28.19 -7.10 10.44
C25 PEE JA . -29.25 -8.20 10.74
C24 PEE JA . -29.54 -9.15 9.53
C23 PEE JA . -29.64 -10.66 9.90
C22 PEE JA . -30.46 -11.52 8.94
C21 PEE JA . -30.25 -11.69 7.62
C20 PEE JA . -29.05 -12.37 6.96
C19 PEE JA . -29.09 -12.37 5.42
C18 PEE JA . -28.39 -11.60 4.55
C17 PEE JA . -28.50 -11.59 3.03
C16 PEE JA . -28.37 -10.17 2.44
C15 PEE JA . -28.18 -10.11 0.90
C14 PEE JA . -29.50 -9.87 0.11
C13 PEE JA . -29.40 -8.78 -0.97
C12 PEE JA . -28.84 -9.26 -2.32
C11 PEE JA . -28.88 -8.15 -3.38
C10 PEE JA . -27.54 -7.89 -4.14
O4 PEE JA . -26.72 -8.81 -4.38
O2 PEE JA . -27.33 -6.53 -4.51
C2 PEE JA . -27.84 -6.04 -5.83
C1 PEE JA . -27.56 -7.04 -6.99
O3P PEE JA . -27.89 -6.52 -8.30
P PEE JA . -28.65 -7.43 -9.40
O2P PEE JA . -29.59 -8.53 -8.69
O1P PEE JA . -27.55 -8.21 -10.27
O4P PEE JA . -29.57 -6.46 -10.40
C4 PEE JA . -29.84 -5.00 -10.22
C5 PEE JA . -31.21 -4.50 -10.77
N PEE JA . -31.11 -4.00 -12.16
C3 PEE JA . -29.34 -5.59 -5.71
O3 PEE JA . -29.74 -4.58 -6.71
C30 PEE JA . -29.11 -3.32 -6.63
O5 PEE JA . -28.47 -2.83 -7.57
C31 PEE JA . -29.26 -2.57 -5.25
C32 PEE JA . -30.71 -2.21 -4.82
C33 PEE JA . -30.85 -2.20 -3.28
C34 PEE JA . -32.15 -1.51 -2.79
C35 PEE JA . -32.60 -2.06 -1.42
C36 PEE JA . -32.99 -0.92 -0.45
C37 PEE JA . -33.43 -1.46 0.93
C38 PEE JA . -34.33 -0.45 1.70
C39 PEE JA . -34.72 -0.89 3.13
C40 PEE JA . -36.24 -0.98 3.39
C41 PEE JA . -36.60 -1.11 4.88
C42 PEE JA . -37.55 -2.29 5.14
C43 PEE JA . -38.98 -1.88 5.56
C44 PEE JA . -39.81 -2.98 6.26
C45 PEE JA . -41.34 -2.80 6.15
C46 PEE JA . -41.90 -1.74 7.11
C1 PLC KA . -38.82 -12.10 14.64
C2 PLC KA . -37.86 -13.24 14.11
C3 PLC KA . -38.31 -13.71 12.68
C4 PLC KA . -43.36 -11.44 17.55
C5 PLC KA . -44.22 -12.28 18.55
C6 PLC KA . -44.93 -10.15 19.69
C7 PLC KA . -46.51 -11.40 18.21
C8 PLC KA . -45.86 -12.33 20.40
C' PLC KA . -35.45 -13.27 15.17
C1' PLC KA . -34.18 -13.99 14.64
C2' PLC KA . -32.85 -13.40 15.13
C3' PLC KA . -31.76 -13.44 14.02
C4' PLC KA . -30.29 -13.35 14.49
C5' PLC KA . -29.35 -12.52 13.57
C6' PLC KA . -27.82 -12.74 13.84
C7' PLC KA . -27.06 -11.57 14.53
CB PLC KA . -36.51 -13.84 11.04
C1B PLC KA . -35.03 -14.31 10.99
C2B PLC KA . -34.54 -14.75 9.60
C3B PLC KA . -33.10 -15.25 9.63
C4B PLC KA . -32.86 -16.37 8.59
C5B PLC KA . -31.39 -16.77 8.47
O' PLC KA . -35.59 -13.11 16.40
OB PLC KA . -36.93 -12.94 10.31
O2 PLC KA . -36.36 -12.82 14.13
O3 PLC KA . -37.31 -14.54 11.97
O1P PLC KA . -40.72 -10.10 16.27
O2P PLC KA . -42.16 -11.24 14.40
O3P PLC KA . -40.05 -12.55 15.35
O4P PLC KA . -42.25 -12.18 16.92
N PLC KA . -45.37 -11.53 19.20
P PLC KA . -41.30 -11.53 15.74
O1 UNL LA . -45.26 18.49 29.71
O1 UNL MA . -37.39 16.48 32.07
O3P PEE NA . 18.44 3.42 17.44
P PEE NA . 19.33 3.78 16.10
O2P PEE NA . 20.20 5.12 16.34
O1P PEE NA . 18.32 4.07 14.88
O4P PEE NA . 20.32 2.54 15.70
CHA HEM OA . -13.47 6.47 35.09
CHB HEM OA . -11.97 9.13 31.47
CHC HEM OA . -10.63 5.26 29.16
CHD HEM OA . -12.08 2.58 32.78
C1A HEM OA . -13.14 7.51 34.32
C2A HEM OA . -13.43 8.86 34.70
C3A HEM OA . -13.12 9.60 33.65
C4A HEM OA . -12.49 8.71 32.67
CMA HEM OA . -13.31 11.09 33.51
CAA HEM OA . -13.90 9.34 36.05
CBA HEM OA . -12.69 9.28 36.96
CGA HEM OA . -12.82 10.15 38.20
O1A HEM OA . -13.47 9.70 39.18
O2A HEM OA . -12.29 11.27 38.17
C1B HEM OA . -11.44 8.30 30.52
C2B HEM OA . -11.13 8.74 29.17
C3B HEM OA . -10.59 7.67 28.60
C4B HEM OA . -10.84 6.56 29.48
CMB HEM OA . -11.36 10.09 28.50
CAB HEM OA . -9.91 7.64 27.39
CBB HEM OA . -10.59 7.92 26.05
C1C HEM OA . -10.91 4.18 29.97
C2C HEM OA . -10.55 2.80 29.63
C3C HEM OA . -11.23 2.02 30.48
C4C HEM OA . -11.63 2.96 31.57
CMC HEM OA . -9.58 2.30 28.54
CAC HEM OA . -11.44 0.68 30.28
CBC HEM OA . -12.09 0.25 28.97
C1D HEM OA . -12.56 3.43 33.73
C2D HEM OA . -13.09 2.99 35.02
C3D HEM OA . -13.48 4.06 35.66
C4D HEM OA . -13.21 5.18 34.75
CMD HEM OA . -13.16 1.60 35.60
CAD HEM OA . -14.03 4.01 37.08
CBD HEM OA . -13.04 4.36 38.21
CGD HEM OA . -12.76 5.87 38.33
O1D HEM OA . -13.71 6.66 38.52
O2D HEM OA . -11.59 6.27 38.24
NA HEM OA . -12.54 7.39 33.08
NB HEM OA . -11.37 6.95 30.66
NC HEM OA . -11.49 4.27 31.21
ND HEM OA . -12.62 4.78 33.56
FE HEM OA . -11.99 5.83 32.09
CHA HEM PA . -2.18 15.74 12.83
CHB HEM PA . -3.10 12.72 16.41
CHC HEM PA . -7.26 14.85 17.18
CHD HEM PA . -6.43 17.79 13.59
C1A HEM PA . -2.06 14.81 13.81
C2A HEM PA . -0.82 14.14 14.09
C3A HEM PA . -1.20 13.19 14.96
C4A HEM PA . -2.53 13.40 15.37
CMA HEM PA . -0.36 12.04 15.40
CAA HEM PA . 0.59 14.39 13.52
CBA HEM PA . 1.42 15.28 14.46
CGA HEM PA . 0.77 16.64 14.64
O1A HEM PA . 0.43 17.03 15.79
O2A HEM PA . 0.63 17.34 13.61
C1B HEM PA . -4.36 12.97 16.91
C2B HEM PA . -5.01 12.28 18.04
C3B HEM PA . -6.29 12.72 18.00
C4B HEM PA . -6.25 13.94 17.24
CMB HEM PA . -4.40 11.30 19.03
CAB HEM PA . -7.46 12.12 18.35
CBB HEM PA . -7.55 10.79 19.05
C1C HEM PA . -7.40 15.82 16.23
C2C HEM PA . -8.45 16.75 16.28
C3C HEM PA . -8.25 17.58 15.25
C4C HEM PA . -7.02 17.16 14.65
CMC HEM PA . -9.63 16.74 17.27
CAC HEM PA . -9.05 18.62 14.85
CBC HEM PA . -10.37 18.33 14.18
C1D HEM PA . -5.25 17.43 12.98
C2D HEM PA . -4.66 18.07 11.78
C3D HEM PA . -3.48 17.47 11.52
C4D HEM PA . -3.32 16.46 12.60
CMD HEM PA . -5.22 19.25 10.99
CAD HEM PA . -2.50 17.99 10.49
CBD HEM PA . -1.44 18.63 11.34
CGD HEM PA . -0.40 19.34 10.53
O1D HEM PA . -0.75 20.37 9.92
O2D HEM PA . 0.76 18.86 10.52
NA HEM PA . -3.08 14.43 14.67
NB HEM PA . -5.16 13.99 16.40
NC HEM PA . -6.51 16.08 15.25
ND HEM PA . -4.47 16.38 13.42
FE HEM PA . -4.84 15.25 14.93
O1 UNL QA . -0.97 4.02 8.20
C2 SMA RA . -21.93 20.08 29.62
C3 SMA RA . -23.10 20.81 29.67
C3M SMA RA . -23.64 21.56 28.49
C4 SMA RA . -23.91 20.89 30.94
C4A SMA RA . -23.33 20.13 32.11
C5 SMA RA . -23.95 20.10 33.41
C5M SMA RA . -25.80 20.90 34.77
C6 SMA RA . -23.37 19.36 34.48
C7 SMA RA . -22.17 18.62 34.30
C7M SMA RA . -20.89 18.53 36.34
C8 SMA RA . -21.52 18.64 33.00
C8A SMA RA . -22.12 19.40 31.95
C9 SMA RA . -20.98 19.89 28.46
C10 SMA RA . -21.43 18.96 27.34
C11 SMA RA . -20.25 18.48 26.48
C12 SMA RA . -20.69 17.58 25.29
C13 SMA RA . -21.16 16.19 25.76
C14 SMA RA . -21.65 15.34 24.56
C15 SMA RA . -22.91 14.62 24.93
C16 SMA RA . -23.32 13.42 24.46
C17 SMA RA . -23.47 12.22 25.28
C18 SMA RA . -23.87 11.02 24.78
C19 SMA RA . -24.43 9.92 25.58
C20 SMA RA . -23.64 8.87 25.90
C21 SMA RA . -24.02 7.67 26.69
C22 SMA RA . -19.44 19.64 25.94
C23 SMA RA . -21.51 18.61 23.25
C24 SMA RA . -20.01 15.47 26.52
C25 SMA RA . -20.04 14.72 22.88
C26 SMA RA . -25.87 10.03 25.99
O1 SMA RA . -21.42 19.37 30.73
O4 SMA RA . -24.96 21.54 31.01
O5 SMA RA . -25.11 20.84 33.52
O7 SMA RA . -21.55 17.86 35.27
O8 SMA RA . -20.36 17.93 32.85
O12 SMA RA . -21.80 18.18 24.58
O14 SMA RA . -20.58 14.45 24.16
C1 ANY SA . 4.75 13.35 14.83
C2 ANY SA . 5.30 14.70 14.80
C3 ANY SA . 5.15 15.49 13.61
C4 ANY SA . 4.48 14.96 12.48
C5 ANY SA . 3.95 13.67 12.48
C6 ANY SA . 4.08 12.84 13.64
C7 ANY SA . 3.51 11.45 13.62
N1 ANY SA . 5.97 15.17 15.98
N2 ANY SA . 3.25 10.86 14.85
O1 ANY SA . 4.93 12.64 15.98
O3 ANY SA . 3.26 10.83 12.55
C9 ANY SA . 2.72 9.55 15.00
C10 ANY SA . 3.78 8.49 15.46
O4 ANY SA . 0.70 8.58 15.77
O5 ANY SA . 3.15 7.38 16.09
C11 ANY SA . 0.15 7.84 16.85
C12 ANY SA . 0.10 6.33 16.34
C13 ANY SA . 1.50 5.63 16.19
C14 ANY SA . 2.44 6.46 15.31
O6 ANY SA . 2.59 6.47 14.10
C15 ANY SA . 1.39 4.21 15.56
C16 ANY SA . 2.69 3.41 15.65
C20 ANY SA . 1.57 9.58 16.03
O7 ANY SA . 1.37 10.35 16.95
O8 ANY SA . -0.68 5.57 17.31
C21 ANY SA . -2.00 5.16 17.07
C22 ANY SA . -2.55 4.41 18.24
C26 ANY SA . 4.79 8.99 16.47
O9 ANY SA . -2.56 5.43 16.00
C27 ANY SA . -1.22 8.44 17.14
C23 ANY SA . -3.23 3.07 17.97
C17 ANY SA . 2.49 1.94 15.29
C8 ANY SA . 6.60 16.41 16.23
C25 ANY SA . -3.58 4.69 19.32
C18 ANY SA . 3.67 1.08 15.75
O2 ANY SA . 6.66 17.34 15.40
C19 ANY SA . 3.32 0.16 16.91
C1 CDL TA . 6.56 28.46 18.93
O1 CDL TA . 5.47 28.62 17.92
CA2 CDL TA . 7.13 29.82 19.45
OA2 CDL TA . 6.96 30.83 18.52
PA1 CDL TA . 7.87 32.13 18.48
OA3 CDL TA . 7.17 33.26 17.79
OA4 CDL TA . 9.13 31.92 17.69
OA5 CDL TA . 8.18 32.46 20.00
CA3 CDL TA . 7.85 33.66 20.63
CA4 CDL TA . 7.79 33.48 22.21
OA6 CDL TA . 7.29 34.63 22.93
CA5 CDL TA . 5.90 34.62 23.10
OA7 CDL TA . 5.08 34.29 22.28
C11 CDL TA . 5.49 35.10 24.49
C12 CDL TA . 4.21 35.97 24.54
CA6 CDL TA . 9.23 33.21 22.67
OA8 CDL TA . 9.26 31.98 23.37
CA7 CDL TA . 10.31 31.18 22.98
OA9 CDL TA . 10.67 30.96 21.85
C31 CDL TA . 11.01 30.53 24.19
CB2 CDL TA . 7.73 27.60 18.39
OB2 CDL TA . 8.77 27.56 19.29
PB2 CDL TA . 9.29 26.26 19.98
OB3 CDL TA . 10.72 26.41 20.42
OB4 CDL TA . 9.30 25.08 19.05
OB5 CDL TA . 8.30 26.06 21.21
CB3 CDL TA . 8.29 26.90 22.30
CB4 CDL TA . 6.90 26.88 23.01
OB6 CDL TA . 5.95 25.99 22.45
CB5 CDL TA . 5.47 25.18 23.45
OB7 CDL TA . 6.16 24.47 24.15
C51 CDL TA . 3.93 25.24 23.60
C52 CDL TA . 3.34 24.58 24.90
C53 CDL TA . 2.34 25.50 25.66
CB6 CDL TA . 6.34 28.33 22.97
OB8 CDL TA . 6.64 28.99 24.19
CB7 CDL TA . 5.51 29.58 24.77
OB9 CDL TA . 4.69 30.26 24.21
C71 CDL TA . 5.41 29.30 26.28
C72 CDL TA . 6.75 29.28 27.06
C27 PEE UA . 5.17 1.18 30.38
C26 PEE UA . 6.30 2.22 30.17
C25 PEE UA . 6.53 3.10 31.44
C24 PEE UA . 7.59 4.21 31.25
C23 PEE UA . 7.18 5.61 31.79
C22 PEE UA . 8.33 6.57 32.07
C21 PEE UA . 9.28 6.99 31.21
C20 PEE UA . 9.11 7.92 30.00
C19 PEE UA . 10.40 8.17 29.22
C18 PEE UA . 10.79 7.65 28.04
C17 PEE UA . 12.09 7.94 27.30
C16 PEE UA . 12.66 6.69 26.61
C15 PEE UA . 13.86 6.95 25.65
C14 PEE UA . 15.26 6.75 26.30
C13 PEE UA . 16.25 5.89 25.48
C12 PEE UA . 16.96 6.64 24.35
C11 PEE UA . 17.97 5.73 23.60
C10 PEE UA . 17.84 5.74 22.02
O4 PEE UA . 17.42 6.72 21.39
O2 PEE UA . 18.23 4.51 21.40
C2 PEE UA . 19.68 4.25 21.08
C1 PEE UA . 20.40 5.49 20.44
O3P PEE UA . 21.75 5.20 19.97
P PEE UA . 23.00 6.24 20.18
O2P PEE UA . 22.76 7.15 21.50
O1P PEE UA . 23.06 7.25 18.91
O4P PEE UA . 24.43 5.38 20.33
C4 PEE UA . 24.55 3.90 20.36
C5 PEE UA . 25.80 3.37 21.11
N PEE UA . 26.94 3.11 20.20
C3 PEE UA . 20.46 3.65 22.30
O3 PEE UA . 21.63 2.81 21.93
C30 PEE UA . 21.33 1.61 21.23
O5 PEE UA . 21.84 1.33 20.12
C31 PEE UA . 20.33 0.64 21.97
C32 PEE UA . 20.78 0.09 23.36
C33 PEE UA . 19.58 -0.24 24.28
C34 PEE UA . 20.01 -1.08 25.50
C35 PEE UA . 19.09 -0.86 26.72
C36 PEE UA . 18.64 -2.19 27.36
C37 PEE UA . 17.68 -1.97 28.55
C38 PEE UA . 17.66 -3.18 29.53
C39 PEE UA . 16.66 -3.04 30.71
C40 PEE UA . 17.31 -3.10 32.12
C41 PEE UA . 16.27 -3.28 33.25
C42 PEE UA . 16.43 -2.23 34.37
C43 PEE UA . 16.90 -2.81 35.73
C44 PEE UA . 16.66 -1.94 36.99
C45 PEE UA . 17.63 -2.20 38.16
C46 PEE UA . 17.28 -3.49 38.94
C26 PEE VA . -13.41 24.07 21.04
C25 PEE VA . -13.02 25.08 19.94
C24 PEE VA . -11.49 25.09 19.68
C23 PEE VA . -10.83 26.50 19.55
C22 PEE VA . -9.30 26.51 19.56
C21 PEE VA . -8.50 27.00 20.52
C20 PEE VA . -8.24 26.38 21.90
C19 PEE VA . -7.14 27.09 22.70
C18 PEE VA . -5.81 26.80 22.77
C17 PEE VA . -4.62 27.76 22.65
C16 PEE VA . -4.12 27.90 21.18
C15 PEE VA . -2.58 27.74 20.97
C14 PEE VA . -2.18 27.43 19.51
C13 PEE VA . -0.77 27.90 19.10
C12 PEE VA . -0.73 29.31 18.47
C11 PEE VA . 0.44 29.47 17.46
C10 PEE VA . 1.78 29.94 18.09
O4 PEE VA . 2.47 29.16 18.78
O2 PEE VA . 2.14 31.30 17.81
C2 PEE VA . 3.53 31.76 18.16
C1 PEE VA . 4.36 32.14 16.89
O3P PEE VA . 3.74 31.82 15.61
P PEE VA . 4.55 32.03 14.20
O2P PEE VA . 4.03 33.39 13.51
O1P PEE VA . 4.20 30.80 13.24
O4P PEE VA . 6.18 32.05 14.42
C4 PEE VA . 7.12 31.25 13.61
C5 PEE VA . 8.54 31.87 13.44
N PEE VA . 9.26 32.02 14.74
C3 PEE VA . 3.58 32.89 19.25
O3 PEE VA . 2.62 32.72 20.34
C30 PEE VA . 3.06 31.93 21.43
O5 PEE VA . 4.03 31.17 21.40
C31 PEE VA . 2.19 32.12 22.70
C32 PEE VA . 1.67 30.81 23.34
C33 PEE VA . 0.55 31.05 24.39
C34 PEE VA . 0.54 29.99 25.52
C35 PEE VA . -0.66 29.02 25.42
C36 PEE VA . -1.57 29.07 26.66
C37 PEE VA . -2.94 29.71 26.36
C38 PEE VA . -4.01 29.40 27.44
C39 PEE VA . -4.78 28.07 27.24
C40 PEE VA . -6.16 28.23 26.56
C41 PEE VA . -7.13 27.08 26.94
C42 PEE VA . -8.58 27.40 26.53
C43 PEE VA . -9.67 26.98 27.56
C44 PEE VA . -10.44 25.66 27.28
C45 PEE VA . -11.63 25.81 26.31
C46 PEE VA . -11.25 25.40 24.88
O1 UNL WA . -11.27 14.42 35.99
C1 GOL XA . -14.60 9.67 44.82
O1 GOL XA . -15.51 9.76 43.69
C2 GOL XA . -14.29 8.23 45.30
O2 GOL XA . -15.53 7.43 45.44
C3 GOL XA . -13.47 8.19 46.62
O3 GOL XA . -12.01 8.30 46.40
O1 UNL YA . -36.62 13.12 29.86
FE HEC ZA . -20.61 16.21 63.26
CHA HEC ZA . -22.06 17.30 60.38
CHB HEC ZA . -17.61 16.96 62.05
CHC HEC ZA . -19.07 15.05 66.05
CHD HEC ZA . -23.55 15.48 64.51
NA HEC ZA . -19.99 17.00 61.57
C1A HEC ZA . -20.70 17.37 60.45
C2A HEC ZA . -19.82 17.98 59.44
C3A HEC ZA . -18.59 17.81 59.94
C4A HEC ZA . -18.69 17.23 61.23
CMA HEC ZA . -17.31 18.29 59.28
CAA HEC ZA . -20.06 18.90 58.24
CBA HEC ZA . -21.37 18.88 57.48
CGA HEC ZA . -21.41 19.94 56.40
O1A HEC ZA . -22.46 20.06 55.72
O2A HEC ZA . -20.39 20.64 56.23
NB HEC ZA . -18.74 16.07 63.95
C1B HEC ZA . -17.62 16.41 63.29
C2B HEC ZA . -16.47 16.08 64.03
C3B HEC ZA . -16.85 15.56 65.17
C4B HEC ZA . -18.27 15.56 65.12
CMB HEC ZA . -15.02 16.26 63.64
CAB HEC ZA . -16.08 14.87 66.28
CBB HEC ZA . -14.82 15.60 66.70
NC HEC ZA . -21.15 15.48 64.96
C1C HEC ZA . -20.40 15.00 66.00
C2C HEC ZA . -21.18 14.30 66.94
C3C HEC ZA . -22.44 14.52 66.61
C4C HEC ZA . -22.44 15.23 65.33
CMC HEC ZA . -20.79 13.38 68.06
CAC HEC ZA . -23.76 13.97 67.18
CBC HEC ZA . -23.75 14.55 68.61
ND HEC ZA . -22.41 16.36 62.58
C1D HEC ZA . -23.53 15.99 63.23
C2D HEC ZA . -24.70 16.37 62.51
C3D HEC ZA . -24.31 16.95 61.37
C4D HEC ZA . -22.86 16.89 61.40
CMD HEC ZA . -26.16 16.16 62.90
CAD HEC ZA . -25.26 17.47 60.24
CBD HEC ZA . -25.61 18.95 60.25
CGD HEC ZA . -26.22 19.42 58.93
O1D HEC ZA . -25.65 19.08 57.88
O2D HEC ZA . -27.25 20.14 58.95
C1 CDL AB . 14.59 25.92 20.20
O1 CDL AB . 13.50 26.85 20.64
CA2 CDL AB . 14.93 24.84 21.23
OA2 CDL AB . 13.79 24.14 21.53
PA1 CDL AB . 13.43 22.76 20.85
OA3 CDL AB . 14.66 21.90 20.65
OA4 CDL AB . 12.87 22.96 19.45
OA5 CDL AB . 12.36 22.08 21.82
CA3 CDL AB . 10.99 22.23 21.67
CA4 CDL AB . 10.22 21.91 23.00
OA6 CDL AB . 8.83 21.57 22.75
CA5 CDL AB . 8.60 20.21 22.65
OA7 CDL AB . 9.40 19.35 22.37
C11 CDL AB . 7.13 19.87 22.92
C12 CDL AB . 6.77 19.61 24.40
C13 CDL AB . 5.42 20.27 24.81
C14 CDL AB . 4.79 19.57 26.05
C15 CDL AB . 4.37 20.57 27.17
C16 CDL AB . 3.20 20.03 28.05
C17 CDL AB . 2.02 21.05 28.17
C18 CDL AB . 1.24 20.90 29.50
C19 CDL AB . 0.72 22.27 30.02
C20 CDL AB . 0.22 22.18 31.49
CA6 CDL AB . 10.29 23.18 23.91
OA8 CDL AB . 9.18 23.26 24.79
CA7 CDL AB . 9.11 24.43 25.50
OA9 CDL AB . 9.10 25.54 25.05
C31 CDL AB . 9.01 24.18 27.00
CB2 CDL AB . 15.91 26.66 19.82
OB2 CDL AB . 16.05 27.84 20.54
PB2 CDL AB . 17.35 28.76 20.49
OB3 CDL AB . 17.04 30.09 19.87
OB4 CDL AB . 18.46 28.17 19.66
OB5 CDL AB . 17.81 28.91 21.99
CB3 CDL AB . 18.07 27.84 22.80
CB4 CDL AB . 17.68 28.20 24.25
OB6 CDL AB . 18.13 27.25 25.21
CB5 CDL AB . 18.80 27.84 26.27
OB7 CDL AB . 18.86 29.03 26.53
C51 CDL AB . 19.49 26.81 27.17
C52 CDL AB . 18.71 26.41 28.45
C53 CDL AB . 19.52 25.43 29.34
CB6 CDL AB . 16.14 28.30 24.32
OB8 CDL AB . 15.55 27.02 24.34
CB7 CDL AB . 14.28 27.03 24.91
OB9 CDL AB . 13.34 27.74 24.61
C71 CDL AB . 14.16 25.98 26.03
C72 CDL AB . 13.66 24.58 25.58
C73 CDL AB . 12.77 23.90 26.65
C74 CDL AB . 13.49 22.76 27.41
FE1 FES BB . -8.51 -33.45 41.28
FE2 FES BB . -7.75 -33.13 38.79
S1 FES BB . -8.17 -35.03 39.81
S2 FES BB . -8.29 -31.56 40.26
O1 UNL CB . -3.20 -26.96 43.52
C1 PLC DB . 8.08 4.80 42.52
C2 PLC DB . 7.95 6.12 41.65
C3 PLC DB . 9.36 6.72 41.34
C4 PLC DB . 8.37 3.18 47.72
C5 PLC DB . 7.84 3.71 49.11
C6 PLC DB . 7.41 1.39 49.94
C7 PLC DB . 9.42 2.63 50.68
C8 PLC DB . 7.21 3.31 51.45
C' PLC DB . 5.81 6.31 40.23
C1' PLC DB . 5.54 7.22 38.99
C2' PLC DB . 4.38 6.76 38.07
C3' PLC DB . 4.70 7.08 36.59
C4' PLC DB . 3.48 7.12 35.63
C5' PLC DB . 3.76 6.58 34.20
C6' PLC DB . 2.71 7.00 33.12
C7' PLC DB . 1.86 5.85 32.51
CB PLC DB . 9.76 7.28 39.00
C1B PLC DB . 8.94 7.92 37.83
C2B PLC DB . 9.77 8.69 36.78
C3B PLC DB . 8.89 9.39 35.74
C4B PLC DB . 9.56 10.64 35.15
C5B PLC DB . 8.75 11.25 33.98
O' PLC DB . 4.88 5.98 41.01
OB PLC DB . 10.68 6.45 38.81
O2 PLC DB . 7.18 5.87 40.36
O3 PLC DB . 9.36 7.74 40.28
O1P PLC DB . 7.93 2.38 44.57
O2P PLC DB . 10.22 3.60 44.96
O3P PLC DB . 8.14 5.00 43.99
O4P PLC DB . 8.15 4.10 46.57
N PLC DB . 7.97 2.76 50.28
P PLC DB . 8.61 3.78 45.02
#